data_2M5B
#
_entry.id   2M5B
#
loop_
_entity.id
_entity.type
_entity.pdbx_description
1 polymer 'Bcl-2 homologous antagonist/killer'
2 polymer human_BID_BH3_SAHB
#
loop_
_entity_poly.entity_id
_entity_poly.type
_entity_poly.pdbx_seq_one_letter_code
_entity_poly.pdbx_strand_id
1 'polypeptide(L)'
;ALPSASEEQVAQDTEEVFRSYVFYRHQQEQEAEGVAAPADPEMVTLPLQPSSTMGQVGRQLAIIGDDINRRYDSEFQTML
QHLQPTAENAYEYFTKIATSLFESGINWGRVVALLGFGYRLALHVYQHGLTGFLGQVTRFVVDFMLHHCIARWIAQRGGW
VAALNLGNG
;
A
2 'polypeptide(L)' EDIIRNIARHLA(MK8)VGD(MK8)(NLE)DRSI(NH2) B
#
# COMPACT_ATOMS: atom_id res chain seq x y z
N ALA A 1 -8.60 20.62 0.17
CA ALA A 1 -7.52 21.26 0.92
C ALA A 1 -6.79 22.28 0.06
N LEU A 2 -5.65 22.76 0.56
CA LEU A 2 -4.85 23.75 -0.17
C LEU A 2 -3.76 23.07 -0.98
N PRO A 3 -3.27 23.77 -2.02
CA PRO A 3 -2.21 23.26 -2.89
C PRO A 3 -0.87 23.19 -2.18
N SER A 4 0.13 22.61 -2.87
CA SER A 4 1.46 22.48 -2.29
C SER A 4 1.44 21.58 -1.06
N ALA A 5 2.60 21.06 -0.69
CA ALA A 5 2.72 20.18 0.47
C ALA A 5 4.16 19.77 0.70
N SER A 6 4.53 19.56 1.96
CA SER A 6 5.89 19.17 2.31
C SER A 6 5.91 17.72 2.81
N GLU A 7 7.11 17.13 2.84
CA GLU A 7 7.26 15.76 3.30
C GLU A 7 6.59 15.55 4.65
N GLU A 8 6.65 16.58 5.50
CA GLU A 8 6.04 16.50 6.83
C GLU A 8 4.58 16.08 6.73
N GLN A 9 3.82 16.80 5.91
CA GLN A 9 2.40 16.52 5.72
C GLN A 9 2.21 15.26 4.88
N VAL A 10 3.17 15.00 4.00
CA VAL A 10 3.10 13.83 3.13
C VAL A 10 3.05 12.53 3.94
N ALA A 11 3.87 12.46 4.99
CA ALA A 11 3.92 11.29 5.84
C ALA A 11 2.55 11.00 6.45
N GLN A 12 1.95 12.02 7.06
CA GLN A 12 0.64 11.86 7.68
C GLN A 12 -0.40 11.40 6.66
N ASP A 13 -0.42 12.05 5.51
CA ASP A 13 -1.36 11.69 4.46
C ASP A 13 -1.09 10.29 3.93
N THR A 14 0.18 9.89 3.93
CA THR A 14 0.57 8.57 3.46
C THR A 14 -0.05 7.48 4.30
N GLU A 15 0.17 7.55 5.61
CA GLU A 15 -0.37 6.55 6.54
C GLU A 15 -1.90 6.54 6.48
N GLU A 16 -2.49 7.73 6.48
CA GLU A 16 -3.94 7.85 6.43
C GLU A 16 -4.50 7.26 5.14
N VAL A 17 -3.97 7.73 4.01
CA VAL A 17 -4.40 7.25 2.70
C VAL A 17 -4.13 5.76 2.54
N PHE A 18 -3.04 5.30 3.14
CA PHE A 18 -2.66 3.89 3.07
C PHE A 18 -3.73 3.01 3.71
N ARG A 19 -4.11 3.33 4.94
CA ARG A 19 -5.12 2.57 5.66
C ARG A 19 -6.46 2.62 4.94
N SER A 20 -6.86 3.83 4.54
CA SER A 20 -8.13 4.02 3.85
C SER A 20 -8.13 3.30 2.51
N TYR A 21 -7.04 3.44 1.76
CA TYR A 21 -6.91 2.79 0.46
C TYR A 21 -7.09 1.29 0.58
N VAL A 22 -6.22 0.65 1.36
CA VAL A 22 -6.29 -0.80 1.56
C VAL A 22 -7.65 -1.21 2.11
N PHE A 23 -8.26 -0.34 2.90
CA PHE A 23 -9.57 -0.62 3.49
C PHE A 23 -10.63 -0.75 2.40
N TYR A 24 -10.63 0.21 1.47
CA TYR A 24 -11.61 0.21 0.38
C TYR A 24 -11.37 -0.97 -0.55
N ARG A 25 -10.12 -1.15 -0.98
CA ARG A 25 -9.77 -2.24 -1.88
C ARG A 25 -10.25 -3.57 -1.32
N HIS A 26 -9.93 -3.84 -0.06
CA HIS A 26 -10.32 -5.08 0.58
C HIS A 26 -11.83 -5.09 0.87
N GLN A 27 -12.38 -3.91 1.12
CA GLN A 27 -13.80 -3.78 1.42
C GLN A 27 -14.64 -4.32 0.26
N GLN A 28 -14.40 -3.80 -0.93
CA GLN A 28 -15.14 -4.23 -2.12
C GLN A 28 -14.80 -5.67 -2.48
N GLU A 29 -13.59 -6.11 -2.11
CA GLU A 29 -13.14 -7.46 -2.39
C GLU A 29 -13.88 -8.47 -1.52
N GLN A 30 -14.22 -8.06 -0.30
CA GLN A 30 -14.91 -8.93 0.64
C GLN A 30 -16.17 -9.51 0.00
N GLU A 31 -16.76 -8.76 -0.93
CA GLU A 31 -17.98 -9.21 -1.61
C GLU A 31 -17.67 -10.37 -2.54
N ALA A 32 -16.66 -10.20 -3.38
CA ALA A 32 -16.27 -11.24 -4.33
C ALA A 32 -15.61 -12.42 -3.61
N GLU A 33 -14.53 -12.14 -2.91
CA GLU A 33 -13.81 -13.18 -2.18
C GLU A 33 -13.49 -12.72 -0.75
N GLY A 34 -12.78 -13.57 -0.01
CA GLY A 34 -12.41 -13.23 1.35
C GLY A 34 -10.94 -13.45 1.64
N VAL A 35 -10.13 -13.44 0.58
CA VAL A 35 -8.70 -13.63 0.72
C VAL A 35 -8.07 -12.51 1.53
N ALA A 36 -7.32 -12.87 2.57
CA ALA A 36 -6.67 -11.89 3.42
C ALA A 36 -7.66 -10.82 3.90
N ALA A 37 -8.88 -11.26 4.18
CA ALA A 37 -9.91 -10.34 4.66
C ALA A 37 -9.54 -9.73 6.00
N PRO A 38 -10.19 -8.61 6.34
CA PRO A 38 -9.93 -7.90 7.60
C PRO A 38 -10.43 -8.68 8.81
N ALA A 39 -10.43 -8.03 9.97
CA ALA A 39 -10.89 -8.66 11.20
C ALA A 39 -12.38 -8.43 11.42
N ASP A 40 -13.16 -8.54 10.35
CA ASP A 40 -14.61 -8.35 10.43
C ASP A 40 -14.93 -6.91 10.85
N PRO A 41 -16.16 -6.47 10.51
CA PRO A 41 -16.62 -5.12 10.84
C PRO A 41 -16.84 -4.93 12.34
N GLU A 42 -15.78 -4.56 13.04
CA GLU A 42 -15.87 -4.34 14.49
C GLU A 42 -14.84 -3.31 14.95
N MET A 43 -14.63 -3.23 16.25
CA MET A 43 -13.68 -2.27 16.82
C MET A 43 -12.28 -2.50 16.25
N VAL A 44 -12.02 -3.74 15.83
CA VAL A 44 -10.73 -4.08 15.26
C VAL A 44 -10.62 -3.64 13.81
N THR A 45 -11.74 -3.19 13.25
CA THR A 45 -11.78 -2.72 11.87
C THR A 45 -10.78 -1.60 11.63
N LEU A 46 -10.85 -0.98 10.46
CA LEU A 46 -9.95 0.10 10.10
C LEU A 46 -10.69 1.43 10.08
N PRO A 47 -10.80 2.07 11.26
CA PRO A 47 -11.48 3.36 11.40
C PRO A 47 -10.71 4.50 10.74
N LEU A 48 -10.89 4.66 9.44
CA LEU A 48 -10.20 5.72 8.70
C LEU A 48 -10.93 7.05 8.85
N GLN A 49 -10.29 8.12 8.41
CA GLN A 49 -10.86 9.46 8.49
C GLN A 49 -11.20 10.00 7.11
N PRO A 50 -12.31 9.51 6.53
CA PRO A 50 -12.76 9.93 5.20
C PRO A 50 -13.27 11.38 5.19
N SER A 51 -13.37 11.97 6.38
CA SER A 51 -13.84 13.34 6.50
C SER A 51 -12.86 14.32 5.87
N SER A 52 -11.65 13.83 5.60
CA SER A 52 -10.61 14.66 4.99
C SER A 52 -10.49 14.38 3.49
N THR A 53 -9.89 15.32 2.77
CA THR A 53 -9.71 15.18 1.34
C THR A 53 -9.00 13.88 0.99
N MET A 54 -8.21 13.37 1.94
CA MET A 54 -7.48 12.12 1.73
C MET A 54 -8.44 10.95 1.53
N GLY A 55 -9.61 11.03 2.18
CA GLY A 55 -10.59 9.97 2.06
C GLY A 55 -10.92 9.64 0.62
N GLN A 56 -11.02 10.67 -0.21
CA GLN A 56 -11.33 10.48 -1.62
C GLN A 56 -10.12 9.93 -2.38
N VAL A 57 -8.93 10.22 -1.86
CA VAL A 57 -7.69 9.75 -2.49
C VAL A 57 -7.64 8.24 -2.52
N GLY A 58 -7.73 7.62 -1.35
CA GLY A 58 -7.68 6.17 -1.27
C GLY A 58 -8.67 5.50 -2.21
N ARG A 59 -9.91 5.98 -2.20
CA ARG A 59 -10.95 5.43 -3.06
C ARG A 59 -10.50 5.43 -4.52
N GLN A 60 -10.14 6.60 -5.03
CA GLN A 60 -9.71 6.73 -6.41
C GLN A 60 -8.56 5.77 -6.71
N LEU A 61 -7.53 5.81 -5.88
CA LEU A 61 -6.36 4.93 -6.05
C LEU A 61 -6.80 3.48 -6.19
N ALA A 62 -7.73 3.06 -5.34
CA ALA A 62 -8.22 1.69 -5.37
C ALA A 62 -8.88 1.37 -6.71
N ILE A 63 -9.43 2.40 -7.36
CA ILE A 63 -10.08 2.23 -8.64
C ILE A 63 -9.06 2.05 -9.76
N ILE A 64 -8.13 2.99 -9.86
CA ILE A 64 -7.09 2.93 -10.89
C ILE A 64 -6.24 1.69 -10.73
N GLY A 65 -6.17 1.17 -9.51
CA GLY A 65 -5.39 -0.02 -9.24
C GLY A 65 -6.24 -1.21 -8.84
N ASP A 66 -7.54 -1.10 -9.10
CA ASP A 66 -8.46 -2.18 -8.75
C ASP A 66 -8.16 -3.44 -9.55
N ASP A 67 -8.42 -3.38 -10.86
CA ASP A 67 -8.17 -4.52 -11.74
C ASP A 67 -6.72 -4.99 -11.63
N ILE A 68 -5.80 -4.03 -11.72
CA ILE A 68 -4.38 -4.34 -11.63
C ILE A 68 -4.07 -5.17 -10.38
N ASN A 69 -4.56 -4.71 -9.24
CA ASN A 69 -4.35 -5.41 -7.98
C ASN A 69 -4.86 -6.83 -8.04
N ARG A 70 -6.18 -6.98 -8.10
CA ARG A 70 -6.82 -8.29 -8.17
C ARG A 70 -6.18 -9.15 -9.26
N ARG A 71 -5.71 -8.49 -10.31
CA ARG A 71 -5.08 -9.19 -11.43
C ARG A 71 -3.85 -9.95 -10.96
N TYR A 72 -2.89 -9.24 -10.38
CA TYR A 72 -1.67 -9.86 -9.89
C TYR A 72 -1.76 -10.15 -8.39
N ASP A 73 -2.98 -10.15 -7.87
CA ASP A 73 -3.22 -10.42 -6.46
C ASP A 73 -3.22 -11.92 -6.18
N SER A 74 -3.94 -12.67 -7.01
CA SER A 74 -4.03 -14.11 -6.85
C SER A 74 -2.64 -14.74 -6.75
N GLU A 75 -1.73 -14.28 -7.61
CA GLU A 75 -0.36 -14.80 -7.61
C GLU A 75 0.46 -14.19 -6.48
N PHE A 76 0.15 -12.94 -6.15
CA PHE A 76 0.85 -12.24 -5.07
C PHE A 76 0.88 -13.07 -3.80
N GLN A 77 -0.29 -13.53 -3.36
CA GLN A 77 -0.40 -14.33 -2.15
C GLN A 77 0.28 -15.69 -2.35
N THR A 78 0.21 -16.21 -3.58
CA THR A 78 0.81 -17.50 -3.89
C THR A 78 2.29 -17.52 -3.52
N MET A 79 3.03 -16.54 -4.04
CA MET A 79 4.46 -16.45 -3.77
C MET A 79 4.72 -15.95 -2.35
N LEU A 80 3.87 -15.02 -1.90
CA LEU A 80 4.01 -14.45 -0.56
C LEU A 80 4.02 -15.56 0.50
N GLN A 81 3.20 -16.58 0.29
CA GLN A 81 3.11 -17.70 1.22
C GLN A 81 4.44 -18.46 1.27
N HIS A 82 5.20 -18.39 0.19
CA HIS A 82 6.49 -19.07 0.12
C HIS A 82 7.56 -18.28 0.86
N LEU A 83 7.21 -17.07 1.29
CA LEU A 83 8.15 -16.21 2.02
C LEU A 83 8.13 -16.53 3.51
N GLN A 84 7.00 -16.25 4.15
CA GLN A 84 6.85 -16.51 5.58
C GLN A 84 7.82 -15.65 6.39
N PRO A 85 7.65 -14.32 6.30
CA PRO A 85 8.50 -13.37 7.02
C PRO A 85 8.26 -13.40 8.53
N THR A 86 8.91 -12.49 9.24
CA THR A 86 8.77 -12.41 10.69
C THR A 86 8.68 -10.96 11.16
N ALA A 87 8.38 -10.78 12.44
CA ALA A 87 8.26 -9.45 13.01
C ALA A 87 9.63 -8.82 13.24
N GLU A 88 10.66 -9.66 13.25
CA GLU A 88 12.03 -9.20 13.46
C GLU A 88 12.64 -8.71 12.15
N ASN A 89 12.37 -9.44 11.07
CA ASN A 89 12.90 -9.08 9.76
C ASN A 89 11.80 -8.51 8.87
N ALA A 90 10.67 -8.15 9.49
CA ALA A 90 9.54 -7.59 8.75
C ALA A 90 10.00 -6.46 7.83
N TYR A 91 10.70 -5.49 8.39
CA TYR A 91 11.20 -4.36 7.61
C TYR A 91 12.29 -4.79 6.64
N GLU A 92 13.14 -5.71 7.09
CA GLU A 92 14.23 -6.21 6.28
C GLU A 92 13.70 -6.80 4.96
N TYR A 93 12.52 -7.38 5.02
CA TYR A 93 11.90 -7.99 3.85
C TYR A 93 11.12 -6.95 3.05
N PHE A 94 10.22 -6.25 3.74
CA PHE A 94 9.40 -5.22 3.10
C PHE A 94 10.27 -4.23 2.32
N THR A 95 11.25 -3.65 3.01
CA THR A 95 12.15 -2.69 2.39
C THR A 95 12.74 -3.24 1.08
N LYS A 96 12.97 -4.55 1.05
CA LYS A 96 13.52 -5.20 -0.13
C LYS A 96 12.50 -5.22 -1.27
N ILE A 97 11.29 -5.66 -0.95
CA ILE A 97 10.22 -5.72 -1.95
C ILE A 97 10.01 -4.38 -2.62
N ALA A 98 9.81 -3.34 -1.81
CA ALA A 98 9.60 -2.00 -2.33
C ALA A 98 10.80 -1.53 -3.14
N THR A 99 11.98 -1.56 -2.53
CA THR A 99 13.20 -1.14 -3.20
C THR A 99 13.35 -1.82 -4.56
N SER A 100 12.93 -3.08 -4.64
CA SER A 100 13.01 -3.84 -5.88
C SER A 100 11.95 -3.38 -6.87
N LEU A 101 10.80 -2.97 -6.35
CA LEU A 101 9.70 -2.51 -7.18
C LEU A 101 9.98 -1.11 -7.73
N PHE A 102 10.22 -0.17 -6.81
CA PHE A 102 10.51 1.22 -7.20
C PHE A 102 11.91 1.34 -7.78
N GLU A 103 12.66 0.23 -7.75
CA GLU A 103 14.02 0.22 -8.27
C GLU A 103 14.06 0.81 -9.68
N SER A 104 13.05 0.49 -10.47
CA SER A 104 12.98 0.98 -11.85
C SER A 104 12.67 2.48 -11.87
N GLY A 105 11.89 2.93 -10.90
CA GLY A 105 11.52 4.34 -10.83
C GLY A 105 10.36 4.59 -9.89
N ILE A 106 9.80 5.79 -9.98
CA ILE A 106 8.66 6.15 -9.13
C ILE A 106 7.52 6.74 -9.95
N ASN A 107 6.32 6.22 -9.72
CA ASN A 107 5.13 6.68 -10.44
C ASN A 107 3.87 6.45 -9.63
N TRP A 108 2.82 7.20 -9.94
CA TRP A 108 1.55 7.08 -9.24
C TRP A 108 1.12 5.62 -9.15
N GLY A 109 1.35 4.87 -10.23
CA GLY A 109 0.97 3.47 -10.25
C GLY A 109 1.79 2.63 -9.28
N ARG A 110 3.07 2.99 -9.12
CA ARG A 110 3.95 2.26 -8.22
C ARG A 110 3.54 2.48 -6.77
N VAL A 111 3.18 3.72 -6.44
CA VAL A 111 2.76 4.05 -5.08
C VAL A 111 1.54 3.24 -4.65
N VAL A 112 0.49 3.29 -5.46
CA VAL A 112 -0.74 2.56 -5.18
C VAL A 112 -0.46 1.07 -5.04
N ALA A 113 0.35 0.53 -5.95
CA ALA A 113 0.70 -0.89 -5.91
C ALA A 113 1.34 -1.28 -4.59
N LEU A 114 2.27 -0.45 -4.13
CA LEU A 114 2.96 -0.70 -2.87
C LEU A 114 1.96 -0.97 -1.75
N LEU A 115 0.95 -0.12 -1.64
CA LEU A 115 -0.07 -0.27 -0.62
C LEU A 115 -0.90 -1.53 -0.85
N GLY A 116 -1.28 -1.75 -2.11
CA GLY A 116 -2.08 -2.92 -2.45
C GLY A 116 -1.50 -4.20 -1.88
N PHE A 117 -0.23 -4.46 -2.17
CA PHE A 117 0.44 -5.66 -1.68
C PHE A 117 0.86 -5.50 -0.22
N GLY A 118 1.01 -4.25 0.20
CA GLY A 118 1.41 -3.97 1.57
C GLY A 118 0.45 -4.57 2.58
N TYR A 119 -0.82 -4.25 2.45
CA TYR A 119 -1.84 -4.75 3.36
C TYR A 119 -1.85 -6.28 3.38
N ARG A 120 -1.73 -6.88 2.20
CA ARG A 120 -1.72 -8.33 2.06
C ARG A 120 -0.61 -8.94 2.91
N LEU A 121 0.62 -8.46 2.72
CA LEU A 121 1.76 -8.96 3.45
C LEU A 121 1.57 -8.76 4.96
N ALA A 122 0.98 -7.63 5.33
CA ALA A 122 0.74 -7.32 6.73
C ALA A 122 -0.23 -8.32 7.36
N LEU A 123 -1.42 -8.43 6.78
CA LEU A 123 -2.43 -9.35 7.28
C LEU A 123 -1.90 -10.78 7.32
N HIS A 124 -1.05 -11.11 6.35
CA HIS A 124 -0.46 -12.44 6.27
C HIS A 124 0.17 -12.84 7.60
N VAL A 125 0.87 -11.90 8.23
CA VAL A 125 1.52 -12.14 9.50
C VAL A 125 0.54 -12.00 10.66
N TYR A 126 -0.32 -10.99 10.57
CA TYR A 126 -1.30 -10.73 11.62
C TYR A 126 -2.19 -11.95 11.83
N GLN A 127 -2.81 -12.43 10.74
CA GLN A 127 -3.68 -13.59 10.82
C GLN A 127 -2.91 -14.84 11.22
N HIS A 128 -1.63 -14.88 10.84
CA HIS A 128 -0.78 -16.02 11.16
C HIS A 128 -0.70 -16.24 12.66
N GLY A 129 -0.91 -15.16 13.43
CA GLY A 129 -0.87 -15.25 14.87
C GLY A 129 -0.18 -14.06 15.50
N LEU A 130 0.63 -13.36 14.71
CA LEU A 130 1.35 -12.18 15.19
C LEU A 130 0.43 -10.98 15.30
N THR A 131 -0.54 -11.06 16.21
CA THR A 131 -1.49 -9.97 16.41
C THR A 131 -0.78 -8.66 16.70
N GLY A 132 -1.05 -7.65 15.89
CA GLY A 132 -0.41 -6.36 16.09
C GLY A 132 0.66 -6.07 15.05
N PHE A 133 0.32 -6.28 13.78
CA PHE A 133 1.26 -6.04 12.69
C PHE A 133 0.87 -4.80 11.90
N LEU A 134 -0.39 -4.42 11.98
CA LEU A 134 -0.89 -3.25 11.27
C LEU A 134 -0.02 -2.03 11.55
N GLY A 135 0.17 -1.72 12.82
CA GLY A 135 0.99 -0.59 13.20
C GLY A 135 2.43 -0.72 12.73
N GLN A 136 2.96 -1.93 12.83
CA GLN A 136 4.34 -2.19 12.41
C GLN A 136 4.53 -1.89 10.93
N VAL A 137 3.65 -2.47 10.11
CA VAL A 137 3.72 -2.26 8.66
C VAL A 137 3.59 -0.79 8.30
N THR A 138 2.54 -0.14 8.84
CA THR A 138 2.31 1.26 8.57
C THR A 138 3.54 2.10 8.89
N ARG A 139 4.13 1.85 10.06
CA ARG A 139 5.31 2.58 10.49
C ARG A 139 6.47 2.37 9.52
N PHE A 140 6.71 1.12 9.14
CA PHE A 140 7.77 0.79 8.20
C PHE A 140 7.55 1.46 6.86
N VAL A 141 6.29 1.52 6.44
CA VAL A 141 5.94 2.14 5.17
C VAL A 141 6.26 3.63 5.16
N VAL A 142 5.74 4.35 6.15
CA VAL A 142 5.98 5.78 6.26
C VAL A 142 7.47 6.09 6.39
N ASP A 143 8.16 5.26 7.17
CA ASP A 143 9.58 5.44 7.38
C ASP A 143 10.36 5.15 6.10
N PHE A 144 9.97 4.09 5.40
CA PHE A 144 10.63 3.70 4.16
C PHE A 144 10.35 4.72 3.06
N MET A 145 9.12 5.23 3.02
CA MET A 145 8.72 6.21 2.03
C MET A 145 9.51 7.51 2.19
N LEU A 146 9.60 7.98 3.43
CA LEU A 146 10.32 9.21 3.73
C LEU A 146 11.83 8.98 3.69
N HIS A 147 12.22 7.73 3.50
CA HIS A 147 13.64 7.37 3.45
C HIS A 147 14.08 7.11 2.01
N HIS A 148 13.14 6.64 1.20
CA HIS A 148 13.43 6.34 -0.21
C HIS A 148 13.12 7.54 -1.09
N CYS A 149 13.02 8.72 -0.48
CA CYS A 149 12.71 9.94 -1.21
C CYS A 149 11.33 9.86 -1.85
N ILE A 150 10.52 8.91 -1.39
CA ILE A 150 9.18 8.74 -1.91
C ILE A 150 8.29 9.92 -1.56
N ALA A 151 8.32 10.32 -0.30
CA ALA A 151 7.51 11.45 0.17
C ALA A 151 7.72 12.67 -0.72
N ARG A 152 8.98 13.02 -0.96
CA ARG A 152 9.31 14.17 -1.79
C ARG A 152 8.65 14.06 -3.16
N TRP A 153 8.74 12.87 -3.75
CA TRP A 153 8.15 12.63 -5.06
C TRP A 153 6.66 12.95 -5.06
N ILE A 154 5.94 12.38 -4.10
CA ILE A 154 4.50 12.60 -3.98
C ILE A 154 4.19 14.09 -3.87
N ALA A 155 4.96 14.79 -3.05
CA ALA A 155 4.76 16.22 -2.86
C ALA A 155 4.96 16.98 -4.16
N GLN A 156 5.91 16.52 -4.97
CA GLN A 156 6.21 17.16 -6.24
C GLN A 156 5.08 16.93 -7.24
N ARG A 157 4.47 15.75 -7.18
CA ARG A 157 3.38 15.40 -8.08
C ARG A 157 2.09 16.09 -7.66
N GLY A 158 2.14 16.79 -6.52
CA GLY A 158 0.96 17.48 -6.03
C GLY A 158 0.38 16.81 -4.80
N GLY A 159 1.25 16.31 -3.93
CA GLY A 159 0.79 15.65 -2.72
C GLY A 159 -0.25 14.58 -3.00
N TRP A 160 -0.85 14.06 -1.94
CA TRP A 160 -1.86 13.03 -2.07
C TRP A 160 -3.16 13.60 -2.62
N VAL A 161 -3.22 14.93 -2.74
CA VAL A 161 -4.40 15.61 -3.25
C VAL A 161 -4.45 15.55 -4.77
N ALA A 162 -3.42 14.94 -5.37
CA ALA A 162 -3.34 14.83 -6.82
C ALA A 162 -4.12 13.60 -7.31
N ALA A 163 -4.45 12.71 -6.39
CA ALA A 163 -5.20 11.51 -6.73
C ALA A 163 -6.49 11.85 -7.47
N LEU A 164 -7.19 12.87 -6.99
CA LEU A 164 -8.44 13.30 -7.59
C LEU A 164 -8.21 13.83 -9.01
N ASN A 165 -6.95 14.10 -9.33
CA ASN A 165 -6.59 14.61 -10.64
C ASN A 165 -6.06 13.49 -11.53
N LEU A 166 -6.48 12.26 -11.25
CA LEU A 166 -6.06 11.11 -12.02
C LEU A 166 -7.17 10.62 -12.93
N GLY A 167 -7.04 9.38 -13.41
CA GLY A 167 -8.05 8.81 -14.29
C GLY A 167 -9.46 9.11 -13.83
N ASN A 168 -9.98 8.28 -12.93
CA ASN A 168 -11.32 8.47 -12.40
C ASN A 168 -11.38 9.65 -11.45
N GLY A 169 -10.21 10.20 -11.12
CA GLY A 169 -10.16 11.34 -10.22
C GLY A 169 -10.95 11.11 -8.95
N GLU B 1 15.38 -18.29 -0.74
CA GLU B 1 16.30 -17.71 -1.70
C GLU B 1 15.58 -17.39 -3.02
N ASP B 2 15.10 -18.44 -3.67
CA ASP B 2 14.39 -18.28 -4.94
C ASP B 2 13.23 -17.31 -4.80
N ILE B 3 12.70 -17.20 -3.59
CA ILE B 3 11.58 -16.31 -3.32
C ILE B 3 12.05 -14.87 -3.17
N ILE B 4 13.29 -14.70 -2.70
CA ILE B 4 13.85 -13.37 -2.52
C ILE B 4 13.92 -12.61 -3.83
N ARG B 5 14.28 -13.31 -4.90
CA ARG B 5 14.37 -12.71 -6.22
C ARG B 5 13.03 -12.78 -6.96
N ASN B 6 12.27 -13.83 -6.68
CA ASN B 6 10.97 -14.02 -7.31
C ASN B 6 9.97 -12.97 -6.84
N ILE B 7 9.87 -12.82 -5.52
CA ILE B 7 8.96 -11.85 -4.93
C ILE B 7 9.20 -10.45 -5.50
N ALA B 8 10.43 -10.20 -5.92
CA ALA B 8 10.80 -8.91 -6.48
C ALA B 8 10.60 -8.88 -7.98
N ARG B 9 10.91 -10.00 -8.64
CA ARG B 9 10.78 -10.11 -10.08
C ARG B 9 9.31 -10.16 -10.48
N HIS B 10 8.46 -10.56 -9.55
CA HIS B 10 7.02 -10.65 -9.80
C HIS B 10 6.40 -9.27 -9.89
N LEU B 11 7.01 -8.30 -9.23
CA LEU B 11 6.52 -6.93 -9.24
C LEU B 11 7.06 -6.17 -10.43
N ALA B 12 7.09 -6.82 -11.59
CA ALA B 12 7.57 -6.21 -12.82
C ALA B 12 6.42 -5.59 -13.61
N VAL B 14 3.29 -4.46 -11.40
CA VAL B 14 2.32 -3.70 -10.63
C VAL B 14 2.71 -2.22 -10.56
N GLY B 15 3.98 -1.94 -10.83
CA GLY B 15 4.45 -0.57 -10.79
C GLY B 15 4.05 0.21 -12.02
N ASP B 16 4.54 -0.21 -13.17
CA ASP B 16 4.22 0.46 -14.43
C ASP B 16 2.71 0.65 -14.59
N ASP B 19 0.03 3.45 -13.95
CA ASP B 19 0.37 4.80 -14.36
C ASP B 19 -0.07 5.04 -15.81
N ARG B 20 -0.10 3.98 -16.60
CA ARG B 20 -0.49 4.08 -18.00
C ARG B 20 -1.99 3.89 -18.15
N SER B 21 -2.62 3.26 -17.16
CA SER B 21 -4.05 3.02 -17.19
C SER B 21 -4.79 4.06 -16.35
N ILE B 22 -4.15 5.20 -16.12
CA ILE B 22 -4.75 6.28 -15.34
C ILE B 22 -4.84 7.57 -16.15
N ALA A 1 -5.96 21.52 2.97
CA ALA A 1 -6.58 21.95 1.72
C ALA A 1 -5.80 23.10 1.09
N LEU A 2 -4.59 23.32 1.58
CA LEU A 2 -3.73 24.39 1.07
C LEU A 2 -2.71 23.85 0.07
N PRO A 3 -2.19 24.74 -0.78
CA PRO A 3 -1.20 24.38 -1.80
C PRO A 3 0.15 24.03 -1.18
N SER A 4 1.08 23.57 -2.02
CA SER A 4 2.41 23.20 -1.56
C SER A 4 2.34 22.04 -0.57
N ALA A 5 3.48 21.38 -0.36
CA ALA A 5 3.55 20.25 0.56
C ALA A 5 4.97 19.71 0.65
N SER A 6 5.35 19.26 1.85
CA SER A 6 6.68 18.71 2.07
C SER A 6 6.61 17.29 2.60
N GLU A 7 7.76 16.63 2.69
CA GLU A 7 7.83 15.26 3.19
C GLU A 7 7.12 15.14 4.53
N GLU A 8 7.12 16.23 5.29
CA GLU A 8 6.49 16.25 6.61
C GLU A 8 5.02 15.86 6.50
N GLN A 9 4.28 16.56 5.63
CA GLN A 9 2.87 16.29 5.44
C GLN A 9 2.66 15.01 4.63
N VAL A 10 3.62 14.70 3.76
CA VAL A 10 3.53 13.50 2.93
C VAL A 10 3.46 12.24 3.79
N ALA A 11 4.34 12.17 4.78
CA ALA A 11 4.37 11.02 5.68
C ALA A 11 3.01 10.77 6.30
N GLN A 12 2.45 11.80 6.92
CA GLN A 12 1.14 11.68 7.56
C GLN A 12 0.09 11.18 6.56
N ASP A 13 0.10 11.76 5.37
CA ASP A 13 -0.86 11.38 4.33
C ASP A 13 -0.62 9.94 3.88
N THR A 14 0.63 9.49 3.99
CA THR A 14 0.99 8.13 3.60
C THR A 14 0.30 7.10 4.48
N GLU A 15 0.48 7.22 5.79
CA GLU A 15 -0.12 6.29 6.74
C GLU A 15 -1.65 6.37 6.67
N GLU A 16 -2.17 7.59 6.56
CA GLU A 16 -3.61 7.80 6.48
C GLU A 16 -4.17 7.22 5.19
N VAL A 17 -3.59 7.61 4.06
CA VAL A 17 -4.04 7.13 2.76
C VAL A 17 -3.89 5.62 2.65
N PHE A 18 -2.82 5.09 3.22
CA PHE A 18 -2.57 3.65 3.19
C PHE A 18 -3.68 2.89 3.91
N ARG A 19 -3.94 3.26 5.15
CA ARG A 19 -4.97 2.62 5.96
C ARG A 19 -6.32 2.68 5.24
N SER A 20 -6.71 3.88 4.82
CA SER A 20 -7.97 4.07 4.13
C SER A 20 -8.00 3.33 2.80
N TYR A 21 -6.84 3.30 2.13
CA TYR A 21 -6.72 2.62 0.85
C TYR A 21 -7.13 1.16 0.96
N VAL A 22 -6.43 0.42 1.81
CA VAL A 22 -6.71 -0.99 2.01
C VAL A 22 -8.09 -1.19 2.63
N PHE A 23 -8.48 -0.27 3.51
CA PHE A 23 -9.78 -0.35 4.17
C PHE A 23 -10.91 -0.37 3.14
N TYR A 24 -10.81 0.50 2.14
CA TYR A 24 -11.83 0.58 1.11
C TYR A 24 -11.74 -0.61 0.16
N ARG A 25 -10.54 -0.86 -0.37
CA ARG A 25 -10.31 -1.96 -1.29
C ARG A 25 -10.80 -3.27 -0.68
N HIS A 26 -10.47 -3.50 0.58
CA HIS A 26 -10.86 -4.71 1.28
C HIS A 26 -12.36 -4.70 1.59
N GLN A 27 -12.85 -3.54 2.03
CA GLN A 27 -14.26 -3.39 2.36
C GLN A 27 -15.15 -3.86 1.21
N GLN A 28 -14.94 -3.27 0.03
CA GLN A 28 -15.72 -3.62 -1.15
C GLN A 28 -15.38 -5.03 -1.62
N GLU A 29 -14.11 -5.40 -1.50
CA GLU A 29 -13.66 -6.73 -1.91
C GLU A 29 -14.49 -7.82 -1.27
N GLN A 30 -15.03 -7.53 -0.08
CA GLN A 30 -15.85 -8.49 0.65
C GLN A 30 -16.99 -9.00 -0.22
N GLU A 31 -17.47 -8.15 -1.13
CA GLU A 31 -18.56 -8.53 -2.02
C GLU A 31 -18.10 -9.58 -3.03
N ALA A 32 -16.82 -9.52 -3.39
CA ALA A 32 -16.25 -10.47 -4.34
C ALA A 32 -15.95 -11.80 -3.67
N GLU A 33 -15.09 -11.77 -2.65
CA GLU A 33 -14.71 -12.97 -1.93
C GLU A 33 -14.35 -12.64 -0.48
N GLY A 34 -13.84 -13.64 0.23
CA GLY A 34 -13.46 -13.44 1.62
C GLY A 34 -12.18 -14.17 1.98
N VAL A 35 -11.41 -14.56 0.96
CA VAL A 35 -10.15 -15.26 1.17
C VAL A 35 -9.05 -14.30 1.60
N ALA A 36 -8.34 -14.68 2.67
CA ALA A 36 -7.25 -13.85 3.18
C ALA A 36 -7.72 -12.41 3.41
N ALA A 37 -8.94 -12.25 3.88
CA ALA A 37 -9.51 -10.93 4.13
C ALA A 37 -9.36 -10.55 5.60
N PRO A 38 -9.46 -9.25 5.89
CA PRO A 38 -9.35 -8.72 7.25
C PRO A 38 -10.54 -9.11 8.12
N ALA A 39 -10.31 -9.21 9.42
CA ALA A 39 -11.36 -9.58 10.36
C ALA A 39 -10.83 -9.59 11.80
N ASP A 40 -10.75 -8.42 12.41
CA ASP A 40 -10.28 -8.31 13.79
C ASP A 40 -10.39 -6.87 14.28
N PRO A 41 -11.63 -6.43 14.52
CA PRO A 41 -11.90 -5.07 15.00
C PRO A 41 -11.45 -4.86 16.44
N GLU A 42 -10.15 -4.66 16.63
CA GLU A 42 -9.59 -4.46 17.95
C GLU A 42 -9.74 -3.00 18.39
N MET A 43 -9.08 -2.65 19.49
CA MET A 43 -9.15 -1.28 20.01
C MET A 43 -8.52 -0.30 19.03
N VAL A 44 -7.47 -0.74 18.35
CA VAL A 44 -6.76 0.10 17.38
C VAL A 44 -7.69 0.50 16.23
N THR A 45 -8.44 -0.48 15.72
CA THR A 45 -9.36 -0.22 14.62
C THR A 45 -8.67 0.51 13.47
N LEU A 46 -9.46 0.97 12.51
CA LEU A 46 -8.92 1.69 11.36
C LEU A 46 -9.30 3.17 11.42
N PRO A 47 -8.51 3.95 12.18
CA PRO A 47 -8.75 5.39 12.33
C PRO A 47 -8.44 6.17 11.05
N LEU A 48 -9.44 6.31 10.20
CA LEU A 48 -9.28 7.03 8.94
C LEU A 48 -9.90 8.42 9.02
N GLN A 49 -9.61 9.25 8.03
CA GLN A 49 -10.15 10.60 8.00
C GLN A 49 -11.12 10.77 6.83
N PRO A 50 -12.38 10.35 7.03
CA PRO A 50 -13.42 10.45 6.01
C PRO A 50 -13.84 11.89 5.74
N SER A 51 -13.35 12.81 6.58
CA SER A 51 -13.68 14.22 6.43
C SER A 51 -12.48 15.02 5.91
N SER A 52 -11.49 14.29 5.40
CA SER A 52 -10.28 14.92 4.88
C SER A 52 -9.93 14.38 3.49
N THR A 53 -9.18 15.16 2.72
CA THR A 53 -8.78 14.76 1.38
C THR A 53 -8.09 13.40 1.39
N MET A 54 -7.34 13.14 2.45
CA MET A 54 -6.62 11.88 2.60
C MET A 54 -7.56 10.69 2.37
N GLY A 55 -8.72 10.73 3.00
CA GLY A 55 -9.69 9.66 2.85
C GLY A 55 -10.22 9.54 1.44
N GLN A 56 -10.14 10.64 0.70
CA GLN A 56 -10.61 10.66 -0.68
C GLN A 56 -9.58 10.08 -1.64
N VAL A 57 -8.31 10.16 -1.24
CA VAL A 57 -7.22 9.64 -2.05
C VAL A 57 -7.24 8.11 -2.09
N GLY A 58 -7.26 7.50 -0.91
CA GLY A 58 -7.27 6.06 -0.81
C GLY A 58 -8.36 5.43 -1.66
N ARG A 59 -9.56 6.02 -1.60
CA ARG A 59 -10.70 5.52 -2.36
C ARG A 59 -10.33 5.35 -3.84
N GLN A 60 -9.83 6.42 -4.44
CA GLN A 60 -9.45 6.40 -5.85
C GLN A 60 -8.34 5.37 -6.09
N LEU A 61 -7.29 5.45 -5.29
CA LEU A 61 -6.17 4.51 -5.42
C LEU A 61 -6.65 3.08 -5.40
N ALA A 62 -7.58 2.78 -4.50
CA ALA A 62 -8.12 1.43 -4.38
C ALA A 62 -8.80 1.00 -5.67
N ILE A 63 -9.34 1.97 -6.40
CA ILE A 63 -10.02 1.70 -7.66
C ILE A 63 -9.03 1.39 -8.77
N ILE A 64 -8.07 2.29 -8.96
CA ILE A 64 -7.05 2.13 -9.99
C ILE A 64 -6.16 0.92 -9.69
N GLY A 65 -6.12 0.54 -8.42
CA GLY A 65 -5.30 -0.60 -8.02
C GLY A 65 -6.12 -1.84 -7.76
N ASP A 66 -7.44 -1.72 -7.90
CA ASP A 66 -8.34 -2.84 -7.68
C ASP A 66 -8.04 -3.98 -8.67
N ASP A 67 -8.46 -3.79 -9.91
CA ASP A 67 -8.24 -4.79 -10.95
C ASP A 67 -6.76 -5.15 -11.05
N ILE A 68 -5.90 -4.13 -11.08
CA ILE A 68 -4.47 -4.34 -11.17
C ILE A 68 -3.99 -5.32 -10.11
N ASN A 69 -4.42 -5.11 -8.88
CA ASN A 69 -4.03 -5.97 -7.75
C ASN A 69 -4.50 -7.40 -7.99
N ARG A 70 -5.82 -7.59 -7.98
CA ARG A 70 -6.40 -8.91 -8.19
C ARG A 70 -5.84 -9.55 -9.45
N ARG A 71 -5.35 -8.73 -10.36
CA ARG A 71 -4.79 -9.22 -11.62
C ARG A 71 -3.43 -9.86 -11.39
N TYR A 72 -2.50 -9.09 -10.84
CA TYR A 72 -1.16 -9.57 -10.58
C TYR A 72 -0.99 -9.96 -9.10
N ASP A 73 -1.31 -9.02 -8.22
CA ASP A 73 -1.20 -9.26 -6.79
C ASP A 73 -1.83 -10.60 -6.40
N SER A 74 -2.80 -11.03 -7.19
CA SER A 74 -3.49 -12.29 -6.94
C SER A 74 -2.49 -13.43 -6.78
N GLU A 75 -1.61 -13.59 -7.78
CA GLU A 75 -0.61 -14.63 -7.75
C GLU A 75 0.55 -14.26 -6.83
N PHE A 76 0.76 -12.96 -6.66
CA PHE A 76 1.83 -12.46 -5.82
C PHE A 76 1.76 -13.09 -4.42
N GLN A 77 0.57 -13.13 -3.85
CA GLN A 77 0.37 -13.71 -2.52
C GLN A 77 0.68 -15.20 -2.53
N THR A 78 0.39 -15.85 -3.65
CA THR A 78 0.64 -17.28 -3.79
C THR A 78 2.10 -17.62 -3.53
N MET A 79 2.99 -16.92 -4.22
CA MET A 79 4.43 -17.14 -4.07
C MET A 79 4.92 -16.57 -2.74
N LEU A 80 4.31 -15.47 -2.31
CA LEU A 80 4.69 -14.84 -1.05
C LEU A 80 4.45 -15.76 0.13
N GLN A 81 3.42 -16.59 0.03
CA GLN A 81 3.08 -17.53 1.09
C GLN A 81 4.26 -18.46 1.39
N HIS A 82 5.11 -18.66 0.39
CA HIS A 82 6.28 -19.53 0.54
C HIS A 82 7.33 -18.87 1.43
N LEU A 83 7.43 -17.55 1.34
CA LEU A 83 8.39 -16.80 2.15
C LEU A 83 8.16 -17.03 3.64
N GLN A 84 6.95 -16.71 4.10
CA GLN A 84 6.61 -16.89 5.50
C GLN A 84 7.46 -15.99 6.40
N PRO A 85 7.30 -14.66 6.22
CA PRO A 85 8.04 -13.67 6.98
C PRO A 85 7.59 -13.61 8.44
N THR A 86 8.11 -12.63 9.18
CA THR A 86 7.75 -12.48 10.59
C THR A 86 7.55 -11.01 10.95
N ALA A 87 7.04 -10.76 12.15
CA ALA A 87 6.80 -9.41 12.62
C ALA A 87 8.10 -8.69 12.96
N GLU A 88 9.13 -9.48 13.25
CA GLU A 88 10.44 -8.92 13.61
C GLU A 88 11.21 -8.52 12.36
N ASN A 89 11.09 -9.33 11.30
CA ASN A 89 11.78 -9.05 10.05
C ASN A 89 10.81 -8.51 9.01
N ALA A 90 9.60 -8.17 9.44
CA ALA A 90 8.58 -7.63 8.55
C ALA A 90 9.15 -6.52 7.68
N TYR A 91 9.84 -5.57 8.31
CA TYR A 91 10.44 -4.45 7.59
C TYR A 91 11.64 -4.91 6.76
N GLU A 92 12.41 -5.84 7.32
CA GLU A 92 13.59 -6.36 6.64
C GLU A 92 13.22 -6.87 5.24
N TYR A 93 12.06 -7.50 5.12
CA TYR A 93 11.61 -8.03 3.85
C TYR A 93 10.86 -6.97 3.05
N PHE A 94 9.91 -6.30 3.71
CA PHE A 94 9.12 -5.27 3.05
C PHE A 94 10.03 -4.24 2.39
N THR A 95 10.94 -3.67 3.16
CA THR A 95 11.87 -2.67 2.65
C THR A 95 12.53 -3.14 1.36
N LYS A 96 12.84 -4.44 1.30
CA LYS A 96 13.46 -5.02 0.12
C LYS A 96 12.53 -4.99 -1.08
N ILE A 97 11.29 -5.43 -0.86
CA ILE A 97 10.29 -5.46 -1.93
C ILE A 97 10.10 -4.07 -2.53
N ALA A 98 9.81 -3.10 -1.67
CA ALA A 98 9.61 -1.72 -2.13
C ALA A 98 10.84 -1.21 -2.88
N THR A 99 12.00 -1.33 -2.26
CA THR A 99 13.25 -0.88 -2.87
C THR A 99 13.40 -1.44 -4.28
N SER A 100 13.08 -2.71 -4.45
CA SER A 100 13.19 -3.36 -5.75
C SER A 100 12.21 -2.75 -6.74
N LEU A 101 11.00 -2.47 -6.28
CA LEU A 101 9.97 -1.88 -7.12
C LEU A 101 10.34 -0.45 -7.51
N PHE A 102 10.78 0.33 -6.54
CA PHE A 102 11.17 1.71 -6.78
C PHE A 102 12.66 1.82 -7.05
N GLU A 103 13.27 0.72 -7.48
CA GLU A 103 14.69 0.69 -7.78
C GLU A 103 14.97 1.28 -9.16
N SER A 104 13.96 1.27 -10.02
CA SER A 104 14.10 1.80 -11.36
C SER A 104 13.62 3.24 -11.44
N GLY A 105 12.33 3.45 -11.17
CA GLY A 105 11.77 4.79 -11.21
C GLY A 105 10.51 4.92 -10.36
N ILE A 106 10.13 6.15 -10.06
CA ILE A 106 8.95 6.40 -9.25
C ILE A 106 7.78 6.87 -10.12
N ASN A 107 6.59 6.34 -9.84
CA ASN A 107 5.40 6.71 -10.60
C ASN A 107 4.15 6.49 -9.76
N TRP A 108 3.08 7.22 -10.10
CA TRP A 108 1.82 7.11 -9.38
C TRP A 108 1.39 5.65 -9.25
N GLY A 109 1.34 4.95 -10.39
CA GLY A 109 0.94 3.55 -10.38
C GLY A 109 1.71 2.74 -9.37
N ARG A 110 3.03 2.93 -9.34
CA ARG A 110 3.89 2.19 -8.42
C ARG A 110 3.49 2.45 -6.98
N VAL A 111 3.33 3.73 -6.63
CA VAL A 111 2.93 4.11 -5.28
C VAL A 111 1.70 3.34 -4.82
N VAL A 112 0.80 3.08 -5.76
CA VAL A 112 -0.43 2.35 -5.47
C VAL A 112 -0.15 0.86 -5.24
N ALA A 113 0.54 0.25 -6.20
CA ALA A 113 0.88 -1.16 -6.10
C ALA A 113 1.61 -1.47 -4.81
N LEU A 114 2.49 -0.56 -4.40
CA LEU A 114 3.25 -0.74 -3.16
C LEU A 114 2.33 -1.06 -2.00
N LEU A 115 1.31 -0.23 -1.80
CA LEU A 115 0.36 -0.43 -0.71
C LEU A 115 -0.46 -1.70 -0.94
N GLY A 116 -0.91 -1.90 -2.16
CA GLY A 116 -1.70 -3.08 -2.48
C GLY A 116 -1.06 -4.35 -1.98
N PHE A 117 0.19 -4.60 -2.38
CA PHE A 117 0.91 -5.79 -1.97
C PHE A 117 1.37 -5.67 -0.51
N GLY A 118 1.58 -4.44 -0.07
CA GLY A 118 2.02 -4.21 1.29
C GLY A 118 1.13 -4.89 2.31
N TYR A 119 -0.15 -4.58 2.27
CA TYR A 119 -1.11 -5.16 3.20
C TYR A 119 -1.16 -6.69 3.05
N ARG A 120 -1.05 -7.15 1.81
CA ARG A 120 -1.09 -8.58 1.52
C ARG A 120 0.10 -9.30 2.17
N LEU A 121 1.30 -8.90 1.77
CA LEU A 121 2.52 -9.51 2.31
C LEU A 121 2.51 -9.48 3.83
N ALA A 122 2.01 -8.39 4.41
CA ALA A 122 1.93 -8.25 5.85
C ALA A 122 0.84 -9.11 6.44
N LEU A 123 -0.23 -9.32 5.67
CA LEU A 123 -1.35 -10.13 6.11
C LEU A 123 -0.97 -11.61 6.15
N HIS A 124 -0.01 -11.98 5.32
CA HIS A 124 0.46 -13.38 5.26
C HIS A 124 0.90 -13.85 6.64
N VAL A 125 1.30 -12.91 7.48
CA VAL A 125 1.75 -13.24 8.84
C VAL A 125 0.73 -12.79 9.88
N TYR A 126 0.15 -11.62 9.67
CA TYR A 126 -0.83 -11.08 10.60
C TYR A 126 -2.03 -12.02 10.73
N GLN A 127 -2.27 -12.81 9.68
CA GLN A 127 -3.38 -13.75 9.67
C GLN A 127 -3.19 -14.83 10.74
N HIS A 128 -1.96 -14.97 11.22
CA HIS A 128 -1.64 -15.97 12.23
C HIS A 128 -2.35 -15.63 13.54
N GLY A 129 -2.61 -14.35 13.77
CA GLY A 129 -3.27 -13.92 14.98
C GLY A 129 -2.38 -13.09 15.88
N LEU A 130 -1.18 -12.81 15.41
CA LEU A 130 -0.22 -12.02 16.18
C LEU A 130 -0.75 -10.61 16.42
N THR A 131 -1.77 -10.22 15.64
CA THR A 131 -2.37 -8.90 15.77
C THR A 131 -1.30 -7.82 15.91
N GLY A 132 -1.72 -6.62 16.30
CA GLY A 132 -0.78 -5.52 16.47
C GLY A 132 0.15 -5.38 15.28
N PHE A 133 -0.36 -5.62 14.08
CA PHE A 133 0.44 -5.52 12.87
C PHE A 133 -0.05 -4.37 11.98
N LEU A 134 -1.36 -4.15 11.98
CA LEU A 134 -1.96 -3.09 11.18
C LEU A 134 -1.15 -1.80 11.30
N GLY A 135 -1.13 -1.23 12.50
CA GLY A 135 -0.40 0.00 12.72
C GLY A 135 1.04 -0.09 12.25
N GLN A 136 1.67 -1.24 12.48
CA GLN A 136 3.05 -1.45 12.07
C GLN A 136 3.20 -1.33 10.57
N VAL A 137 2.42 -2.12 9.83
CA VAL A 137 2.46 -2.10 8.37
C VAL A 137 2.33 -0.68 7.85
N THR A 138 1.31 0.03 8.31
CA THR A 138 1.07 1.40 7.88
C THR A 138 2.31 2.27 8.09
N ARG A 139 2.77 2.34 9.33
CA ARG A 139 3.94 3.14 9.66
C ARG A 139 5.16 2.67 8.87
N PHE A 140 5.23 1.36 8.62
CA PHE A 140 6.34 0.79 7.87
C PHE A 140 6.40 1.35 6.45
N VAL A 141 5.25 1.39 5.80
CA VAL A 141 5.17 1.92 4.43
C VAL A 141 5.60 3.38 4.38
N VAL A 142 5.00 4.20 5.24
CA VAL A 142 5.33 5.62 5.28
C VAL A 142 6.78 5.83 5.70
N ASP A 143 7.25 5.04 6.64
CA ASP A 143 8.63 5.14 7.12
C ASP A 143 9.61 4.97 5.96
N PHE A 144 9.50 3.86 5.25
CA PHE A 144 10.38 3.57 4.13
C PHE A 144 10.24 4.63 3.04
N MET A 145 9.00 5.09 2.83
CA MET A 145 8.72 6.10 1.82
C MET A 145 9.48 7.39 2.12
N LEU A 146 9.51 7.77 3.39
CA LEU A 146 10.22 8.98 3.80
C LEU A 146 11.72 8.86 3.57
N HIS A 147 12.32 7.80 4.11
CA HIS A 147 13.74 7.57 3.94
C HIS A 147 14.15 7.65 2.47
N HIS A 148 13.44 6.92 1.63
CA HIS A 148 13.71 6.92 0.19
C HIS A 148 13.34 8.25 -0.43
N CYS A 149 13.48 8.34 -1.76
CA CYS A 149 13.16 9.55 -2.48
C CYS A 149 11.73 9.51 -3.02
N ILE A 150 10.87 8.79 -2.31
CA ILE A 150 9.48 8.67 -2.71
C ILE A 150 8.65 9.84 -2.20
N ALA A 151 8.84 10.19 -0.93
CA ALA A 151 8.12 11.30 -0.33
C ALA A 151 8.19 12.55 -1.20
N ARG A 152 9.42 12.99 -1.48
CA ARG A 152 9.63 14.18 -2.31
C ARG A 152 8.88 14.06 -3.63
N TRP A 153 8.96 12.89 -4.24
CA TRP A 153 8.28 12.64 -5.51
C TRP A 153 6.79 12.96 -5.41
N ILE A 154 6.14 12.37 -4.42
CA ILE A 154 4.71 12.58 -4.21
C ILE A 154 4.40 14.07 -4.05
N ALA A 155 5.20 14.75 -3.24
CA ALA A 155 5.01 16.17 -3.00
C ALA A 155 5.16 16.97 -4.29
N GLN A 156 6.01 16.47 -5.19
CA GLN A 156 6.25 17.14 -6.46
C GLN A 156 5.08 16.94 -7.42
N ARG A 157 4.47 15.75 -7.37
CA ARG A 157 3.34 15.44 -8.23
C ARG A 157 2.07 16.13 -7.72
N GLY A 158 2.17 16.77 -6.57
CA GLY A 158 1.03 17.47 -5.99
C GLY A 158 0.46 16.75 -4.78
N GLY A 159 1.35 16.18 -3.97
CA GLY A 159 0.93 15.48 -2.77
C GLY A 159 -0.09 14.39 -3.08
N TRP A 160 -0.58 13.73 -2.04
CA TRP A 160 -1.57 12.67 -2.21
C TRP A 160 -2.87 13.21 -2.75
N VAL A 161 -3.02 14.53 -2.70
CA VAL A 161 -4.23 15.19 -3.20
C VAL A 161 -4.25 15.23 -4.71
N ALA A 162 -3.16 14.75 -5.33
CA ALA A 162 -3.06 14.73 -6.78
C ALA A 162 -3.61 13.42 -7.35
N ALA A 163 -3.87 12.46 -6.48
CA ALA A 163 -4.40 11.17 -6.90
C ALA A 163 -5.92 11.23 -7.08
N LEU A 164 -6.53 12.29 -6.57
CA LEU A 164 -7.98 12.47 -6.68
C LEU A 164 -8.40 12.64 -8.13
N ASN A 165 -7.42 12.89 -9.00
CA ASN A 165 -7.69 13.07 -10.42
C ASN A 165 -7.47 11.76 -11.18
N LEU A 166 -6.66 10.88 -10.61
CA LEU A 166 -6.36 9.60 -11.23
C LEU A 166 -7.60 8.71 -11.29
N GLY A 167 -7.55 7.67 -12.11
CA GLY A 167 -8.69 6.77 -12.24
C GLY A 167 -9.91 7.44 -12.81
N ASN A 168 -10.98 7.50 -12.03
CA ASN A 168 -12.22 8.13 -12.47
C ASN A 168 -12.41 9.48 -11.81
N GLY A 169 -11.33 10.04 -11.28
CA GLY A 169 -11.39 11.34 -10.63
C GLY A 169 -12.12 11.28 -9.30
N GLU B 1 16.31 -16.15 -0.72
CA GLU B 1 16.72 -16.83 -1.92
C GLU B 1 15.53 -17.47 -2.64
N ASP B 2 15.43 -17.22 -3.94
CA ASP B 2 14.34 -17.76 -4.74
C ASP B 2 13.05 -16.97 -4.51
N ILE B 3 12.83 -16.56 -3.26
CA ILE B 3 11.64 -15.79 -2.91
C ILE B 3 11.94 -14.29 -2.88
N ILE B 4 13.16 -13.95 -2.49
CA ILE B 4 13.58 -12.55 -2.41
C ILE B 4 13.86 -11.99 -3.80
N ARG B 5 14.31 -12.85 -4.71
CA ARG B 5 14.60 -12.45 -6.08
C ARG B 5 13.35 -12.47 -6.94
N ASN B 6 12.51 -13.47 -6.73
CA ASN B 6 11.28 -13.60 -7.50
C ASN B 6 10.28 -12.52 -7.13
N ILE B 7 10.06 -12.33 -5.83
CA ILE B 7 9.14 -11.32 -5.33
C ILE B 7 9.43 -9.96 -5.97
N ALA B 8 10.71 -9.69 -6.23
CA ALA B 8 11.11 -8.44 -6.84
C ALA B 8 10.99 -8.50 -8.36
N ARG B 9 11.16 -9.69 -8.92
CA ARG B 9 11.07 -9.89 -10.36
C ARG B 9 9.63 -9.76 -10.83
N HIS B 10 8.71 -10.36 -10.10
CA HIS B 10 7.29 -10.31 -10.44
C HIS B 10 6.77 -8.88 -10.38
N LEU B 11 7.49 -8.02 -9.68
CA LEU B 11 7.09 -6.62 -9.53
C LEU B 11 7.64 -5.78 -10.68
N ALA B 12 7.69 -6.37 -11.86
CA ALA B 12 8.18 -5.67 -13.04
C ALA B 12 7.04 -5.09 -13.86
N VAL B 14 3.71 -4.29 -11.85
CA VAL B 14 2.62 -3.68 -11.10
C VAL B 14 2.77 -2.17 -11.04
N GLY B 15 3.97 -1.68 -11.34
CA GLY B 15 4.23 -0.25 -11.31
C GLY B 15 3.73 0.44 -12.57
N ASP B 16 4.25 0.02 -13.72
CA ASP B 16 3.85 0.61 -14.99
C ASP B 16 2.32 0.63 -15.13
N ASP B 19 -0.51 3.02 -14.26
CA ASP B 19 -0.23 4.44 -14.48
C ASP B 19 -0.79 4.89 -15.83
N ARG B 20 -0.93 3.95 -16.75
CA ARG B 20 -1.46 4.26 -18.08
C ARG B 20 -2.98 4.11 -18.12
N SER B 21 -3.53 3.42 -17.12
CA SER B 21 -4.96 3.20 -17.04
C SER B 21 -5.58 4.06 -15.94
N ILE B 22 -4.89 5.13 -15.57
CA ILE B 22 -5.36 6.04 -14.54
C ILE B 22 -5.58 7.44 -15.09
N ALA A 1 -7.11 22.27 -6.02
CA ALA A 1 -6.85 23.66 -5.68
C ALA A 1 -6.22 23.79 -4.30
N LEU A 2 -5.38 22.81 -3.95
CA LEU A 2 -4.71 22.82 -2.66
C LEU A 2 -3.31 23.41 -2.78
N PRO A 3 -2.76 23.87 -1.63
CA PRO A 3 -1.42 24.47 -1.58
C PRO A 3 -0.32 23.44 -1.82
N SER A 4 0.92 23.91 -1.91
CA SER A 4 2.06 23.03 -2.13
C SER A 4 2.13 21.95 -1.07
N ALA A 5 2.90 20.90 -1.35
CA ALA A 5 3.06 19.80 -0.40
C ALA A 5 4.53 19.51 -0.14
N SER A 6 4.83 19.05 1.07
CA SER A 6 6.21 18.74 1.45
C SER A 6 6.29 17.37 2.13
N GLU A 7 7.51 16.87 2.29
CA GLU A 7 7.72 15.57 2.91
C GLU A 7 6.96 15.47 4.23
N GLU A 8 6.88 16.58 4.95
CA GLU A 8 6.18 16.62 6.23
C GLU A 8 4.71 16.22 6.05
N GLN A 9 4.04 16.87 5.11
CA GLN A 9 2.64 16.57 4.84
C GLN A 9 2.49 15.25 4.10
N VAL A 10 3.52 14.86 3.37
CA VAL A 10 3.50 13.61 2.62
C VAL A 10 3.45 12.41 3.55
N ALA A 11 4.23 12.47 4.63
CA ALA A 11 4.26 11.38 5.61
C ALA A 11 2.88 11.14 6.21
N GLN A 12 2.27 12.20 6.73
CA GLN A 12 0.95 12.09 7.34
C GLN A 12 -0.08 11.63 6.33
N ASP A 13 -0.05 12.22 5.13
CA ASP A 13 -0.98 11.86 4.08
C ASP A 13 -0.77 10.41 3.63
N THR A 14 0.48 9.96 3.69
CA THR A 14 0.81 8.59 3.29
C THR A 14 0.16 7.58 4.23
N GLU A 15 0.40 7.72 5.52
CA GLU A 15 -0.16 6.82 6.52
C GLU A 15 -1.69 6.84 6.47
N GLU A 16 -2.25 8.05 6.37
CA GLU A 16 -3.70 8.21 6.31
C GLU A 16 -4.28 7.59 5.04
N VAL A 17 -3.69 7.95 3.90
CA VAL A 17 -4.14 7.43 2.61
C VAL A 17 -3.95 5.92 2.54
N PHE A 18 -2.90 5.42 3.18
CA PHE A 18 -2.60 4.00 3.18
C PHE A 18 -3.70 3.21 3.90
N ARG A 19 -3.97 3.61 5.15
CA ARG A 19 -4.99 2.95 5.95
C ARG A 19 -6.37 3.05 5.28
N SER A 20 -6.68 4.24 4.78
CA SER A 20 -7.96 4.48 4.12
C SER A 20 -8.03 3.72 2.80
N TYR A 21 -6.92 3.65 2.09
CA TYR A 21 -6.85 2.96 0.81
C TYR A 21 -7.22 1.48 0.97
N VAL A 22 -6.45 0.78 1.80
CA VAL A 22 -6.69 -0.64 2.05
C VAL A 22 -8.05 -0.85 2.71
N PHE A 23 -8.42 0.05 3.60
CA PHE A 23 -9.70 -0.04 4.30
C PHE A 23 -10.86 0.11 3.33
N TYR A 24 -10.73 1.02 2.38
CA TYR A 24 -11.77 1.26 1.39
C TYR A 24 -11.89 0.09 0.42
N ARG A 25 -10.75 -0.32 -0.13
CA ARG A 25 -10.73 -1.44 -1.08
C ARG A 25 -11.20 -2.72 -0.42
N HIS A 26 -10.77 -2.95 0.82
CA HIS A 26 -11.15 -4.13 1.56
C HIS A 26 -12.61 -4.05 2.01
N GLN A 27 -13.07 -2.84 2.30
CA GLN A 27 -14.44 -2.63 2.74
C GLN A 27 -15.43 -3.28 1.77
N GLN A 28 -15.21 -3.06 0.48
CA GLN A 28 -16.08 -3.63 -0.55
C GLN A 28 -15.80 -5.12 -0.74
N GLU A 29 -14.57 -5.53 -0.42
CA GLU A 29 -14.18 -6.93 -0.57
C GLU A 29 -14.82 -7.79 0.52
N GLN A 30 -14.58 -7.44 1.77
CA GLN A 30 -15.14 -8.17 2.90
C GLN A 30 -16.65 -8.33 2.75
N GLU A 31 -17.27 -7.36 2.09
CA GLU A 31 -18.72 -7.39 1.87
C GLU A 31 -19.12 -8.60 1.04
N ALA A 32 -18.38 -8.86 -0.03
CA ALA A 32 -18.66 -9.98 -0.91
C ALA A 32 -18.03 -11.26 -0.37
N GLU A 33 -16.70 -11.27 -0.29
CA GLU A 33 -15.99 -12.44 0.20
C GLU A 33 -14.64 -12.05 0.79
N GLY A 34 -13.76 -13.02 0.97
CA GLY A 34 -12.45 -12.75 1.53
C GLY A 34 -12.51 -12.28 2.96
N VAL A 35 -13.63 -12.55 3.62
CA VAL A 35 -13.82 -12.15 5.01
C VAL A 35 -12.58 -12.45 5.85
N ALA A 36 -11.88 -11.39 6.26
CA ALA A 36 -10.68 -11.54 7.07
C ALA A 36 -10.04 -10.19 7.36
N ALA A 37 -10.87 -9.20 7.64
CA ALA A 37 -10.38 -7.86 7.94
C ALA A 37 -9.38 -7.88 9.09
N PRO A 38 -8.58 -6.81 9.20
CA PRO A 38 -7.55 -6.69 10.24
C PRO A 38 -8.17 -6.47 11.62
N ALA A 39 -7.35 -6.62 12.66
CA ALA A 39 -7.80 -6.45 14.03
C ALA A 39 -8.46 -5.08 14.22
N ASP A 40 -9.80 -5.07 14.24
CA ASP A 40 -10.55 -3.83 14.41
C ASP A 40 -12.05 -4.12 14.53
N PRO A 41 -12.45 -4.62 15.70
CA PRO A 41 -13.86 -4.95 15.97
C PRO A 41 -14.73 -3.70 16.08
N GLU A 42 -14.10 -2.54 16.04
CA GLU A 42 -14.82 -1.27 16.14
C GLU A 42 -15.47 -0.91 14.80
N MET A 43 -16.67 -0.34 14.88
CA MET A 43 -17.40 0.05 13.68
C MET A 43 -16.53 0.91 12.77
N VAL A 44 -15.87 1.90 13.37
CA VAL A 44 -15.00 2.81 12.61
C VAL A 44 -13.77 2.07 12.08
N THR A 45 -13.35 1.04 12.79
CA THR A 45 -12.20 0.25 12.40
C THR A 45 -10.91 1.05 12.56
N LEU A 46 -10.68 2.00 11.66
CA LEU A 46 -9.49 2.83 11.71
C LEU A 46 -9.85 4.32 11.67
N PRO A 47 -8.98 5.17 12.24
CA PRO A 47 -9.18 6.61 12.28
C PRO A 47 -9.07 7.25 10.89
N LEU A 48 -10.16 7.21 10.14
CA LEU A 48 -10.19 7.79 8.81
C LEU A 48 -10.48 9.29 8.86
N GLN A 49 -10.12 10.00 7.80
CA GLN A 49 -10.34 11.44 7.73
C GLN A 49 -11.39 11.78 6.67
N PRO A 50 -12.66 11.55 7.00
CA PRO A 50 -13.78 11.83 6.10
C PRO A 50 -14.00 13.32 5.89
N SER A 51 -13.28 14.13 6.65
CA SER A 51 -13.41 15.58 6.55
C SER A 51 -12.21 16.18 5.81
N SER A 52 -11.46 15.32 5.13
CA SER A 52 -10.28 15.75 4.38
C SER A 52 -10.24 15.09 3.02
N THR A 53 -9.37 15.60 2.14
CA THR A 53 -9.22 15.05 0.80
C THR A 53 -8.63 13.64 0.84
N MET A 54 -7.76 13.40 1.82
CA MET A 54 -7.13 12.09 1.97
C MET A 54 -8.17 10.97 1.92
N GLY A 55 -9.30 11.20 2.58
CA GLY A 55 -10.36 10.20 2.59
C GLY A 55 -10.82 9.82 1.20
N GLN A 56 -11.13 10.82 0.38
CA GLN A 56 -11.58 10.58 -0.98
C GLN A 56 -10.45 10.02 -1.84
N VAL A 57 -9.22 10.34 -1.47
CA VAL A 57 -8.06 9.88 -2.21
C VAL A 57 -7.97 8.35 -2.19
N GLY A 58 -7.99 7.78 -1.00
CA GLY A 58 -7.91 6.33 -0.86
C GLY A 58 -8.93 5.61 -1.72
N ARG A 59 -10.12 6.20 -1.84
CA ARG A 59 -11.19 5.62 -2.64
C ARG A 59 -10.75 5.44 -4.09
N GLN A 60 -10.40 6.55 -4.74
CA GLN A 60 -9.97 6.51 -6.13
C GLN A 60 -8.79 5.56 -6.31
N LEU A 61 -7.78 5.71 -5.47
CA LEU A 61 -6.59 4.85 -5.53
C LEU A 61 -6.99 3.38 -5.53
N ALA A 62 -7.92 3.02 -4.66
CA ALA A 62 -8.39 1.65 -4.56
C ALA A 62 -9.03 1.19 -5.87
N ILE A 63 -9.60 2.13 -6.61
CA ILE A 63 -10.24 1.82 -7.87
C ILE A 63 -9.21 1.55 -8.97
N ILE A 64 -8.25 2.45 -9.10
CA ILE A 64 -7.19 2.31 -10.10
C ILE A 64 -6.32 1.09 -9.80
N GLY A 65 -6.24 0.73 -8.52
CA GLY A 65 -5.44 -0.42 -8.14
C GLY A 65 -6.28 -1.63 -7.79
N ASP A 66 -7.59 -1.51 -8.00
CA ASP A 66 -8.51 -2.62 -7.72
C ASP A 66 -8.25 -3.80 -8.64
N ASP A 67 -8.66 -3.67 -9.90
CA ASP A 67 -8.46 -4.73 -10.88
C ASP A 67 -7.00 -5.11 -10.98
N ILE A 68 -6.12 -4.12 -10.94
CA ILE A 68 -4.69 -4.36 -11.02
C ILE A 68 -4.21 -5.27 -9.90
N ASN A 69 -4.59 -4.95 -8.67
CA ASN A 69 -4.21 -5.75 -7.51
C ASN A 69 -4.70 -7.18 -7.66
N ARG A 70 -6.01 -7.36 -7.67
CA ARG A 70 -6.61 -8.68 -7.80
C ARG A 70 -6.02 -9.42 -8.99
N ARG A 71 -5.64 -8.67 -10.02
CA ARG A 71 -5.06 -9.26 -11.23
C ARG A 71 -3.74 -9.97 -10.91
N TYR A 72 -2.79 -9.22 -10.36
CA TYR A 72 -1.48 -9.76 -10.01
C TYR A 72 -1.42 -10.11 -8.53
N ASP A 73 -2.58 -10.39 -7.94
CA ASP A 73 -2.65 -10.74 -6.53
C ASP A 73 -2.29 -12.20 -6.31
N SER A 74 -3.07 -13.10 -6.92
CA SER A 74 -2.84 -14.53 -6.79
C SER A 74 -1.40 -14.89 -7.16
N GLU A 75 -0.94 -14.36 -8.29
CA GLU A 75 0.42 -14.62 -8.76
C GLU A 75 1.44 -14.21 -7.71
N PHE A 76 1.08 -13.22 -6.90
CA PHE A 76 1.97 -12.72 -5.85
C PHE A 76 1.78 -13.52 -4.56
N GLN A 77 0.56 -13.97 -4.32
CA GLN A 77 0.24 -14.73 -3.12
C GLN A 77 0.84 -16.14 -3.21
N THR A 78 0.82 -16.72 -4.40
CA THR A 78 1.37 -18.05 -4.62
C THR A 78 2.80 -18.15 -4.11
N MET A 79 3.64 -17.22 -4.53
CA MET A 79 5.03 -17.20 -4.11
C MET A 79 5.17 -16.68 -2.68
N LEU A 80 4.33 -15.72 -2.32
CA LEU A 80 4.36 -15.15 -0.98
C LEU A 80 4.17 -16.23 0.09
N GLN A 81 3.36 -17.23 -0.23
CA GLN A 81 3.09 -18.32 0.70
C GLN A 81 4.36 -19.11 0.98
N HIS A 82 5.31 -19.07 0.04
CA HIS A 82 6.58 -19.78 0.19
C HIS A 82 7.50 -19.02 1.14
N LEU A 83 7.64 -17.72 0.93
CA LEU A 83 8.50 -16.89 1.76
C LEU A 83 8.18 -17.09 3.24
N GLN A 84 6.95 -16.81 3.62
CA GLN A 84 6.52 -16.96 5.01
C GLN A 84 7.37 -16.10 5.94
N PRO A 85 7.27 -14.78 5.76
CA PRO A 85 8.02 -13.81 6.57
C PRO A 85 7.53 -13.75 8.02
N THR A 86 8.15 -12.90 8.82
CA THR A 86 7.76 -12.75 10.22
C THR A 86 7.66 -11.27 10.61
N ALA A 87 7.30 -11.02 11.85
CA ALA A 87 7.16 -9.66 12.36
C ALA A 87 8.53 -9.05 12.63
N GLU A 88 9.47 -9.87 13.09
CA GLU A 88 10.81 -9.40 13.40
C GLU A 88 11.56 -9.03 12.14
N ASN A 89 11.36 -9.81 11.08
CA ASN A 89 12.02 -9.56 9.80
C ASN A 89 11.05 -8.92 8.81
N ALA A 90 9.87 -8.55 9.29
CA ALA A 90 8.86 -7.92 8.45
C ALA A 90 9.46 -6.79 7.62
N TYR A 91 10.14 -5.87 8.30
CA TYR A 91 10.77 -4.74 7.62
C TYR A 91 11.97 -5.19 6.80
N GLU A 92 12.71 -6.16 7.34
CA GLU A 92 13.89 -6.67 6.65
C GLU A 92 13.55 -7.12 5.23
N TYR A 93 12.36 -7.68 5.07
CA TYR A 93 11.91 -8.15 3.76
C TYR A 93 11.13 -7.07 3.03
N PHE A 94 10.19 -6.45 3.74
CA PHE A 94 9.36 -5.40 3.16
C PHE A 94 10.23 -4.33 2.51
N THR A 95 11.16 -3.77 3.29
CA THR A 95 12.05 -2.74 2.80
C THR A 95 12.69 -3.15 1.48
N LYS A 96 13.03 -4.42 1.36
CA LYS A 96 13.66 -4.95 0.16
C LYS A 96 12.69 -4.90 -1.03
N ILE A 97 11.43 -5.29 -0.77
CA ILE A 97 10.41 -5.28 -1.80
C ILE A 97 10.22 -3.89 -2.39
N ALA A 98 9.98 -2.91 -1.51
CA ALA A 98 9.79 -1.53 -1.93
C ALA A 98 10.99 -1.01 -2.71
N THR A 99 12.17 -1.20 -2.14
CA THR A 99 13.40 -0.75 -2.79
C THR A 99 13.52 -1.31 -4.20
N SER A 100 13.22 -2.59 -4.35
CA SER A 100 13.30 -3.25 -5.65
C SER A 100 12.30 -2.63 -6.63
N LEU A 101 11.11 -2.33 -6.13
CA LEU A 101 10.06 -1.74 -6.95
C LEU A 101 10.43 -0.31 -7.36
N PHE A 102 10.83 0.49 -6.37
CA PHE A 102 11.21 1.88 -6.62
C PHE A 102 12.72 2.00 -6.84
N GLU A 103 13.32 0.93 -7.36
CA GLU A 103 14.76 0.92 -7.61
C GLU A 103 15.09 1.62 -8.92
N SER A 104 14.27 1.38 -9.95
CA SER A 104 14.48 2.00 -11.25
C SER A 104 13.92 3.41 -11.28
N GLY A 105 12.60 3.52 -11.21
CA GLY A 105 11.96 4.83 -11.24
C GLY A 105 10.72 4.88 -10.37
N ILE A 106 10.23 6.09 -10.11
CA ILE A 106 9.04 6.27 -9.29
C ILE A 106 7.84 6.69 -10.14
N ASN A 107 6.68 6.12 -9.84
CA ASN A 107 5.46 6.44 -10.58
C ASN A 107 4.22 6.21 -9.71
N TRP A 108 3.13 6.88 -10.06
CA TRP A 108 1.89 6.75 -9.32
C TRP A 108 1.52 5.28 -9.12
N GLY A 109 1.51 4.53 -10.22
CA GLY A 109 1.17 3.11 -10.14
C GLY A 109 2.01 2.37 -9.13
N ARG A 110 3.31 2.69 -9.09
CA ARG A 110 4.22 2.04 -8.16
C ARG A 110 3.85 2.36 -6.71
N VAL A 111 3.45 3.61 -6.48
CA VAL A 111 3.06 4.04 -5.13
C VAL A 111 1.84 3.28 -4.64
N VAL A 112 0.78 3.29 -5.45
CA VAL A 112 -0.46 2.58 -5.10
C VAL A 112 -0.21 1.08 -4.95
N ALA A 113 0.58 0.53 -5.85
CA ALA A 113 0.89 -0.89 -5.82
C ALA A 113 1.57 -1.29 -4.51
N LEU A 114 2.53 -0.47 -4.09
CA LEU A 114 3.26 -0.72 -2.85
C LEU A 114 2.30 -0.96 -1.70
N LEU A 115 1.35 -0.05 -1.53
CA LEU A 115 0.36 -0.16 -0.46
C LEU A 115 -0.51 -1.40 -0.65
N GLY A 116 -0.97 -1.61 -1.88
CA GLY A 116 -1.80 -2.75 -2.17
C GLY A 116 -1.22 -4.06 -1.64
N PHE A 117 0.01 -4.36 -2.05
CA PHE A 117 0.68 -5.58 -1.61
C PHE A 117 1.15 -5.45 -0.16
N GLY A 118 1.33 -4.21 0.29
CA GLY A 118 1.77 -3.97 1.65
C GLY A 118 0.85 -4.59 2.68
N TYR A 119 -0.42 -4.20 2.65
CA TYR A 119 -1.40 -4.72 3.59
C TYR A 119 -1.71 -6.18 3.30
N ARG A 120 -1.79 -6.53 2.03
CA ARG A 120 -2.07 -7.89 1.62
C ARG A 120 -1.01 -8.85 2.15
N LEU A 121 0.25 -8.52 1.91
CA LEU A 121 1.36 -9.35 2.37
C LEU A 121 1.38 -9.45 3.89
N ALA A 122 1.26 -8.30 4.56
CA ALA A 122 1.26 -8.26 6.00
C ALA A 122 0.09 -9.05 6.58
N LEU A 123 -1.06 -8.97 5.91
CA LEU A 123 -2.25 -9.69 6.36
C LEU A 123 -2.10 -11.19 6.16
N HIS A 124 -1.38 -11.56 5.10
CA HIS A 124 -1.16 -12.97 4.80
C HIS A 124 -0.47 -13.68 5.96
N VAL A 125 0.43 -12.98 6.63
CA VAL A 125 1.16 -13.54 7.77
C VAL A 125 0.41 -13.28 9.07
N TYR A 126 -0.31 -12.16 9.12
CA TYR A 126 -1.07 -11.80 10.32
C TYR A 126 -2.24 -12.76 10.53
N GLN A 127 -2.71 -13.34 9.44
CA GLN A 127 -3.84 -14.28 9.49
C GLN A 127 -3.40 -15.61 10.09
N HIS A 128 -2.09 -15.86 10.09
CA HIS A 128 -1.55 -17.10 10.63
C HIS A 128 -1.68 -17.13 12.15
N GLY A 129 -1.70 -15.95 12.76
CA GLY A 129 -1.82 -15.87 14.21
C GLY A 129 -1.23 -14.58 14.76
N LEU A 130 -0.35 -13.94 14.00
CA LEU A 130 0.27 -12.70 14.42
C LEU A 130 -0.77 -11.68 14.86
N THR A 131 -0.40 -10.86 15.84
CA THR A 131 -1.31 -9.84 16.36
C THR A 131 -0.71 -8.45 16.22
N GLY A 132 -1.58 -7.46 16.03
CA GLY A 132 -1.12 -6.08 15.89
C GLY A 132 -0.05 -5.95 14.83
N PHE A 133 -0.45 -6.07 13.56
CA PHE A 133 0.49 -5.96 12.45
C PHE A 133 0.15 -4.75 11.58
N LEU A 134 -1.07 -4.25 11.71
CA LEU A 134 -1.52 -3.10 10.93
C LEU A 134 -0.67 -1.87 11.26
N GLY A 135 -0.40 -1.66 12.54
CA GLY A 135 0.39 -0.53 12.97
C GLY A 135 1.84 -0.64 12.53
N GLN A 136 2.49 -1.74 12.91
CA GLN A 136 3.89 -1.96 12.56
C GLN A 136 4.10 -1.82 11.06
N VAL A 137 3.10 -2.24 10.28
CA VAL A 137 3.17 -2.17 8.82
C VAL A 137 3.12 -0.71 8.35
N THR A 138 2.09 0.01 8.78
CA THR A 138 1.92 1.40 8.40
C THR A 138 3.17 2.22 8.72
N ARG A 139 3.71 2.01 9.92
CA ARG A 139 4.90 2.73 10.35
C ARG A 139 6.08 2.42 9.43
N PHE A 140 6.26 1.14 9.12
CA PHE A 140 7.35 0.71 8.25
C PHE A 140 7.31 1.45 6.91
N VAL A 141 6.16 1.40 6.26
CA VAL A 141 5.98 2.06 4.97
C VAL A 141 6.30 3.55 5.07
N VAL A 142 5.71 4.22 6.06
CA VAL A 142 5.93 5.64 6.27
C VAL A 142 7.40 5.93 6.53
N ASP A 143 8.05 5.04 7.28
CA ASP A 143 9.47 5.21 7.60
C ASP A 143 10.33 5.08 6.35
N PHE A 144 10.17 3.96 5.63
CA PHE A 144 10.93 3.72 4.42
C PHE A 144 10.71 4.84 3.40
N MET A 145 9.44 5.19 3.19
CA MET A 145 9.09 6.24 2.24
C MET A 145 9.75 7.56 2.63
N LEU A 146 9.68 7.90 3.91
CA LEU A 146 10.28 9.15 4.40
C LEU A 146 11.76 9.19 4.10
N HIS A 147 12.43 8.05 4.23
CA HIS A 147 13.87 7.97 3.97
C HIS A 147 14.15 8.07 2.47
N HIS A 148 13.61 7.13 1.71
CA HIS A 148 13.80 7.12 0.27
C HIS A 148 13.35 8.45 -0.36
N CYS A 149 13.49 8.55 -1.68
CA CYS A 149 13.10 9.76 -2.39
C CYS A 149 11.66 9.65 -2.91
N ILE A 150 10.82 8.95 -2.15
CA ILE A 150 9.43 8.77 -2.55
C ILE A 150 8.58 9.96 -2.13
N ALA A 151 8.73 10.38 -0.88
CA ALA A 151 7.98 11.52 -0.36
C ALA A 151 8.07 12.72 -1.30
N ARG A 152 9.30 13.14 -1.59
CA ARG A 152 9.52 14.28 -2.47
C ARG A 152 8.78 14.09 -3.79
N TRP A 153 8.86 12.89 -4.35
CA TRP A 153 8.21 12.58 -5.62
C TRP A 153 6.72 12.89 -5.53
N ILE A 154 6.06 12.31 -4.54
CA ILE A 154 4.63 12.52 -4.36
C ILE A 154 4.29 14.01 -4.27
N ALA A 155 5.08 14.74 -3.49
CA ALA A 155 4.87 16.17 -3.33
C ALA A 155 5.02 16.90 -4.66
N GLN A 156 5.90 16.40 -5.51
CA GLN A 156 6.14 17.01 -6.82
C GLN A 156 4.97 16.74 -7.76
N ARG A 157 4.37 15.56 -7.63
CA ARG A 157 3.25 15.18 -8.48
C ARG A 157 1.98 15.89 -8.04
N GLY A 158 2.07 16.61 -6.92
CA GLY A 158 0.91 17.33 -6.41
C GLY A 158 0.36 16.71 -5.13
N GLY A 159 1.25 16.13 -4.33
CA GLY A 159 0.83 15.50 -3.10
C GLY A 159 -0.25 14.46 -3.30
N TRP A 160 -0.68 13.83 -2.22
CA TRP A 160 -1.72 12.80 -2.29
C TRP A 160 -3.04 13.39 -2.75
N VAL A 161 -3.14 14.71 -2.73
CA VAL A 161 -4.35 15.40 -3.15
C VAL A 161 -4.43 15.51 -4.66
N ALA A 162 -3.40 14.98 -5.34
CA ALA A 162 -3.35 15.01 -6.80
C ALA A 162 -3.70 13.65 -7.39
N ALA A 163 -3.77 12.64 -6.54
CA ALA A 163 -4.10 11.30 -6.99
C ALA A 163 -5.61 11.11 -7.13
N LEU A 164 -6.38 11.97 -6.46
CA LEU A 164 -7.83 11.90 -6.52
C LEU A 164 -8.32 12.01 -7.96
N ASN A 165 -7.49 12.57 -8.83
CA ASN A 165 -7.84 12.73 -10.23
C ASN A 165 -7.28 11.58 -11.07
N LEU A 166 -7.21 10.40 -10.46
CA LEU A 166 -6.70 9.21 -11.14
C LEU A 166 -7.84 8.25 -11.49
N GLY A 167 -7.63 7.45 -12.53
CA GLY A 167 -8.64 6.50 -12.94
C GLY A 167 -9.84 7.17 -13.58
N ASN A 168 -10.93 7.27 -12.82
CA ASN A 168 -12.15 7.90 -13.32
C ASN A 168 -12.45 9.18 -12.56
N GLY A 169 -11.43 9.73 -11.91
CA GLY A 169 -11.60 10.96 -11.16
C GLY A 169 -12.44 10.77 -9.91
N GLU B 1 16.38 -17.66 -0.23
CA GLU B 1 17.19 -16.72 -0.99
C GLU B 1 16.72 -16.66 -2.45
N ASP B 2 16.05 -17.71 -2.89
CA ASP B 2 15.55 -17.78 -4.26
C ASP B 2 14.22 -17.02 -4.39
N ILE B 3 13.54 -16.85 -3.27
CA ILE B 3 12.26 -16.15 -3.26
C ILE B 3 12.45 -14.65 -3.11
N ILE B 4 13.47 -14.26 -2.34
CA ILE B 4 13.76 -12.84 -2.12
C ILE B 4 13.96 -12.12 -3.44
N ARG B 5 14.45 -12.84 -4.45
CA ARG B 5 14.70 -12.26 -5.75
C ARG B 5 13.44 -12.33 -6.62
N ASN B 6 12.62 -13.34 -6.39
CA ASN B 6 11.39 -13.52 -7.15
C ASN B 6 10.37 -12.44 -6.80
N ILE B 7 10.15 -12.25 -5.49
CA ILE B 7 9.21 -11.24 -5.02
C ILE B 7 9.48 -9.89 -5.67
N ALA B 8 10.75 -9.62 -5.97
CA ALA B 8 11.14 -8.37 -6.60
C ALA B 8 10.95 -8.43 -8.12
N ARG B 9 11.30 -9.57 -8.70
CA ARG B 9 11.18 -9.75 -10.15
C ARG B 9 9.71 -9.84 -10.55
N HIS B 10 8.85 -10.13 -9.59
CA HIS B 10 7.42 -10.26 -9.85
C HIS B 10 6.75 -8.88 -9.90
N LEU B 11 7.39 -7.90 -9.27
CA LEU B 11 6.87 -6.54 -9.25
C LEU B 11 7.34 -5.75 -10.46
N ALA B 12 7.43 -6.43 -11.60
CA ALA B 12 7.87 -5.78 -12.83
C ALA B 12 6.68 -5.27 -13.63
N VAL B 14 3.44 -4.54 -11.46
CA VAL B 14 2.37 -3.96 -10.66
C VAL B 14 2.49 -2.43 -10.60
N GLY B 15 3.72 -1.94 -10.74
CA GLY B 15 3.95 -0.51 -10.70
C GLY B 15 3.56 0.18 -12.00
N ASP B 16 4.11 -0.31 -13.10
CA ASP B 16 3.81 0.27 -14.42
C ASP B 16 2.30 0.37 -14.63
N ASP B 19 -0.44 2.89 -13.93
CA ASP B 19 -0.07 4.28 -14.15
C ASP B 19 -0.54 4.76 -15.51
N ARG B 20 -0.69 3.83 -16.44
CA ARG B 20 -1.14 4.16 -17.80
C ARG B 20 -2.66 4.08 -17.90
N SER B 21 -3.28 3.42 -16.93
CA SER B 21 -4.73 3.27 -16.92
C SER B 21 -5.35 4.18 -15.86
N ILE B 22 -4.64 5.22 -15.47
CA ILE B 22 -5.11 6.16 -14.47
C ILE B 22 -5.22 7.57 -15.04
N ALA A 1 1.97 25.93 7.56
CA ALA A 1 0.81 26.36 6.80
C ALA A 1 1.21 26.96 5.46
N LEU A 2 2.27 26.41 4.87
CA LEU A 2 2.77 26.89 3.58
C LEU A 2 2.22 26.05 2.44
N PRO A 3 2.23 26.62 1.23
CA PRO A 3 1.74 25.94 0.02
C PRO A 3 2.64 24.78 -0.40
N SER A 4 2.22 24.06 -1.42
CA SER A 4 2.98 22.92 -1.92
C SER A 4 3.11 21.83 -0.85
N ALA A 5 3.49 20.63 -1.28
CA ALA A 5 3.65 19.51 -0.36
C ALA A 5 5.11 19.31 0.00
N SER A 6 5.36 18.58 1.09
CA SER A 6 6.71 18.33 1.55
C SER A 6 6.83 16.90 2.10
N GLU A 7 8.05 16.37 2.08
CA GLU A 7 8.30 15.02 2.57
C GLU A 7 7.63 14.80 3.93
N GLU A 8 7.87 15.71 4.86
CA GLU A 8 7.29 15.61 6.18
C GLU A 8 5.77 15.48 6.11
N GLN A 9 5.16 16.24 5.19
CA GLN A 9 3.72 16.21 5.02
C GLN A 9 3.28 14.96 4.28
N VAL A 10 4.17 14.44 3.43
CA VAL A 10 3.88 13.23 2.66
C VAL A 10 3.79 12.01 3.56
N ALA A 11 4.65 11.96 4.58
CA ALA A 11 4.67 10.85 5.52
C ALA A 11 3.31 10.68 6.19
N GLN A 12 2.80 11.77 6.76
CA GLN A 12 1.50 11.74 7.44
C GLN A 12 0.38 11.41 6.46
N ASP A 13 0.40 12.07 5.31
CA ASP A 13 -0.61 11.85 4.29
C ASP A 13 -0.55 10.42 3.75
N THR A 14 0.64 9.84 3.78
CA THR A 14 0.84 8.47 3.31
C THR A 14 0.19 7.46 4.23
N GLU A 15 0.55 7.52 5.52
CA GLU A 15 0.00 6.61 6.51
C GLU A 15 -1.52 6.68 6.53
N GLU A 16 -2.05 7.91 6.54
CA GLU A 16 -3.49 8.12 6.55
C GLU A 16 -4.15 7.53 5.31
N VAL A 17 -3.64 7.94 4.14
CA VAL A 17 -4.18 7.45 2.87
C VAL A 17 -4.04 5.94 2.75
N PHE A 18 -2.97 5.40 3.34
CA PHE A 18 -2.73 3.97 3.30
C PHE A 18 -3.83 3.21 4.01
N ARG A 19 -4.10 3.59 5.25
CA ARG A 19 -5.14 2.93 6.05
C ARG A 19 -6.50 3.04 5.36
N SER A 20 -6.84 4.25 4.90
CA SER A 20 -8.10 4.48 4.23
C SER A 20 -8.17 3.73 2.91
N TYR A 21 -7.05 3.72 2.18
CA TYR A 21 -6.98 3.03 0.90
C TYR A 21 -7.26 1.54 1.06
N VAL A 22 -6.42 0.87 1.85
CA VAL A 22 -6.57 -0.56 2.09
C VAL A 22 -7.93 -0.87 2.72
N PHE A 23 -8.41 0.04 3.56
CA PHE A 23 -9.70 -0.13 4.22
C PHE A 23 -10.84 -0.04 3.21
N TYR A 24 -10.70 0.85 2.24
CA TYR A 24 -11.72 1.04 1.22
C TYR A 24 -11.79 -0.17 0.29
N ARG A 25 -10.64 -0.56 -0.24
CA ARG A 25 -10.56 -1.70 -1.14
C ARG A 25 -11.07 -2.97 -0.47
N HIS A 26 -10.65 -3.17 0.78
CA HIS A 26 -11.07 -4.34 1.54
C HIS A 26 -12.54 -4.25 1.93
N GLN A 27 -13.00 -3.03 2.18
CA GLN A 27 -14.38 -2.81 2.57
C GLN A 27 -15.34 -3.30 1.50
N GLN A 28 -15.12 -2.86 0.26
CA GLN A 28 -15.97 -3.27 -0.86
C GLN A 28 -15.68 -4.71 -1.27
N GLU A 29 -14.46 -5.16 -1.00
CA GLU A 29 -14.06 -6.52 -1.34
C GLU A 29 -15.05 -7.53 -0.76
N GLN A 30 -15.67 -7.17 0.35
CA GLN A 30 -16.64 -8.06 1.00
C GLN A 30 -17.87 -8.25 0.13
N GLU A 31 -18.25 -7.21 -0.60
CA GLU A 31 -19.41 -7.27 -1.48
C GLU A 31 -19.08 -8.02 -2.76
N ALA A 32 -18.10 -7.51 -3.50
CA ALA A 32 -17.69 -8.14 -4.75
C ALA A 32 -17.33 -9.61 -4.55
N GLU A 33 -16.36 -9.86 -3.68
CA GLU A 33 -15.92 -11.22 -3.40
C GLU A 33 -16.08 -11.54 -1.92
N GLY A 34 -15.54 -12.69 -1.50
CA GLY A 34 -15.63 -13.09 -0.11
C GLY A 34 -14.52 -14.05 0.29
N VAL A 35 -13.44 -14.05 -0.48
CA VAL A 35 -12.30 -14.91 -0.20
C VAL A 35 -11.07 -14.10 0.18
N ALA A 36 -10.24 -14.67 1.06
CA ALA A 36 -9.02 -14.00 1.50
C ALA A 36 -9.32 -12.59 2.01
N ALA A 37 -10.42 -12.46 2.74
CA ALA A 37 -10.83 -11.17 3.28
C ALA A 37 -10.35 -11.01 4.72
N PRO A 38 -10.30 -9.76 5.20
CA PRO A 38 -9.87 -9.43 6.57
C PRO A 38 -10.87 -9.90 7.61
N ALA A 39 -10.36 -10.21 8.80
CA ALA A 39 -11.22 -10.66 9.90
C ALA A 39 -11.60 -9.51 10.83
N ASP A 40 -12.47 -8.64 10.35
CA ASP A 40 -12.92 -7.49 11.13
C ASP A 40 -13.94 -6.66 10.36
N PRO A 41 -15.22 -7.07 10.43
CA PRO A 41 -16.31 -6.38 9.74
C PRO A 41 -16.61 -5.01 10.35
N GLU A 42 -16.75 -4.97 11.68
CA GLU A 42 -17.03 -3.72 12.37
C GLU A 42 -16.72 -3.86 13.86
N MET A 43 -15.72 -4.65 14.18
CA MET A 43 -15.32 -4.87 15.58
C MET A 43 -14.47 -3.70 16.08
N VAL A 44 -13.32 -3.51 15.44
CA VAL A 44 -12.41 -2.43 15.83
C VAL A 44 -12.54 -1.24 14.89
N THR A 45 -12.76 -1.52 13.61
CA THR A 45 -12.92 -0.48 12.60
C THR A 45 -11.69 0.43 12.58
N LEU A 46 -11.66 1.35 11.61
CA LEU A 46 -10.54 2.27 11.48
C LEU A 46 -11.03 3.72 11.48
N PRO A 47 -10.30 4.59 12.20
CA PRO A 47 -10.66 6.02 12.28
C PRO A 47 -10.42 6.75 10.96
N LEU A 48 -11.41 6.70 10.08
CA LEU A 48 -11.32 7.36 8.79
C LEU A 48 -11.30 8.88 8.95
N GLN A 49 -10.60 9.55 8.04
CA GLN A 49 -10.52 11.01 8.08
C GLN A 49 -11.16 11.64 6.85
N PRO A 50 -12.50 11.50 6.77
CA PRO A 50 -13.27 12.05 5.64
C PRO A 50 -13.32 13.57 5.67
N SER A 51 -12.81 14.16 6.74
CA SER A 51 -12.81 15.61 6.88
C SER A 51 -11.81 16.25 5.91
N SER A 52 -10.98 15.42 5.30
CA SER A 52 -9.97 15.89 4.35
C SER A 52 -9.94 15.01 3.10
N THR A 53 -9.27 15.49 2.07
CA THR A 53 -9.15 14.75 0.82
C THR A 53 -8.32 13.49 1.00
N MET A 54 -7.53 13.45 2.07
CA MET A 54 -6.68 12.30 2.35
C MET A 54 -7.49 11.01 2.31
N GLY A 55 -8.64 11.01 2.98
CA GLY A 55 -9.48 9.84 3.01
C GLY A 55 -10.13 9.55 1.67
N GLN A 56 -10.14 10.55 0.79
CA GLN A 56 -10.74 10.41 -0.53
C GLN A 56 -9.73 9.84 -1.52
N VAL A 57 -8.45 9.96 -1.19
CA VAL A 57 -7.38 9.45 -2.05
C VAL A 57 -7.48 7.93 -2.19
N GLY A 58 -7.47 7.23 -1.07
CA GLY A 58 -7.55 5.78 -1.11
C GLY A 58 -8.73 5.28 -1.93
N ARG A 59 -9.77 6.10 -2.01
CA ARG A 59 -10.96 5.73 -2.77
C ARG A 59 -10.62 5.53 -4.24
N GLN A 60 -10.05 6.56 -4.85
CA GLN A 60 -9.68 6.50 -6.27
C GLN A 60 -8.58 5.47 -6.49
N LEU A 61 -7.51 5.58 -5.71
CA LEU A 61 -6.38 4.66 -5.83
C LEU A 61 -6.86 3.21 -5.78
N ALA A 62 -7.81 2.92 -4.91
CA ALA A 62 -8.35 1.57 -4.78
C ALA A 62 -9.07 1.14 -6.05
N ILE A 63 -9.61 2.12 -6.78
CA ILE A 63 -10.32 1.83 -8.03
C ILE A 63 -9.34 1.53 -9.16
N ILE A 64 -8.41 2.44 -9.38
CA ILE A 64 -7.42 2.27 -10.44
C ILE A 64 -6.54 1.06 -10.16
N GLY A 65 -6.38 0.71 -8.89
CA GLY A 65 -5.57 -0.42 -8.53
C GLY A 65 -6.40 -1.63 -8.15
N ASP A 66 -7.70 -1.56 -8.39
CA ASP A 66 -8.61 -2.64 -8.07
C ASP A 66 -8.31 -3.88 -8.93
N ASP A 67 -8.70 -3.81 -10.20
CA ASP A 67 -8.47 -4.91 -11.12
C ASP A 67 -7.00 -5.29 -11.17
N ILE A 68 -6.14 -4.28 -11.22
CA ILE A 68 -4.70 -4.50 -11.26
C ILE A 68 -4.24 -5.34 -10.08
N ASN A 69 -4.66 -4.95 -8.88
CA ASN A 69 -4.28 -5.67 -7.68
C ASN A 69 -4.71 -7.14 -7.76
N ARG A 70 -6.02 -7.37 -7.81
CA ARG A 70 -6.56 -8.72 -7.89
C ARG A 70 -5.94 -9.47 -9.06
N ARG A 71 -5.61 -8.74 -10.12
CA ARG A 71 -5.03 -9.35 -11.30
C ARG A 71 -3.71 -10.05 -10.97
N TYR A 72 -2.77 -9.30 -10.41
CA TYR A 72 -1.47 -9.84 -10.04
C TYR A 72 -1.42 -10.16 -8.55
N ASP A 73 -2.59 -10.36 -7.95
CA ASP A 73 -2.68 -10.67 -6.53
C ASP A 73 -2.42 -12.15 -6.28
N SER A 74 -3.27 -13.00 -6.86
CA SER A 74 -3.15 -14.44 -6.70
C SER A 74 -1.88 -14.96 -7.40
N GLU A 75 -1.45 -14.23 -8.42
CA GLU A 75 -0.26 -14.61 -9.17
C GLU A 75 1.02 -14.26 -8.40
N PHE A 76 0.94 -13.18 -7.63
CA PHE A 76 2.08 -12.72 -6.84
C PHE A 76 2.10 -13.39 -5.47
N GLN A 77 0.92 -13.66 -4.95
CA GLN A 77 0.79 -14.30 -3.64
C GLN A 77 1.30 -15.73 -3.68
N THR A 78 1.19 -16.36 -4.86
CA THR A 78 1.64 -17.74 -5.02
C THR A 78 3.08 -17.92 -4.54
N MET A 79 3.98 -17.10 -5.07
CA MET A 79 5.39 -17.17 -4.69
C MET A 79 5.62 -16.52 -3.32
N LEU A 80 4.87 -15.46 -3.06
CA LEU A 80 4.99 -14.75 -1.79
C LEU A 80 4.64 -15.67 -0.62
N GLN A 81 3.78 -16.64 -0.86
CA GLN A 81 3.37 -17.58 0.17
C GLN A 81 4.54 -18.45 0.62
N HIS A 82 5.51 -18.62 -0.28
CA HIS A 82 6.69 -19.43 0.02
C HIS A 82 7.61 -18.70 1.00
N LEU A 83 7.52 -17.39 1.02
CA LEU A 83 8.34 -16.57 1.91
C LEU A 83 8.00 -16.86 3.38
N GLN A 84 6.80 -16.45 3.79
CA GLN A 84 6.36 -16.66 5.16
C GLN A 84 7.22 -15.88 6.14
N PRO A 85 7.19 -14.55 6.01
CA PRO A 85 7.96 -13.65 6.88
C PRO A 85 7.42 -13.62 8.31
N THR A 86 7.93 -12.68 9.11
CA THR A 86 7.50 -12.54 10.49
C THR A 86 7.25 -11.08 10.85
N ALA A 87 6.76 -10.85 12.06
CA ALA A 87 6.47 -9.50 12.52
C ALA A 87 7.77 -8.76 12.87
N GLU A 88 8.80 -9.52 13.24
CA GLU A 88 10.08 -8.94 13.61
C GLU A 88 10.87 -8.56 12.36
N ASN A 89 10.83 -9.41 11.35
CA ASN A 89 11.55 -9.15 10.10
C ASN A 89 10.61 -8.58 9.04
N ALA A 90 9.40 -8.23 9.46
CA ALA A 90 8.41 -7.67 8.55
C ALA A 90 9.00 -6.52 7.74
N TYR A 91 9.59 -5.55 8.42
CA TYR A 91 10.19 -4.39 7.76
C TYR A 91 11.47 -4.79 7.03
N GLU A 92 12.16 -5.79 7.57
CA GLU A 92 13.40 -6.26 6.97
C GLU A 92 13.17 -6.72 5.53
N TYR A 93 12.08 -7.46 5.32
CA TYR A 93 11.75 -7.96 3.99
C TYR A 93 10.99 -6.90 3.18
N PHE A 94 10.01 -6.27 3.82
CA PHE A 94 9.22 -5.24 3.17
C PHE A 94 10.12 -4.19 2.52
N THR A 95 11.03 -3.63 3.31
CA THR A 95 11.95 -2.61 2.81
C THR A 95 12.59 -3.04 1.49
N LYS A 96 12.92 -4.33 1.39
CA LYS A 96 13.53 -4.87 0.19
C LYS A 96 12.55 -4.87 -0.97
N ILE A 97 11.31 -5.27 -0.70
CA ILE A 97 10.27 -5.33 -1.72
C ILE A 97 10.07 -3.95 -2.35
N ALA A 98 9.82 -2.95 -1.51
CA ALA A 98 9.61 -1.59 -1.99
C ALA A 98 10.82 -1.08 -2.76
N THR A 99 11.99 -1.13 -2.12
CA THR A 99 13.23 -0.67 -2.74
C THR A 99 13.42 -1.30 -4.10
N SER A 100 13.04 -2.57 -4.23
CA SER A 100 13.17 -3.29 -5.49
C SER A 100 12.15 -2.81 -6.51
N LEU A 101 10.96 -2.44 -6.01
CA LEU A 101 9.89 -1.97 -6.88
C LEU A 101 10.26 -0.61 -7.49
N PHE A 102 10.68 0.32 -6.65
CA PHE A 102 11.05 1.66 -7.10
C PHE A 102 12.54 1.72 -7.41
N GLU A 103 13.18 0.56 -7.51
CA GLU A 103 14.61 0.48 -7.80
C GLU A 103 14.90 0.98 -9.22
N SER A 104 13.85 1.13 -10.02
CA SER A 104 13.99 1.58 -11.40
C SER A 104 13.42 2.99 -11.56
N GLY A 105 12.12 3.13 -11.34
CA GLY A 105 11.48 4.43 -11.47
C GLY A 105 10.32 4.60 -10.51
N ILE A 106 9.83 5.82 -10.39
CA ILE A 106 8.72 6.12 -9.50
C ILE A 106 7.52 6.66 -10.28
N ASN A 107 6.33 6.14 -9.96
CA ASN A 107 5.11 6.57 -10.63
C ASN A 107 3.90 6.35 -9.73
N TRP A 108 2.81 7.07 -10.02
CA TRP A 108 1.59 6.96 -9.24
C TRP A 108 1.16 5.49 -9.11
N GLY A 109 1.08 4.80 -10.26
CA GLY A 109 0.69 3.41 -10.25
C GLY A 109 1.49 2.58 -9.26
N ARG A 110 2.80 2.80 -9.22
CA ARG A 110 3.67 2.07 -8.32
C ARG A 110 3.29 2.33 -6.86
N VAL A 111 3.17 3.61 -6.52
CA VAL A 111 2.81 4.00 -5.15
C VAL A 111 1.53 3.29 -4.70
N VAL A 112 0.61 3.08 -5.64
CA VAL A 112 -0.64 2.42 -5.34
C VAL A 112 -0.43 0.93 -5.05
N ALA A 113 0.24 0.25 -5.97
CA ALA A 113 0.51 -1.17 -5.82
C ALA A 113 1.22 -1.45 -4.50
N LEU A 114 2.10 -0.54 -4.10
CA LEU A 114 2.85 -0.70 -2.85
C LEU A 114 1.91 -0.99 -1.69
N LEU A 115 0.92 -0.14 -1.51
CA LEU A 115 -0.06 -0.31 -0.43
C LEU A 115 -0.92 -1.54 -0.67
N GLY A 116 -1.37 -1.72 -1.90
CA GLY A 116 -2.19 -2.87 -2.24
C GLY A 116 -1.56 -4.18 -1.81
N PHE A 117 -0.28 -4.36 -2.13
CA PHE A 117 0.43 -5.58 -1.78
C PHE A 117 0.93 -5.52 -0.34
N GLY A 118 1.03 -4.31 0.19
CA GLY A 118 1.49 -4.14 1.55
C GLY A 118 0.55 -4.76 2.57
N TYR A 119 -0.71 -4.36 2.53
CA TYR A 119 -1.72 -4.88 3.45
C TYR A 119 -1.76 -6.41 3.40
N ARG A 120 -2.02 -6.94 2.21
CA ARG A 120 -2.09 -8.39 2.02
C ARG A 120 -0.80 -9.05 2.48
N LEU A 121 0.34 -8.44 2.16
CA LEU A 121 1.63 -8.98 2.54
C LEU A 121 1.70 -9.23 4.04
N ALA A 122 1.21 -8.27 4.82
CA ALA A 122 1.21 -8.38 6.27
C ALA A 122 0.15 -9.37 6.74
N LEU A 123 -1.03 -9.30 6.14
CA LEU A 123 -2.13 -10.19 6.50
C LEU A 123 -1.73 -11.65 6.32
N HIS A 124 -0.84 -11.90 5.37
CA HIS A 124 -0.37 -13.25 5.09
C HIS A 124 0.28 -13.86 6.34
N VAL A 125 1.14 -13.09 7.00
CA VAL A 125 1.82 -13.55 8.20
C VAL A 125 0.93 -13.39 9.43
N TYR A 126 -0.01 -12.46 9.36
CA TYR A 126 -0.92 -12.20 10.47
C TYR A 126 -1.71 -13.45 10.82
N GLN A 127 -2.07 -14.23 9.80
CA GLN A 127 -2.83 -15.45 10.01
C GLN A 127 -2.03 -16.46 10.83
N HIS A 128 -0.71 -16.38 10.74
CA HIS A 128 0.17 -17.28 11.47
C HIS A 128 0.03 -17.07 12.97
N GLY A 129 -0.36 -15.86 13.37
CA GLY A 129 -0.53 -15.55 14.77
C GLY A 129 0.08 -14.21 15.15
N LEU A 130 -0.71 -13.15 14.99
CA LEU A 130 -0.23 -11.81 15.31
C LEU A 130 -1.38 -10.96 15.87
N THR A 131 -1.04 -10.09 16.81
CA THR A 131 -2.03 -9.21 17.44
C THR A 131 -1.97 -7.81 16.85
N GLY A 132 -2.66 -7.60 15.73
CA GLY A 132 -2.67 -6.30 15.10
C GLY A 132 -1.31 -5.91 14.54
N PHE A 133 -1.22 -5.79 13.22
CA PHE A 133 0.03 -5.43 12.57
C PHE A 133 -0.17 -4.24 11.63
N LEU A 134 -1.34 -3.62 11.71
CA LEU A 134 -1.66 -2.48 10.86
C LEU A 134 -0.71 -1.32 11.12
N GLY A 135 -0.60 -0.93 12.39
CA GLY A 135 0.28 0.17 12.76
C GLY A 135 1.72 -0.10 12.37
N GLN A 136 2.18 -1.33 12.59
CA GLN A 136 3.55 -1.70 12.26
C GLN A 136 3.82 -1.54 10.77
N VAL A 137 2.97 -2.17 9.95
CA VAL A 137 3.10 -2.10 8.51
C VAL A 137 3.14 -0.65 8.03
N THR A 138 2.11 0.11 8.38
CA THR A 138 2.02 1.51 7.97
C THR A 138 3.27 2.28 8.41
N ARG A 139 3.74 2.02 9.62
CA ARG A 139 4.92 2.68 10.15
C ARG A 139 6.13 2.41 9.27
N PHE A 140 6.32 1.16 8.88
CA PHE A 140 7.45 0.77 8.04
C PHE A 140 7.36 1.45 6.68
N VAL A 141 6.18 1.39 6.06
CA VAL A 141 5.97 2.00 4.76
C VAL A 141 6.36 3.48 4.77
N VAL A 142 5.75 4.24 5.67
CA VAL A 142 6.04 5.66 5.78
C VAL A 142 7.48 5.90 6.26
N ASP A 143 7.98 4.99 7.08
CA ASP A 143 9.34 5.09 7.60
C ASP A 143 10.35 5.20 6.46
N PHE A 144 10.43 4.15 5.64
CA PHE A 144 11.34 4.12 4.52
C PHE A 144 11.02 5.22 3.52
N MET A 145 9.72 5.43 3.29
CA MET A 145 9.28 6.46 2.35
C MET A 145 9.85 7.83 2.73
N LEU A 146 10.00 8.06 4.02
CA LEU A 146 10.54 9.33 4.51
C LEU A 146 11.96 9.55 4.00
N HIS A 147 12.76 8.49 4.01
CA HIS A 147 14.15 8.56 3.56
C HIS A 147 14.37 7.63 2.37
N HIS A 148 13.91 8.04 1.20
CA HIS A 148 14.06 7.25 -0.02
C HIS A 148 13.93 8.12 -1.26
N CYS A 149 12.70 8.50 -1.58
CA CYS A 149 12.43 9.32 -2.75
C CYS A 149 10.93 9.49 -2.98
N ILE A 150 10.17 8.47 -2.58
CA ILE A 150 8.72 8.50 -2.74
C ILE A 150 8.12 9.74 -2.09
N ALA A 151 8.60 10.07 -0.89
CA ALA A 151 8.12 11.23 -0.17
C ALA A 151 8.11 12.48 -1.06
N ARG A 152 9.30 13.00 -1.34
CA ARG A 152 9.43 14.19 -2.18
C ARG A 152 8.65 14.02 -3.48
N TRP A 153 8.71 12.82 -4.05
CA TRP A 153 8.00 12.53 -5.30
C TRP A 153 6.52 12.84 -5.17
N ILE A 154 5.88 12.22 -4.18
CA ILE A 154 4.45 12.42 -3.96
C ILE A 154 4.14 13.90 -3.77
N ALA A 155 4.91 14.56 -2.91
CA ALA A 155 4.70 15.98 -2.65
C ALA A 155 4.95 16.81 -3.90
N GLN A 156 5.75 16.27 -4.82
CA GLN A 156 6.06 16.97 -6.06
C GLN A 156 4.91 16.84 -7.06
N ARG A 157 4.28 15.67 -7.08
CA ARG A 157 3.17 15.42 -7.99
C ARG A 157 1.90 16.14 -7.51
N GLY A 158 1.98 16.74 -6.33
CA GLY A 158 0.84 17.45 -5.78
C GLY A 158 0.25 16.77 -4.56
N GLY A 159 1.12 16.12 -3.78
CA GLY A 159 0.66 15.43 -2.59
C GLY A 159 -0.39 14.38 -2.89
N TRP A 160 -0.82 13.65 -1.87
CA TRP A 160 -1.83 12.61 -2.04
C TRP A 160 -3.15 13.20 -2.51
N VAL A 161 -3.29 14.53 -2.37
CA VAL A 161 -4.50 15.21 -2.78
C VAL A 161 -4.55 15.40 -4.30
N ALA A 162 -3.47 14.98 -4.97
CA ALA A 162 -3.39 15.10 -6.41
C ALA A 162 -3.76 13.78 -7.10
N ALA A 163 -3.89 12.73 -6.30
CA ALA A 163 -4.23 11.41 -6.83
C ALA A 163 -5.74 11.28 -7.03
N LEU A 164 -6.50 12.16 -6.39
CA LEU A 164 -7.95 12.13 -6.50
C LEU A 164 -8.39 12.40 -7.94
N ASN A 165 -7.48 12.93 -8.74
CA ASN A 165 -7.76 13.22 -10.14
C ASN A 165 -7.15 12.17 -11.06
N LEU A 166 -7.00 10.95 -10.54
CA LEU A 166 -6.41 9.86 -11.31
C LEU A 166 -7.50 8.90 -11.81
N GLY A 167 -7.21 8.19 -12.88
CA GLY A 167 -8.17 7.25 -13.44
C GLY A 167 -9.46 7.93 -13.87
N ASN A 168 -10.50 7.79 -13.06
CA ASN A 168 -11.79 8.39 -13.38
C ASN A 168 -12.11 9.53 -12.41
N GLY A 169 -11.07 10.04 -11.74
CA GLY A 169 -11.26 11.13 -10.80
C GLY A 169 -11.66 10.63 -9.42
N GLU B 1 16.55 -15.71 -0.30
CA GLU B 1 17.11 -16.53 -1.39
C GLU B 1 15.99 -17.22 -2.17
N ASP B 2 15.95 -16.97 -3.46
CA ASP B 2 14.94 -17.58 -4.33
C ASP B 2 13.60 -16.86 -4.17
N ILE B 3 13.28 -16.48 -2.95
CA ILE B 3 12.03 -15.78 -2.67
C ILE B 3 12.24 -14.28 -2.57
N ILE B 4 13.44 -13.88 -2.16
CA ILE B 4 13.78 -12.47 -2.02
C ILE B 4 14.01 -11.83 -3.39
N ARG B 5 14.52 -12.62 -4.33
CA ARG B 5 14.79 -12.13 -5.68
C ARG B 5 13.55 -12.22 -6.55
N ASN B 6 12.74 -13.25 -6.31
CA ASN B 6 11.50 -13.45 -7.08
C ASN B 6 10.47 -12.38 -6.74
N ILE B 7 10.24 -12.18 -5.46
CA ILE B 7 9.27 -11.19 -5.00
C ILE B 7 9.53 -9.83 -5.65
N ALA B 8 10.79 -9.53 -5.90
CA ALA B 8 11.18 -8.27 -6.52
C ALA B 8 11.07 -8.36 -8.04
N ARG B 9 11.26 -9.56 -8.58
CA ARG B 9 11.18 -9.78 -10.02
C ARG B 9 9.73 -9.72 -10.50
N HIS B 10 8.84 -10.36 -9.74
CA HIS B 10 7.42 -10.38 -10.11
C HIS B 10 6.82 -8.98 -10.01
N LEU B 11 7.53 -8.07 -9.36
CA LEU B 11 7.06 -6.69 -9.21
C LEU B 11 7.50 -5.84 -10.40
N ALA B 12 7.57 -6.45 -11.57
CA ALA B 12 7.98 -5.75 -12.78
C ALA B 12 6.75 -5.27 -13.56
N VAL B 14 3.44 -4.71 -11.44
CA VAL B 14 2.34 -4.13 -10.68
C VAL B 14 2.46 -2.62 -10.58
N GLY B 15 3.67 -2.11 -10.82
CA GLY B 15 3.90 -0.68 -10.77
C GLY B 15 3.55 0.02 -12.06
N ASP B 16 4.13 -0.45 -13.16
CA ASP B 16 3.87 0.14 -14.47
C ASP B 16 2.37 0.22 -14.74
N ASP B 19 -0.48 2.69 -14.21
CA ASP B 19 -0.16 4.09 -14.49
C ASP B 19 -0.56 4.47 -15.90
N ARG B 20 -0.63 3.48 -16.79
CA ARG B 20 -0.99 3.71 -18.18
C ARG B 20 -2.50 3.58 -18.37
N SER B 21 -3.16 2.97 -17.40
CA SER B 21 -4.60 2.77 -17.46
C SER B 21 -5.33 3.71 -16.50
N ILE B 22 -4.66 4.80 -16.13
CA ILE B 22 -5.23 5.77 -15.21
C ILE B 22 -5.33 7.14 -15.86
N ALA A 1 -2.81 20.26 -10.77
CA ALA A 1 -2.41 21.66 -10.65
C ALA A 1 -2.37 22.09 -9.20
N LEU A 2 -1.97 21.18 -8.32
CA LEU A 2 -1.88 21.47 -6.90
C LEU A 2 -0.45 21.87 -6.51
N PRO A 3 -0.31 22.56 -5.37
CA PRO A 3 0.98 23.00 -4.86
C PRO A 3 1.85 21.84 -4.37
N SER A 4 3.08 22.14 -3.98
CA SER A 4 4.00 21.12 -3.50
C SER A 4 3.80 20.89 -2.00
N ALA A 5 4.15 19.68 -1.56
CA ALA A 5 4.02 19.32 -0.15
C ALA A 5 5.37 18.98 0.46
N SER A 6 5.36 18.66 1.76
CA SER A 6 6.59 18.31 2.46
C SER A 6 6.55 16.87 2.94
N GLU A 7 7.73 16.26 3.06
CA GLU A 7 7.83 14.87 3.50
C GLU A 7 7.07 14.66 4.80
N GLU A 8 7.00 15.70 5.62
CA GLU A 8 6.29 15.64 6.90
C GLU A 8 4.81 15.36 6.68
N GLN A 9 4.19 16.17 5.82
CA GLN A 9 2.77 16.01 5.52
C GLN A 9 2.52 14.78 4.64
N VAL A 10 3.53 14.41 3.86
CA VAL A 10 3.42 13.25 2.98
C VAL A 10 3.33 11.96 3.78
N ALA A 11 4.16 11.85 4.81
CA ALA A 11 4.17 10.66 5.66
C ALA A 11 2.80 10.42 6.29
N GLN A 12 2.27 11.45 6.93
CA GLN A 12 0.97 11.37 7.59
C GLN A 12 -0.12 11.03 6.58
N ASP A 13 -0.11 11.73 5.45
CA ASP A 13 -1.09 11.50 4.39
C ASP A 13 -0.96 10.11 3.81
N THR A 14 0.27 9.58 3.81
CA THR A 14 0.53 8.26 3.27
C THR A 14 -0.11 7.18 4.13
N GLU A 15 0.20 7.20 5.43
CA GLU A 15 -0.35 6.22 6.36
C GLU A 15 -1.87 6.29 6.37
N GLU A 16 -2.41 7.50 6.42
CA GLU A 16 -3.87 7.70 6.45
C GLU A 16 -4.50 7.16 5.17
N VAL A 17 -3.99 7.61 4.03
CA VAL A 17 -4.52 7.18 2.73
C VAL A 17 -4.32 5.67 2.54
N PHE A 18 -3.24 5.15 3.10
CA PHE A 18 -2.94 3.72 2.99
C PHE A 18 -4.03 2.88 3.65
N ARG A 19 -4.28 3.14 4.93
CA ARG A 19 -5.29 2.40 5.67
C ARG A 19 -6.66 2.60 5.05
N SER A 20 -6.98 3.84 4.67
CA SER A 20 -8.27 4.15 4.07
C SER A 20 -8.39 3.50 2.70
N TYR A 21 -7.28 3.44 1.98
CA TYR A 21 -7.27 2.83 0.65
C TYR A 21 -7.63 1.35 0.71
N VAL A 22 -6.83 0.59 1.44
CA VAL A 22 -7.06 -0.85 1.60
C VAL A 22 -8.42 -1.12 2.25
N PHE A 23 -8.78 -0.26 3.19
CA PHE A 23 -10.06 -0.40 3.90
C PHE A 23 -11.24 -0.14 2.97
N TYR A 24 -11.10 0.86 2.11
CA TYR A 24 -12.15 1.21 1.17
C TYR A 24 -12.30 0.13 0.09
N ARG A 25 -11.17 -0.32 -0.44
CA ARG A 25 -11.16 -1.36 -1.47
C ARG A 25 -11.75 -2.66 -0.95
N HIS A 26 -11.31 -3.06 0.25
CA HIS A 26 -11.80 -4.29 0.87
C HIS A 26 -13.25 -4.13 1.35
N GLN A 27 -13.60 -2.91 1.73
CA GLN A 27 -14.95 -2.62 2.21
C GLN A 27 -16.00 -3.13 1.21
N GLN A 28 -15.76 -2.88 -0.07
CA GLN A 28 -16.68 -3.30 -1.11
C GLN A 28 -16.58 -4.81 -1.35
N GLU A 29 -15.38 -5.36 -1.10
CA GLU A 29 -15.15 -6.78 -1.29
C GLU A 29 -15.82 -7.60 -0.18
N GLN A 30 -15.96 -6.99 0.99
CA GLN A 30 -16.59 -7.66 2.13
C GLN A 30 -17.95 -8.23 1.74
N GLU A 31 -18.79 -7.37 1.17
CA GLU A 31 -20.13 -7.78 0.76
C GLU A 31 -20.08 -8.57 -0.54
N ALA A 32 -18.98 -8.43 -1.27
CA ALA A 32 -18.80 -9.14 -2.53
C ALA A 32 -18.55 -10.62 -2.31
N GLU A 33 -17.50 -10.94 -1.57
CA GLU A 33 -17.15 -12.33 -1.28
C GLU A 33 -16.97 -12.54 0.21
N GLY A 34 -16.62 -13.78 0.58
CA GLY A 34 -16.43 -14.09 1.99
C GLY A 34 -15.00 -14.47 2.31
N VAL A 35 -14.06 -13.90 1.57
CA VAL A 35 -12.64 -14.18 1.78
C VAL A 35 -12.21 -13.81 3.19
N ALA A 36 -10.91 -13.86 3.43
CA ALA A 36 -10.36 -13.52 4.75
C ALA A 36 -9.94 -12.06 4.81
N ALA A 37 -10.65 -11.22 4.06
CA ALA A 37 -10.34 -9.79 4.03
C ALA A 37 -10.37 -9.20 5.43
N PRO A 38 -9.75 -8.01 5.59
CA PRO A 38 -9.69 -7.31 6.87
C PRO A 38 -11.06 -6.77 7.31
N ALA A 39 -11.25 -6.67 8.61
CA ALA A 39 -12.51 -6.16 9.16
C ALA A 39 -12.47 -6.11 10.68
N ASP A 40 -13.63 -5.88 11.30
CA ASP A 40 -13.71 -5.81 12.75
C ASP A 40 -12.93 -4.63 13.29
N PRO A 41 -13.33 -4.15 14.48
CA PRO A 41 -12.67 -3.01 15.13
C PRO A 41 -11.26 -3.35 15.61
N GLU A 42 -10.67 -2.44 16.38
CA GLU A 42 -9.32 -2.65 16.90
C GLU A 42 -9.07 -1.74 18.11
N MET A 43 -7.99 -2.02 18.83
CA MET A 43 -7.64 -1.23 20.01
C MET A 43 -7.57 0.25 19.67
N VAL A 44 -6.86 0.58 18.58
CA VAL A 44 -6.73 1.96 18.16
C VAL A 44 -7.77 2.31 17.09
N THR A 45 -8.33 1.28 16.48
CA THR A 45 -9.34 1.48 15.44
C THR A 45 -8.75 2.18 14.22
N LEU A 46 -9.57 2.36 13.19
CA LEU A 46 -9.13 3.01 11.97
C LEU A 46 -9.77 4.39 11.82
N PRO A 47 -9.17 5.39 12.47
CA PRO A 47 -9.67 6.78 12.43
C PRO A 47 -9.47 7.42 11.06
N LEU A 48 -10.41 7.16 10.15
CA LEU A 48 -10.36 7.72 8.81
C LEU A 48 -10.54 9.23 8.83
N GLN A 49 -10.11 9.89 7.75
CA GLN A 49 -10.23 11.34 7.65
C GLN A 49 -11.19 11.73 6.53
N PRO A 50 -12.48 11.46 6.74
CA PRO A 50 -13.52 11.77 5.74
C PRO A 50 -13.76 13.27 5.61
N SER A 51 -13.20 14.04 6.54
CA SER A 51 -13.35 15.50 6.52
C SER A 51 -12.30 16.13 5.63
N SER A 52 -11.29 15.35 5.25
CA SER A 52 -10.21 15.85 4.40
C SER A 52 -10.12 15.03 3.11
N THR A 53 -9.36 15.53 2.15
CA THR A 53 -9.18 14.84 0.87
C THR A 53 -8.44 13.53 1.06
N MET A 54 -7.74 13.39 2.17
CA MET A 54 -6.99 12.18 2.48
C MET A 54 -7.88 10.95 2.33
N GLY A 55 -9.08 11.03 2.88
CA GLY A 55 -10.01 9.91 2.80
C GLY A 55 -10.52 9.69 1.38
N GLN A 56 -10.69 10.78 0.65
CA GLN A 56 -11.18 10.69 -0.73
C GLN A 56 -10.15 10.05 -1.64
N VAL A 57 -8.88 10.12 -1.25
CA VAL A 57 -7.80 9.53 -2.03
C VAL A 57 -7.96 8.02 -2.14
N GLY A 58 -8.15 7.37 -1.00
CA GLY A 58 -8.32 5.93 -0.99
C GLY A 58 -9.39 5.46 -1.95
N ARG A 59 -10.47 6.24 -2.08
CA ARG A 59 -11.56 5.90 -2.97
C ARG A 59 -11.07 5.69 -4.40
N GLN A 60 -10.36 6.70 -4.92
CA GLN A 60 -9.83 6.63 -6.27
C GLN A 60 -8.76 5.54 -6.39
N LEU A 61 -7.80 5.57 -5.48
CA LEU A 61 -6.72 4.58 -5.48
C LEU A 61 -7.29 3.16 -5.50
N ALA A 62 -8.33 2.94 -4.73
CA ALA A 62 -8.97 1.63 -4.66
C ALA A 62 -9.52 1.22 -6.02
N ILE A 63 -9.92 2.20 -6.82
CA ILE A 63 -10.47 1.94 -8.14
C ILE A 63 -9.36 1.60 -9.14
N ILE A 64 -8.35 2.46 -9.22
CA ILE A 64 -7.23 2.25 -10.12
C ILE A 64 -6.39 1.05 -9.69
N GLY A 65 -6.52 0.67 -8.42
CA GLY A 65 -5.78 -0.45 -7.90
C GLY A 65 -6.61 -1.70 -7.78
N ASP A 66 -7.90 -1.59 -8.12
CA ASP A 66 -8.81 -2.72 -8.05
C ASP A 66 -8.37 -3.83 -9.00
N ASP A 67 -8.58 -3.61 -10.30
CA ASP A 67 -8.20 -4.59 -11.30
C ASP A 67 -6.73 -4.97 -11.19
N ILE A 68 -5.88 -3.95 -10.99
CA ILE A 68 -4.45 -4.18 -10.86
C ILE A 68 -4.15 -5.17 -9.74
N ASN A 69 -4.74 -4.94 -8.57
CA ASN A 69 -4.53 -5.81 -7.42
C ASN A 69 -4.97 -7.23 -7.74
N ARG A 70 -6.28 -7.41 -7.94
CA ARG A 70 -6.82 -8.73 -8.25
C ARG A 70 -6.06 -9.39 -9.39
N ARG A 71 -5.55 -8.55 -10.30
CA ARG A 71 -4.80 -9.06 -11.45
C ARG A 71 -3.55 -9.82 -11.00
N TYR A 72 -2.70 -9.14 -10.23
CA TYR A 72 -1.48 -9.75 -9.73
C TYR A 72 -1.60 -10.09 -8.25
N ASP A 73 -2.79 -10.49 -7.83
CA ASP A 73 -3.04 -10.84 -6.43
C ASP A 73 -2.55 -12.26 -6.14
N SER A 74 -2.82 -13.18 -7.06
CA SER A 74 -2.42 -14.57 -6.90
C SER A 74 -0.96 -14.77 -7.28
N GLU A 75 -0.50 -13.99 -8.26
CA GLU A 75 0.89 -14.08 -8.71
C GLU A 75 1.85 -13.76 -7.58
N PHE A 76 1.48 -12.78 -6.76
CA PHE A 76 2.33 -12.38 -5.63
C PHE A 76 2.00 -13.20 -4.38
N GLN A 77 0.75 -13.63 -4.28
CA GLN A 77 0.32 -14.43 -3.14
C GLN A 77 0.93 -15.83 -3.19
N THR A 78 0.87 -16.46 -4.36
CA THR A 78 1.42 -17.80 -4.54
C THR A 78 2.85 -17.88 -4.02
N MET A 79 3.72 -17.01 -4.52
CA MET A 79 5.11 -16.98 -4.11
C MET A 79 5.24 -16.50 -2.66
N LEU A 80 4.37 -15.57 -2.28
CA LEU A 80 4.39 -15.02 -0.92
C LEU A 80 4.28 -16.14 0.12
N GLN A 81 3.44 -17.13 -0.18
CA GLN A 81 3.25 -18.25 0.72
C GLN A 81 4.55 -19.01 0.95
N HIS A 82 5.47 -18.92 -0.02
CA HIS A 82 6.75 -19.60 0.07
C HIS A 82 7.68 -18.87 1.04
N LEU A 83 7.78 -17.55 0.87
CA LEU A 83 8.63 -16.74 1.72
C LEU A 83 8.33 -16.98 3.20
N GLN A 84 7.10 -16.70 3.60
CA GLN A 84 6.68 -16.89 4.98
C GLN A 84 7.47 -15.98 5.92
N PRO A 85 7.29 -14.66 5.75
CA PRO A 85 7.98 -13.66 6.57
C PRO A 85 7.46 -13.64 8.01
N THR A 86 7.98 -12.71 8.81
CA THR A 86 7.57 -12.58 10.20
C THR A 86 7.42 -11.12 10.60
N ALA A 87 6.89 -10.90 11.80
CA ALA A 87 6.69 -9.54 12.30
C ALA A 87 8.02 -8.90 12.71
N GLU A 88 9.02 -9.75 12.95
CA GLU A 88 10.33 -9.27 13.36
C GLU A 88 11.17 -8.90 12.14
N ASN A 89 11.09 -9.72 11.10
CA ASN A 89 11.85 -9.48 9.87
C ASN A 89 10.96 -8.84 8.81
N ALA A 90 9.78 -8.40 9.21
CA ALA A 90 8.83 -7.77 8.30
C ALA A 90 9.52 -6.67 7.50
N TYR A 91 10.21 -5.77 8.19
CA TYR A 91 10.90 -4.67 7.55
C TYR A 91 12.12 -5.16 6.77
N GLU A 92 12.81 -6.15 7.34
CA GLU A 92 13.98 -6.72 6.70
C GLU A 92 13.68 -7.15 5.27
N TYR A 93 12.49 -7.69 5.07
CA TYR A 93 12.07 -8.16 3.75
C TYR A 93 11.30 -7.07 3.01
N PHE A 94 10.36 -6.45 3.71
CA PHE A 94 9.53 -5.39 3.13
C PHE A 94 10.41 -4.34 2.47
N THR A 95 11.35 -3.79 3.24
CA THR A 95 12.25 -2.76 2.73
C THR A 95 12.85 -3.17 1.40
N LYS A 96 13.19 -4.45 1.27
CA LYS A 96 13.78 -4.97 0.04
C LYS A 96 12.76 -4.95 -1.10
N ILE A 97 11.55 -5.41 -0.82
CA ILE A 97 10.48 -5.42 -1.82
C ILE A 97 10.28 -4.05 -2.43
N ALA A 98 10.05 -3.05 -1.57
CA ALA A 98 9.84 -1.68 -2.02
C ALA A 98 11.04 -1.17 -2.82
N THR A 99 12.23 -1.31 -2.24
CA THR A 99 13.45 -0.87 -2.90
C THR A 99 13.59 -1.47 -4.29
N SER A 100 13.21 -2.75 -4.41
CA SER A 100 13.29 -3.45 -5.68
C SER A 100 12.26 -2.89 -6.68
N LEU A 101 11.09 -2.56 -6.17
CA LEU A 101 10.02 -2.02 -7.01
C LEU A 101 10.34 -0.59 -7.45
N PHE A 102 10.79 0.23 -6.50
CA PHE A 102 11.14 1.61 -6.80
C PHE A 102 12.62 1.74 -7.15
N GLU A 103 13.25 0.61 -7.46
CA GLU A 103 14.66 0.59 -7.82
C GLU A 103 14.89 1.27 -9.17
N SER A 104 13.96 1.05 -10.09
CA SER A 104 14.06 1.63 -11.43
C SER A 104 13.67 3.11 -11.41
N GLY A 105 12.42 3.38 -11.06
CA GLY A 105 11.95 4.75 -11.00
C GLY A 105 10.65 4.89 -10.22
N ILE A 106 10.29 6.12 -9.88
CA ILE A 106 9.07 6.37 -9.14
C ILE A 106 7.92 6.76 -10.07
N ASN A 107 6.69 6.44 -9.67
CA ASN A 107 5.52 6.76 -10.48
C ASN A 107 4.25 6.55 -9.68
N TRP A 108 3.19 7.26 -10.05
CA TRP A 108 1.90 7.16 -9.36
C TRP A 108 1.46 5.70 -9.27
N GLY A 109 1.45 5.02 -10.41
CA GLY A 109 1.04 3.62 -10.44
C GLY A 109 1.80 2.78 -9.44
N ARG A 110 3.10 3.01 -9.33
CA ARG A 110 3.95 2.27 -8.41
C ARG A 110 3.53 2.53 -6.96
N VAL A 111 3.38 3.80 -6.62
CA VAL A 111 3.00 4.19 -5.26
C VAL A 111 1.75 3.43 -4.82
N VAL A 112 0.78 3.31 -5.72
CA VAL A 112 -0.47 2.61 -5.42
C VAL A 112 -0.21 1.11 -5.23
N ALA A 113 0.53 0.52 -6.16
CA ALA A 113 0.85 -0.90 -6.09
C ALA A 113 1.52 -1.26 -4.78
N LEU A 114 2.45 -0.41 -4.34
CA LEU A 114 3.16 -0.63 -3.09
C LEU A 114 2.20 -0.92 -1.95
N LEU A 115 1.21 -0.05 -1.79
CA LEU A 115 0.21 -0.22 -0.74
C LEU A 115 -0.63 -1.46 -0.97
N GLY A 116 -1.05 -1.67 -2.22
CA GLY A 116 -1.86 -2.84 -2.55
C GLY A 116 -1.26 -4.12 -2.01
N PHE A 117 0.00 -4.39 -2.38
CA PHE A 117 0.68 -5.59 -1.94
C PHE A 117 1.12 -5.46 -0.48
N GLY A 118 1.32 -4.23 -0.03
CA GLY A 118 1.74 -4.00 1.34
C GLY A 118 0.81 -4.64 2.35
N TYR A 119 -0.48 -4.30 2.27
CA TYR A 119 -1.46 -4.85 3.19
C TYR A 119 -1.55 -6.37 3.05
N ARG A 120 -1.56 -6.85 1.82
CA ARG A 120 -1.63 -8.28 1.55
C ARG A 120 -0.49 -9.03 2.25
N LEU A 121 0.72 -8.53 2.07
CA LEU A 121 1.89 -9.16 2.70
C LEU A 121 1.77 -9.15 4.21
N ALA A 122 1.34 -8.02 4.77
CA ALA A 122 1.17 -7.89 6.21
C ALA A 122 0.11 -8.85 6.73
N LEU A 123 -0.99 -8.96 5.99
CA LEU A 123 -2.09 -9.85 6.38
C LEU A 123 -1.64 -11.31 6.34
N HIS A 124 -0.77 -11.63 5.38
CA HIS A 124 -0.28 -13.00 5.24
C HIS A 124 0.41 -13.47 6.50
N VAL A 125 1.33 -12.65 7.02
CA VAL A 125 2.06 -12.97 8.23
C VAL A 125 1.16 -12.86 9.47
N TYR A 126 0.19 -11.94 9.40
CA TYR A 126 -0.73 -11.74 10.51
C TYR A 126 -1.71 -12.90 10.63
N GLN A 127 -1.99 -13.55 9.50
CA GLN A 127 -2.91 -14.67 9.47
C GLN A 127 -2.50 -15.74 10.48
N HIS A 128 -1.22 -15.74 10.83
CA HIS A 128 -0.69 -16.72 11.79
C HIS A 128 -0.84 -16.21 13.21
N GLY A 129 -0.83 -14.89 13.38
CA GLY A 129 -0.96 -14.30 14.70
C GLY A 129 -0.78 -12.80 14.68
N LEU A 130 0.39 -12.34 15.11
CA LEU A 130 0.70 -10.92 15.15
C LEU A 130 -0.24 -10.19 16.10
N THR A 131 -1.45 -9.89 15.63
CA THR A 131 -2.44 -9.20 16.44
C THR A 131 -2.01 -7.76 16.72
N GLY A 132 -2.28 -6.86 15.79
CA GLY A 132 -1.92 -5.47 15.96
C GLY A 132 -0.69 -5.09 15.15
N PHE A 133 -0.66 -5.50 13.90
CA PHE A 133 0.47 -5.20 13.02
C PHE A 133 0.15 -4.02 12.10
N LEU A 134 -1.11 -3.61 12.10
CA LEU A 134 -1.55 -2.49 11.27
C LEU A 134 -0.63 -1.28 11.47
N GLY A 135 -0.54 -0.81 12.70
CA GLY A 135 0.30 0.33 13.00
C GLY A 135 1.73 0.15 12.50
N GLN A 136 2.28 -1.04 12.71
CA GLN A 136 3.64 -1.34 12.28
C GLN A 136 3.78 -1.18 10.77
N VAL A 137 2.94 -1.88 10.02
CA VAL A 137 2.97 -1.82 8.57
C VAL A 137 2.94 -0.38 8.08
N THR A 138 2.05 0.42 8.66
CA THR A 138 1.92 1.82 8.29
C THR A 138 3.23 2.58 8.51
N ARG A 139 3.71 2.56 9.75
CA ARG A 139 4.95 3.24 10.10
C ARG A 139 6.11 2.72 9.25
N PHE A 140 6.04 1.45 8.87
CA PHE A 140 7.07 0.84 8.06
C PHE A 140 7.15 1.48 6.68
N VAL A 141 6.01 1.51 5.99
CA VAL A 141 5.94 2.10 4.66
C VAL A 141 6.36 3.56 4.68
N VAL A 142 5.80 4.32 5.61
CA VAL A 142 6.12 5.73 5.75
C VAL A 142 7.58 5.94 6.14
N ASP A 143 8.10 5.01 6.92
CA ASP A 143 9.49 5.08 7.37
C ASP A 143 10.44 5.05 6.18
N PHE A 144 10.43 3.93 5.45
CA PHE A 144 11.31 3.77 4.29
C PHE A 144 10.97 4.79 3.21
N MET A 145 9.68 5.15 3.12
CA MET A 145 9.23 6.12 2.13
C MET A 145 9.95 7.45 2.30
N LEU A 146 9.97 7.95 3.53
CA LEU A 146 10.62 9.22 3.83
C LEU A 146 12.14 9.06 3.88
N HIS A 147 12.59 7.81 3.80
CA HIS A 147 14.02 7.51 3.84
C HIS A 147 14.49 6.94 2.50
N HIS A 148 13.99 7.51 1.41
CA HIS A 148 14.35 7.06 0.07
C HIS A 148 14.19 8.19 -0.94
N CYS A 149 12.95 8.52 -1.27
CA CYS A 149 12.67 9.58 -2.23
C CYS A 149 11.19 9.64 -2.55
N ILE A 150 10.48 8.53 -2.32
CA ILE A 150 9.05 8.47 -2.58
C ILE A 150 8.33 9.67 -1.99
N ALA A 151 8.60 9.95 -0.73
CA ALA A 151 7.98 11.08 -0.04
C ALA A 151 8.09 12.36 -0.87
N ARG A 152 9.32 12.80 -1.11
CA ARG A 152 9.57 14.00 -1.88
C ARG A 152 8.88 13.93 -3.24
N TRP A 153 8.95 12.76 -3.87
CA TRP A 153 8.33 12.55 -5.18
C TRP A 153 6.84 12.89 -5.13
N ILE A 154 6.13 12.28 -4.19
CA ILE A 154 4.70 12.53 -4.06
C ILE A 154 4.41 14.02 -3.86
N ALA A 155 5.17 14.65 -2.98
CA ALA A 155 5.00 16.08 -2.72
C ALA A 155 5.25 16.90 -3.98
N GLN A 156 6.12 16.41 -4.85
CA GLN A 156 6.44 17.11 -6.09
C GLN A 156 5.31 16.94 -7.11
N ARG A 157 4.70 15.76 -7.10
CA ARG A 157 3.61 15.48 -8.04
C ARG A 157 2.32 16.17 -7.60
N GLY A 158 2.36 16.80 -6.43
CA GLY A 158 1.19 17.49 -5.92
C GLY A 158 0.58 16.79 -4.72
N GLY A 159 1.44 16.21 -3.88
CA GLY A 159 0.96 15.52 -2.70
C GLY A 159 -0.11 14.50 -3.02
N TRP A 160 -0.74 13.95 -1.98
CA TRP A 160 -1.79 12.95 -2.16
C TRP A 160 -3.07 13.60 -2.68
N VAL A 161 -3.07 14.93 -2.72
CA VAL A 161 -4.23 15.67 -3.20
C VAL A 161 -4.41 15.52 -4.71
N ALA A 162 -3.43 14.87 -5.34
CA ALA A 162 -3.47 14.65 -6.79
C ALA A 162 -3.77 13.19 -7.11
N ALA A 163 -3.97 12.39 -6.08
CA ALA A 163 -4.26 10.97 -6.25
C ALA A 163 -5.75 10.75 -6.51
N LEU A 164 -6.58 11.62 -5.94
CA LEU A 164 -8.03 11.52 -6.11
C LEU A 164 -8.46 12.14 -7.43
N ASN A 165 -7.49 12.67 -8.18
CA ASN A 165 -7.78 13.29 -9.47
C ASN A 165 -7.33 12.40 -10.61
N LEU A 166 -7.14 11.12 -10.32
CA LEU A 166 -6.71 10.16 -11.33
C LEU A 166 -7.87 9.25 -11.76
N GLY A 167 -7.57 8.28 -12.60
CA GLY A 167 -8.59 7.35 -13.06
C GLY A 167 -9.78 8.07 -13.67
N ASN A 168 -10.95 7.90 -13.05
CA ASN A 168 -12.17 8.53 -13.53
C ASN A 168 -12.56 9.70 -12.64
N GLY A 169 -11.60 10.20 -11.86
CA GLY A 169 -11.87 11.31 -10.97
C GLY A 169 -12.69 10.91 -9.76
N GLU B 1 16.58 -17.93 -0.63
CA GLU B 1 17.16 -16.93 -1.51
C GLU B 1 16.43 -16.88 -2.85
N ASP B 2 16.05 -18.05 -3.35
CA ASP B 2 15.33 -18.15 -4.62
C ASP B 2 14.09 -17.26 -4.61
N ILE B 3 13.54 -17.04 -3.42
CA ILE B 3 12.35 -16.21 -3.28
C ILE B 3 12.71 -14.73 -3.28
N ILE B 4 13.91 -14.41 -2.83
CA ILE B 4 14.37 -13.03 -2.78
C ILE B 4 14.33 -12.38 -4.15
N ARG B 5 14.71 -13.15 -5.17
CA ARG B 5 14.70 -12.65 -6.54
C ARG B 5 13.32 -12.80 -7.17
N ASN B 6 12.53 -13.72 -6.63
CA ASN B 6 11.19 -13.96 -7.14
C ASN B 6 10.27 -12.78 -6.84
N ILE B 7 10.30 -12.31 -5.60
CA ILE B 7 9.47 -11.18 -5.19
C ILE B 7 9.67 -9.99 -6.12
N ALA B 8 10.85 -9.39 -6.06
CA ALA B 8 11.16 -8.24 -6.90
C ALA B 8 10.86 -8.53 -8.36
N ARG B 9 11.02 -9.79 -8.76
CA ARG B 9 10.77 -10.20 -10.13
C ARG B 9 9.28 -10.08 -10.46
N HIS B 10 8.44 -10.69 -9.63
CA HIS B 10 6.99 -10.65 -9.83
C HIS B 10 6.48 -9.22 -9.85
N LEU B 11 7.23 -8.32 -9.22
CA LEU B 11 6.85 -6.91 -9.16
C LEU B 11 7.38 -6.15 -10.38
N ALA B 12 7.34 -6.80 -11.54
CA ALA B 12 7.81 -6.19 -12.76
C ALA B 12 6.66 -5.61 -13.58
N VAL B 14 3.44 -4.70 -11.25
CA VAL B 14 2.47 -3.93 -10.48
C VAL B 14 2.84 -2.45 -10.45
N GLY B 15 4.11 -2.15 -10.73
CA GLY B 15 4.56 -0.78 -10.72
C GLY B 15 4.05 0.00 -11.93
N ASP B 16 4.53 -0.37 -13.10
CA ASP B 16 4.12 0.30 -14.34
C ASP B 16 2.60 0.40 -14.41
N ASP B 19 -0.24 3.01 -13.88
CA ASP B 19 -0.05 4.36 -14.41
C ASP B 19 -0.68 4.51 -15.78
N ARG B 20 -0.70 3.42 -16.55
CA ARG B 20 -1.27 3.42 -17.88
C ARG B 20 -2.76 3.12 -17.84
N SER B 21 -3.22 2.59 -16.71
CA SER B 21 -4.63 2.24 -16.54
C SER B 21 -5.32 3.23 -15.62
N ILE B 22 -4.75 4.43 -15.50
CA ILE B 22 -5.31 5.47 -14.65
C ILE B 22 -5.62 6.72 -15.46
N ALA A 1 -7.22 20.58 2.66
CA ALA A 1 -7.49 20.34 1.25
C ALA A 1 -6.87 21.41 0.38
N LEU A 2 -5.70 21.90 0.79
CA LEU A 2 -4.99 22.94 0.04
C LEU A 2 -3.94 22.32 -0.88
N PRO A 3 -3.53 23.08 -1.91
CA PRO A 3 -2.52 22.63 -2.86
C PRO A 3 -1.13 22.54 -2.25
N SER A 4 -0.18 22.03 -3.02
CA SER A 4 1.20 21.89 -2.55
C SER A 4 1.27 20.95 -1.36
N ALA A 5 2.48 20.48 -1.05
CA ALA A 5 2.68 19.57 0.07
C ALA A 5 4.17 19.29 0.29
N SER A 6 4.55 19.15 1.56
CA SER A 6 5.94 18.89 1.90
C SER A 6 6.12 17.47 2.42
N GLU A 7 7.36 16.99 2.41
CA GLU A 7 7.66 15.64 2.89
C GLU A 7 7.02 15.40 4.25
N GLU A 8 7.12 16.39 5.14
CA GLU A 8 6.55 16.27 6.48
C GLU A 8 5.09 15.86 6.41
N GLN A 9 4.31 16.57 5.60
CA GLN A 9 2.89 16.28 5.46
C GLN A 9 2.68 15.00 4.65
N VAL A 10 3.64 14.67 3.80
CA VAL A 10 3.56 13.48 2.97
C VAL A 10 3.58 12.22 3.83
N ALA A 11 4.39 12.23 4.88
CA ALA A 11 4.49 11.09 5.78
C ALA A 11 3.14 10.77 6.41
N GLN A 12 2.54 11.76 7.07
CA GLN A 12 1.25 11.59 7.72
C GLN A 12 0.19 11.13 6.72
N ASP A 13 0.21 11.74 5.54
CA ASP A 13 -0.75 11.40 4.49
C ASP A 13 -0.54 9.96 4.02
N THR A 14 0.71 9.50 4.07
CA THR A 14 1.04 8.15 3.64
C THR A 14 0.36 7.11 4.53
N GLU A 15 0.61 7.20 5.83
CA GLU A 15 0.02 6.26 6.78
C GLU A 15 -1.50 6.33 6.75
N GLU A 16 -2.03 7.56 6.69
CA GLU A 16 -3.47 7.76 6.66
C GLU A 16 -4.07 7.20 5.37
N VAL A 17 -3.52 7.61 4.24
CA VAL A 17 -4.00 7.15 2.94
C VAL A 17 -3.85 5.64 2.81
N PHE A 18 -2.77 5.10 3.37
CA PHE A 18 -2.52 3.67 3.31
C PHE A 18 -3.63 2.89 4.01
N ARG A 19 -3.89 3.24 5.27
CA ARG A 19 -4.92 2.57 6.05
C ARG A 19 -6.28 2.68 5.36
N SER A 20 -6.64 3.88 4.94
CA SER A 20 -7.92 4.12 4.27
C SER A 20 -7.96 3.42 2.92
N TYR A 21 -6.79 3.28 2.30
CA TYR A 21 -6.69 2.63 1.00
C TYR A 21 -7.02 1.14 1.11
N VAL A 22 -6.25 0.42 1.92
CA VAL A 22 -6.46 -1.00 2.12
C VAL A 22 -7.84 -1.28 2.69
N PHE A 23 -8.32 -0.37 3.54
CA PHE A 23 -9.62 -0.53 4.16
C PHE A 23 -10.74 -0.33 3.14
N TYR A 24 -10.56 0.65 2.27
CA TYR A 24 -11.55 0.94 1.23
C TYR A 24 -11.61 -0.19 0.20
N ARG A 25 -10.46 -0.76 -0.11
CA ARG A 25 -10.38 -1.85 -1.07
C ARG A 25 -11.07 -3.10 -0.54
N HIS A 26 -10.73 -3.48 0.69
CA HIS A 26 -11.33 -4.65 1.32
C HIS A 26 -12.79 -4.40 1.69
N GLN A 27 -13.10 -3.15 2.00
CA GLN A 27 -14.46 -2.77 2.37
C GLN A 27 -15.46 -3.22 1.31
N GLN A 28 -15.15 -2.91 0.06
CA GLN A 28 -16.02 -3.27 -1.06
C GLN A 28 -16.00 -4.77 -1.29
N GLU A 29 -14.81 -5.36 -1.27
CA GLU A 29 -14.65 -6.79 -1.48
C GLU A 29 -15.54 -7.59 -0.54
N GLN A 30 -15.82 -7.01 0.63
CA GLN A 30 -16.66 -7.66 1.63
C GLN A 30 -18.01 -8.05 1.03
N GLU A 31 -18.45 -7.29 0.03
CA GLU A 31 -19.72 -7.56 -0.62
C GLU A 31 -19.71 -8.92 -1.31
N ALA A 32 -18.53 -9.32 -1.79
CA ALA A 32 -18.38 -10.60 -2.47
C ALA A 32 -18.21 -11.74 -1.47
N GLU A 33 -17.17 -11.63 -0.64
CA GLU A 33 -16.90 -12.66 0.36
C GLU A 33 -16.57 -12.02 1.72
N GLY A 34 -16.23 -12.86 2.69
CA GLY A 34 -15.89 -12.36 4.01
C GLY A 34 -14.82 -13.19 4.68
N VAL A 35 -13.64 -13.23 4.08
CA VAL A 35 -12.52 -13.99 4.64
C VAL A 35 -11.19 -13.29 4.38
N ALA A 36 -10.22 -13.56 5.25
CA ALA A 36 -8.89 -12.95 5.13
C ALA A 36 -8.97 -11.43 5.29
N ALA A 37 -9.87 -10.98 6.16
CA ALA A 37 -10.04 -9.55 6.41
C ALA A 37 -9.28 -9.12 7.65
N PRO A 38 -9.01 -7.81 7.76
CA PRO A 38 -8.28 -7.24 8.89
C PRO A 38 -9.09 -7.27 10.18
N ALA A 39 -8.40 -7.34 11.32
CA ALA A 39 -9.06 -7.37 12.62
C ALA A 39 -9.16 -5.97 13.21
N ASP A 40 -8.03 -5.42 13.62
CA ASP A 40 -8.00 -4.08 14.21
C ASP A 40 -9.01 -3.97 15.35
N PRO A 41 -8.74 -4.71 16.45
CA PRO A 41 -9.62 -4.70 17.63
C PRO A 41 -9.57 -3.38 18.38
N GLU A 42 -10.62 -2.58 18.23
CA GLU A 42 -10.70 -1.28 18.89
C GLU A 42 -12.01 -0.58 18.56
N MET A 43 -12.66 -0.03 19.58
CA MET A 43 -13.92 0.67 19.40
C MET A 43 -13.77 1.81 18.40
N VAL A 44 -12.55 2.31 18.26
CA VAL A 44 -12.27 3.40 17.33
C VAL A 44 -12.25 2.90 15.88
N THR A 45 -12.00 1.61 15.71
CA THR A 45 -11.95 1.00 14.38
C THR A 45 -10.93 1.70 13.50
N LEU A 46 -10.94 1.37 12.21
CA LEU A 46 -10.01 1.96 11.26
C LEU A 46 -9.88 3.46 11.49
N PRO A 47 -8.78 3.88 12.13
CA PRO A 47 -8.52 5.30 12.42
C PRO A 47 -8.21 6.10 11.16
N LEU A 48 -9.22 6.34 10.35
CA LEU A 48 -9.06 7.10 9.12
C LEU A 48 -9.76 8.46 9.21
N GLN A 49 -9.50 9.31 8.24
CA GLN A 49 -10.10 10.65 8.21
C GLN A 49 -11.12 10.76 7.07
N PRO A 50 -12.35 10.31 7.34
CA PRO A 50 -13.44 10.36 6.36
C PRO A 50 -13.91 11.77 6.07
N SER A 51 -13.41 12.73 6.85
CA SER A 51 -13.78 14.13 6.68
C SER A 51 -12.65 14.92 6.02
N SER A 52 -11.70 14.19 5.44
CA SER A 52 -10.56 14.81 4.77
C SER A 52 -10.38 14.25 3.36
N THR A 53 -9.55 14.94 2.57
CA THR A 53 -9.30 14.50 1.20
C THR A 53 -8.55 13.18 1.16
N MET A 54 -7.74 12.94 2.19
CA MET A 54 -6.97 11.70 2.29
C MET A 54 -7.86 10.49 2.08
N GLY A 55 -8.99 10.46 2.79
CA GLY A 55 -9.91 9.34 2.68
C GLY A 55 -10.43 9.17 1.26
N GLN A 56 -10.47 10.26 0.51
CA GLN A 56 -10.96 10.22 -0.87
C GLN A 56 -9.90 9.65 -1.80
N VAL A 57 -8.64 9.68 -1.36
CA VAL A 57 -7.54 9.16 -2.15
C VAL A 57 -7.59 7.65 -2.26
N GLY A 58 -7.60 6.98 -1.10
CA GLY A 58 -7.65 5.53 -1.08
C GLY A 58 -8.77 4.98 -1.93
N ARG A 59 -9.84 5.76 -2.07
CA ARG A 59 -10.99 5.34 -2.86
C ARG A 59 -10.61 5.15 -4.33
N GLN A 60 -10.09 6.22 -4.93
CA GLN A 60 -9.69 6.18 -6.33
C GLN A 60 -8.57 5.16 -6.55
N LEU A 61 -7.53 5.27 -5.73
CA LEU A 61 -6.38 4.37 -5.83
C LEU A 61 -6.84 2.92 -5.81
N ALA A 62 -7.73 2.59 -4.88
CA ALA A 62 -8.25 1.23 -4.75
C ALA A 62 -8.93 0.79 -6.04
N ILE A 63 -9.48 1.75 -6.78
CA ILE A 63 -10.15 1.44 -8.03
C ILE A 63 -9.16 1.14 -9.14
N ILE A 64 -8.20 2.04 -9.33
CA ILE A 64 -7.18 1.85 -10.36
C ILE A 64 -6.28 0.67 -10.03
N GLY A 65 -6.26 0.27 -8.77
CA GLY A 65 -5.43 -0.85 -8.35
C GLY A 65 -6.24 -2.12 -8.20
N ASP A 66 -7.55 -2.00 -8.30
CA ASP A 66 -8.44 -3.16 -8.17
C ASP A 66 -8.13 -4.20 -9.23
N ASP A 67 -8.47 -3.90 -10.48
CA ASP A 67 -8.22 -4.82 -11.58
C ASP A 67 -6.75 -5.22 -11.64
N ILE A 68 -5.86 -4.24 -11.54
CA ILE A 68 -4.43 -4.49 -11.59
C ILE A 68 -4.03 -5.50 -10.51
N ASN A 69 -4.58 -5.35 -9.32
CA ASN A 69 -4.27 -6.24 -8.21
C ASN A 69 -4.63 -7.68 -8.56
N ARG A 70 -5.91 -7.95 -8.69
CA ARG A 70 -6.38 -9.30 -9.03
C ARG A 70 -5.74 -9.79 -10.32
N ARG A 71 -5.32 -8.84 -11.16
CA ARG A 71 -4.70 -9.18 -12.43
C ARG A 71 -3.38 -9.91 -12.21
N TYR A 72 -2.46 -9.26 -11.50
CA TYR A 72 -1.15 -9.84 -11.22
C TYR A 72 -0.97 -10.07 -9.72
N ASP A 73 -1.22 -9.03 -8.94
CA ASP A 73 -1.09 -9.11 -7.48
C ASP A 73 -1.77 -10.36 -6.95
N SER A 74 -2.78 -10.83 -7.67
CA SER A 74 -3.53 -12.02 -7.26
C SER A 74 -2.57 -13.19 -7.01
N GLU A 75 -1.66 -13.41 -7.95
CA GLU A 75 -0.70 -14.50 -7.82
C GLU A 75 0.34 -14.18 -6.75
N PHE A 76 0.56 -12.90 -6.50
CA PHE A 76 1.53 -12.45 -5.51
C PHE A 76 1.32 -13.19 -4.18
N GLN A 77 0.06 -13.36 -3.81
CA GLN A 77 -0.28 -14.04 -2.57
C GLN A 77 0.18 -15.49 -2.60
N THR A 78 0.01 -16.14 -3.75
CA THR A 78 0.40 -17.53 -3.91
C THR A 78 1.88 -17.73 -3.58
N MET A 79 2.74 -16.97 -4.25
CA MET A 79 4.18 -17.07 -4.02
C MET A 79 4.55 -16.45 -2.67
N LEU A 80 3.78 -15.46 -2.24
CA LEU A 80 4.03 -14.79 -0.97
C LEU A 80 3.99 -15.78 0.19
N GLN A 81 3.01 -16.69 0.15
CA GLN A 81 2.86 -17.69 1.19
C GLN A 81 4.15 -18.50 1.36
N HIS A 82 4.94 -18.57 0.29
CA HIS A 82 6.20 -19.31 0.33
C HIS A 82 7.20 -18.64 1.27
N LEU A 83 7.49 -17.38 1.01
CA LEU A 83 8.43 -16.62 1.83
C LEU A 83 8.09 -16.75 3.31
N GLN A 84 6.81 -16.63 3.62
CA GLN A 84 6.34 -16.73 5.01
C GLN A 84 7.01 -15.68 5.88
N PRO A 85 6.76 -14.41 5.58
CA PRO A 85 7.33 -13.29 6.32
C PRO A 85 6.74 -13.16 7.73
N THR A 86 7.34 -12.30 8.54
CA THR A 86 6.87 -12.09 9.91
C THR A 86 6.90 -10.61 10.28
N ALA A 87 6.47 -10.31 11.50
CA ALA A 87 6.44 -8.92 11.97
C ALA A 87 7.84 -8.45 12.34
N GLU A 88 8.66 -9.37 12.85
CA GLU A 88 10.02 -9.03 13.25
C GLU A 88 10.89 -8.73 12.03
N ASN A 89 10.72 -9.53 10.99
CA ASN A 89 11.49 -9.35 9.76
C ASN A 89 10.64 -8.66 8.69
N ALA A 90 9.48 -8.16 9.09
CA ALA A 90 8.59 -7.47 8.17
C ALA A 90 9.34 -6.42 7.35
N TYR A 91 10.11 -5.60 8.03
CA TYR A 91 10.88 -4.55 7.36
C TYR A 91 12.06 -5.14 6.60
N GLU A 92 12.66 -6.18 7.16
CA GLU A 92 13.80 -6.84 6.53
C GLU A 92 13.45 -7.28 5.11
N TYR A 93 12.22 -7.74 4.93
CA TYR A 93 11.76 -8.20 3.63
C TYR A 93 11.07 -7.07 2.86
N PHE A 94 10.19 -6.35 3.56
CA PHE A 94 9.45 -5.25 2.95
C PHE A 94 10.41 -4.28 2.25
N THR A 95 11.44 -3.86 2.97
CA THR A 95 12.43 -2.94 2.42
C THR A 95 12.96 -3.43 1.08
N LYS A 96 13.12 -4.75 0.96
CA LYS A 96 13.62 -5.35 -0.27
C LYS A 96 12.58 -5.24 -1.39
N ILE A 97 11.34 -5.60 -1.08
CA ILE A 97 10.26 -5.55 -2.06
C ILE A 97 10.13 -4.15 -2.66
N ALA A 98 10.01 -3.15 -1.79
CA ALA A 98 9.88 -1.76 -2.24
C ALA A 98 11.12 -1.32 -3.02
N THR A 99 12.28 -1.43 -2.39
CA THR A 99 13.54 -1.05 -3.02
C THR A 99 13.66 -1.65 -4.41
N SER A 100 13.13 -2.86 -4.57
CA SER A 100 13.18 -3.56 -5.86
C SER A 100 12.20 -2.95 -6.85
N LEU A 101 11.02 -2.57 -6.35
CA LEU A 101 10.00 -1.97 -7.19
C LEU A 101 10.39 -0.55 -7.61
N PHE A 102 10.74 0.27 -6.63
CA PHE A 102 11.15 1.65 -6.89
C PHE A 102 12.66 1.74 -7.12
N GLU A 103 13.24 0.65 -7.61
CA GLU A 103 14.67 0.62 -7.87
C GLU A 103 15.02 1.43 -9.11
N SER A 104 14.20 1.30 -10.15
CA SER A 104 14.42 2.03 -11.39
C SER A 104 13.94 3.47 -11.27
N GLY A 105 12.62 3.65 -11.27
CA GLY A 105 12.04 4.97 -11.16
C GLY A 105 10.77 4.99 -10.34
N ILE A 106 10.33 6.19 -9.96
CA ILE A 106 9.12 6.33 -9.17
C ILE A 106 7.95 6.81 -10.03
N ASN A 107 6.78 6.23 -9.81
CA ASN A 107 5.58 6.59 -10.56
C ASN A 107 4.32 6.31 -9.75
N TRP A 108 3.25 7.00 -10.08
CA TRP A 108 1.97 6.83 -9.39
C TRP A 108 1.59 5.36 -9.30
N GLY A 109 1.64 4.68 -10.44
CA GLY A 109 1.30 3.27 -10.49
C GLY A 109 2.08 2.46 -9.47
N ARG A 110 3.38 2.74 -9.37
CA ARG A 110 4.25 2.03 -8.44
C ARG A 110 3.83 2.28 -7.00
N VAL A 111 3.41 3.52 -6.72
CA VAL A 111 2.99 3.89 -5.37
C VAL A 111 1.76 3.10 -4.95
N VAL A 112 0.70 3.17 -5.76
CA VAL A 112 -0.53 2.46 -5.47
C VAL A 112 -0.29 0.96 -5.33
N ALA A 113 0.55 0.41 -6.22
CA ALA A 113 0.87 -1.00 -6.19
C ALA A 113 1.50 -1.40 -4.87
N LEU A 114 2.41 -0.56 -4.38
CA LEU A 114 3.10 -0.82 -3.12
C LEU A 114 2.10 -1.14 -2.00
N LEU A 115 1.05 -0.31 -1.92
CA LEU A 115 0.02 -0.51 -0.90
C LEU A 115 -0.81 -1.74 -1.19
N GLY A 116 -1.16 -1.92 -2.46
CA GLY A 116 -1.95 -3.08 -2.85
C GLY A 116 -1.39 -4.38 -2.33
N PHE A 117 -0.12 -4.64 -2.62
CA PHE A 117 0.54 -5.85 -2.18
C PHE A 117 0.90 -5.77 -0.69
N GLY A 118 1.14 -4.55 -0.21
CA GLY A 118 1.49 -4.36 1.18
C GLY A 118 0.48 -4.98 2.12
N TYR A 119 -0.80 -4.69 1.90
CA TYR A 119 -1.86 -5.23 2.74
C TYR A 119 -1.78 -6.74 2.82
N ARG A 120 -1.54 -7.39 1.68
CA ARG A 120 -1.44 -8.84 1.63
C ARG A 120 -0.28 -9.33 2.48
N LEU A 121 0.88 -8.69 2.33
CA LEU A 121 2.07 -9.06 3.09
C LEU A 121 1.81 -8.96 4.59
N ALA A 122 1.03 -7.95 5.00
CA ALA A 122 0.71 -7.75 6.40
C ALA A 122 -0.39 -8.70 6.85
N LEU A 123 -1.27 -9.06 5.92
CA LEU A 123 -2.37 -9.97 6.23
C LEU A 123 -1.89 -11.43 6.23
N HIS A 124 -0.74 -11.66 5.61
CA HIS A 124 -0.17 -13.01 5.55
C HIS A 124 0.79 -13.24 6.70
N VAL A 125 0.90 -12.25 7.59
CA VAL A 125 1.78 -12.37 8.74
C VAL A 125 1.01 -12.24 10.05
N TYR A 126 0.06 -11.30 10.08
CA TYR A 126 -0.74 -11.07 11.27
C TYR A 126 -1.53 -12.33 11.64
N GLN A 127 -1.78 -13.17 10.65
CA GLN A 127 -2.53 -14.40 10.86
C GLN A 127 -1.70 -15.41 11.67
N HIS A 128 -0.39 -15.20 11.69
CA HIS A 128 0.52 -16.07 12.43
C HIS A 128 0.45 -15.79 13.92
N GLY A 129 0.04 -14.58 14.28
CA GLY A 129 -0.06 -14.22 15.68
C GLY A 129 0.54 -12.86 15.96
N LEU A 130 -0.03 -11.82 15.36
CA LEU A 130 0.46 -10.46 15.55
C LEU A 130 -0.71 -9.47 15.68
N THR A 131 -1.68 -9.83 16.50
CA THR A 131 -2.85 -8.98 16.72
C THR A 131 -2.44 -7.56 17.08
N GLY A 132 -2.54 -6.66 16.11
CA GLY A 132 -2.17 -5.27 16.35
C GLY A 132 -0.94 -4.85 15.56
N PHE A 133 -0.87 -5.28 14.31
CA PHE A 133 0.26 -4.95 13.45
C PHE A 133 -0.11 -3.85 12.44
N LEU A 134 -1.39 -3.49 12.43
CA LEU A 134 -1.88 -2.46 11.52
C LEU A 134 -1.00 -1.21 11.59
N GLY A 135 -0.91 -0.61 12.76
CA GLY A 135 -0.10 0.57 12.93
C GLY A 135 1.31 0.39 12.41
N GLN A 136 1.90 -0.76 12.70
CA GLN A 136 3.26 -1.05 12.25
C GLN A 136 3.35 -1.02 10.73
N VAL A 137 2.48 -1.78 10.07
CA VAL A 137 2.46 -1.83 8.61
C VAL A 137 2.40 -0.43 8.01
N THR A 138 1.47 0.38 8.50
CA THR A 138 1.31 1.74 8.01
C THR A 138 2.59 2.54 8.16
N ARG A 139 3.07 2.66 9.39
CA ARG A 139 4.29 3.40 9.68
C ARG A 139 5.46 2.86 8.86
N PHE A 140 5.43 1.55 8.62
CA PHE A 140 6.50 0.90 7.85
C PHE A 140 6.54 1.44 6.42
N VAL A 141 5.39 1.41 5.75
CA VAL A 141 5.31 1.89 4.37
C VAL A 141 5.76 3.35 4.28
N VAL A 142 5.20 4.20 5.13
CA VAL A 142 5.54 5.61 5.14
C VAL A 142 7.01 5.82 5.51
N ASP A 143 7.49 5.03 6.47
CA ASP A 143 8.87 5.11 6.91
C ASP A 143 9.83 4.99 5.74
N PHE A 144 9.71 3.89 5.00
CA PHE A 144 10.57 3.64 3.85
C PHE A 144 10.34 4.70 2.77
N MET A 145 9.09 5.10 2.60
CA MET A 145 8.74 6.11 1.60
C MET A 145 9.52 7.39 1.82
N LEU A 146 9.53 7.87 3.05
CA LEU A 146 10.24 9.10 3.39
C LEU A 146 11.74 8.84 3.50
N HIS A 147 12.13 7.59 3.32
CA HIS A 147 13.55 7.22 3.38
C HIS A 147 14.01 6.61 2.06
N HIS A 148 13.49 7.14 0.95
CA HIS A 148 13.86 6.66 -0.37
C HIS A 148 13.57 7.71 -1.43
N CYS A 149 13.53 8.98 -1.02
CA CYS A 149 13.26 10.07 -1.93
C CYS A 149 11.87 9.94 -2.54
N ILE A 150 11.02 9.15 -1.92
CA ILE A 150 9.67 8.93 -2.41
C ILE A 150 8.73 10.04 -1.94
N ALA A 151 8.87 10.43 -0.68
CA ALA A 151 8.03 11.49 -0.11
C ALA A 151 8.04 12.73 -0.99
N ARG A 152 9.24 13.24 -1.28
CA ARG A 152 9.38 14.43 -2.10
C ARG A 152 8.67 14.25 -3.45
N TRP A 153 8.83 13.07 -4.03
CA TRP A 153 8.21 12.77 -5.31
C TRP A 153 6.70 12.98 -5.24
N ILE A 154 6.05 12.33 -4.28
CA ILE A 154 4.62 12.45 -4.12
C ILE A 154 4.20 13.91 -3.96
N ALA A 155 4.90 14.63 -3.09
CA ALA A 155 4.61 16.04 -2.85
C ALA A 155 4.76 16.86 -4.13
N GLN A 156 5.68 16.43 -4.99
CA GLN A 156 5.92 17.13 -6.25
C GLN A 156 4.77 16.91 -7.23
N ARG A 157 4.21 15.70 -7.23
CA ARG A 157 3.11 15.36 -8.10
C ARG A 157 1.81 16.02 -7.63
N GLY A 158 1.87 16.62 -6.44
CA GLY A 158 0.69 17.27 -5.89
C GLY A 158 0.21 16.62 -4.61
N GLY A 159 1.11 15.92 -3.93
CA GLY A 159 0.76 15.26 -2.69
C GLY A 159 -0.36 14.26 -2.88
N TRP A 160 -0.66 13.50 -1.81
CA TRP A 160 -1.71 12.50 -1.87
C TRP A 160 -3.04 13.13 -2.27
N VAL A 161 -3.18 14.43 -2.00
CA VAL A 161 -4.40 15.15 -2.34
C VAL A 161 -4.57 15.27 -3.85
N ALA A 162 -3.52 14.92 -4.59
CA ALA A 162 -3.57 14.99 -6.04
C ALA A 162 -4.11 13.70 -6.64
N ALA A 163 -4.28 12.69 -5.80
CA ALA A 163 -4.81 11.41 -6.25
C ALA A 163 -6.33 11.43 -6.31
N LEU A 164 -6.94 12.43 -5.69
CA LEU A 164 -8.38 12.57 -5.68
C LEU A 164 -8.92 12.80 -7.10
N ASN A 165 -8.02 13.16 -8.01
CA ASN A 165 -8.39 13.42 -9.39
C ASN A 165 -7.88 12.30 -10.31
N LEU A 166 -6.92 11.54 -9.82
CA LEU A 166 -6.34 10.44 -10.58
C LEU A 166 -7.41 9.41 -10.95
N GLY A 167 -6.98 8.33 -11.62
CA GLY A 167 -7.91 7.29 -12.01
C GLY A 167 -9.04 7.81 -12.86
N ASN A 168 -10.24 7.86 -12.29
CA ASN A 168 -11.42 8.35 -13.01
C ASN A 168 -11.91 9.66 -12.41
N GLY A 169 -11.06 10.32 -11.66
CA GLY A 169 -11.43 11.59 -11.04
C GLY A 169 -12.33 11.40 -9.84
N GLU B 1 16.01 -17.36 0.04
CA GLU B 1 16.91 -16.69 -0.89
C GLU B 1 16.37 -16.77 -2.31
N ASP B 2 15.76 -17.91 -2.65
CA ASP B 2 15.21 -18.12 -3.98
C ASP B 2 13.93 -17.31 -4.16
N ILE B 3 13.25 -17.02 -3.05
CA ILE B 3 12.01 -16.25 -3.10
C ILE B 3 12.30 -14.75 -3.08
N ILE B 4 13.41 -14.38 -2.48
CA ILE B 4 13.79 -12.97 -2.39
C ILE B 4 13.86 -12.34 -3.78
N ARG B 5 14.38 -13.09 -4.74
CA ARG B 5 14.50 -12.61 -6.11
C ARG B 5 13.17 -12.72 -6.86
N ASN B 6 12.46 -13.82 -6.60
CA ASN B 6 11.17 -14.05 -7.24
C ASN B 6 10.22 -12.87 -7.02
N ILE B 7 10.13 -12.43 -5.76
CA ILE B 7 9.26 -11.31 -5.42
C ILE B 7 9.51 -10.11 -6.34
N ALA B 8 10.71 -9.56 -6.26
CA ALA B 8 11.07 -8.41 -7.09
C ALA B 8 10.91 -8.73 -8.57
N ARG B 9 11.04 -10.01 -8.91
CA ARG B 9 10.90 -10.44 -10.30
C ARG B 9 9.47 -10.26 -10.79
N HIS B 10 8.52 -10.86 -10.08
CA HIS B 10 7.11 -10.75 -10.45
C HIS B 10 6.64 -9.31 -10.35
N LEU B 11 7.40 -8.48 -9.67
CA LEU B 11 7.06 -7.07 -9.50
C LEU B 11 7.62 -6.23 -10.64
N ALA B 12 7.67 -6.83 -11.83
CA ALA B 12 8.18 -6.13 -13.01
C ALA B 12 7.03 -5.53 -13.83
N VAL B 14 3.79 -4.54 -11.78
CA VAL B 14 2.74 -3.88 -11.02
C VAL B 14 2.91 -2.36 -11.04
N GLY B 15 4.17 -1.92 -11.14
CA GLY B 15 4.45 -0.50 -11.18
C GLY B 15 4.02 0.15 -12.48
N ASP B 16 4.53 -0.37 -13.59
CA ASP B 16 4.21 0.17 -14.90
C ASP B 16 2.70 0.28 -15.08
N ASP B 19 0.06 2.79 -14.14
CA ASP B 19 0.48 4.18 -14.24
C ASP B 19 -0.01 4.81 -15.54
N ARG B 20 -0.29 3.97 -16.53
CA ARG B 20 -0.77 4.45 -17.82
C ARG B 20 -2.27 4.69 -17.79
N SER B 21 -2.95 4.04 -16.85
CA SER B 21 -4.39 4.19 -16.71
C SER B 21 -4.74 5.03 -15.48
N ILE B 22 -4.01 6.11 -15.28
CA ILE B 22 -4.23 7.00 -14.14
C ILE B 22 -4.54 8.42 -14.61
N ALA A 1 -2.19 25.54 -8.93
CA ALA A 1 -2.74 24.25 -8.54
C ALA A 1 -2.78 24.11 -7.02
N LEU A 2 -2.75 22.87 -6.54
CA LEU A 2 -2.80 22.59 -5.11
C LEU A 2 -1.71 23.38 -4.38
N PRO A 3 -1.88 23.52 -3.06
CA PRO A 3 -0.92 24.24 -2.21
C PRO A 3 0.39 23.49 -2.06
N SER A 4 1.30 24.05 -1.27
CA SER A 4 2.60 23.43 -1.03
C SER A 4 2.50 22.28 -0.05
N ALA A 5 3.56 21.48 0.04
CA ALA A 5 3.58 20.34 0.96
C ALA A 5 4.97 19.73 1.03
N SER A 6 5.34 19.24 2.20
CA SER A 6 6.65 18.64 2.41
C SER A 6 6.51 17.20 2.90
N GLU A 7 7.63 16.48 2.94
CA GLU A 7 7.63 15.10 3.40
C GLU A 7 6.91 14.96 4.74
N GLU A 8 6.99 16.01 5.55
CA GLU A 8 6.35 16.00 6.86
C GLU A 8 4.86 15.69 6.74
N GLN A 9 4.17 16.42 5.87
CA GLN A 9 2.74 16.21 5.66
C GLN A 9 2.48 14.97 4.82
N VAL A 10 3.43 14.66 3.93
CA VAL A 10 3.30 13.50 3.07
C VAL A 10 3.23 12.21 3.89
N ALA A 11 4.01 12.14 4.96
CA ALA A 11 4.03 10.97 5.83
C ALA A 11 2.65 10.71 6.43
N GLN A 12 2.05 11.75 7.01
CA GLN A 12 0.73 11.63 7.61
C GLN A 12 -0.30 11.21 6.58
N ASP A 13 -0.28 11.85 5.42
CA ASP A 13 -1.22 11.54 4.35
C ASP A 13 -0.99 10.13 3.83
N THR A 14 0.26 9.70 3.81
CA THR A 14 0.62 8.36 3.34
C THR A 14 -0.01 7.28 4.21
N GLU A 15 0.25 7.36 5.50
CA GLU A 15 -0.29 6.39 6.46
C GLU A 15 -1.81 6.39 6.42
N GLU A 16 -2.40 7.59 6.42
CA GLU A 16 -3.84 7.72 6.40
C GLU A 16 -4.43 7.14 5.12
N VAL A 17 -3.87 7.55 3.98
CA VAL A 17 -4.35 7.07 2.68
C VAL A 17 -4.11 5.57 2.54
N PHE A 18 -3.02 5.08 3.12
CA PHE A 18 -2.69 3.66 3.06
C PHE A 18 -3.75 2.83 3.76
N ARG A 19 -4.11 3.23 4.98
CA ARG A 19 -5.11 2.52 5.76
C ARG A 19 -6.48 2.58 5.08
N SER A 20 -6.87 3.77 4.66
CA SER A 20 -8.15 3.97 3.99
C SER A 20 -8.20 3.23 2.66
N TYR A 21 -7.06 3.22 1.97
CA TYR A 21 -6.97 2.55 0.67
C TYR A 21 -7.19 1.06 0.81
N VAL A 22 -6.36 0.40 1.62
CA VAL A 22 -6.49 -1.03 1.84
C VAL A 22 -7.83 -1.38 2.47
N PHE A 23 -8.33 -0.48 3.30
CA PHE A 23 -9.62 -0.68 3.97
C PHE A 23 -10.78 -0.58 2.99
N TYR A 24 -10.68 0.40 2.09
CA TYR A 24 -11.72 0.61 1.09
C TYR A 24 -11.76 -0.53 0.08
N ARG A 25 -10.58 -0.98 -0.35
CA ARG A 25 -10.49 -2.08 -1.31
C ARG A 25 -10.99 -3.39 -0.69
N HIS A 26 -10.49 -3.70 0.50
CA HIS A 26 -10.88 -4.91 1.20
C HIS A 26 -12.35 -4.86 1.61
N GLN A 27 -12.84 -3.65 1.89
CA GLN A 27 -14.22 -3.46 2.30
C GLN A 27 -15.18 -4.02 1.25
N GLN A 28 -14.95 -3.65 -0.01
CA GLN A 28 -15.79 -4.11 -1.11
C GLN A 28 -15.74 -5.63 -1.23
N GLU A 29 -14.57 -6.20 -0.94
CA GLU A 29 -14.38 -7.64 -1.03
C GLU A 29 -15.37 -8.38 -0.13
N GLN A 30 -15.77 -7.72 0.96
CA GLN A 30 -16.72 -8.31 1.90
C GLN A 30 -18.12 -8.32 1.32
N GLU A 31 -18.43 -7.30 0.53
CA GLU A 31 -19.76 -7.20 -0.09
C GLU A 31 -19.91 -8.21 -1.22
N ALA A 32 -19.00 -8.15 -2.20
CA ALA A 32 -19.04 -9.04 -3.34
C ALA A 32 -18.82 -10.50 -2.89
N GLU A 33 -17.69 -10.75 -2.24
CA GLU A 33 -17.37 -12.09 -1.78
C GLU A 33 -17.27 -12.12 -0.26
N GLY A 34 -16.79 -13.25 0.28
CA GLY A 34 -16.65 -13.38 1.72
C GLY A 34 -15.46 -14.23 2.11
N VAL A 35 -14.34 -14.03 1.42
CA VAL A 35 -13.13 -14.78 1.69
C VAL A 35 -11.91 -13.87 1.72
N ALA A 36 -10.92 -14.24 2.53
CA ALA A 36 -9.69 -13.45 2.65
C ALA A 36 -10.01 -11.99 2.96
N ALA A 37 -11.02 -11.77 3.80
CA ALA A 37 -11.42 -10.43 4.17
C ALA A 37 -10.79 -10.01 5.50
N PRO A 38 -10.74 -8.70 5.75
CA PRO A 38 -10.17 -8.14 6.99
C PRO A 38 -11.02 -8.44 8.20
N ALA A 39 -10.41 -8.37 9.38
CA ALA A 39 -11.12 -8.63 10.63
C ALA A 39 -10.21 -8.43 11.84
N ASP A 40 -10.70 -8.79 13.01
CA ASP A 40 -9.93 -8.65 14.24
C ASP A 40 -9.62 -7.18 14.52
N PRO A 41 -10.63 -6.44 14.96
CA PRO A 41 -10.50 -5.01 15.27
C PRO A 41 -9.66 -4.77 16.52
N GLU A 42 -8.44 -4.28 16.33
CA GLU A 42 -7.54 -4.00 17.44
C GLU A 42 -7.89 -2.68 18.11
N MET A 43 -7.27 -2.42 19.26
CA MET A 43 -7.51 -1.20 20.01
C MET A 43 -7.28 0.03 19.12
N VAL A 44 -6.36 -0.11 18.17
CA VAL A 44 -6.03 0.98 17.26
C VAL A 44 -7.16 1.22 16.25
N THR A 45 -7.75 0.13 15.76
CA THR A 45 -8.84 0.22 14.80
C THR A 45 -8.39 0.92 13.53
N LEU A 46 -9.35 1.23 12.65
CA LEU A 46 -9.05 1.89 11.39
C LEU A 46 -9.57 3.33 11.40
N PRO A 47 -8.77 4.24 11.98
CA PRO A 47 -9.12 5.66 12.06
C PRO A 47 -9.09 6.36 10.71
N LEU A 48 -10.20 6.24 9.97
CA LEU A 48 -10.29 6.85 8.64
C LEU A 48 -10.55 8.35 8.76
N GLN A 49 -10.15 9.09 7.73
CA GLN A 49 -10.34 10.53 7.71
C GLN A 49 -11.32 10.94 6.61
N PRO A 50 -12.60 10.63 6.81
CA PRO A 50 -13.66 10.95 5.85
C PRO A 50 -13.95 12.45 5.79
N SER A 51 -13.34 13.20 6.71
CA SER A 51 -13.54 14.64 6.77
C SER A 51 -12.45 15.36 5.98
N SER A 52 -11.39 14.64 5.64
CA SER A 52 -10.27 15.21 4.90
C SER A 52 -10.25 14.69 3.47
N THR A 53 -9.50 15.38 2.61
CA THR A 53 -9.40 14.98 1.21
C THR A 53 -8.81 13.58 1.06
N MET A 54 -7.89 13.24 1.96
CA MET A 54 -7.25 11.93 1.95
C MET A 54 -8.30 10.81 1.91
N GLY A 55 -9.47 11.09 2.46
CA GLY A 55 -10.54 10.10 2.48
C GLY A 55 -10.91 9.64 1.09
N GLN A 56 -11.14 10.60 0.19
CA GLN A 56 -11.52 10.28 -1.18
C GLN A 56 -10.33 9.71 -1.96
N VAL A 57 -9.13 10.09 -1.55
CA VAL A 57 -7.91 9.61 -2.20
C VAL A 57 -7.87 8.09 -2.23
N GLY A 58 -7.96 7.48 -1.06
CA GLY A 58 -7.93 6.02 -0.99
C GLY A 58 -8.94 5.38 -1.91
N ARG A 59 -10.12 5.98 -2.02
CA ARG A 59 -11.18 5.45 -2.87
C ARG A 59 -10.71 5.34 -4.32
N GLN A 60 -10.28 6.47 -4.88
CA GLN A 60 -9.80 6.50 -6.26
C GLN A 60 -8.67 5.52 -6.47
N LEU A 61 -7.66 5.59 -5.60
CA LEU A 61 -6.50 4.70 -5.68
C LEU A 61 -6.94 3.25 -5.78
N ALA A 62 -7.88 2.86 -4.93
CA ALA A 62 -8.39 1.49 -4.92
C ALA A 62 -9.01 1.14 -6.26
N ILE A 63 -9.56 2.13 -6.94
CA ILE A 63 -10.18 1.92 -8.24
C ILE A 63 -9.15 1.68 -9.32
N ILE A 64 -8.19 2.60 -9.44
CA ILE A 64 -7.13 2.49 -10.43
C ILE A 64 -6.29 1.24 -10.20
N GLY A 65 -6.22 0.80 -8.95
CA GLY A 65 -5.46 -0.40 -8.63
C GLY A 65 -6.34 -1.59 -8.30
N ASP A 66 -7.64 -1.46 -8.63
CA ASP A 66 -8.59 -2.54 -8.37
C ASP A 66 -8.28 -3.76 -9.22
N ASP A 67 -8.61 -3.68 -10.50
CA ASP A 67 -8.37 -4.78 -11.43
C ASP A 67 -6.89 -5.16 -11.44
N ILE A 68 -6.02 -4.15 -11.38
CA ILE A 68 -4.58 -4.37 -11.39
C ILE A 68 -4.16 -5.26 -10.22
N ASN A 69 -4.58 -4.89 -9.01
CA ASN A 69 -4.25 -5.65 -7.82
C ASN A 69 -4.72 -7.09 -7.93
N ARG A 70 -6.03 -7.27 -8.08
CA ARG A 70 -6.62 -8.59 -8.21
C ARG A 70 -5.99 -9.36 -9.36
N ARG A 71 -5.58 -8.63 -10.40
CA ARG A 71 -4.96 -9.24 -11.56
C ARG A 71 -3.68 -9.99 -11.18
N TYR A 72 -2.75 -9.26 -10.58
CA TYR A 72 -1.48 -9.85 -10.15
C TYR A 72 -1.50 -10.20 -8.67
N ASP A 73 -2.70 -10.39 -8.13
CA ASP A 73 -2.87 -10.74 -6.72
C ASP A 73 -2.63 -12.23 -6.51
N SER A 74 -3.46 -13.05 -7.14
CA SER A 74 -3.35 -14.50 -7.01
C SER A 74 -1.96 -14.98 -7.44
N GLU A 75 -1.32 -14.22 -8.32
CA GLU A 75 0.01 -14.56 -8.80
C GLU A 75 1.07 -14.18 -7.78
N PHE A 76 0.78 -13.17 -6.97
CA PHE A 76 1.71 -12.70 -5.95
C PHE A 76 1.52 -13.46 -4.65
N GLN A 77 0.27 -13.83 -4.37
CA GLN A 77 -0.05 -14.55 -3.15
C GLN A 77 0.50 -15.98 -3.19
N THR A 78 0.48 -16.57 -4.38
CA THR A 78 0.98 -17.93 -4.56
C THR A 78 2.42 -18.05 -4.11
N MET A 79 3.29 -17.21 -4.65
CA MET A 79 4.70 -17.22 -4.29
C MET A 79 4.91 -16.71 -2.87
N LEU A 80 4.13 -15.71 -2.49
CA LEU A 80 4.22 -15.14 -1.15
C LEU A 80 4.07 -16.22 -0.08
N GLN A 81 3.14 -17.14 -0.31
CA GLN A 81 2.90 -18.23 0.63
C GLN A 81 4.19 -18.99 0.94
N HIS A 82 5.13 -18.94 0.00
CA HIS A 82 6.41 -19.62 0.18
C HIS A 82 7.32 -18.84 1.11
N LEU A 83 7.32 -17.51 0.95
CA LEU A 83 8.15 -16.64 1.78
C LEU A 83 7.85 -16.85 3.26
N GLN A 84 6.64 -16.49 3.67
CA GLN A 84 6.23 -16.64 5.06
C GLN A 84 7.09 -15.77 5.99
N PRO A 85 7.02 -14.45 5.79
CA PRO A 85 7.78 -13.48 6.59
C PRO A 85 7.28 -13.41 8.03
N THR A 86 7.86 -12.49 8.80
CA THR A 86 7.47 -12.30 10.19
C THR A 86 7.40 -10.83 10.55
N ALA A 87 7.04 -10.55 11.80
CA ALA A 87 6.95 -9.18 12.28
C ALA A 87 8.32 -8.61 12.60
N GLU A 88 9.16 -9.44 13.21
CA GLU A 88 10.51 -9.01 13.57
C GLU A 88 11.36 -8.77 12.33
N ASN A 89 10.99 -9.43 11.23
CA ASN A 89 11.73 -9.29 9.98
C ASN A 89 10.86 -8.64 8.91
N ALA A 90 9.67 -8.19 9.31
CA ALA A 90 8.74 -7.56 8.39
C ALA A 90 9.44 -6.46 7.58
N TYR A 91 10.08 -5.54 8.28
CA TYR A 91 10.79 -4.44 7.63
C TYR A 91 11.95 -4.96 6.79
N GLU A 92 12.63 -5.98 7.29
CA GLU A 92 13.76 -6.57 6.59
C GLU A 92 13.35 -7.02 5.19
N TYR A 93 12.19 -7.66 5.09
CA TYR A 93 11.69 -8.14 3.81
C TYR A 93 11.03 -7.02 3.02
N PHE A 94 10.14 -6.28 3.69
CA PHE A 94 9.44 -5.18 3.06
C PHE A 94 10.42 -4.22 2.38
N THR A 95 11.43 -3.81 3.12
CA THR A 95 12.45 -2.90 2.57
C THR A 95 12.98 -3.40 1.24
N LYS A 96 13.14 -4.71 1.13
CA LYS A 96 13.65 -5.32 -0.10
C LYS A 96 12.62 -5.22 -1.22
N ILE A 97 11.38 -5.53 -0.90
CA ILE A 97 10.29 -5.47 -1.88
C ILE A 97 10.16 -4.07 -2.48
N ALA A 98 10.01 -3.09 -1.61
CA ALA A 98 9.88 -1.70 -2.04
C ALA A 98 11.11 -1.26 -2.83
N THR A 99 12.28 -1.40 -2.22
CA THR A 99 13.54 -1.02 -2.86
C THR A 99 13.65 -1.63 -4.25
N SER A 100 13.17 -2.85 -4.40
CA SER A 100 13.22 -3.55 -5.68
C SER A 100 12.26 -2.91 -6.68
N LEU A 101 11.07 -2.54 -6.20
CA LEU A 101 10.06 -1.93 -7.05
C LEU A 101 10.47 -0.52 -7.45
N PHE A 102 10.94 0.26 -6.48
CA PHE A 102 11.38 1.62 -6.72
C PHE A 102 12.88 1.69 -6.97
N GLU A 103 13.44 0.59 -7.47
CA GLU A 103 14.87 0.52 -7.74
C GLU A 103 15.21 1.24 -9.04
N SER A 104 14.22 1.37 -9.92
CA SER A 104 14.42 2.03 -11.20
C SER A 104 13.90 3.47 -11.16
N GLY A 105 12.58 3.62 -11.18
CA GLY A 105 11.98 4.94 -11.13
C GLY A 105 10.70 4.98 -10.33
N ILE A 106 10.32 6.15 -9.86
CA ILE A 106 9.11 6.32 -9.06
C ILE A 106 7.98 6.90 -9.91
N ASN A 107 6.78 6.36 -9.73
CA ASN A 107 5.61 6.82 -10.47
C ASN A 107 4.33 6.64 -9.65
N TRP A 108 3.29 7.35 -10.04
CA TRP A 108 2.00 7.26 -9.34
C TRP A 108 1.54 5.82 -9.22
N GLY A 109 1.47 5.12 -10.35
CA GLY A 109 1.03 3.73 -10.35
C GLY A 109 1.82 2.89 -9.36
N ARG A 110 3.13 3.10 -9.31
CA ARG A 110 3.99 2.35 -8.41
C ARG A 110 3.59 2.60 -6.95
N VAL A 111 3.45 3.87 -6.58
CA VAL A 111 3.08 4.25 -5.23
C VAL A 111 1.83 3.49 -4.78
N VAL A 112 0.92 3.27 -5.72
CA VAL A 112 -0.33 2.56 -5.42
C VAL A 112 -0.08 1.07 -5.22
N ALA A 113 0.64 0.47 -6.16
CA ALA A 113 0.96 -0.96 -6.08
C ALA A 113 1.64 -1.29 -4.76
N LEU A 114 2.53 -0.41 -4.32
CA LEU A 114 3.25 -0.63 -3.07
C LEU A 114 2.29 -0.94 -1.93
N LEU A 115 1.26 -0.12 -1.78
CA LEU A 115 0.27 -0.31 -0.73
C LEU A 115 -0.56 -1.57 -0.99
N GLY A 116 -0.95 -1.77 -2.25
CA GLY A 116 -1.74 -2.93 -2.60
C GLY A 116 -1.14 -4.22 -2.08
N PHE A 117 0.11 -4.47 -2.44
CA PHE A 117 0.80 -5.68 -2.01
C PHE A 117 1.18 -5.58 -0.53
N GLY A 118 1.43 -4.37 -0.07
CA GLY A 118 1.81 -4.17 1.32
C GLY A 118 0.84 -4.82 2.29
N TYR A 119 -0.45 -4.48 2.17
CA TYR A 119 -1.47 -5.03 3.04
C TYR A 119 -1.46 -6.56 2.99
N ARG A 120 -1.13 -7.10 1.82
CA ARG A 120 -1.08 -8.54 1.63
C ARG A 120 0.01 -9.17 2.49
N LEU A 121 1.25 -8.72 2.26
CA LEU A 121 2.39 -9.24 3.01
C LEU A 121 2.15 -9.15 4.51
N ALA A 122 1.49 -8.07 4.93
CA ALA A 122 1.19 -7.85 6.35
C ALA A 122 0.02 -8.72 6.79
N LEU A 123 -0.91 -8.95 5.87
CA LEU A 123 -2.09 -9.76 6.17
C LEU A 123 -1.75 -11.25 6.14
N HIS A 124 -0.57 -11.57 5.64
CA HIS A 124 -0.12 -12.95 5.55
C HIS A 124 0.89 -13.26 6.65
N VAL A 125 1.08 -12.31 7.56
CA VAL A 125 2.01 -12.49 8.67
C VAL A 125 1.31 -12.34 10.01
N TYR A 126 0.49 -11.30 10.14
CA TYR A 126 -0.24 -11.05 11.37
C TYR A 126 -1.32 -12.10 11.59
N GLN A 127 -1.80 -12.68 10.49
CA GLN A 127 -2.83 -13.70 10.56
C GLN A 127 -2.34 -14.93 11.32
N HIS A 128 -1.02 -15.05 11.44
CA HIS A 128 -0.41 -16.18 12.14
C HIS A 128 -0.77 -16.17 13.62
N GLY A 129 -1.02 -14.97 14.16
CA GLY A 129 -1.37 -14.84 15.56
C GLY A 129 -1.08 -13.46 16.10
N LEU A 130 -0.21 -12.73 15.42
CA LEU A 130 0.17 -11.38 15.84
C LEU A 130 -1.07 -10.55 16.16
N THR A 131 -0.91 -9.57 17.04
CA THR A 131 -2.01 -8.69 17.43
C THR A 131 -1.86 -7.31 16.82
N GLY A 132 -0.95 -6.52 17.38
CA GLY A 132 -0.73 -5.17 16.89
C GLY A 132 0.34 -5.12 15.82
N PHE A 133 -0.07 -5.23 14.56
CA PHE A 133 0.87 -5.20 13.44
C PHE A 133 0.58 -4.01 12.52
N LEU A 134 -0.66 -3.53 12.55
CA LEU A 134 -1.06 -2.41 11.72
C LEU A 134 -0.10 -1.24 11.88
N GLY A 135 0.14 -0.83 13.13
CA GLY A 135 1.05 0.26 13.39
C GLY A 135 2.44 0.02 12.81
N GLN A 136 2.89 -1.22 12.87
CA GLN A 136 4.20 -1.59 12.36
C GLN A 136 4.27 -1.41 10.85
N VAL A 137 3.32 -2.04 10.15
CA VAL A 137 3.27 -1.95 8.69
C VAL A 137 3.25 -0.50 8.23
N THR A 138 2.34 0.28 8.80
CA THR A 138 2.22 1.69 8.44
C THR A 138 3.50 2.45 8.75
N ARG A 139 4.10 2.14 9.90
CA ARG A 139 5.34 2.80 10.32
C ARG A 139 6.48 2.47 9.36
N PHE A 140 6.58 1.19 8.99
CA PHE A 140 7.63 0.74 8.08
C PHE A 140 7.50 1.43 6.73
N VAL A 141 6.29 1.46 6.18
CA VAL A 141 6.04 2.09 4.90
C VAL A 141 6.38 3.57 4.93
N VAL A 142 5.78 4.29 5.88
CA VAL A 142 6.02 5.72 6.03
C VAL A 142 7.51 6.01 6.21
N ASP A 143 8.17 5.17 7.00
CA ASP A 143 9.60 5.34 7.26
C ASP A 143 10.41 5.16 5.98
N PHE A 144 10.15 4.06 5.28
CA PHE A 144 10.87 3.77 4.04
C PHE A 144 10.57 4.83 2.98
N MET A 145 9.32 5.27 2.93
CA MET A 145 8.91 6.29 1.97
C MET A 145 9.70 7.58 2.15
N LEU A 146 9.73 8.07 3.39
CA LEU A 146 10.46 9.29 3.71
C LEU A 146 11.95 9.04 3.76
N HIS A 147 12.35 7.78 3.62
CA HIS A 147 13.76 7.41 3.65
C HIS A 147 14.29 7.16 2.24
N HIS A 148 13.37 6.92 1.30
CA HIS A 148 13.74 6.69 -0.08
C HIS A 148 13.40 7.89 -0.96
N CYS A 149 13.25 9.05 -0.33
CA CYS A 149 12.92 10.27 -1.05
C CYS A 149 11.55 10.17 -1.70
N ILE A 150 10.77 9.19 -1.26
CA ILE A 150 9.43 8.98 -1.81
C ILE A 150 8.49 10.13 -1.43
N ALA A 151 8.53 10.51 -0.15
CA ALA A 151 7.69 11.59 0.34
C ALA A 151 7.81 12.83 -0.53
N ARG A 152 9.05 13.28 -0.72
CA ARG A 152 9.31 14.46 -1.54
C ARG A 152 8.69 14.31 -2.92
N TRP A 153 8.86 13.13 -3.52
CA TRP A 153 8.32 12.87 -4.85
C TRP A 153 6.81 13.13 -4.89
N ILE A 154 6.09 12.51 -3.96
CA ILE A 154 4.64 12.68 -3.89
C ILE A 154 4.27 14.16 -3.76
N ALA A 155 4.94 14.85 -2.85
CA ALA A 155 4.68 16.27 -2.63
C ALA A 155 4.94 17.08 -3.89
N GLN A 156 5.90 16.62 -4.70
CA GLN A 156 6.24 17.31 -5.93
C GLN A 156 5.18 17.08 -6.99
N ARG A 157 4.63 15.87 -7.03
CA ARG A 157 3.59 15.53 -7.99
C ARG A 157 2.26 16.21 -7.64
N GLY A 158 2.18 16.72 -6.43
CA GLY A 158 0.97 17.38 -5.98
C GLY A 158 0.36 16.72 -4.76
N GLY A 159 1.21 16.18 -3.89
CA GLY A 159 0.74 15.52 -2.69
C GLY A 159 -0.30 14.46 -2.99
N TRP A 160 -0.89 13.89 -1.93
CA TRP A 160 -1.90 12.85 -2.09
C TRP A 160 -3.21 13.44 -2.57
N VAL A 161 -3.27 14.77 -2.66
CA VAL A 161 -4.47 15.46 -3.10
C VAL A 161 -4.61 15.38 -4.61
N ALA A 162 -3.63 14.74 -5.27
CA ALA A 162 -3.66 14.59 -6.71
C ALA A 162 -4.03 13.17 -7.11
N ALA A 163 -4.30 12.33 -6.11
CA ALA A 163 -4.67 10.94 -6.36
C ALA A 163 -6.12 10.83 -6.83
N LEU A 164 -6.94 11.79 -6.41
CA LEU A 164 -8.36 11.80 -6.78
C LEU A 164 -8.54 12.40 -8.17
N ASN A 165 -7.44 12.81 -8.78
CA ASN A 165 -7.47 13.41 -10.12
C ASN A 165 -7.02 12.42 -11.17
N LEU A 166 -6.90 11.15 -10.77
CA LEU A 166 -6.47 10.09 -11.68
C LEU A 166 -7.63 9.16 -12.02
N GLY A 167 -7.31 8.04 -12.66
CA GLY A 167 -8.35 7.08 -13.02
C GLY A 167 -9.39 7.67 -13.95
N ASN A 168 -10.55 7.99 -13.40
CA ASN A 168 -11.64 8.56 -14.19
C ASN A 168 -11.79 10.05 -13.90
N GLY A 169 -10.76 10.65 -13.33
CA GLY A 169 -10.79 12.07 -13.01
C GLY A 169 -11.62 12.36 -11.77
N GLU B 1 16.11 -16.73 -1.56
CA GLU B 1 16.32 -17.62 -2.69
C GLU B 1 15.00 -18.20 -3.19
N ASP B 2 14.74 -18.04 -4.49
CA ASP B 2 13.52 -18.54 -5.10
C ASP B 2 12.35 -17.61 -4.80
N ILE B 3 12.34 -17.04 -3.60
CA ILE B 3 11.28 -16.12 -3.19
C ILE B 3 11.78 -14.69 -3.16
N ILE B 4 12.97 -14.49 -2.60
CA ILE B 4 13.55 -13.16 -2.51
C ILE B 4 13.72 -12.54 -3.90
N ARG B 5 13.97 -13.37 -4.89
CA ARG B 5 14.14 -12.90 -6.26
C ARG B 5 12.82 -12.91 -7.01
N ASN B 6 11.90 -13.77 -6.57
CA ASN B 6 10.59 -13.87 -7.20
C ASN B 6 9.76 -12.62 -6.96
N ILE B 7 9.74 -12.17 -5.71
CA ILE B 7 8.99 -10.97 -5.36
C ILE B 7 9.31 -9.81 -6.28
N ALA B 8 10.55 -9.32 -6.20
CA ALA B 8 11.00 -8.22 -7.04
C ALA B 8 10.81 -8.53 -8.52
N ARG B 9 10.86 -9.82 -8.85
CA ARG B 9 10.69 -10.26 -10.23
C ARG B 9 9.24 -10.08 -10.69
N HIS B 10 8.31 -10.39 -9.80
CA HIS B 10 6.88 -10.27 -10.11
C HIS B 10 6.44 -8.81 -10.03
N LEU B 11 7.28 -7.97 -9.42
CA LEU B 11 6.97 -6.56 -9.28
C LEU B 11 7.45 -5.78 -10.50
N ALA B 12 7.51 -6.45 -11.64
CA ALA B 12 7.95 -5.80 -12.87
C ALA B 12 6.76 -5.30 -13.68
N VAL B 14 3.51 -4.57 -11.50
CA VAL B 14 2.45 -3.97 -10.70
C VAL B 14 2.59 -2.46 -10.64
N GLY B 15 3.82 -1.99 -10.79
CA GLY B 15 4.07 -0.56 -10.75
C GLY B 15 3.69 0.15 -12.04
N ASP B 16 4.24 -0.31 -13.15
CA ASP B 16 3.95 0.28 -14.45
C ASP B 16 2.44 0.38 -14.67
N ASP B 19 -0.31 2.92 -14.07
CA ASP B 19 0.05 4.30 -14.35
C ASP B 19 -0.42 4.71 -15.74
N ARG B 20 -0.55 3.73 -16.64
CA ARG B 20 -0.98 4.00 -18.01
C ARG B 20 -2.50 3.90 -18.11
N SER B 21 -3.13 3.30 -17.11
CA SER B 21 -4.58 3.14 -17.10
C SER B 21 -5.23 4.09 -16.09
N ILE B 22 -4.51 5.16 -15.76
CA ILE B 22 -5.01 6.16 -14.80
C ILE B 22 -5.11 7.53 -15.45
N ALA A 1 -1.40 21.52 -10.84
CA ALA A 1 -1.93 22.73 -10.24
C ALA A 1 -2.21 22.53 -8.75
N LEU A 2 -1.38 21.73 -8.10
CA LEU A 2 -1.55 21.45 -6.68
C LEU A 2 -0.67 22.37 -5.84
N PRO A 3 -1.03 22.52 -4.55
CA PRO A 3 -0.27 23.37 -3.62
C PRO A 3 1.09 22.78 -3.28
N SER A 4 1.77 23.42 -2.33
CA SER A 4 3.09 22.96 -1.90
C SER A 4 2.98 22.00 -0.72
N ALA A 5 4.06 21.30 -0.44
CA ALA A 5 4.09 20.34 0.67
C ALA A 5 5.47 19.71 0.83
N SER A 6 5.75 19.18 2.02
CA SER A 6 7.04 18.56 2.29
C SER A 6 6.84 17.13 2.81
N GLU A 7 7.94 16.38 2.84
CA GLU A 7 7.89 14.99 3.30
C GLU A 7 7.19 14.90 4.66
N GLU A 8 7.31 15.96 5.46
CA GLU A 8 6.69 15.99 6.78
C GLU A 8 5.19 15.71 6.68
N GLN A 9 4.51 16.46 5.81
CA GLN A 9 3.08 16.30 5.63
C GLN A 9 2.77 15.06 4.81
N VAL A 10 3.69 14.70 3.91
CA VAL A 10 3.52 13.53 3.06
C VAL A 10 3.40 12.26 3.89
N ALA A 11 4.19 12.18 4.97
CA ALA A 11 4.18 11.03 5.85
C ALA A 11 2.79 10.82 6.45
N GLN A 12 2.23 11.88 7.03
CA GLN A 12 0.91 11.81 7.65
C GLN A 12 -0.15 11.40 6.63
N ASP A 13 -0.10 12.03 5.46
CA ASP A 13 -1.06 11.73 4.40
C ASP A 13 -0.87 10.31 3.88
N THR A 14 0.37 9.85 3.87
CA THR A 14 0.69 8.50 3.40
C THR A 14 0.03 7.44 4.29
N GLU A 15 0.29 7.52 5.59
CA GLU A 15 -0.27 6.58 6.54
C GLU A 15 -1.80 6.61 6.50
N GLU A 16 -2.36 7.82 6.48
CA GLU A 16 -3.80 7.99 6.44
C GLU A 16 -4.39 7.40 5.16
N VAL A 17 -3.82 7.77 4.03
CA VAL A 17 -4.29 7.28 2.74
C VAL A 17 -4.12 5.77 2.63
N PHE A 18 -3.03 5.26 3.20
CA PHE A 18 -2.75 3.84 3.17
C PHE A 18 -3.81 3.05 3.92
N ARG A 19 -4.21 3.57 5.08
CA ARG A 19 -5.23 2.92 5.90
C ARG A 19 -6.58 2.93 5.19
N SER A 20 -6.99 4.09 4.72
CA SER A 20 -8.27 4.24 4.02
C SER A 20 -8.26 3.47 2.70
N TYR A 21 -7.10 3.45 2.05
CA TYR A 21 -6.95 2.76 0.78
C TYR A 21 -7.18 1.25 0.95
N VAL A 22 -6.36 0.63 1.78
CA VAL A 22 -6.47 -0.81 2.03
C VAL A 22 -7.85 -1.17 2.56
N PHE A 23 -8.40 -0.32 3.41
CA PHE A 23 -9.72 -0.54 3.98
C PHE A 23 -10.80 -0.43 2.92
N TYR A 24 -10.66 0.56 2.04
CA TYR A 24 -11.63 0.78 0.97
C TYR A 24 -11.58 -0.36 -0.05
N ARG A 25 -10.38 -0.69 -0.49
CA ARG A 25 -10.21 -1.77 -1.47
C ARG A 25 -10.77 -3.08 -0.95
N HIS A 26 -10.42 -3.43 0.29
CA HIS A 26 -10.90 -4.66 0.91
C HIS A 26 -12.41 -4.62 1.09
N GLN A 27 -12.93 -3.47 1.49
CA GLN A 27 -14.36 -3.29 1.70
C GLN A 27 -15.15 -3.71 0.47
N GLN A 28 -14.82 -3.10 -0.67
CA GLN A 28 -15.50 -3.41 -1.93
C GLN A 28 -15.12 -4.80 -2.41
N GLU A 29 -13.83 -5.11 -2.40
CA GLU A 29 -13.34 -6.41 -2.84
C GLU A 29 -14.07 -7.54 -2.12
N GLN A 30 -14.55 -7.25 -0.92
CA GLN A 30 -15.26 -8.24 -0.12
C GLN A 30 -16.38 -8.89 -0.93
N GLU A 31 -16.94 -8.13 -1.87
CA GLU A 31 -18.01 -8.63 -2.71
C GLU A 31 -17.54 -9.80 -3.56
N ALA A 32 -16.32 -9.70 -4.08
CA ALA A 32 -15.75 -10.75 -4.91
C ALA A 32 -15.10 -11.83 -4.05
N GLU A 33 -14.12 -11.44 -3.25
CA GLU A 33 -13.42 -12.38 -2.38
C GLU A 33 -12.57 -11.64 -1.35
N GLY A 34 -11.82 -12.40 -0.56
CA GLY A 34 -10.98 -11.79 0.47
C GLY A 34 -11.02 -12.57 1.77
N VAL A 35 -10.86 -13.89 1.68
CA VAL A 35 -10.87 -14.74 2.87
C VAL A 35 -10.00 -14.16 3.97
N ALA A 36 -10.57 -14.02 5.15
CA ALA A 36 -9.84 -13.48 6.30
C ALA A 36 -9.45 -12.03 6.07
N ALA A 37 -10.33 -11.29 5.40
CA ALA A 37 -10.07 -9.87 5.12
C ALA A 37 -10.17 -9.03 6.38
N PRO A 38 -9.60 -7.82 6.33
CA PRO A 38 -9.61 -6.89 7.46
C PRO A 38 -11.00 -6.33 7.75
N ALA A 39 -11.26 -6.02 9.02
CA ALA A 39 -12.55 -5.48 9.42
C ALA A 39 -12.59 -5.23 10.92
N ASP A 40 -12.75 -6.30 11.69
CA ASP A 40 -12.80 -6.19 13.15
C ASP A 40 -11.68 -6.99 13.80
N PRO A 41 -10.45 -6.47 13.70
CA PRO A 41 -9.26 -7.11 14.27
C PRO A 41 -9.27 -7.09 15.80
N GLU A 42 -9.52 -5.91 16.36
CA GLU A 42 -9.55 -5.75 17.82
C GLU A 42 -9.91 -4.32 18.20
N MET A 43 -9.68 -3.98 19.47
CA MET A 43 -9.97 -2.64 19.96
C MET A 43 -9.34 -1.58 19.06
N VAL A 44 -8.22 -1.94 18.43
CA VAL A 44 -7.52 -1.01 17.54
C VAL A 44 -8.34 -0.72 16.29
N THR A 45 -8.88 -1.79 15.69
CA THR A 45 -9.68 -1.64 14.47
C THR A 45 -8.95 -0.79 13.44
N LEU A 46 -9.70 -0.34 12.43
CA LEU A 46 -9.14 0.49 11.37
C LEU A 46 -9.62 1.94 11.49
N PRO A 47 -8.94 2.72 12.35
CA PRO A 47 -9.27 4.13 12.58
C PRO A 47 -8.94 4.99 11.37
N LEU A 48 -9.79 4.92 10.34
CA LEU A 48 -9.59 5.70 9.13
C LEU A 48 -10.29 7.05 9.23
N GLN A 49 -9.82 8.02 8.45
CA GLN A 49 -10.41 9.36 8.45
C GLN A 49 -11.05 9.67 7.11
N PRO A 50 -12.23 9.07 6.86
CA PRO A 50 -12.97 9.26 5.61
C PRO A 50 -13.56 10.67 5.50
N SER A 51 -13.47 11.42 6.59
CA SER A 51 -14.00 12.78 6.63
C SER A 51 -13.00 13.77 6.01
N SER A 52 -11.76 13.31 5.83
CA SER A 52 -10.71 14.16 5.28
C SER A 52 -10.47 13.81 3.81
N THR A 53 -9.86 14.73 3.08
CA THR A 53 -9.57 14.53 1.67
C THR A 53 -8.80 13.23 1.44
N MET A 54 -7.84 12.96 2.33
CA MET A 54 -7.03 11.75 2.22
C MET A 54 -7.92 10.51 2.16
N GLY A 55 -9.11 10.62 2.75
CA GLY A 55 -10.03 9.49 2.75
C GLY A 55 -10.58 9.19 1.37
N GLN A 56 -10.88 10.24 0.60
CA GLN A 56 -11.42 10.08 -0.74
C GLN A 56 -10.34 9.56 -1.69
N VAL A 57 -9.08 9.72 -1.31
CA VAL A 57 -7.96 9.28 -2.12
C VAL A 57 -7.98 7.76 -2.30
N GLY A 58 -8.03 7.05 -1.17
CA GLY A 58 -8.06 5.60 -1.22
C GLY A 58 -9.14 5.06 -2.14
N ARG A 59 -10.21 5.83 -2.31
CA ARG A 59 -11.31 5.42 -3.17
C ARG A 59 -10.87 5.32 -4.61
N GLN A 60 -10.30 6.40 -5.14
CA GLN A 60 -9.83 6.44 -6.51
C GLN A 60 -8.71 5.43 -6.73
N LEU A 61 -7.69 5.49 -5.88
CA LEU A 61 -6.55 4.59 -5.97
C LEU A 61 -7.01 3.14 -6.00
N ALA A 62 -7.92 2.79 -5.10
CA ALA A 62 -8.45 1.44 -5.02
C ALA A 62 -9.08 1.02 -6.35
N ILE A 63 -9.60 2.00 -7.09
CA ILE A 63 -10.23 1.73 -8.37
C ILE A 63 -9.18 1.44 -9.45
N ILE A 64 -8.22 2.34 -9.58
CA ILE A 64 -7.16 2.18 -10.58
C ILE A 64 -6.24 1.03 -10.21
N GLY A 65 -6.33 0.57 -8.97
CA GLY A 65 -5.50 -0.53 -8.51
C GLY A 65 -6.30 -1.79 -8.23
N ASP A 66 -7.61 -1.70 -8.41
CA ASP A 66 -8.49 -2.85 -8.18
C ASP A 66 -8.17 -3.99 -9.14
N ASP A 67 -8.54 -3.81 -10.40
CA ASP A 67 -8.29 -4.82 -11.42
C ASP A 67 -6.81 -5.20 -11.47
N ILE A 68 -5.95 -4.19 -11.41
CA ILE A 68 -4.50 -4.41 -11.44
C ILE A 68 -4.08 -5.39 -10.35
N ASN A 69 -4.54 -5.15 -9.14
CA ASN A 69 -4.21 -6.02 -8.01
C ASN A 69 -4.71 -7.44 -8.25
N ARG A 70 -6.03 -7.60 -8.33
CA ARG A 70 -6.62 -8.91 -8.55
C ARG A 70 -6.02 -9.58 -9.78
N ARG A 71 -5.47 -8.77 -10.69
CA ARG A 71 -4.86 -9.28 -11.90
C ARG A 71 -3.55 -9.99 -11.60
N TYR A 72 -2.62 -9.27 -10.99
CA TYR A 72 -1.32 -9.83 -10.64
C TYR A 72 -1.18 -10.01 -9.13
N ASP A 73 -1.43 -8.93 -8.39
CA ASP A 73 -1.34 -8.97 -6.93
C ASP A 73 -2.05 -10.20 -6.38
N SER A 74 -3.07 -10.65 -7.09
CA SER A 74 -3.83 -11.83 -6.66
C SER A 74 -2.94 -13.05 -6.56
N GLU A 75 -2.24 -13.35 -7.66
CA GLU A 75 -1.34 -14.50 -7.69
C GLU A 75 -0.10 -14.25 -6.84
N PHE A 76 0.25 -12.98 -6.67
CA PHE A 76 1.42 -12.61 -5.87
C PHE A 76 1.37 -13.28 -4.50
N GLN A 77 0.19 -13.36 -3.92
CA GLN A 77 0.01 -13.98 -2.61
C GLN A 77 0.41 -15.45 -2.65
N THR A 78 0.20 -16.09 -3.79
CA THR A 78 0.54 -17.50 -3.96
C THR A 78 2.01 -17.75 -3.63
N MET A 79 2.89 -17.03 -4.32
CA MET A 79 4.32 -17.17 -4.12
C MET A 79 4.75 -16.53 -2.79
N LEU A 80 4.01 -15.52 -2.38
CA LEU A 80 4.32 -14.81 -1.13
C LEU A 80 4.23 -15.76 0.06
N GLN A 81 3.24 -16.66 0.03
CA GLN A 81 3.05 -17.62 1.11
C GLN A 81 4.27 -18.52 1.26
N HIS A 82 5.01 -18.69 0.17
CA HIS A 82 6.20 -19.53 0.18
C HIS A 82 7.27 -18.93 1.08
N LEU A 83 7.57 -17.65 0.87
CA LEU A 83 8.58 -16.96 1.66
C LEU A 83 8.33 -17.14 3.16
N GLN A 84 7.05 -17.04 3.55
CA GLN A 84 6.67 -17.20 4.95
C GLN A 84 7.39 -16.17 5.82
N PRO A 85 7.12 -14.88 5.58
CA PRO A 85 7.72 -13.79 6.34
C PRO A 85 7.22 -13.73 7.77
N THR A 86 7.78 -12.81 8.55
CA THR A 86 7.39 -12.64 9.95
C THR A 86 7.30 -11.17 10.32
N ALA A 87 6.85 -10.90 11.54
CA ALA A 87 6.72 -9.53 12.02
C ALA A 87 8.08 -8.93 12.34
N GLU A 88 9.04 -9.79 12.66
CA GLU A 88 10.38 -9.35 12.99
C GLU A 88 11.18 -9.00 11.73
N ASN A 89 10.97 -9.78 10.68
CA ASN A 89 11.66 -9.55 9.41
C ASN A 89 10.73 -8.90 8.39
N ALA A 90 9.57 -8.45 8.86
CA ALA A 90 8.59 -7.81 8.00
C ALA A 90 9.24 -6.67 7.20
N TYR A 91 9.90 -5.77 7.91
CA TYR A 91 10.56 -4.63 7.26
C TYR A 91 11.75 -5.09 6.43
N GLU A 92 12.46 -6.10 6.94
CA GLU A 92 13.62 -6.64 6.24
C GLU A 92 13.26 -7.04 4.81
N TYR A 93 12.19 -7.81 4.67
CA TYR A 93 11.74 -8.27 3.36
C TYR A 93 11.02 -7.16 2.61
N PHE A 94 10.13 -6.46 3.31
CA PHE A 94 9.37 -5.38 2.72
C PHE A 94 10.29 -4.38 2.03
N THR A 95 11.34 -3.95 2.74
CA THR A 95 12.29 -3.00 2.19
C THR A 95 12.81 -3.45 0.83
N LYS A 96 12.99 -4.75 0.68
CA LYS A 96 13.47 -5.32 -0.57
C LYS A 96 12.41 -5.21 -1.67
N ILE A 97 11.18 -5.55 -1.30
CA ILE A 97 10.07 -5.50 -2.25
C ILE A 97 9.93 -4.11 -2.86
N ALA A 98 9.83 -3.09 -2.00
CA ALA A 98 9.70 -1.72 -2.46
C ALA A 98 10.93 -1.28 -3.26
N THR A 99 12.10 -1.44 -2.65
CA THR A 99 13.35 -1.06 -3.29
C THR A 99 13.44 -1.64 -4.71
N SER A 100 12.99 -2.88 -4.86
CA SER A 100 13.02 -3.54 -6.15
C SER A 100 11.93 -3.00 -7.07
N LEU A 101 10.81 -2.59 -6.48
CA LEU A 101 9.70 -2.05 -7.24
C LEU A 101 10.03 -0.66 -7.78
N PHE A 102 10.41 0.24 -6.88
CA PHE A 102 10.75 1.61 -7.26
C PHE A 102 12.22 1.71 -7.67
N GLU A 103 12.87 0.56 -7.78
CA GLU A 103 14.27 0.50 -8.17
C GLU A 103 14.51 1.32 -9.44
N SER A 104 13.65 1.12 -10.44
CA SER A 104 13.77 1.83 -11.70
C SER A 104 13.43 3.30 -11.54
N GLY A 105 12.17 3.57 -11.19
CA GLY A 105 11.72 4.93 -11.01
C GLY A 105 10.46 5.03 -10.18
N ILE A 106 10.06 6.25 -9.86
CA ILE A 106 8.85 6.48 -9.05
C ILE A 106 7.69 6.96 -9.93
N ASN A 107 6.52 6.38 -9.70
CA ASN A 107 5.34 6.75 -10.46
C ASN A 107 4.07 6.48 -9.65
N TRP A 108 3.00 7.21 -9.97
CA TRP A 108 1.73 7.05 -9.27
C TRP A 108 1.33 5.59 -9.20
N GLY A 109 1.37 4.91 -10.34
CA GLY A 109 1.00 3.50 -10.39
C GLY A 109 1.78 2.67 -9.39
N ARG A 110 3.08 2.92 -9.31
CA ARG A 110 3.94 2.19 -8.39
C ARG A 110 3.55 2.46 -6.94
N VAL A 111 3.12 3.68 -6.67
CA VAL A 111 2.71 4.08 -5.32
C VAL A 111 1.49 3.28 -4.87
N VAL A 112 0.42 3.35 -5.66
CA VAL A 112 -0.81 2.63 -5.34
C VAL A 112 -0.56 1.14 -5.20
N ALA A 113 0.25 0.58 -6.09
CA ALA A 113 0.58 -0.83 -6.06
C ALA A 113 1.26 -1.21 -4.74
N LEU A 114 2.18 -0.36 -4.29
CA LEU A 114 2.91 -0.60 -3.06
C LEU A 114 1.94 -0.90 -1.91
N LEU A 115 0.92 -0.07 -1.77
CA LEU A 115 -0.06 -0.23 -0.71
C LEU A 115 -0.88 -1.51 -0.94
N GLY A 116 -1.32 -1.71 -2.18
CA GLY A 116 -2.11 -2.89 -2.50
C GLY A 116 -1.48 -4.16 -1.97
N PHE A 117 -0.22 -4.38 -2.31
CA PHE A 117 0.50 -5.57 -1.85
C PHE A 117 0.99 -5.40 -0.42
N GLY A 118 1.14 -4.16 0.00
CA GLY A 118 1.61 -3.88 1.35
C GLY A 118 0.75 -4.54 2.41
N TYR A 119 -0.55 -4.29 2.35
CA TYR A 119 -1.49 -4.86 3.32
C TYR A 119 -1.53 -6.37 3.20
N ARG A 120 -1.37 -6.88 1.97
CA ARG A 120 -1.38 -8.31 1.73
C ARG A 120 -0.21 -9.00 2.41
N LEU A 121 0.99 -8.50 2.16
CA LEU A 121 2.20 -9.07 2.76
C LEU A 121 2.17 -8.93 4.28
N ALA A 122 1.67 -7.80 4.76
CA ALA A 122 1.58 -7.55 6.20
C ALA A 122 0.50 -8.42 6.84
N LEU A 123 -0.55 -8.70 6.08
CA LEU A 123 -1.66 -9.51 6.57
C LEU A 123 -1.25 -10.98 6.63
N HIS A 124 -0.43 -11.41 5.69
CA HIS A 124 0.03 -12.79 5.64
C HIS A 124 0.72 -13.18 6.94
N VAL A 125 1.27 -12.18 7.64
CA VAL A 125 1.96 -12.42 8.89
C VAL A 125 1.11 -11.98 10.08
N TYR A 126 0.30 -10.95 9.87
CA TYR A 126 -0.57 -10.44 10.93
C TYR A 126 -1.71 -11.41 11.21
N GLN A 127 -2.10 -12.17 10.20
CA GLN A 127 -3.18 -13.13 10.35
C GLN A 127 -2.72 -14.35 11.15
N HIS A 128 -1.41 -14.61 11.13
CA HIS A 128 -0.85 -15.74 11.85
C HIS A 128 -1.18 -15.65 13.34
N GLY A 129 -1.37 -14.43 13.83
CA GLY A 129 -1.68 -14.23 15.23
C GLY A 129 -0.86 -13.14 15.87
N LEU A 130 -1.18 -11.88 15.54
CA LEU A 130 -0.46 -10.74 16.08
C LEU A 130 -1.41 -9.78 16.79
N THR A 131 -2.50 -9.42 16.10
CA THR A 131 -3.48 -8.52 16.68
C THR A 131 -2.82 -7.23 17.18
N GLY A 132 -1.83 -6.75 16.43
CA GLY A 132 -1.14 -5.53 16.83
C GLY A 132 0.08 -5.26 15.96
N PHE A 133 -0.11 -5.30 14.65
CA PHE A 133 0.99 -5.06 13.72
C PHE A 133 0.66 -3.89 12.80
N LEU A 134 -0.56 -3.38 12.91
CA LEU A 134 -1.00 -2.26 12.09
C LEU A 134 0.02 -1.11 12.13
N GLY A 135 0.36 -0.68 13.34
CA GLY A 135 1.32 0.41 13.50
C GLY A 135 2.64 0.10 12.83
N GLN A 136 3.10 -1.15 12.97
CA GLN A 136 4.36 -1.56 12.38
C GLN A 136 4.36 -1.36 10.87
N VAL A 137 3.34 -1.91 10.22
CA VAL A 137 3.22 -1.78 8.76
C VAL A 137 3.17 -0.32 8.34
N THR A 138 2.25 0.44 8.94
CA THR A 138 2.09 1.85 8.63
C THR A 138 3.42 2.60 8.78
N ARG A 139 4.18 2.22 9.80
CA ARG A 139 5.48 2.85 10.05
C ARG A 139 6.49 2.46 8.98
N PHE A 140 6.61 1.15 8.74
CA PHE A 140 7.55 0.64 7.75
C PHE A 140 7.38 1.36 6.42
N VAL A 141 6.12 1.62 6.05
CA VAL A 141 5.82 2.30 4.80
C VAL A 141 6.19 3.78 4.87
N VAL A 142 5.65 4.47 5.87
CA VAL A 142 5.92 5.88 6.05
C VAL A 142 7.42 6.15 6.13
N ASP A 143 8.11 5.41 6.99
CA ASP A 143 9.55 5.57 7.17
C ASP A 143 10.28 5.28 5.87
N PHE A 144 9.98 4.14 5.26
CA PHE A 144 10.61 3.75 4.00
C PHE A 144 10.42 4.82 2.94
N MET A 145 9.16 5.21 2.73
CA MET A 145 8.84 6.22 1.73
C MET A 145 9.66 7.50 1.96
N LEU A 146 9.72 7.95 3.20
CA LEU A 146 10.48 9.14 3.56
C LEU A 146 11.98 8.85 3.58
N HIS A 147 12.33 7.58 3.38
CA HIS A 147 13.73 7.18 3.37
C HIS A 147 14.11 6.58 2.02
N HIS A 148 13.38 6.95 0.98
CA HIS A 148 13.65 6.46 -0.36
C HIS A 148 13.36 7.52 -1.40
N CYS A 149 13.32 8.78 -0.98
CA CYS A 149 13.05 9.89 -1.87
C CYS A 149 11.64 9.79 -2.46
N ILE A 150 10.80 8.99 -1.81
CA ILE A 150 9.43 8.80 -2.26
C ILE A 150 8.54 9.97 -1.83
N ALA A 151 8.64 10.34 -0.55
CA ALA A 151 7.85 11.44 -0.01
C ALA A 151 7.96 12.68 -0.89
N ARG A 152 9.20 13.08 -1.18
CA ARG A 152 9.45 14.26 -2.01
C ARG A 152 8.72 14.14 -3.35
N TRP A 153 8.81 12.95 -3.95
CA TRP A 153 8.16 12.70 -5.23
C TRP A 153 6.67 13.01 -5.16
N ILE A 154 5.99 12.39 -4.20
CA ILE A 154 4.55 12.60 -4.04
C ILE A 154 4.23 14.08 -3.87
N ALA A 155 5.00 14.76 -3.03
CA ALA A 155 4.80 16.18 -2.78
C ALA A 155 4.97 16.99 -4.06
N GLN A 156 5.86 16.52 -4.93
CA GLN A 156 6.12 17.21 -6.20
C GLN A 156 4.96 17.02 -7.17
N ARG A 157 4.37 15.82 -7.15
CA ARG A 157 3.26 15.51 -8.03
C ARG A 157 1.98 16.21 -7.56
N GLY A 158 2.06 16.83 -6.38
CA GLY A 158 0.90 17.53 -5.84
C GLY A 158 0.35 16.85 -4.60
N GLY A 159 1.24 16.24 -3.82
CA GLY A 159 0.81 15.56 -2.61
C GLY A 159 -0.30 14.55 -2.86
N TRP A 160 -0.82 13.97 -1.79
CA TRP A 160 -1.89 12.99 -1.89
C TRP A 160 -3.20 13.66 -2.29
N VAL A 161 -3.20 14.99 -2.29
CA VAL A 161 -4.40 15.75 -2.66
C VAL A 161 -4.64 15.71 -4.15
N ALA A 162 -3.70 15.11 -4.88
CA ALA A 162 -3.82 15.00 -6.33
C ALA A 162 -4.20 13.58 -6.75
N ALA A 163 -4.40 12.71 -5.77
CA ALA A 163 -4.77 11.33 -6.03
C ALA A 163 -6.24 11.21 -6.39
N LEU A 164 -7.05 12.10 -5.82
CA LEU A 164 -8.49 12.10 -6.08
C LEU A 164 -8.80 12.65 -7.46
N ASN A 165 -7.76 13.11 -8.15
CA ASN A 165 -7.92 13.67 -9.50
C ASN A 165 -7.40 12.70 -10.55
N LEU A 166 -6.80 11.60 -10.10
CA LEU A 166 -6.28 10.58 -11.00
C LEU A 166 -7.37 9.66 -11.49
N GLY A 167 -7.01 8.71 -12.35
CA GLY A 167 -7.99 7.77 -12.88
C GLY A 167 -9.14 8.46 -13.57
N ASN A 168 -10.33 8.36 -12.98
CA ASN A 168 -11.52 8.98 -13.55
C ASN A 168 -11.49 10.49 -13.36
N GLY A 169 -10.51 10.97 -12.59
CA GLY A 169 -10.39 12.39 -12.36
C GLY A 169 -9.73 13.12 -13.52
N GLU B 1 16.88 -17.01 0.21
CA GLU B 1 17.46 -16.05 -0.72
C GLU B 1 16.81 -16.19 -2.11
N ASP B 2 16.58 -17.42 -2.52
CA ASP B 2 15.96 -17.68 -3.83
C ASP B 2 14.57 -17.06 -3.91
N ILE B 3 13.86 -17.07 -2.79
CA ILE B 3 12.52 -16.50 -2.73
C ILE B 3 12.57 -14.98 -2.78
N ILE B 4 13.71 -14.41 -2.44
CA ILE B 4 13.89 -12.96 -2.45
C ILE B 4 13.88 -12.42 -3.86
N ARG B 5 14.52 -13.14 -4.78
CA ARG B 5 14.60 -12.73 -6.17
C ARG B 5 13.28 -13.02 -6.89
N ASN B 6 12.50 -13.95 -6.35
CA ASN B 6 11.23 -14.32 -6.94
C ASN B 6 10.21 -13.19 -6.80
N ILE B 7 10.10 -12.64 -5.60
CA ILE B 7 9.17 -11.55 -5.34
C ILE B 7 9.35 -10.41 -6.35
N ALA B 8 10.48 -9.72 -6.27
CA ALA B 8 10.77 -8.62 -7.17
C ALA B 8 10.58 -9.05 -8.62
N ARG B 9 10.92 -10.30 -8.92
CA ARG B 9 10.79 -10.84 -10.27
C ARG B 9 9.33 -10.87 -10.71
N HIS B 10 8.44 -11.21 -9.77
CA HIS B 10 7.01 -11.27 -10.07
C HIS B 10 6.38 -9.89 -10.03
N LEU B 11 6.97 -9.00 -9.22
CA LEU B 11 6.46 -7.64 -9.09
C LEU B 11 7.10 -6.72 -10.13
N ALA B 12 7.27 -7.25 -11.34
CA ALA B 12 7.86 -6.47 -12.44
C ALA B 12 6.78 -5.80 -13.28
N VAL B 14 3.40 -4.92 -11.45
CA VAL B 14 2.29 -4.30 -10.73
C VAL B 14 2.46 -2.79 -10.65
N GLY B 15 3.70 -2.35 -10.46
CA GLY B 15 3.97 -0.92 -10.37
C GLY B 15 3.76 -0.21 -11.69
N ASP B 16 4.39 -0.72 -12.74
CA ASP B 16 4.27 -0.13 -14.07
C ASP B 16 2.81 0.07 -14.44
N ASP B 19 0.16 2.70 -13.98
CA ASP B 19 0.63 4.07 -14.11
C ASP B 19 0.31 4.62 -15.50
N ARG B 20 0.18 3.73 -16.47
CA ARG B 20 -0.12 4.13 -17.84
C ARG B 20 -1.62 4.29 -18.04
N SER B 21 -2.41 3.61 -17.21
CA SER B 21 -3.86 3.68 -17.30
C SER B 21 -4.43 4.51 -16.16
N ILE B 22 -3.79 5.64 -15.87
CA ILE B 22 -4.24 6.52 -14.79
C ILE B 22 -4.86 7.79 -15.35
N ALA A 1 -2.61 24.00 -11.20
CA ALA A 1 -3.09 24.96 -10.21
C ALA A 1 -3.33 24.27 -8.87
N LEU A 2 -2.48 23.30 -8.55
CA LEU A 2 -2.61 22.57 -7.29
C LEU A 2 -1.68 23.15 -6.22
N PRO A 3 -1.98 22.88 -4.95
CA PRO A 3 -1.19 23.36 -3.82
C PRO A 3 0.17 22.69 -3.74
N SER A 4 0.89 22.96 -2.65
CA SER A 4 2.21 22.38 -2.45
C SER A 4 2.32 21.69 -1.09
N ALA A 5 3.09 20.63 -1.04
CA ALA A 5 3.28 19.87 0.21
C ALA A 5 4.72 19.42 0.37
N SER A 6 5.13 19.20 1.61
CA SER A 6 6.49 18.76 1.91
C SER A 6 6.50 17.33 2.45
N GLU A 7 7.68 16.72 2.48
CA GLU A 7 7.83 15.36 2.98
C GLU A 7 7.18 15.21 4.35
N GLU A 8 7.25 16.27 5.15
CA GLU A 8 6.68 16.26 6.50
C GLU A 8 5.19 15.91 6.44
N GLN A 9 4.45 16.64 5.62
CA GLN A 9 3.02 16.42 5.47
C GLN A 9 2.74 15.16 4.66
N VAL A 10 3.67 14.82 3.77
CA VAL A 10 3.53 13.64 2.92
C VAL A 10 3.44 12.37 3.77
N ALA A 11 4.32 12.26 4.75
CA ALA A 11 4.35 11.10 5.63
C ALA A 11 2.99 10.88 6.28
N GLN A 12 2.47 11.93 6.91
CA GLN A 12 1.17 11.85 7.58
C GLN A 12 0.08 11.42 6.61
N ASP A 13 0.06 12.03 5.43
CA ASP A 13 -0.92 11.71 4.41
C ASP A 13 -0.75 10.28 3.91
N THR A 14 0.49 9.81 3.90
CA THR A 14 0.79 8.45 3.46
C THR A 14 0.14 7.41 4.36
N GLU A 15 0.43 7.52 5.66
CA GLU A 15 -0.14 6.59 6.64
C GLU A 15 -1.65 6.65 6.64
N GLU A 16 -2.19 7.87 6.61
CA GLU A 16 -3.63 8.06 6.62
C GLU A 16 -4.27 7.47 5.35
N VAL A 17 -3.75 7.87 4.20
CA VAL A 17 -4.25 7.38 2.92
C VAL A 17 -4.08 5.87 2.80
N PHE A 18 -3.00 5.36 3.37
CA PHE A 18 -2.72 3.93 3.33
C PHE A 18 -3.80 3.14 4.06
N ARG A 19 -4.11 3.56 5.28
CA ARG A 19 -5.13 2.89 6.08
C ARG A 19 -6.50 2.97 5.40
N SER A 20 -6.86 4.18 4.96
CA SER A 20 -8.14 4.38 4.30
C SER A 20 -8.20 3.63 2.98
N TYR A 21 -7.07 3.57 2.29
CA TYR A 21 -6.99 2.88 1.01
C TYR A 21 -7.29 1.39 1.17
N VAL A 22 -6.50 0.71 1.99
CA VAL A 22 -6.69 -0.71 2.23
C VAL A 22 -8.06 -0.99 2.82
N PHE A 23 -8.55 -0.08 3.64
CA PHE A 23 -9.86 -0.23 4.27
C PHE A 23 -10.98 -0.03 3.24
N TYR A 24 -10.73 0.83 2.26
CA TYR A 24 -11.71 1.12 1.23
C TYR A 24 -11.82 -0.04 0.24
N ARG A 25 -10.68 -0.62 -0.10
CA ARG A 25 -10.64 -1.75 -1.03
C ARG A 25 -11.15 -3.02 -0.37
N HIS A 26 -10.90 -3.15 0.92
CA HIS A 26 -11.34 -4.32 1.68
C HIS A 26 -12.85 -4.28 1.91
N GLN A 27 -13.35 -3.10 2.29
CA GLN A 27 -14.78 -2.93 2.55
C GLN A 27 -15.60 -3.42 1.37
N GLN A 28 -15.16 -3.09 0.17
CA GLN A 28 -15.87 -3.50 -1.04
C GLN A 28 -15.70 -4.99 -1.29
N GLU A 29 -14.59 -5.55 -0.81
CA GLU A 29 -14.30 -6.97 -0.99
C GLU A 29 -15.20 -7.82 -0.10
N GLN A 30 -15.60 -7.25 1.04
CA GLN A 30 -16.46 -7.96 1.98
C GLN A 30 -17.76 -8.41 1.32
N GLU A 31 -18.45 -7.46 0.68
CA GLU A 31 -19.70 -7.76 0.01
C GLU A 31 -19.50 -8.80 -1.09
N ALA A 32 -18.25 -8.93 -1.55
CA ALA A 32 -17.93 -9.89 -2.59
C ALA A 32 -17.73 -11.28 -2.02
N GLU A 33 -16.79 -11.41 -1.08
CA GLU A 33 -16.51 -12.70 -0.45
C GLU A 33 -16.20 -12.51 1.03
N GLY A 34 -15.91 -13.62 1.71
CA GLY A 34 -15.61 -13.57 3.13
C GLY A 34 -14.37 -14.38 3.49
N VAL A 35 -13.31 -14.20 2.72
CA VAL A 35 -12.07 -14.92 2.96
C VAL A 35 -10.91 -13.96 3.20
N ALA A 36 -10.08 -14.28 4.19
CA ALA A 36 -8.93 -13.45 4.52
C ALA A 36 -9.37 -12.03 4.91
N ALA A 37 -10.32 -11.95 5.83
CA ALA A 37 -10.83 -10.67 6.29
C ALA A 37 -10.04 -10.17 7.49
N PRO A 38 -10.13 -8.85 7.74
CA PRO A 38 -9.42 -8.21 8.86
C PRO A 38 -9.98 -8.62 10.22
N ALA A 39 -9.30 -8.23 11.28
CA ALA A 39 -9.73 -8.55 12.64
C ALA A 39 -9.73 -7.31 13.52
N ASP A 40 -9.92 -7.51 14.81
CA ASP A 40 -9.93 -6.41 15.76
C ASP A 40 -11.08 -5.45 15.46
N PRO A 41 -12.32 -5.88 15.79
CA PRO A 41 -13.52 -5.08 15.55
C PRO A 41 -13.59 -3.87 16.48
N GLU A 42 -13.19 -2.71 15.96
CA GLU A 42 -13.21 -1.48 16.75
C GLU A 42 -13.24 -0.25 15.83
N MET A 43 -14.00 0.76 16.24
CA MET A 43 -14.11 1.99 15.46
C MET A 43 -12.85 2.84 15.60
N VAL A 44 -12.09 2.58 16.65
CA VAL A 44 -10.86 3.32 16.89
C VAL A 44 -9.65 2.58 16.33
N THR A 45 -9.79 1.27 16.15
CA THR A 45 -8.71 0.45 15.61
C THR A 45 -8.17 1.03 14.31
N LEU A 46 -9.05 1.66 13.54
CA LEU A 46 -8.66 2.27 12.26
C LEU A 46 -9.08 3.73 12.21
N PRO A 47 -8.25 4.61 12.77
CA PRO A 47 -8.53 6.05 12.78
C PRO A 47 -8.42 6.69 11.40
N LEU A 48 -9.50 6.61 10.64
CA LEU A 48 -9.53 7.17 9.29
C LEU A 48 -9.79 8.67 9.34
N GLN A 49 -9.50 9.35 8.22
CA GLN A 49 -9.71 10.79 8.13
C GLN A 49 -10.81 11.12 7.14
N PRO A 50 -12.07 10.89 7.54
CA PRO A 50 -13.24 11.16 6.69
C PRO A 50 -13.47 12.65 6.48
N SER A 51 -12.71 13.48 7.19
CA SER A 51 -12.84 14.92 7.09
C SER A 51 -11.67 15.51 6.29
N SER A 52 -10.95 14.64 5.58
CA SER A 52 -9.81 15.08 4.78
C SER A 52 -9.83 14.40 3.41
N THR A 53 -9.16 15.02 2.44
CA THR A 53 -9.10 14.49 1.09
C THR A 53 -8.36 13.15 1.06
N MET A 54 -7.62 12.86 2.13
CA MET A 54 -6.87 11.62 2.22
C MET A 54 -7.76 10.42 1.93
N GLY A 55 -8.93 10.39 2.56
CA GLY A 55 -9.85 9.29 2.36
C GLY A 55 -10.34 9.20 0.92
N GLN A 56 -10.36 10.35 0.25
CA GLN A 56 -10.82 10.40 -1.14
C GLN A 56 -9.77 9.81 -2.08
N VAL A 57 -8.53 9.77 -1.62
CA VAL A 57 -7.43 9.24 -2.41
C VAL A 57 -7.48 7.72 -2.47
N GLY A 58 -7.47 7.08 -1.30
CA GLY A 58 -7.53 5.63 -1.25
C GLY A 58 -8.66 5.06 -2.05
N ARG A 59 -9.75 5.82 -2.16
CA ARG A 59 -10.93 5.38 -2.91
C ARG A 59 -10.59 5.21 -4.39
N GLN A 60 -10.04 6.25 -4.99
CA GLN A 60 -9.67 6.21 -6.40
C GLN A 60 -8.55 5.20 -6.65
N LEU A 61 -7.47 5.32 -5.89
CA LEU A 61 -6.33 4.42 -6.03
C LEU A 61 -6.79 2.96 -5.96
N ALA A 62 -7.66 2.67 -5.00
CA ALA A 62 -8.17 1.31 -4.81
C ALA A 62 -8.88 0.83 -6.07
N ILE A 63 -9.46 1.77 -6.82
CA ILE A 63 -10.18 1.44 -8.04
C ILE A 63 -9.22 1.14 -9.18
N ILE A 64 -8.30 2.08 -9.44
CA ILE A 64 -7.32 1.92 -10.50
C ILE A 64 -6.35 0.78 -10.19
N GLY A 65 -6.31 0.38 -8.92
CA GLY A 65 -5.42 -0.69 -8.51
C GLY A 65 -6.18 -1.93 -8.07
N ASP A 66 -7.50 -1.88 -8.20
CA ASP A 66 -8.34 -3.01 -7.81
C ASP A 66 -8.08 -4.22 -8.71
N ASP A 67 -8.53 -4.13 -9.95
CA ASP A 67 -8.35 -5.21 -10.92
C ASP A 67 -6.88 -5.59 -11.04
N ILE A 68 -6.02 -4.58 -11.13
CA ILE A 68 -4.58 -4.80 -11.24
C ILE A 68 -4.06 -5.66 -10.09
N ASN A 69 -4.36 -5.24 -8.87
CA ASN A 69 -3.92 -5.97 -7.69
C ASN A 69 -4.45 -7.40 -7.70
N ARG A 70 -5.78 -7.53 -7.66
CA ARG A 70 -6.41 -8.84 -7.66
C ARG A 70 -5.90 -9.69 -8.82
N ARG A 71 -5.51 -9.03 -9.91
CA ARG A 71 -5.00 -9.73 -11.08
C ARG A 71 -3.66 -10.40 -10.78
N TYR A 72 -2.69 -9.61 -10.36
CA TYR A 72 -1.36 -10.13 -10.04
C TYR A 72 -1.32 -10.67 -8.61
N ASP A 73 -2.48 -10.67 -7.95
CA ASP A 73 -2.58 -11.16 -6.59
C ASP A 73 -2.65 -12.68 -6.55
N SER A 74 -2.73 -13.30 -7.73
CA SER A 74 -2.80 -14.74 -7.84
C SER A 74 -1.42 -15.37 -7.74
N GLU A 75 -0.50 -14.92 -8.60
CA GLU A 75 0.86 -15.44 -8.61
C GLU A 75 1.68 -14.82 -7.48
N PHE A 76 1.63 -13.50 -7.37
CA PHE A 76 2.36 -12.78 -6.34
C PHE A 76 2.16 -13.43 -4.98
N GLN A 77 0.95 -13.90 -4.72
CA GLN A 77 0.61 -14.54 -3.46
C GLN A 77 1.15 -15.97 -3.41
N THR A 78 0.91 -16.72 -4.49
CA THR A 78 1.38 -18.10 -4.57
C THR A 78 2.85 -18.20 -4.25
N MET A 79 3.65 -17.29 -4.82
CA MET A 79 5.09 -17.28 -4.59
C MET A 79 5.42 -16.73 -3.21
N LEU A 80 4.68 -15.70 -2.80
CA LEU A 80 4.89 -15.08 -1.50
C LEU A 80 4.78 -16.11 -0.38
N GLN A 81 3.84 -17.03 -0.52
CA GLN A 81 3.64 -18.07 0.48
C GLN A 81 4.91 -18.87 0.70
N HIS A 82 5.76 -18.91 -0.32
CA HIS A 82 7.02 -19.64 -0.23
C HIS A 82 8.00 -18.93 0.69
N LEU A 83 7.76 -17.64 0.92
CA LEU A 83 8.63 -16.85 1.79
C LEU A 83 8.32 -17.11 3.25
N GLN A 84 7.11 -16.80 3.66
CA GLN A 84 6.68 -17.01 5.05
C GLN A 84 7.48 -16.12 5.99
N PRO A 85 7.32 -14.79 5.84
CA PRO A 85 8.00 -13.81 6.67
C PRO A 85 7.49 -13.79 8.11
N THR A 86 7.96 -12.82 8.89
CA THR A 86 7.54 -12.71 10.28
C THR A 86 7.31 -11.25 10.66
N ALA A 87 6.88 -11.04 11.90
CA ALA A 87 6.61 -9.69 12.39
C ALA A 87 7.92 -8.95 12.71
N GLU A 88 8.92 -9.71 13.17
CA GLU A 88 10.20 -9.12 13.51
C GLU A 88 10.99 -8.73 12.26
N ASN A 89 10.82 -9.54 11.20
CA ASN A 89 11.51 -9.27 9.94
C ASN A 89 10.55 -8.70 8.91
N ALA A 90 9.34 -8.38 9.35
CA ALA A 90 8.33 -7.81 8.46
C ALA A 90 8.90 -6.67 7.63
N TYR A 91 9.50 -5.70 8.31
CA TYR A 91 10.07 -4.54 7.64
C TYR A 91 11.29 -4.95 6.80
N GLU A 92 12.04 -5.93 7.30
CA GLU A 92 13.22 -6.41 6.60
C GLU A 92 12.88 -6.84 5.18
N TYR A 93 11.82 -7.63 5.04
CA TYR A 93 11.40 -8.10 3.72
C TYR A 93 10.66 -7.01 2.97
N PHE A 94 9.71 -6.36 3.64
CA PHE A 94 8.93 -5.29 3.03
C PHE A 94 9.84 -4.24 2.40
N THR A 95 10.77 -3.71 3.20
CA THR A 95 11.70 -2.70 2.72
C THR A 95 12.34 -3.13 1.41
N LYS A 96 12.68 -4.41 1.30
CA LYS A 96 13.30 -4.95 0.09
C LYS A 96 12.35 -4.84 -1.10
N ILE A 97 11.11 -5.27 -0.90
CA ILE A 97 10.11 -5.22 -1.96
C ILE A 97 9.95 -3.81 -2.50
N ALA A 98 9.75 -2.86 -1.61
CA ALA A 98 9.58 -1.45 -1.99
C ALA A 98 10.79 -0.97 -2.78
N THR A 99 11.99 -1.18 -2.24
CA THR A 99 13.21 -0.76 -2.90
C THR A 99 13.25 -1.23 -4.34
N SER A 100 13.02 -2.53 -4.54
CA SER A 100 13.03 -3.12 -5.87
C SER A 100 11.95 -2.50 -6.75
N LEU A 101 10.80 -2.22 -6.15
CA LEU A 101 9.69 -1.62 -6.88
C LEU A 101 10.05 -0.24 -7.40
N PHE A 102 10.53 0.63 -6.49
CA PHE A 102 10.92 1.98 -6.86
C PHE A 102 12.41 2.05 -7.17
N GLU A 103 12.98 0.93 -7.58
CA GLU A 103 14.40 0.86 -7.90
C GLU A 103 14.66 1.39 -9.31
N SER A 104 13.61 1.44 -10.12
CA SER A 104 13.72 1.92 -11.49
C SER A 104 13.18 3.34 -11.61
N GLY A 105 11.88 3.50 -11.39
CA GLY A 105 11.27 4.82 -11.47
C GLY A 105 10.05 4.95 -10.59
N ILE A 106 9.63 6.17 -10.33
CA ILE A 106 8.47 6.43 -9.49
C ILE A 106 7.28 6.91 -10.32
N ASN A 107 6.10 6.38 -10.03
CA ASN A 107 4.89 6.75 -10.74
C ASN A 107 3.66 6.53 -9.88
N TRP A 108 2.59 7.26 -10.18
CA TRP A 108 1.35 7.15 -9.42
C TRP A 108 0.90 5.69 -9.31
N GLY A 109 0.96 4.98 -10.43
CA GLY A 109 0.57 3.58 -10.43
C GLY A 109 1.35 2.76 -9.42
N ARG A 110 2.66 2.96 -9.39
CA ARG A 110 3.52 2.23 -8.46
C ARG A 110 3.12 2.49 -7.02
N VAL A 111 2.98 3.77 -6.67
CA VAL A 111 2.61 4.16 -5.32
C VAL A 111 1.35 3.42 -4.86
N VAL A 112 0.42 3.23 -5.79
CA VAL A 112 -0.83 2.54 -5.49
C VAL A 112 -0.58 1.06 -5.23
N ALA A 113 0.14 0.41 -6.13
CA ALA A 113 0.44 -1.01 -6.00
C ALA A 113 1.12 -1.29 -4.66
N LEU A 114 1.95 -0.36 -4.21
CA LEU A 114 2.67 -0.51 -2.95
C LEU A 114 1.70 -0.87 -1.81
N LEU A 115 0.67 -0.05 -1.65
CA LEU A 115 -0.32 -0.28 -0.61
C LEU A 115 -1.12 -1.55 -0.89
N GLY A 116 -1.53 -1.73 -2.15
CA GLY A 116 -2.29 -2.90 -2.52
C GLY A 116 -1.67 -4.18 -2.00
N PHE A 117 -0.41 -4.41 -2.32
CA PHE A 117 0.29 -5.60 -1.87
C PHE A 117 0.71 -5.48 -0.42
N GLY A 118 0.90 -4.24 0.04
CA GLY A 118 1.30 -4.01 1.42
C GLY A 118 0.40 -4.70 2.41
N TYR A 119 -0.90 -4.42 2.32
CA TYR A 119 -1.87 -5.02 3.23
C TYR A 119 -1.95 -6.53 3.03
N ARG A 120 -1.91 -6.96 1.77
CA ARG A 120 -1.96 -8.37 1.45
C ARG A 120 -0.83 -9.13 2.12
N LEU A 121 0.40 -8.68 1.90
CA LEU A 121 1.57 -9.32 2.49
C LEU A 121 1.51 -9.28 4.01
N ALA A 122 1.06 -8.15 4.56
CA ALA A 122 0.94 -7.99 6.00
C ALA A 122 -0.11 -8.94 6.58
N LEU A 123 -1.19 -9.14 5.83
CA LEU A 123 -2.27 -10.03 6.26
C LEU A 123 -1.86 -11.49 6.14
N HIS A 124 -0.99 -11.79 5.18
CA HIS A 124 -0.51 -13.14 4.97
C HIS A 124 0.11 -13.70 6.24
N VAL A 125 0.59 -12.82 7.10
CA VAL A 125 1.21 -13.22 8.36
C VAL A 125 0.31 -12.89 9.55
N TYR A 126 -0.37 -11.76 9.46
CA TYR A 126 -1.26 -11.32 10.54
C TYR A 126 -2.45 -12.27 10.67
N GLN A 127 -2.80 -12.92 9.57
CA GLN A 127 -3.93 -13.86 9.57
C GLN A 127 -3.61 -15.08 10.42
N HIS A 128 -2.36 -15.51 10.39
CA HIS A 128 -1.93 -16.68 11.17
C HIS A 128 -2.05 -16.41 12.66
N GLY A 129 -1.98 -15.14 13.04
CA GLY A 129 -2.07 -14.77 14.44
C GLY A 129 -1.00 -13.79 14.85
N LEU A 130 -1.39 -12.53 15.01
CA LEU A 130 -0.44 -11.49 15.41
C LEU A 130 -1.15 -10.38 16.19
N THR A 131 -0.44 -9.80 17.16
CA THR A 131 -1.00 -8.73 17.98
C THR A 131 -0.65 -7.36 17.42
N GLY A 132 -1.64 -6.71 16.82
CA GLY A 132 -1.41 -5.39 16.24
C GLY A 132 -0.30 -5.40 15.21
N PHE A 133 -0.66 -5.58 13.95
CA PHE A 133 0.31 -5.60 12.86
C PHE A 133 0.10 -4.42 11.92
N LEU A 134 -1.13 -3.93 11.86
CA LEU A 134 -1.45 -2.80 10.99
C LEU A 134 -0.52 -1.63 11.26
N GLY A 135 -0.44 -1.22 12.52
CA GLY A 135 0.43 -0.11 12.88
C GLY A 135 1.88 -0.34 12.49
N GLN A 136 2.33 -1.57 12.64
CA GLN A 136 3.71 -1.92 12.30
C GLN A 136 3.96 -1.74 10.81
N VAL A 137 3.13 -2.38 10.00
CA VAL A 137 3.27 -2.29 8.54
C VAL A 137 3.27 -0.83 8.08
N THR A 138 2.23 -0.09 8.48
CA THR A 138 2.11 1.31 8.10
C THR A 138 3.36 2.09 8.50
N ARG A 139 3.81 1.90 9.74
CA ARG A 139 5.00 2.58 10.24
C ARG A 139 6.21 2.30 9.35
N PHE A 140 6.35 1.05 8.94
CA PHE A 140 7.46 0.64 8.09
C PHE A 140 7.41 1.36 6.74
N VAL A 141 6.23 1.38 6.14
CA VAL A 141 6.03 2.03 4.84
C VAL A 141 6.44 3.50 4.91
N VAL A 142 5.86 4.23 5.86
CA VAL A 142 6.16 5.65 6.02
C VAL A 142 7.60 5.85 6.47
N ASP A 143 8.13 4.88 7.21
CA ASP A 143 9.51 4.95 7.70
C ASP A 143 10.50 4.97 6.54
N PHE A 144 10.51 3.89 5.77
CA PHE A 144 11.42 3.78 4.63
C PHE A 144 11.11 4.84 3.57
N MET A 145 9.82 5.15 3.43
CA MET A 145 9.38 6.15 2.45
C MET A 145 9.93 7.53 2.82
N LEU A 146 10.00 7.81 4.11
CA LEU A 146 10.50 9.10 4.58
C LEU A 146 11.89 9.39 4.00
N HIS A 147 12.61 8.33 3.65
CA HIS A 147 13.94 8.48 3.08
C HIS A 147 14.14 7.51 1.91
N HIS A 148 13.43 7.75 0.82
CA HIS A 148 13.52 6.90 -0.36
C HIS A 148 13.20 7.69 -1.63
N CYS A 149 13.27 9.02 -1.53
CA CYS A 149 12.98 9.88 -2.66
C CYS A 149 11.52 9.75 -3.09
N ILE A 150 10.71 9.15 -2.22
CA ILE A 150 9.29 8.96 -2.51
C ILE A 150 8.48 10.19 -2.11
N ALA A 151 8.67 10.64 -0.88
CA ALA A 151 7.96 11.82 -0.38
C ALA A 151 8.12 13.00 -1.33
N ARG A 152 9.35 13.24 -1.78
CA ARG A 152 9.63 14.34 -2.70
C ARG A 152 8.82 14.19 -3.98
N TRP A 153 8.78 12.98 -4.52
CA TRP A 153 8.03 12.71 -5.75
C TRP A 153 6.57 13.05 -5.58
N ILE A 154 5.93 12.46 -4.57
CA ILE A 154 4.52 12.70 -4.30
C ILE A 154 4.24 14.19 -4.14
N ALA A 155 5.13 14.88 -3.43
CA ALA A 155 4.99 16.31 -3.20
C ALA A 155 5.09 17.09 -4.51
N GLN A 156 5.91 16.59 -5.42
CA GLN A 156 6.09 17.24 -6.72
C GLN A 156 4.86 17.05 -7.60
N ARG A 157 4.22 15.90 -7.47
CA ARG A 157 3.03 15.59 -8.26
C ARG A 157 1.81 16.30 -7.69
N GLY A 158 1.99 17.00 -6.58
CA GLY A 158 0.89 17.72 -5.95
C GLY A 158 0.36 17.00 -4.73
N GLY A 159 1.27 16.43 -3.94
CA GLY A 159 0.87 15.73 -2.74
C GLY A 159 -0.19 14.67 -3.01
N TRP A 160 -0.70 14.07 -1.95
CA TRP A 160 -1.73 13.04 -2.08
C TRP A 160 -3.03 13.63 -2.59
N VAL A 161 -3.11 14.96 -2.58
CA VAL A 161 -4.31 15.65 -3.05
C VAL A 161 -4.43 15.60 -4.57
N ALA A 162 -3.40 15.06 -5.22
CA ALA A 162 -3.38 14.95 -6.67
C ALA A 162 -4.15 13.71 -7.13
N ALA A 163 -4.50 12.85 -6.18
CA ALA A 163 -5.25 11.64 -6.49
C ALA A 163 -6.52 11.95 -7.26
N LEU A 164 -7.24 12.97 -6.82
CA LEU A 164 -8.48 13.37 -7.47
C LEU A 164 -8.23 13.79 -8.91
N ASN A 165 -6.97 14.07 -9.23
CA ASN A 165 -6.59 14.47 -10.57
C ASN A 165 -6.08 13.28 -11.38
N LEU A 166 -6.50 12.09 -10.98
CA LEU A 166 -6.09 10.87 -11.67
C LEU A 166 -7.22 10.32 -12.53
N GLY A 167 -7.12 9.05 -12.89
CA GLY A 167 -8.15 8.41 -13.71
C GLY A 167 -9.55 8.81 -13.28
N ASN A 168 -10.07 8.12 -12.27
CA ASN A 168 -11.41 8.40 -11.75
C ASN A 168 -11.37 9.48 -10.69
N GLY A 169 -10.17 9.99 -10.40
CA GLY A 169 -10.02 11.02 -9.40
C GLY A 169 -10.69 10.67 -8.09
N GLU B 1 17.19 -17.05 -0.58
CA GLU B 1 17.80 -16.03 -1.43
C GLU B 1 17.08 -15.93 -2.76
N ASP B 2 16.54 -17.05 -3.23
CA ASP B 2 15.83 -17.09 -4.50
C ASP B 2 14.41 -16.55 -4.34
N ILE B 3 13.89 -16.62 -3.12
CA ILE B 3 12.54 -16.14 -2.83
C ILE B 3 12.50 -14.61 -2.77
N ILE B 4 13.57 -14.03 -2.23
CA ILE B 4 13.67 -12.58 -2.10
C ILE B 4 13.76 -11.92 -3.48
N ARG B 5 14.43 -12.61 -4.40
CA ARG B 5 14.59 -12.08 -5.76
C ARG B 5 13.35 -12.36 -6.61
N ASN B 6 12.58 -13.36 -6.19
CA ASN B 6 11.36 -13.73 -6.91
C ASN B 6 10.29 -12.65 -6.78
N ILE B 7 9.98 -12.29 -5.54
CA ILE B 7 8.97 -11.27 -5.26
C ILE B 7 9.27 -9.99 -6.04
N ALA B 8 10.56 -9.69 -6.21
CA ALA B 8 10.98 -8.50 -6.93
C ALA B 8 11.02 -8.76 -8.43
N ARG B 9 11.15 -10.02 -8.81
CA ARG B 9 11.20 -10.39 -10.21
C ARG B 9 9.80 -10.64 -10.77
N HIS B 10 8.79 -10.43 -9.93
CA HIS B 10 7.41 -10.63 -10.33
C HIS B 10 6.61 -9.34 -10.17
N LEU B 11 7.07 -8.48 -9.27
CA LEU B 11 6.39 -7.21 -9.01
C LEU B 11 6.86 -6.14 -9.99
N ALA B 12 7.55 -6.57 -11.05
CA ALA B 12 8.06 -5.64 -12.05
C ALA B 12 6.96 -5.26 -13.05
N VAL B 14 3.42 -5.03 -11.02
CA VAL B 14 2.29 -4.48 -10.27
C VAL B 14 2.40 -2.97 -10.15
N GLY B 15 3.62 -2.45 -10.28
CA GLY B 15 3.83 -1.02 -10.17
C GLY B 15 3.60 -0.29 -11.47
N ASP B 16 4.12 -0.86 -12.56
CA ASP B 16 3.95 -0.25 -13.88
C ASP B 16 2.48 -0.14 -14.25
N ASP B 19 -0.34 2.39 -13.99
CA ASP B 19 0.01 3.78 -14.27
C ASP B 19 -0.40 4.17 -15.68
N ARG B 20 -0.35 3.21 -16.59
CA ARG B 20 -0.73 3.45 -17.98
C ARG B 20 -2.23 3.69 -18.11
N SER B 21 -2.99 3.23 -17.13
CA SER B 21 -4.43 3.39 -17.14
C SER B 21 -4.87 4.45 -16.12
N ILE B 22 -4.14 5.55 -16.08
CA ILE B 22 -4.45 6.64 -15.15
C ILE B 22 -4.41 7.99 -15.86
N ALA A 1 -3.51 24.78 -11.46
CA ALA A 1 -2.27 24.11 -11.13
C ALA A 1 -2.47 23.12 -9.98
N LEU A 2 -1.38 22.49 -9.56
CA LEU A 2 -1.43 21.51 -8.47
C LEU A 2 -1.03 22.15 -7.15
N PRO A 3 -1.47 21.55 -6.04
CA PRO A 3 -1.15 22.04 -4.69
C PRO A 3 0.31 21.84 -4.33
N SER A 4 0.67 22.22 -3.11
CA SER A 4 2.05 22.10 -2.65
C SER A 4 2.10 21.33 -1.32
N ALA A 5 3.26 20.74 -1.05
CA ALA A 5 3.45 19.98 0.19
C ALA A 5 4.89 19.51 0.33
N SER A 6 5.27 19.13 1.55
CA SER A 6 6.62 18.66 1.82
C SER A 6 6.61 17.24 2.35
N GLU A 7 7.78 16.61 2.35
CA GLU A 7 7.92 15.23 2.83
C GLU A 7 7.27 15.08 4.21
N GLU A 8 7.39 16.11 5.04
CA GLU A 8 6.82 16.09 6.38
C GLU A 8 5.34 15.72 6.33
N GLN A 9 4.58 16.44 5.51
CA GLN A 9 3.15 16.19 5.38
C GLN A 9 2.90 14.92 4.57
N VAL A 10 3.83 14.59 3.68
CA VAL A 10 3.70 13.41 2.84
C VAL A 10 3.62 12.14 3.68
N ALA A 11 4.47 12.07 4.71
CA ALA A 11 4.50 10.92 5.61
C ALA A 11 3.13 10.69 6.25
N GLN A 12 2.58 11.74 6.85
CA GLN A 12 1.29 11.65 7.50
C GLN A 12 0.20 11.22 6.52
N ASP A 13 0.17 11.87 5.36
CA ASP A 13 -0.80 11.54 4.32
C ASP A 13 -0.61 10.12 3.82
N THR A 14 0.63 9.66 3.83
CA THR A 14 0.95 8.31 3.36
C THR A 14 0.29 7.25 4.24
N GLU A 15 0.55 7.33 5.54
CA GLU A 15 -0.03 6.37 6.48
C GLU A 15 -1.55 6.44 6.46
N GLU A 16 -2.09 7.65 6.42
CA GLU A 16 -3.54 7.85 6.38
C GLU A 16 -4.14 7.28 5.10
N VAL A 17 -3.58 7.69 3.97
CA VAL A 17 -4.06 7.23 2.67
C VAL A 17 -3.90 5.73 2.53
N PHE A 18 -2.81 5.20 3.10
CA PHE A 18 -2.53 3.77 3.03
C PHE A 18 -3.61 2.97 3.75
N ARG A 19 -3.94 3.39 4.97
CA ARG A 19 -4.96 2.72 5.76
C ARG A 19 -6.31 2.77 5.07
N SER A 20 -6.70 3.97 4.64
CA SER A 20 -7.98 4.16 3.96
C SER A 20 -8.01 3.41 2.64
N TYR A 21 -6.89 3.44 1.92
CA TYR A 21 -6.79 2.76 0.63
C TYR A 21 -7.03 1.26 0.78
N VAL A 22 -6.21 0.62 1.59
CA VAL A 22 -6.34 -0.82 1.83
C VAL A 22 -7.70 -1.17 2.40
N PHE A 23 -8.24 -0.25 3.21
CA PHE A 23 -9.54 -0.46 3.84
C PHE A 23 -10.66 -0.49 2.79
N TYR A 24 -10.62 0.47 1.87
CA TYR A 24 -11.62 0.56 0.81
C TYR A 24 -11.46 -0.59 -0.18
N ARG A 25 -10.21 -0.86 -0.55
CA ARG A 25 -9.92 -1.94 -1.50
C ARG A 25 -10.47 -3.27 -1.01
N HIS A 26 -10.16 -3.61 0.25
CA HIS A 26 -10.61 -4.85 0.84
C HIS A 26 -12.10 -4.78 1.15
N GLN A 27 -12.58 -3.59 1.50
CA GLN A 27 -13.99 -3.40 1.82
C GLN A 27 -14.89 -3.97 0.72
N GLN A 28 -14.45 -3.82 -0.52
CA GLN A 28 -15.21 -4.32 -1.67
C GLN A 28 -15.12 -5.84 -1.76
N GLU A 29 -13.96 -6.38 -1.39
CA GLU A 29 -13.74 -7.82 -1.44
C GLU A 29 -14.78 -8.56 -0.60
N GLN A 30 -15.28 -7.89 0.45
CA GLN A 30 -16.28 -8.48 1.33
C GLN A 30 -17.47 -9.01 0.53
N GLU A 31 -17.74 -8.37 -0.61
CA GLU A 31 -18.85 -8.78 -1.46
C GLU A 31 -18.62 -10.18 -2.03
N ALA A 32 -17.53 -10.34 -2.76
CA ALA A 32 -17.20 -11.63 -3.35
C ALA A 32 -17.09 -12.72 -2.29
N GLU A 33 -16.18 -12.51 -1.33
CA GLU A 33 -15.98 -13.47 -0.25
C GLU A 33 -15.64 -12.76 1.05
N GLY A 34 -15.42 -13.54 2.10
CA GLY A 34 -15.08 -12.97 3.40
C GLY A 34 -13.93 -13.68 4.07
N VAL A 35 -12.85 -13.89 3.31
CA VAL A 35 -11.67 -14.57 3.84
C VAL A 35 -10.46 -13.65 3.84
N ALA A 36 -9.52 -13.90 4.75
CA ALA A 36 -8.32 -13.09 4.85
C ALA A 36 -8.66 -11.61 5.04
N ALA A 37 -9.61 -11.34 5.92
CA ALA A 37 -10.03 -9.97 6.20
C ALA A 37 -9.33 -9.43 7.44
N PRO A 38 -9.31 -8.10 7.57
CA PRO A 38 -8.68 -7.42 8.71
C PRO A 38 -9.46 -7.64 10.01
N ALA A 39 -9.00 -6.99 11.07
CA ALA A 39 -9.65 -7.11 12.37
C ALA A 39 -11.15 -6.85 12.26
N ASP A 40 -11.93 -7.59 13.06
CA ASP A 40 -13.38 -7.45 13.05
C ASP A 40 -13.78 -5.99 13.22
N PRO A 41 -15.02 -5.68 12.84
CA PRO A 41 -15.56 -4.31 12.93
C PRO A 41 -15.79 -3.88 14.38
N GLU A 42 -14.73 -3.46 15.06
CA GLU A 42 -14.82 -3.02 16.44
C GLU A 42 -15.35 -1.59 16.53
N MET A 43 -15.70 -1.17 17.74
CA MET A 43 -16.23 0.17 17.96
C MET A 43 -15.25 1.23 17.45
N VAL A 44 -13.98 0.86 17.39
CA VAL A 44 -12.95 1.78 16.91
C VAL A 44 -12.75 1.65 15.40
N THR A 45 -12.71 0.42 14.92
CA THR A 45 -12.53 0.15 13.49
C THR A 45 -11.30 0.88 12.97
N LEU A 46 -11.12 0.84 11.65
CA LEU A 46 -9.98 1.48 11.00
C LEU A 46 -10.11 3.00 11.09
N PRO A 47 -8.97 3.68 11.30
CA PRO A 47 -8.93 5.14 11.40
C PRO A 47 -9.19 5.82 10.07
N LEU A 48 -10.46 5.98 9.73
CA LEU A 48 -10.84 6.62 8.48
C LEU A 48 -10.96 8.13 8.64
N GLN A 49 -10.58 8.86 7.61
CA GLN A 49 -10.63 10.32 7.64
C GLN A 49 -11.65 10.86 6.63
N PRO A 50 -12.94 10.64 6.91
CA PRO A 50 -14.04 11.08 6.05
C PRO A 50 -14.19 12.60 6.05
N SER A 51 -13.46 13.26 6.93
CA SER A 51 -13.52 14.71 7.03
C SER A 51 -12.33 15.37 6.33
N SER A 52 -11.63 14.58 5.51
CA SER A 52 -10.47 15.07 4.78
C SER A 52 -10.37 14.42 3.41
N THR A 53 -9.56 15.01 2.53
CA THR A 53 -9.38 14.49 1.19
C THR A 53 -8.66 13.16 1.21
N MET A 54 -7.82 12.96 2.22
CA MET A 54 -7.07 11.71 2.35
C MET A 54 -8.00 10.50 2.26
N GLY A 55 -9.08 10.53 3.01
CA GLY A 55 -10.03 9.43 3.00
C GLY A 55 -10.72 9.27 1.66
N GLN A 56 -10.69 10.32 0.85
CA GLN A 56 -11.31 10.30 -0.47
C GLN A 56 -10.32 9.79 -1.52
N VAL A 57 -9.03 10.00 -1.27
CA VAL A 57 -8.00 9.55 -2.20
C VAL A 57 -7.94 8.04 -2.27
N GLY A 58 -7.87 7.39 -1.11
CA GLY A 58 -7.80 5.94 -1.06
C GLY A 58 -8.91 5.29 -1.87
N ARG A 59 -10.11 5.88 -1.83
CA ARG A 59 -11.24 5.34 -2.56
C ARG A 59 -10.91 5.14 -4.03
N GLN A 60 -10.52 6.23 -4.68
CA GLN A 60 -10.17 6.17 -6.10
C GLN A 60 -9.00 5.24 -6.34
N LEU A 61 -7.93 5.42 -5.57
CA LEU A 61 -6.74 4.58 -5.69
C LEU A 61 -7.11 3.10 -5.63
N ALA A 62 -7.99 2.75 -4.71
CA ALA A 62 -8.43 1.36 -4.56
C ALA A 62 -9.12 0.87 -5.83
N ILE A 63 -9.75 1.79 -6.55
CA ILE A 63 -10.46 1.45 -7.78
C ILE A 63 -9.47 1.16 -8.91
N ILE A 64 -8.54 2.09 -9.12
CA ILE A 64 -7.54 1.94 -10.17
C ILE A 64 -6.63 0.75 -9.89
N GLY A 65 -6.45 0.44 -8.61
CA GLY A 65 -5.60 -0.67 -8.23
C GLY A 65 -6.39 -1.92 -7.87
N ASP A 66 -7.70 -1.83 -7.99
CA ASP A 66 -8.58 -2.96 -7.68
C ASP A 66 -8.32 -4.12 -8.64
N ASP A 67 -8.66 -3.92 -9.90
CA ASP A 67 -8.48 -4.95 -10.92
C ASP A 67 -7.03 -5.42 -10.95
N ILE A 68 -6.10 -4.47 -10.96
CA ILE A 68 -4.68 -4.79 -10.98
C ILE A 68 -4.29 -5.67 -9.81
N ASN A 69 -4.75 -5.30 -8.62
CA ASN A 69 -4.44 -6.06 -7.41
C ASN A 69 -4.87 -7.52 -7.56
N ARG A 70 -6.18 -7.75 -7.66
CA ARG A 70 -6.69 -9.10 -7.82
C ARG A 70 -6.08 -9.79 -9.03
N ARG A 71 -5.75 -8.99 -10.05
CA ARG A 71 -5.15 -9.53 -11.26
C ARG A 71 -3.84 -10.26 -10.95
N TYR A 72 -2.91 -9.54 -10.34
CA TYR A 72 -1.61 -10.12 -10.00
C TYR A 72 -1.57 -10.55 -8.53
N ASP A 73 -2.76 -10.76 -7.96
CA ASP A 73 -2.87 -11.17 -6.56
C ASP A 73 -2.62 -12.67 -6.43
N SER A 74 -3.38 -13.47 -7.17
CA SER A 74 -3.25 -14.92 -7.13
C SER A 74 -1.80 -15.34 -7.36
N GLU A 75 -1.11 -14.60 -8.22
CA GLU A 75 0.28 -14.89 -8.53
C GLU A 75 1.21 -14.41 -7.42
N PHE A 76 0.75 -13.40 -6.68
CA PHE A 76 1.54 -12.85 -5.59
C PHE A 76 1.39 -13.70 -4.33
N GLN A 77 0.19 -14.22 -4.11
CA GLN A 77 -0.08 -15.04 -2.94
C GLN A 77 0.62 -16.40 -3.06
N THR A 78 0.62 -16.96 -4.25
CA THR A 78 1.25 -18.24 -4.51
C THR A 78 2.69 -18.26 -3.99
N MET A 79 3.45 -17.24 -4.36
CA MET A 79 4.85 -17.13 -3.94
C MET A 79 4.94 -16.70 -2.49
N LEU A 80 4.07 -15.77 -2.10
CA LEU A 80 4.06 -15.26 -0.73
C LEU A 80 3.90 -16.41 0.27
N GLN A 81 3.19 -17.45 -0.13
CA GLN A 81 2.98 -18.61 0.74
C GLN A 81 4.29 -19.31 1.04
N HIS A 82 5.25 -19.16 0.12
CA HIS A 82 6.56 -19.78 0.30
C HIS A 82 7.43 -18.99 1.26
N LEU A 83 7.51 -17.68 1.04
CA LEU A 83 8.30 -16.80 1.89
C LEU A 83 7.95 -16.99 3.36
N GLN A 84 6.71 -16.65 3.71
CA GLN A 84 6.23 -16.79 5.08
C GLN A 84 7.03 -15.89 6.02
N PRO A 85 6.95 -14.57 5.80
CA PRO A 85 7.66 -13.58 6.62
C PRO A 85 7.08 -13.47 8.03
N THR A 86 7.58 -12.51 8.79
CA THR A 86 7.11 -12.31 10.16
C THR A 86 6.97 -10.82 10.47
N ALA A 87 6.41 -10.52 11.64
CA ALA A 87 6.21 -9.14 12.05
C ALA A 87 7.51 -8.52 12.56
N GLU A 88 8.45 -9.39 12.93
CA GLU A 88 9.75 -8.92 13.43
C GLU A 88 10.67 -8.52 12.28
N ASN A 89 10.61 -9.28 11.18
CA ASN A 89 11.44 -9.00 10.02
C ASN A 89 10.59 -8.49 8.86
N ALA A 90 9.33 -8.15 9.16
CA ALA A 90 8.42 -7.64 8.14
C ALA A 90 9.07 -6.51 7.34
N TYR A 91 9.61 -5.52 8.06
CA TYR A 91 10.25 -4.38 7.42
C TYR A 91 11.50 -4.82 6.66
N GLU A 92 12.20 -5.81 7.20
CA GLU A 92 13.41 -6.32 6.58
C GLU A 92 13.13 -6.77 5.14
N TYR A 93 12.06 -7.54 4.98
CA TYR A 93 11.69 -8.05 3.66
C TYR A 93 11.01 -6.97 2.83
N PHE A 94 10.05 -6.28 3.43
CA PHE A 94 9.33 -5.21 2.75
C PHE A 94 10.30 -4.22 2.12
N THR A 95 11.25 -3.73 2.92
CA THR A 95 12.23 -2.78 2.44
C THR A 95 12.86 -3.23 1.13
N LYS A 96 13.09 -4.53 1.01
CA LYS A 96 13.67 -5.09 -0.21
C LYS A 96 12.69 -5.04 -1.37
N ILE A 97 11.44 -5.40 -1.08
CA ILE A 97 10.40 -5.40 -2.10
C ILE A 97 10.27 -4.02 -2.75
N ALA A 98 10.08 -3.01 -1.92
CA ALA A 98 9.94 -1.64 -2.42
C ALA A 98 11.20 -1.19 -3.14
N THR A 99 12.35 -1.37 -2.49
CA THR A 99 13.63 -0.97 -3.07
C THR A 99 13.79 -1.55 -4.46
N SER A 100 13.32 -2.77 -4.66
CA SER A 100 13.43 -3.44 -5.96
C SER A 100 12.42 -2.86 -6.94
N LEU A 101 11.24 -2.53 -6.43
CA LEU A 101 10.18 -1.96 -7.27
C LEU A 101 10.55 -0.55 -7.74
N PHE A 102 10.95 0.29 -6.80
CA PHE A 102 11.33 1.67 -7.11
C PHE A 102 12.83 1.76 -7.37
N GLU A 103 13.45 0.64 -7.71
CA GLU A 103 14.88 0.59 -7.99
C GLU A 103 15.20 1.30 -9.30
N SER A 104 14.22 1.30 -10.22
CA SER A 104 14.41 1.93 -11.52
C SER A 104 14.00 3.41 -11.46
N GLY A 105 12.80 3.66 -10.92
CA GLY A 105 12.31 5.02 -10.82
C GLY A 105 11.12 5.14 -9.89
N ILE A 106 10.31 6.16 -10.10
CA ILE A 106 9.13 6.38 -9.25
C ILE A 106 7.96 6.89 -10.09
N ASN A 107 6.79 6.33 -9.85
CA ASN A 107 5.58 6.72 -10.56
C ASN A 107 4.33 6.45 -9.74
N TRP A 108 3.25 7.15 -10.06
CA TRP A 108 1.99 6.97 -9.35
C TRP A 108 1.60 5.49 -9.27
N GLY A 109 1.57 4.83 -10.42
CA GLY A 109 1.23 3.42 -10.45
C GLY A 109 2.05 2.60 -9.49
N ARG A 110 3.32 2.93 -9.36
CA ARG A 110 4.21 2.21 -8.46
C ARG A 110 3.83 2.45 -7.01
N VAL A 111 3.51 3.70 -6.67
CA VAL A 111 3.11 4.06 -5.32
C VAL A 111 1.91 3.24 -4.86
N VAL A 112 0.84 3.29 -5.65
CA VAL A 112 -0.38 2.56 -5.32
C VAL A 112 -0.11 1.06 -5.22
N ALA A 113 0.68 0.54 -6.15
CA ALA A 113 1.02 -0.87 -6.16
C ALA A 113 1.70 -1.29 -4.86
N LEU A 114 2.68 -0.50 -4.44
CA LEU A 114 3.41 -0.79 -3.21
C LEU A 114 2.44 -1.03 -2.04
N LEU A 115 1.51 -0.10 -1.85
CA LEU A 115 0.53 -0.21 -0.77
C LEU A 115 -0.36 -1.43 -0.99
N GLY A 116 -0.77 -1.66 -2.22
CA GLY A 116 -1.62 -2.80 -2.53
C GLY A 116 -1.06 -4.10 -2.00
N PHE A 117 0.14 -4.46 -2.46
CA PHE A 117 0.78 -5.69 -2.03
C PHE A 117 1.22 -5.60 -0.57
N GLY A 118 1.46 -4.37 -0.11
CA GLY A 118 1.88 -4.16 1.27
C GLY A 118 0.90 -4.74 2.26
N TYR A 119 -0.35 -4.32 2.16
CA TYR A 119 -1.39 -4.79 3.08
C TYR A 119 -1.53 -6.32 3.00
N ARG A 120 -1.68 -6.83 1.78
CA ARG A 120 -1.82 -8.27 1.56
C ARG A 120 -0.68 -9.03 2.22
N LEU A 121 0.56 -8.60 1.95
CA LEU A 121 1.73 -9.24 2.52
C LEU A 121 1.66 -9.27 4.03
N ALA A 122 1.26 -8.15 4.63
CA ALA A 122 1.14 -8.05 6.07
C ALA A 122 0.06 -8.97 6.60
N LEU A 123 -1.08 -9.00 5.92
CA LEU A 123 -2.19 -9.85 6.32
C LEU A 123 -1.84 -11.32 6.18
N HIS A 124 -0.92 -11.62 5.27
CA HIS A 124 -0.49 -12.99 5.03
C HIS A 124 0.05 -13.62 6.32
N VAL A 125 0.49 -12.78 7.25
CA VAL A 125 1.03 -13.24 8.52
C VAL A 125 0.14 -12.82 9.68
N TYR A 126 -0.36 -11.59 9.62
CA TYR A 126 -1.22 -11.06 10.66
C TYR A 126 -2.45 -11.94 10.87
N GLN A 127 -2.93 -12.54 9.78
CA GLN A 127 -4.09 -13.41 9.83
C GLN A 127 -3.87 -14.54 10.82
N HIS A 128 -2.62 -14.93 11.01
CA HIS A 128 -2.27 -16.00 11.93
C HIS A 128 -2.75 -15.68 13.35
N GLY A 129 -2.92 -14.39 13.62
CA GLY A 129 -3.37 -13.96 14.94
C GLY A 129 -2.32 -13.12 15.66
N LEU A 130 -2.06 -11.94 15.13
CA LEU A 130 -1.08 -11.04 15.73
C LEU A 130 -1.77 -9.94 16.54
N THR A 131 -0.98 -9.05 17.12
CA THR A 131 -1.51 -7.95 17.93
C THR A 131 -1.40 -6.63 17.19
N GLY A 132 -2.00 -6.57 16.00
CA GLY A 132 -1.96 -5.35 15.22
C GLY A 132 -0.76 -5.30 14.29
N PHE A 133 -1.02 -5.33 12.98
CA PHE A 133 0.04 -5.29 11.99
C PHE A 133 -0.06 -4.03 11.13
N LEU A 134 -1.27 -3.48 11.03
CA LEU A 134 -1.51 -2.28 10.24
C LEU A 134 -0.49 -1.20 10.57
N GLY A 135 -0.43 -0.82 11.85
CA GLY A 135 0.51 0.20 12.27
C GLY A 135 1.94 -0.10 11.84
N GLN A 136 2.33 -1.37 11.95
CA GLN A 136 3.67 -1.78 11.56
C GLN A 136 3.95 -1.46 10.10
N VAL A 137 3.03 -1.88 9.23
CA VAL A 137 3.17 -1.64 7.80
C VAL A 137 3.30 -0.15 7.50
N THR A 138 2.33 0.63 7.97
CA THR A 138 2.34 2.07 7.75
C THR A 138 3.61 2.70 8.28
N ARG A 139 4.12 2.16 9.38
CA ARG A 139 5.34 2.67 9.99
C ARG A 139 6.56 2.35 9.12
N PHE A 140 6.56 1.17 8.52
CA PHE A 140 7.66 0.75 7.67
C PHE A 140 7.62 1.48 6.33
N VAL A 141 6.44 1.51 5.72
CA VAL A 141 6.26 2.18 4.43
C VAL A 141 6.65 3.64 4.51
N VAL A 142 6.23 4.30 5.59
CA VAL A 142 6.53 5.71 5.80
C VAL A 142 8.00 5.92 6.11
N ASP A 143 8.54 5.10 7.01
CA ASP A 143 9.94 5.19 7.40
C ASP A 143 10.85 4.99 6.20
N PHE A 144 10.46 4.08 5.31
CA PHE A 144 11.24 3.79 4.12
C PHE A 144 11.01 4.85 3.05
N MET A 145 9.80 5.42 3.04
CA MET A 145 9.46 6.46 2.07
C MET A 145 10.34 7.69 2.24
N LEU A 146 10.50 8.13 3.49
CA LEU A 146 11.32 9.29 3.79
C LEU A 146 12.80 8.96 3.73
N HIS A 147 13.10 7.69 3.45
CA HIS A 147 14.49 7.23 3.36
C HIS A 147 14.80 6.73 1.96
N HIS A 148 14.01 7.17 0.98
CA HIS A 148 14.21 6.78 -0.40
C HIS A 148 13.81 7.89 -1.35
N CYS A 149 13.69 9.10 -0.82
CA CYS A 149 13.30 10.26 -1.62
C CYS A 149 11.96 10.03 -2.32
N ILE A 150 11.12 9.19 -1.70
CA ILE A 150 9.81 8.89 -2.25
C ILE A 150 8.79 9.96 -1.85
N ALA A 151 8.70 10.24 -0.56
CA ALA A 151 7.77 11.24 -0.06
C ALA A 151 7.84 12.53 -0.89
N ARG A 152 9.06 13.03 -1.06
CA ARG A 152 9.27 14.26 -1.84
C ARG A 152 8.63 14.15 -3.22
N TRP A 153 8.84 13.02 -3.88
CA TRP A 153 8.29 12.79 -5.21
C TRP A 153 6.77 12.95 -5.20
N ILE A 154 6.12 12.34 -4.22
CA ILE A 154 4.67 12.42 -4.10
C ILE A 154 4.21 13.86 -3.94
N ALA A 155 4.90 14.60 -3.07
CA ALA A 155 4.56 16.00 -2.83
C ALA A 155 4.75 16.84 -4.10
N GLN A 156 5.74 16.47 -4.91
CA GLN A 156 6.02 17.18 -6.14
C GLN A 156 4.93 16.94 -7.18
N ARG A 157 4.38 15.73 -7.18
CA ARG A 157 3.33 15.37 -8.12
C ARG A 157 2.00 15.99 -7.71
N GLY A 158 1.99 16.62 -6.53
CA GLY A 158 0.77 17.25 -6.04
C GLY A 158 0.29 16.63 -4.76
N GLY A 159 1.19 15.96 -4.04
CA GLY A 159 0.81 15.32 -2.79
C GLY A 159 -0.32 14.34 -2.96
N TRP A 160 -0.69 13.66 -1.87
CA TRP A 160 -1.77 12.69 -1.90
C TRP A 160 -3.10 13.35 -2.24
N VAL A 161 -3.13 14.68 -2.13
CA VAL A 161 -4.35 15.44 -2.42
C VAL A 161 -4.50 15.65 -3.92
N ALA A 162 -3.57 15.11 -4.69
CA ALA A 162 -3.61 15.24 -6.13
C ALA A 162 -4.15 13.97 -6.79
N ALA A 163 -4.33 12.93 -5.98
CA ALA A 163 -4.84 11.65 -6.48
C ALA A 163 -6.36 11.68 -6.58
N LEU A 164 -6.99 12.57 -5.82
CA LEU A 164 -8.44 12.70 -5.82
C LEU A 164 -8.96 13.01 -7.22
N ASN A 165 -8.08 13.52 -8.07
CA ASN A 165 -8.45 13.86 -9.44
C ASN A 165 -7.91 12.83 -10.42
N LEU A 166 -6.92 12.05 -9.98
CA LEU A 166 -6.32 11.02 -10.82
C LEU A 166 -7.34 9.95 -11.19
N GLY A 167 -6.94 9.02 -12.05
CA GLY A 167 -7.83 7.96 -12.47
C GLY A 167 -9.17 8.49 -12.95
N ASN A 168 -10.24 8.02 -12.33
CA ASN A 168 -11.59 8.45 -12.70
C ASN A 168 -12.12 9.51 -11.74
N GLY A 169 -11.19 10.14 -11.01
CA GLY A 169 -11.58 11.17 -10.07
C GLY A 169 -12.23 10.59 -8.82
N GLU B 1 16.81 -17.32 -0.10
CA GLU B 1 17.36 -16.26 -0.94
C GLU B 1 16.69 -16.24 -2.31
N ASP B 2 16.39 -17.42 -2.83
CA ASP B 2 15.75 -17.55 -4.14
C ASP B 2 14.44 -16.78 -4.17
N ILE B 3 13.83 -16.59 -2.99
CA ILE B 3 12.57 -15.86 -2.89
C ILE B 3 12.80 -14.35 -2.90
N ILE B 4 13.93 -13.93 -2.35
CA ILE B 4 14.27 -12.51 -2.29
C ILE B 4 14.28 -11.90 -3.69
N ARG B 5 14.80 -12.64 -4.66
CA ARG B 5 14.88 -12.18 -6.03
C ARG B 5 13.55 -12.40 -6.75
N ASN B 6 12.88 -13.49 -6.42
CA ASN B 6 11.60 -13.82 -7.04
C ASN B 6 10.59 -12.70 -6.83
N ILE B 7 10.47 -12.24 -5.59
CA ILE B 7 9.54 -11.16 -5.26
C ILE B 7 9.76 -9.96 -6.17
N ALA B 8 10.99 -9.46 -6.22
CA ALA B 8 11.32 -8.32 -7.06
C ALA B 8 11.06 -8.61 -8.52
N ARG B 9 11.47 -9.79 -8.98
CA ARG B 9 11.28 -10.19 -10.37
C ARG B 9 9.79 -10.33 -10.69
N HIS B 10 8.97 -10.45 -9.64
CA HIS B 10 7.53 -10.58 -9.80
C HIS B 10 6.86 -9.22 -9.90
N LEU B 11 7.50 -8.20 -9.32
CA LEU B 11 6.96 -6.85 -9.34
C LEU B 11 7.43 -6.10 -10.58
N ALA B 12 7.46 -6.80 -11.71
CA ALA B 12 7.88 -6.19 -12.97
C ALA B 12 6.70 -5.63 -13.73
N VAL B 14 3.67 -4.45 -11.45
CA VAL B 14 2.70 -3.70 -10.64
C VAL B 14 2.99 -2.21 -10.69
N GLY B 15 4.21 -1.86 -11.11
CA GLY B 15 4.59 -0.46 -11.19
C GLY B 15 3.93 0.25 -12.36
N ASP B 16 4.35 -0.09 -13.58
CA ASP B 16 3.80 0.52 -14.77
C ASP B 16 2.28 0.52 -14.73
N ASP B 19 -0.57 2.98 -13.91
CA ASP B 19 -0.43 4.35 -14.38
C ASP B 19 -1.23 4.56 -15.67
N ARG B 20 -1.37 3.49 -16.45
CA ARG B 20 -2.11 3.57 -17.70
C ARG B 20 -3.58 3.85 -17.46
N SER B 21 -4.07 3.45 -16.29
CA SER B 21 -5.47 3.65 -15.92
C SER B 21 -5.62 4.81 -14.95
N ILE B 22 -4.63 5.69 -14.94
CA ILE B 22 -4.64 6.84 -14.04
C ILE B 22 -4.78 8.15 -14.82
N ALA A 1 -2.77 25.22 -10.78
CA ALA A 1 -1.85 24.13 -10.47
C ALA A 1 -2.18 23.51 -9.11
N LEU A 2 -1.29 22.65 -8.62
CA LEU A 2 -1.48 22.00 -7.34
C LEU A 2 -0.75 22.74 -6.23
N PRO A 3 -1.20 22.54 -4.98
CA PRO A 3 -0.60 23.19 -3.81
C PRO A 3 0.79 22.64 -3.49
N SER A 4 1.36 23.08 -2.38
CA SER A 4 2.68 22.64 -1.96
C SER A 4 2.58 21.49 -0.95
N ALA A 5 3.72 20.89 -0.64
CA ALA A 5 3.76 19.79 0.31
C ALA A 5 5.19 19.30 0.51
N SER A 6 5.45 18.71 1.68
CA SER A 6 6.78 18.20 2.01
C SER A 6 6.69 16.79 2.60
N GLU A 7 7.85 16.14 2.71
CA GLU A 7 7.90 14.79 3.26
C GLU A 7 7.14 14.71 4.59
N GLU A 8 7.16 15.81 5.34
CA GLU A 8 6.48 15.86 6.63
C GLU A 8 4.98 15.60 6.46
N GLN A 9 4.35 16.33 5.54
CA GLN A 9 2.93 16.16 5.28
C GLN A 9 2.65 14.89 4.49
N VAL A 10 3.64 14.46 3.71
CA VAL A 10 3.51 13.26 2.90
C VAL A 10 3.39 12.02 3.78
N ALA A 11 4.20 11.98 4.84
CA ALA A 11 4.20 10.85 5.76
C ALA A 11 2.81 10.64 6.37
N GLN A 12 2.26 11.71 6.94
CA GLN A 12 0.95 11.64 7.56
C GLN A 12 -0.12 11.27 6.53
N ASP A 13 -0.08 11.93 5.38
CA ASP A 13 -1.04 11.68 4.31
C ASP A 13 -0.91 10.25 3.79
N THR A 14 0.30 9.70 3.88
CA THR A 14 0.56 8.35 3.41
C THR A 14 -0.12 7.31 4.31
N GLU A 15 0.17 7.40 5.61
CA GLU A 15 -0.41 6.47 6.57
C GLU A 15 -1.93 6.53 6.54
N GLU A 16 -2.47 7.76 6.50
CA GLU A 16 -3.91 7.96 6.48
C GLU A 16 -4.52 7.35 5.22
N VAL A 17 -3.99 7.74 4.07
CA VAL A 17 -4.47 7.24 2.79
C VAL A 17 -4.28 5.73 2.68
N PHE A 18 -3.20 5.23 3.29
CA PHE A 18 -2.90 3.81 3.25
C PHE A 18 -4.00 3.01 3.94
N ARG A 19 -4.36 3.43 5.15
CA ARG A 19 -5.40 2.74 5.91
C ARG A 19 -6.74 2.83 5.20
N SER A 20 -7.10 4.02 4.77
CA SER A 20 -8.37 4.25 4.07
C SER A 20 -8.39 3.48 2.75
N TYR A 21 -7.26 3.48 2.06
CA TYR A 21 -7.16 2.79 0.78
C TYR A 21 -7.42 1.29 0.93
N VAL A 22 -6.59 0.64 1.76
CA VAL A 22 -6.74 -0.78 2.00
C VAL A 22 -8.10 -1.11 2.58
N PHE A 23 -8.65 -0.19 3.37
CA PHE A 23 -9.95 -0.38 3.99
C PHE A 23 -11.07 -0.32 2.95
N TYR A 24 -10.90 0.58 1.98
CA TYR A 24 -11.90 0.75 0.93
C TYR A 24 -11.86 -0.42 -0.04
N ARG A 25 -10.67 -0.89 -0.37
CA ARG A 25 -10.51 -2.02 -1.29
C ARG A 25 -11.06 -3.29 -0.67
N HIS A 26 -10.69 -3.56 0.58
CA HIS A 26 -11.14 -4.75 1.28
C HIS A 26 -12.65 -4.69 1.54
N GLN A 27 -13.13 -3.50 1.92
CA GLN A 27 -14.54 -3.31 2.21
C GLN A 27 -15.40 -3.78 1.04
N GLN A 28 -14.83 -3.77 -0.16
CA GLN A 28 -15.54 -4.20 -1.36
C GLN A 28 -15.93 -5.67 -1.25
N GLU A 29 -15.10 -6.45 -0.61
CA GLU A 29 -15.36 -7.88 -0.44
C GLU A 29 -16.50 -8.12 0.53
N GLN A 30 -16.68 -7.18 1.47
CA GLN A 30 -17.75 -7.29 2.45
C GLN A 30 -19.10 -7.51 1.78
N GLU A 31 -19.24 -6.99 0.56
CA GLU A 31 -20.48 -7.14 -0.19
C GLU A 31 -20.77 -8.60 -0.49
N ALA A 32 -19.72 -9.39 -0.66
CA ALA A 32 -19.86 -10.82 -0.95
C ALA A 32 -20.10 -11.61 0.33
N GLU A 33 -19.15 -11.52 1.26
CA GLU A 33 -19.26 -12.24 2.53
C GLU A 33 -18.69 -11.40 3.67
N GLY A 34 -18.55 -12.04 4.84
CA GLY A 34 -18.02 -11.34 6.00
C GLY A 34 -16.89 -12.10 6.67
N VAL A 35 -16.05 -12.73 5.86
CA VAL A 35 -14.92 -13.50 6.39
C VAL A 35 -13.59 -12.85 6.01
N ALA A 36 -12.67 -12.83 6.96
CA ALA A 36 -11.35 -12.25 6.73
C ALA A 36 -11.46 -10.79 6.32
N ALA A 37 -12.22 -10.02 7.09
CA ALA A 37 -12.41 -8.60 6.81
C ALA A 37 -11.34 -7.75 7.51
N PRO A 38 -11.15 -6.51 7.02
CA PRO A 38 -10.16 -5.59 7.58
C PRO A 38 -10.57 -5.08 8.96
N ALA A 39 -9.70 -4.27 9.56
CA ALA A 39 -9.97 -3.72 10.88
C ALA A 39 -10.35 -4.81 11.87
N ASP A 40 -9.36 -5.58 12.30
CA ASP A 40 -9.59 -6.67 13.24
C ASP A 40 -10.37 -6.17 14.46
N PRO A 41 -10.99 -7.10 15.20
CA PRO A 41 -11.76 -6.78 16.40
C PRO A 41 -10.88 -6.30 17.55
N GLU A 42 -10.45 -5.05 17.48
CA GLU A 42 -9.61 -4.48 18.52
C GLU A 42 -9.94 -3.00 18.74
N MET A 43 -9.30 -2.40 19.75
CA MET A 43 -9.54 -1.00 20.08
C MET A 43 -8.85 -0.10 19.05
N VAL A 44 -7.88 -0.65 18.33
CA VAL A 44 -7.16 0.11 17.32
C VAL A 44 -8.09 0.58 16.21
N THR A 45 -8.93 -0.31 15.72
CA THR A 45 -9.88 0.01 14.67
C THR A 45 -9.17 0.67 13.49
N LEU A 46 -9.95 1.20 12.56
CA LEU A 46 -9.40 1.85 11.38
C LEU A 46 -9.64 3.36 11.43
N PRO A 47 -8.76 4.08 12.15
CA PRO A 47 -8.86 5.53 12.29
C PRO A 47 -8.54 6.27 10.99
N LEU A 48 -9.56 6.47 10.17
CA LEU A 48 -9.39 7.17 8.90
C LEU A 48 -9.93 8.59 8.98
N GLN A 49 -9.61 9.39 7.97
CA GLN A 49 -10.07 10.78 7.92
C GLN A 49 -11.11 10.98 6.83
N PRO A 50 -12.37 10.66 7.15
CA PRO A 50 -13.49 10.78 6.20
C PRO A 50 -13.82 12.24 5.91
N SER A 51 -13.21 13.15 6.66
CA SER A 51 -13.44 14.58 6.48
C SER A 51 -12.26 15.25 5.81
N SER A 52 -11.38 14.43 5.22
CA SER A 52 -10.19 14.95 4.55
C SER A 52 -10.04 14.32 3.17
N THR A 53 -9.24 14.96 2.31
CA THR A 53 -9.01 14.47 0.96
C THR A 53 -8.37 13.08 0.99
N MET A 54 -7.56 12.81 2.01
CA MET A 54 -6.90 11.53 2.15
C MET A 54 -7.89 10.39 1.99
N GLY A 55 -9.09 10.56 2.55
CA GLY A 55 -10.10 9.53 2.47
C GLY A 55 -10.53 9.25 1.04
N GLN A 56 -10.98 10.31 0.35
CA GLN A 56 -11.43 10.17 -1.03
C GLN A 56 -10.31 9.64 -1.92
N VAL A 57 -9.07 9.96 -1.55
CA VAL A 57 -7.91 9.51 -2.32
C VAL A 57 -7.86 7.99 -2.41
N GLY A 58 -7.89 7.33 -1.25
CA GLY A 58 -7.87 5.88 -1.23
C GLY A 58 -8.93 5.26 -2.11
N ARG A 59 -10.09 5.89 -2.16
CA ARG A 59 -11.20 5.39 -2.98
C ARG A 59 -10.79 5.30 -4.44
N GLN A 60 -10.40 6.43 -5.01
CA GLN A 60 -9.99 6.49 -6.41
C GLN A 60 -8.85 5.50 -6.68
N LEU A 61 -7.82 5.56 -5.84
CA LEU A 61 -6.66 4.68 -5.99
C LEU A 61 -7.10 3.23 -6.12
N ALA A 62 -7.99 2.80 -5.22
CA ALA A 62 -8.50 1.44 -5.23
C ALA A 62 -9.15 1.10 -6.57
N ILE A 63 -9.71 2.12 -7.22
CA ILE A 63 -10.37 1.94 -8.51
C ILE A 63 -9.35 1.75 -9.63
N ILE A 64 -8.42 2.70 -9.73
CA ILE A 64 -7.38 2.65 -10.75
C ILE A 64 -6.47 1.45 -10.55
N GLY A 65 -6.44 0.93 -9.33
CA GLY A 65 -5.61 -0.23 -9.02
C GLY A 65 -6.43 -1.45 -8.65
N ASP A 66 -7.73 -1.40 -8.93
CA ASP A 66 -8.62 -2.51 -8.62
C ASP A 66 -8.29 -3.73 -9.50
N ASP A 67 -8.57 -3.60 -10.79
CA ASP A 67 -8.32 -4.68 -11.74
C ASP A 67 -6.86 -5.12 -11.67
N ILE A 68 -5.94 -4.14 -11.61
CA ILE A 68 -4.52 -4.43 -11.54
C ILE A 68 -4.19 -5.26 -10.31
N ASN A 69 -4.69 -4.83 -9.15
CA ASN A 69 -4.44 -5.53 -7.90
C ASN A 69 -4.89 -6.99 -8.00
N ARG A 70 -6.18 -7.20 -8.22
CA ARG A 70 -6.72 -8.54 -8.33
C ARG A 70 -6.04 -9.32 -9.45
N ARG A 71 -5.63 -8.60 -10.49
CA ARG A 71 -4.96 -9.22 -11.63
C ARG A 71 -3.70 -9.96 -11.18
N TYR A 72 -2.79 -9.24 -10.53
CA TYR A 72 -1.54 -9.82 -10.05
C TYR A 72 -1.60 -10.07 -8.56
N ASP A 73 -2.80 -10.30 -8.04
CA ASP A 73 -2.99 -10.55 -6.62
C ASP A 73 -2.66 -11.99 -6.27
N SER A 74 -3.38 -12.92 -6.88
CA SER A 74 -3.17 -14.35 -6.63
C SER A 74 -1.81 -14.78 -7.15
N GLU A 75 -1.44 -14.29 -8.32
CA GLU A 75 -0.15 -14.63 -8.92
C GLU A 75 1.00 -14.17 -8.04
N PHE A 76 0.78 -13.08 -7.31
CA PHE A 76 1.81 -12.54 -6.43
C PHE A 76 1.73 -13.18 -5.03
N GLN A 77 0.51 -13.54 -4.63
CA GLN A 77 0.29 -14.15 -3.33
C GLN A 77 0.77 -15.60 -3.32
N THR A 78 0.48 -16.31 -4.41
CA THR A 78 0.89 -17.71 -4.53
C THR A 78 2.36 -17.89 -4.22
N MET A 79 3.20 -17.08 -4.87
CA MET A 79 4.65 -17.14 -4.66
C MET A 79 5.02 -16.55 -3.31
N LEU A 80 4.34 -15.49 -2.92
CA LEU A 80 4.60 -14.83 -1.64
C LEU A 80 4.53 -15.82 -0.49
N GLN A 81 3.57 -16.73 -0.56
CA GLN A 81 3.39 -17.74 0.48
C GLN A 81 4.67 -18.55 0.67
N HIS A 82 5.47 -18.63 -0.38
CA HIS A 82 6.73 -19.39 -0.33
C HIS A 82 7.72 -18.71 0.60
N LEU A 83 7.79 -17.38 0.54
CA LEU A 83 8.70 -16.61 1.38
C LEU A 83 8.48 -16.93 2.86
N GLN A 84 7.26 -16.70 3.33
CA GLN A 84 6.91 -16.95 4.72
C GLN A 84 7.71 -16.05 5.66
N PRO A 85 7.48 -14.73 5.54
CA PRO A 85 8.17 -13.73 6.37
C PRO A 85 7.72 -13.77 7.82
N THR A 86 8.29 -12.89 8.64
CA THR A 86 7.94 -12.83 10.05
C THR A 86 7.83 -11.39 10.53
N ALA A 87 7.41 -11.21 11.78
CA ALA A 87 7.25 -9.89 12.35
C ALA A 87 8.61 -9.29 12.72
N GLU A 88 9.59 -10.15 12.98
CA GLU A 88 10.92 -9.70 13.33
C GLU A 88 11.67 -9.17 12.12
N ASN A 89 11.50 -9.85 10.98
CA ASN A 89 12.15 -9.45 9.75
C ASN A 89 11.15 -8.82 8.78
N ALA A 90 9.96 -8.51 9.29
CA ALA A 90 8.92 -7.90 8.47
C ALA A 90 9.46 -6.70 7.70
N TYR A 91 10.08 -5.77 8.42
CA TYR A 91 10.63 -4.57 7.80
C TYR A 91 11.79 -4.92 6.87
N GLU A 92 12.59 -5.90 7.28
CA GLU A 92 13.73 -6.34 6.48
C GLU A 92 13.28 -6.89 5.13
N TYR A 93 12.08 -7.48 5.10
CA TYR A 93 11.55 -8.04 3.88
C TYR A 93 10.80 -6.98 3.08
N PHE A 94 9.86 -6.30 3.74
CA PHE A 94 9.08 -5.26 3.09
C PHE A 94 9.98 -4.25 2.39
N THR A 95 10.92 -3.70 3.13
CA THR A 95 11.85 -2.72 2.58
C THR A 95 12.46 -3.20 1.26
N LYS A 96 12.75 -4.50 1.21
CA LYS A 96 13.34 -5.09 0.01
C LYS A 96 12.33 -5.09 -1.14
N ILE A 97 11.09 -5.46 -0.84
CA ILE A 97 10.04 -5.49 -1.86
C ILE A 97 9.86 -4.13 -2.50
N ALA A 98 9.67 -3.10 -1.69
CA ALA A 98 9.50 -1.75 -2.19
C ALA A 98 10.70 -1.30 -2.99
N THR A 99 11.88 -1.35 -2.38
CA THR A 99 13.11 -0.95 -3.03
C THR A 99 13.26 -1.63 -4.40
N SER A 100 12.81 -2.87 -4.48
CA SER A 100 12.89 -3.63 -5.72
C SER A 100 11.85 -3.14 -6.72
N LEU A 101 10.71 -2.71 -6.22
CA LEU A 101 9.63 -2.20 -7.07
C LEU A 101 9.98 -0.84 -7.65
N PHE A 102 10.34 0.09 -6.77
CA PHE A 102 10.70 1.44 -7.20
C PHE A 102 12.14 1.49 -7.68
N GLU A 103 12.81 0.34 -7.64
CA GLU A 103 14.21 0.26 -8.07
C GLU A 103 14.38 0.84 -9.47
N SER A 104 13.34 0.70 -10.29
CA SER A 104 13.38 1.20 -11.67
C SER A 104 13.05 2.69 -11.69
N GLY A 105 11.84 3.03 -11.25
CA GLY A 105 11.41 4.41 -11.24
C GLY A 105 10.21 4.64 -10.34
N ILE A 106 9.83 5.91 -10.18
CA ILE A 106 8.70 6.25 -9.33
C ILE A 106 7.53 6.78 -10.17
N ASN A 107 6.34 6.25 -9.91
CA ASN A 107 5.15 6.67 -10.64
C ASN A 107 3.91 6.52 -9.78
N TRP A 108 2.85 7.24 -10.13
CA TRP A 108 1.60 7.20 -9.38
C TRP A 108 1.13 5.76 -9.21
N GLY A 109 1.01 5.04 -10.33
CA GLY A 109 0.56 3.66 -10.27
C GLY A 109 1.37 2.82 -9.29
N ARG A 110 2.68 3.06 -9.26
CA ARG A 110 3.56 2.32 -8.37
C ARG A 110 3.20 2.58 -6.91
N VAL A 111 3.08 3.85 -6.55
CA VAL A 111 2.74 4.23 -5.18
C VAL A 111 1.49 3.50 -4.71
N VAL A 112 0.56 3.27 -5.63
CA VAL A 112 -0.68 2.58 -5.30
C VAL A 112 -0.43 1.09 -5.04
N ALA A 113 0.24 0.43 -5.98
CA ALA A 113 0.55 -0.98 -5.84
C ALA A 113 1.26 -1.26 -4.51
N LEU A 114 2.13 -0.35 -4.11
CA LEU A 114 2.87 -0.50 -2.85
C LEU A 114 1.92 -0.82 -1.70
N LEU A 115 0.89 0.01 -1.55
CA LEU A 115 -0.09 -0.19 -0.48
C LEU A 115 -0.92 -1.44 -0.72
N GLY A 116 -1.33 -1.64 -1.98
CA GLY A 116 -2.13 -2.81 -2.31
C GLY A 116 -1.54 -4.10 -1.77
N PHE A 117 -0.27 -4.34 -2.08
CA PHE A 117 0.41 -5.54 -1.62
C PHE A 117 0.87 -5.39 -0.17
N GLY A 118 1.10 -4.14 0.24
CA GLY A 118 1.54 -3.87 1.59
C GLY A 118 0.62 -4.49 2.63
N TYR A 119 -0.66 -4.14 2.56
CA TYR A 119 -1.65 -4.66 3.50
C TYR A 119 -1.76 -6.17 3.40
N ARG A 120 -1.92 -6.67 2.18
CA ARG A 120 -2.02 -8.10 1.94
C ARG A 120 -0.86 -8.86 2.58
N LEU A 121 0.35 -8.39 2.31
CA LEU A 121 1.54 -9.02 2.87
C LEU A 121 1.53 -9.00 4.39
N ALA A 122 1.13 -7.86 4.96
CA ALA A 122 1.06 -7.72 6.41
C ALA A 122 0.10 -8.74 7.02
N LEU A 123 -1.08 -8.84 6.42
CA LEU A 123 -2.10 -9.77 6.90
C LEU A 123 -1.69 -11.21 6.63
N HIS A 124 -0.85 -11.41 5.62
CA HIS A 124 -0.38 -12.74 5.25
C HIS A 124 0.32 -13.40 6.43
N VAL A 125 0.85 -12.59 7.33
CA VAL A 125 1.55 -13.10 8.50
C VAL A 125 0.74 -12.86 9.78
N TYR A 126 0.08 -11.72 9.83
CA TYR A 126 -0.74 -11.36 10.99
C TYR A 126 -1.90 -12.32 11.15
N GLN A 127 -2.33 -12.91 10.04
CA GLN A 127 -3.45 -13.84 10.05
C GLN A 127 -3.09 -15.11 10.82
N HIS A 128 -1.79 -15.33 11.00
CA HIS A 128 -1.31 -16.51 11.73
C HIS A 128 -1.27 -16.24 13.24
N GLY A 129 -1.18 -14.96 13.60
CA GLY A 129 -1.13 -14.59 15.00
C GLY A 129 0.02 -13.66 15.31
N LEU A 130 -0.30 -12.40 15.61
CA LEU A 130 0.73 -11.42 15.93
C LEU A 130 0.23 -10.46 17.01
N THR A 131 -1.02 -10.03 16.90
CA THR A 131 -1.61 -9.12 17.87
C THR A 131 -0.87 -7.79 17.89
N GLY A 132 -1.11 -6.95 16.88
CA GLY A 132 -0.46 -5.66 16.81
C GLY A 132 0.59 -5.60 15.72
N PHE A 133 0.15 -5.82 14.48
CA PHE A 133 1.05 -5.79 13.33
C PHE A 133 0.77 -4.60 12.44
N LEU A 134 -0.48 -4.13 12.46
CA LEU A 134 -0.89 -2.99 11.65
C LEU A 134 0.06 -1.81 11.85
N GLY A 135 0.28 -1.45 13.11
CA GLY A 135 1.18 -0.34 13.41
C GLY A 135 2.59 -0.58 12.92
N GLN A 136 3.03 -1.83 12.99
CA GLN A 136 4.37 -2.19 12.55
C GLN A 136 4.56 -1.91 11.06
N VAL A 137 3.66 -2.46 10.25
CA VAL A 137 3.74 -2.26 8.81
C VAL A 137 3.62 -0.78 8.45
N THR A 138 2.61 -0.11 9.00
CA THR A 138 2.40 1.30 8.74
C THR A 138 3.64 2.11 9.05
N ARG A 139 4.30 1.77 10.15
CA ARG A 139 5.52 2.47 10.56
C ARG A 139 6.65 2.23 9.56
N PHE A 140 6.81 0.97 9.16
CA PHE A 140 7.86 0.59 8.22
C PHE A 140 7.69 1.34 6.90
N VAL A 141 6.44 1.52 6.48
CA VAL A 141 6.14 2.22 5.24
C VAL A 141 6.44 3.71 5.36
N VAL A 142 5.88 4.34 6.38
CA VAL A 142 6.08 5.76 6.60
C VAL A 142 7.56 6.10 6.70
N ASP A 143 8.30 5.25 7.42
CA ASP A 143 9.73 5.45 7.58
C ASP A 143 10.48 5.23 6.26
N PHE A 144 10.14 4.15 5.58
CA PHE A 144 10.77 3.82 4.31
C PHE A 144 10.55 4.92 3.28
N MET A 145 9.33 5.45 3.25
CA MET A 145 8.98 6.52 2.32
C MET A 145 9.73 7.80 2.65
N LEU A 146 9.70 8.19 3.93
CA LEU A 146 10.38 9.39 4.38
C LEU A 146 11.87 9.32 4.07
N HIS A 147 12.43 8.11 4.09
CA HIS A 147 13.84 7.92 3.81
C HIS A 147 14.10 7.93 2.31
N HIS A 148 13.47 7.00 1.60
CA HIS A 148 13.64 6.91 0.15
C HIS A 148 13.22 8.20 -0.53
N CYS A 149 13.25 8.22 -1.85
CA CYS A 149 12.88 9.39 -2.63
C CYS A 149 11.42 9.32 -3.05
N ILE A 150 10.61 8.66 -2.24
CA ILE A 150 9.18 8.51 -2.53
C ILE A 150 8.40 9.73 -2.04
N ALA A 151 8.61 10.09 -0.79
CA ALA A 151 7.92 11.25 -0.21
C ALA A 151 8.05 12.48 -1.11
N ARG A 152 9.28 12.88 -1.38
CA ARG A 152 9.55 14.04 -2.22
C ARG A 152 8.79 13.94 -3.54
N TRP A 153 8.81 12.75 -4.14
CA TRP A 153 8.13 12.52 -5.40
C TRP A 153 6.66 12.89 -5.30
N ILE A 154 5.97 12.30 -4.33
CA ILE A 154 4.55 12.57 -4.12
C ILE A 154 4.29 14.07 -3.97
N ALA A 155 5.13 14.73 -3.17
CA ALA A 155 4.99 16.16 -2.94
C ALA A 155 5.19 16.94 -4.24
N GLN A 156 6.01 16.40 -5.13
CA GLN A 156 6.29 17.05 -6.40
C GLN A 156 5.11 16.90 -7.36
N ARG A 157 4.43 15.75 -7.29
CA ARG A 157 3.29 15.49 -8.15
C ARG A 157 2.05 16.21 -7.64
N GLY A 158 2.19 16.87 -6.49
CA GLY A 158 1.06 17.59 -5.92
C GLY A 158 0.47 16.89 -4.72
N GLY A 159 1.34 16.31 -3.88
CA GLY A 159 0.86 15.61 -2.70
C GLY A 159 -0.17 14.54 -3.03
N TRP A 160 -0.70 13.90 -2.00
CA TRP A 160 -1.71 12.86 -2.19
C TRP A 160 -2.99 13.44 -2.76
N VAL A 161 -3.11 14.76 -2.72
CA VAL A 161 -4.29 15.44 -3.24
C VAL A 161 -4.37 15.32 -4.76
N ALA A 162 -3.27 14.87 -5.37
CA ALA A 162 -3.22 14.70 -6.82
C ALA A 162 -3.71 13.33 -7.24
N ALA A 163 -4.12 12.52 -6.26
CA ALA A 163 -4.61 11.18 -6.52
C ALA A 163 -6.07 11.22 -6.97
N LEU A 164 -6.89 12.00 -6.28
CA LEU A 164 -8.30 12.13 -6.60
C LEU A 164 -8.48 12.57 -8.06
N ASN A 165 -7.45 13.18 -8.62
CA ASN A 165 -7.50 13.65 -9.99
C ASN A 165 -6.82 12.65 -10.94
N LEU A 166 -6.91 11.38 -10.59
CA LEU A 166 -6.31 10.32 -11.40
C LEU A 166 -7.37 9.44 -12.03
N GLY A 167 -6.94 8.39 -12.72
CA GLY A 167 -7.88 7.48 -13.35
C GLY A 167 -8.78 8.19 -14.34
N ASN A 168 -10.04 8.37 -13.96
CA ASN A 168 -11.02 9.03 -14.82
C ASN A 168 -11.34 10.43 -14.29
N GLY A 169 -10.47 10.96 -13.44
CA GLY A 169 -10.68 12.28 -12.88
C GLY A 169 -9.38 12.96 -12.50
N GLU B 1 16.54 -17.03 0.46
CA GLU B 1 17.32 -16.05 -0.29
C GLU B 1 16.92 -16.04 -1.77
N ASP B 2 16.36 -17.15 -2.22
CA ASP B 2 15.93 -17.28 -3.61
C ASP B 2 14.55 -16.68 -3.81
N ILE B 3 13.75 -16.66 -2.74
CA ILE B 3 12.41 -16.11 -2.80
C ILE B 3 12.43 -14.59 -2.69
N ILE B 4 13.34 -14.07 -1.88
CA ILE B 4 13.47 -12.63 -1.69
C ILE B 4 13.68 -11.92 -3.02
N ARG B 5 14.30 -12.62 -3.96
CA ARG B 5 14.57 -12.05 -5.28
C ARG B 5 13.41 -12.30 -6.23
N ASN B 6 12.67 -13.37 -5.97
CA ASN B 6 11.52 -13.72 -6.80
C ASN B 6 10.39 -12.72 -6.61
N ILE B 7 10.04 -12.43 -5.36
CA ILE B 7 8.98 -11.49 -5.06
C ILE B 7 9.18 -10.18 -5.80
N ALA B 8 10.44 -9.77 -5.96
CA ALA B 8 10.77 -8.53 -6.66
C ALA B 8 10.54 -8.68 -8.16
N ARG B 9 10.78 -9.88 -8.68
CA ARG B 9 10.61 -10.14 -10.10
C ARG B 9 9.14 -10.07 -10.49
N HIS B 10 8.29 -10.73 -9.71
CA HIS B 10 6.85 -10.73 -9.98
C HIS B 10 6.29 -9.31 -9.96
N LEU B 11 7.00 -8.41 -9.29
CA LEU B 11 6.57 -7.02 -9.19
C LEU B 11 7.10 -6.21 -10.37
N ALA B 12 7.11 -6.81 -11.55
CA ALA B 12 7.59 -6.14 -12.75
C ALA B 12 6.44 -5.52 -13.53
N VAL B 14 3.22 -4.63 -11.34
CA VAL B 14 2.20 -3.94 -10.56
C VAL B 14 2.51 -2.45 -10.42
N GLY B 15 3.77 -2.10 -10.67
CA GLY B 15 4.18 -0.71 -10.58
C GLY B 15 3.80 0.10 -11.80
N ASP B 16 4.33 -0.28 -12.95
CA ASP B 16 4.04 0.41 -14.19
C ASP B 16 2.54 0.58 -14.39
N ASP B 19 -0.17 3.31 -14.01
CA ASP B 19 0.17 4.65 -14.48
C ASP B 19 -0.43 4.90 -15.87
N ARG B 20 -0.44 3.86 -16.69
CA ARG B 20 -0.97 3.97 -18.05
C ARG B 20 -2.48 4.20 -18.02
N SER B 21 -3.15 3.61 -17.05
CA SER B 21 -4.60 3.76 -16.92
C SER B 21 -4.95 4.88 -15.95
N ILE B 22 -4.01 5.81 -15.76
CA ILE B 22 -4.22 6.94 -14.87
C ILE B 22 -4.13 8.26 -15.63
N ALA A 1 -3.41 22.05 -9.93
CA ALA A 1 -3.81 23.28 -9.26
C ALA A 1 -3.95 23.06 -7.76
N LEU A 2 -3.08 22.21 -7.21
CA LEU A 2 -3.10 21.92 -5.78
C LEU A 2 -2.08 22.78 -5.03
N PRO A 3 -2.29 22.93 -3.72
CA PRO A 3 -1.40 23.72 -2.86
C PRO A 3 -0.05 23.07 -2.67
N SER A 4 0.80 23.69 -1.87
CA SER A 4 2.14 23.17 -1.61
C SER A 4 2.10 22.08 -0.55
N ALA A 5 3.25 21.44 -0.31
CA ALA A 5 3.34 20.37 0.67
C ALA A 5 4.77 19.86 0.79
N SER A 6 5.14 19.43 1.99
CA SER A 6 6.49 18.91 2.24
C SER A 6 6.43 17.48 2.76
N GLU A 7 7.59 16.83 2.82
CA GLU A 7 7.68 15.46 3.29
C GLU A 7 6.98 15.31 4.64
N GLU A 8 6.97 16.39 5.41
CA GLU A 8 6.34 16.38 6.73
C GLU A 8 4.87 15.99 6.64
N GLN A 9 4.13 16.69 5.78
CA GLN A 9 2.72 16.42 5.59
C GLN A 9 2.51 15.15 4.77
N VAL A 10 3.46 14.87 3.88
CA VAL A 10 3.38 13.68 3.03
C VAL A 10 3.35 12.41 3.86
N ALA A 11 4.23 12.35 4.86
CA ALA A 11 4.30 11.18 5.73
C ALA A 11 2.95 10.88 6.37
N GLN A 12 2.37 11.89 7.01
CA GLN A 12 1.07 11.73 7.66
C GLN A 12 0.02 11.25 6.67
N ASP A 13 0.00 11.87 5.49
CA ASP A 13 -0.96 11.51 4.46
C ASP A 13 -0.73 10.08 3.98
N THR A 14 0.52 9.63 4.04
CA THR A 14 0.88 8.29 3.61
C THR A 14 0.21 7.23 4.49
N GLU A 15 0.47 7.32 5.79
CA GLU A 15 -0.11 6.37 6.74
C GLU A 15 -1.64 6.43 6.70
N GLU A 16 -2.17 7.64 6.63
CA GLU A 16 -3.62 7.83 6.60
C GLU A 16 -4.22 7.27 5.31
N VAL A 17 -3.65 7.68 4.18
CA VAL A 17 -4.12 7.21 2.88
C VAL A 17 -3.98 5.70 2.76
N PHE A 18 -2.92 5.15 3.35
CA PHE A 18 -2.67 3.72 3.30
C PHE A 18 -3.78 2.95 3.99
N ARG A 19 -4.01 3.26 5.27
CA ARG A 19 -5.04 2.60 6.04
C ARG A 19 -6.40 2.74 5.37
N SER A 20 -6.73 3.95 4.92
CA SER A 20 -8.00 4.21 4.27
C SER A 20 -8.06 3.49 2.92
N TYR A 21 -6.93 3.43 2.23
CA TYR A 21 -6.86 2.76 0.93
C TYR A 21 -7.29 1.31 1.03
N VAL A 22 -6.55 0.54 1.85
CA VAL A 22 -6.85 -0.87 2.03
C VAL A 22 -8.22 -1.07 2.69
N PHE A 23 -8.54 -0.19 3.64
CA PHE A 23 -9.82 -0.27 4.34
C PHE A 23 -10.98 -0.06 3.39
N TYR A 24 -10.80 0.84 2.43
CA TYR A 24 -11.84 1.14 1.44
C TYR A 24 -12.00 -0.03 0.47
N ARG A 25 -10.89 -0.53 -0.04
CA ARG A 25 -10.91 -1.64 -0.98
C ARG A 25 -11.46 -2.90 -0.33
N HIS A 26 -11.03 -3.14 0.91
CA HIS A 26 -11.48 -4.32 1.65
C HIS A 26 -12.94 -4.16 2.09
N GLN A 27 -13.33 -2.93 2.39
CA GLN A 27 -14.70 -2.65 2.83
C GLN A 27 -15.71 -3.08 1.77
N GLN A 28 -15.26 -3.13 0.51
CA GLN A 28 -16.13 -3.53 -0.59
C GLN A 28 -16.35 -5.04 -0.58
N GLU A 29 -15.27 -5.79 -0.44
CA GLU A 29 -15.35 -7.25 -0.42
C GLU A 29 -15.92 -7.75 0.90
N GLN A 30 -15.70 -6.98 1.96
CA GLN A 30 -16.20 -7.33 3.29
C GLN A 30 -17.72 -7.22 3.35
N GLU A 31 -18.25 -6.13 2.82
CA GLU A 31 -19.69 -5.91 2.82
C GLU A 31 -20.36 -6.74 1.73
N ALA A 32 -19.68 -6.89 0.60
CA ALA A 32 -20.21 -7.66 -0.51
C ALA A 32 -20.33 -9.14 -0.16
N GLU A 33 -19.22 -9.75 0.21
CA GLU A 33 -19.21 -11.16 0.58
C GLU A 33 -19.27 -11.32 2.10
N GLY A 34 -19.26 -12.58 2.55
CA GLY A 34 -19.31 -12.85 3.98
C GLY A 34 -18.07 -13.54 4.48
N VAL A 35 -16.90 -13.01 4.12
CA VAL A 35 -15.63 -13.58 4.55
C VAL A 35 -15.12 -12.90 5.81
N ALA A 36 -13.93 -13.29 6.24
CA ALA A 36 -13.32 -12.73 7.44
C ALA A 36 -12.01 -12.02 7.11
N ALA A 37 -12.00 -11.28 6.00
CA ALA A 37 -10.81 -10.55 5.58
C ALA A 37 -10.31 -9.62 6.69
N PRO A 38 -9.04 -9.22 6.59
CA PRO A 38 -8.41 -8.33 7.58
C PRO A 38 -8.96 -6.92 7.49
N ALA A 39 -8.38 -6.01 8.29
CA ALA A 39 -8.80 -4.62 8.30
C ALA A 39 -10.23 -4.49 8.83
N ASP A 40 -10.67 -5.49 9.58
CA ASP A 40 -12.01 -5.49 10.15
C ASP A 40 -12.05 -4.66 11.43
N PRO A 41 -13.27 -4.26 11.82
CA PRO A 41 -13.47 -3.45 13.04
C PRO A 41 -13.21 -4.23 14.31
N GLU A 42 -11.92 -4.39 14.64
CA GLU A 42 -11.53 -5.13 15.84
C GLU A 42 -11.01 -4.17 16.91
N MET A 43 -10.40 -4.73 17.95
CA MET A 43 -9.86 -3.94 19.05
C MET A 43 -8.95 -2.84 18.51
N VAL A 44 -8.22 -3.16 17.44
CA VAL A 44 -7.31 -2.19 16.83
C VAL A 44 -8.06 -1.00 16.26
N THR A 45 -9.24 -1.27 15.70
CA THR A 45 -10.06 -0.22 15.10
C THR A 45 -9.37 0.40 13.90
N LEU A 46 -10.16 1.01 13.02
CA LEU A 46 -9.62 1.65 11.82
C LEU A 46 -9.74 3.16 11.91
N PRO A 47 -8.77 3.80 12.58
CA PRO A 47 -8.74 5.25 12.75
C PRO A 47 -8.46 5.99 11.44
N LEU A 48 -9.50 6.15 10.62
CA LEU A 48 -9.36 6.84 9.34
C LEU A 48 -9.37 8.35 9.54
N GLN A 49 -9.03 9.07 8.47
CA GLN A 49 -9.01 10.53 8.52
C GLN A 49 -10.06 11.13 7.60
N PRO A 50 -11.33 11.01 8.01
CA PRO A 50 -12.46 11.53 7.25
C PRO A 50 -12.51 13.06 7.23
N SER A 51 -11.65 13.67 8.04
CA SER A 51 -11.58 15.13 8.13
C SER A 51 -10.61 15.69 7.10
N SER A 52 -9.80 14.81 6.52
CA SER A 52 -8.82 15.23 5.52
C SER A 52 -9.20 14.72 4.14
N THR A 53 -8.65 15.35 3.11
CA THR A 53 -8.94 14.97 1.73
C THR A 53 -8.49 13.54 1.46
N MET A 54 -7.60 13.04 2.30
CA MET A 54 -7.08 11.67 2.15
C MET A 54 -8.23 10.67 2.06
N GLY A 55 -9.36 11.00 2.69
CA GLY A 55 -10.51 10.13 2.67
C GLY A 55 -10.87 9.69 1.27
N GLN A 56 -11.07 10.65 0.38
CA GLN A 56 -11.43 10.36 -1.01
C GLN A 56 -10.25 9.77 -1.77
N VAL A 57 -9.04 10.17 -1.36
CA VAL A 57 -7.82 9.68 -2.01
C VAL A 57 -7.78 8.16 -2.02
N GLY A 58 -7.87 7.56 -0.83
CA GLY A 58 -7.84 6.11 -0.74
C GLY A 58 -8.84 5.44 -1.64
N ARG A 59 -10.02 6.05 -1.77
CA ARG A 59 -11.08 5.50 -2.61
C ARG A 59 -10.61 5.39 -4.05
N GLN A 60 -10.17 6.49 -4.63
CA GLN A 60 -9.69 6.52 -6.00
C GLN A 60 -8.56 5.52 -6.21
N LEU A 61 -7.54 5.60 -5.35
CA LEU A 61 -6.39 4.72 -5.42
C LEU A 61 -6.84 3.25 -5.48
N ALA A 62 -7.77 2.90 -4.61
CA ALA A 62 -8.30 1.53 -4.57
C ALA A 62 -8.93 1.14 -5.90
N ILE A 63 -9.46 2.13 -6.61
CA ILE A 63 -10.09 1.88 -7.89
C ILE A 63 -9.05 1.61 -8.98
N ILE A 64 -8.10 2.53 -9.11
CA ILE A 64 -7.05 2.39 -10.11
C ILE A 64 -6.19 1.16 -9.84
N GLY A 65 -6.15 0.74 -8.57
CA GLY A 65 -5.37 -0.41 -8.19
C GLY A 65 -6.23 -1.61 -7.85
N ASP A 66 -7.53 -1.50 -8.12
CA ASP A 66 -8.46 -2.58 -7.82
C ASP A 66 -8.20 -3.79 -8.73
N ASP A 67 -8.54 -3.64 -10.01
CA ASP A 67 -8.34 -4.72 -10.98
C ASP A 67 -6.87 -5.09 -11.07
N ILE A 68 -6.00 -4.08 -11.01
CA ILE A 68 -4.56 -4.31 -11.09
C ILE A 68 -4.08 -5.22 -9.97
N ASN A 69 -4.43 -4.85 -8.73
CA ASN A 69 -4.04 -5.63 -7.56
C ASN A 69 -4.53 -7.07 -7.68
N ARG A 70 -5.84 -7.23 -7.78
CA ARG A 70 -6.45 -8.56 -7.89
C ARG A 70 -5.86 -9.32 -9.09
N ARG A 71 -5.50 -8.58 -10.13
CA ARG A 71 -4.93 -9.18 -11.33
C ARG A 71 -3.64 -9.91 -11.02
N TYR A 72 -2.68 -9.19 -10.43
CA TYR A 72 -1.40 -9.79 -10.09
C TYR A 72 -1.35 -10.16 -8.60
N ASP A 73 -2.53 -10.37 -8.02
CA ASP A 73 -2.64 -10.74 -6.62
C ASP A 73 -2.38 -12.23 -6.43
N SER A 74 -3.21 -13.06 -7.05
CA SER A 74 -3.07 -14.50 -6.95
C SER A 74 -1.68 -14.96 -7.35
N GLU A 75 -1.04 -14.16 -8.22
CA GLU A 75 0.30 -14.48 -8.69
C GLU A 75 1.35 -14.11 -7.65
N PHE A 76 1.03 -13.12 -6.82
CA PHE A 76 1.94 -12.66 -5.78
C PHE A 76 1.73 -13.45 -4.49
N GLN A 77 0.49 -13.86 -4.24
CA GLN A 77 0.15 -14.61 -3.04
C GLN A 77 0.74 -16.02 -3.12
N THR A 78 0.82 -16.56 -4.33
CA THR A 78 1.36 -17.91 -4.53
C THR A 78 2.79 -18.01 -4.02
N MET A 79 3.63 -17.08 -4.46
CA MET A 79 5.03 -17.06 -4.04
C MET A 79 5.17 -16.56 -2.61
N LEU A 80 4.33 -15.60 -2.23
CA LEU A 80 4.36 -15.04 -0.89
C LEU A 80 4.14 -16.11 0.16
N GLN A 81 3.22 -17.03 -0.13
CA GLN A 81 2.92 -18.12 0.80
C GLN A 81 4.17 -18.93 1.12
N HIS A 82 5.14 -18.89 0.21
CA HIS A 82 6.38 -19.62 0.39
C HIS A 82 7.31 -18.88 1.35
N LEU A 83 7.47 -17.58 1.12
CA LEU A 83 8.33 -16.76 1.96
C LEU A 83 7.99 -16.94 3.44
N GLN A 84 6.77 -16.55 3.81
CA GLN A 84 6.32 -16.68 5.19
C GLN A 84 7.12 -15.76 6.10
N PRO A 85 7.02 -14.45 5.88
CA PRO A 85 7.73 -13.45 6.67
C PRO A 85 7.19 -13.35 8.10
N THR A 86 7.78 -12.46 8.89
CA THR A 86 7.36 -12.26 10.27
C THR A 86 7.30 -10.78 10.63
N ALA A 87 6.83 -10.49 11.83
CA ALA A 87 6.72 -9.10 12.30
C ALA A 87 8.09 -8.56 12.69
N GLU A 88 9.02 -9.46 13.00
CA GLU A 88 10.37 -9.07 13.39
C GLU A 88 11.25 -8.84 12.16
N ASN A 89 10.86 -9.47 11.05
CA ASN A 89 11.62 -9.33 9.81
C ASN A 89 10.78 -8.67 8.73
N ALA A 90 9.63 -8.15 9.12
CA ALA A 90 8.73 -7.49 8.18
C ALA A 90 9.47 -6.43 7.37
N TYR A 91 10.14 -5.52 8.08
CA TYR A 91 10.89 -4.46 7.42
C TYR A 91 12.09 -5.02 6.66
N GLU A 92 12.73 -6.02 7.25
CA GLU A 92 13.90 -6.64 6.63
C GLU A 92 13.59 -7.06 5.19
N TYR A 93 12.43 -7.66 4.99
CA TYR A 93 12.01 -8.11 3.67
C TYR A 93 11.30 -6.99 2.91
N PHE A 94 10.39 -6.31 3.60
CA PHE A 94 9.63 -5.22 3.00
C PHE A 94 10.56 -4.21 2.33
N THR A 95 11.53 -3.72 3.10
CA THR A 95 12.48 -2.74 2.59
C THR A 95 13.06 -3.18 1.26
N LYS A 96 13.28 -4.49 1.12
CA LYS A 96 13.83 -5.04 -0.11
C LYS A 96 12.82 -4.97 -1.25
N ILE A 97 11.59 -5.36 -0.96
CA ILE A 97 10.52 -5.34 -1.96
C ILE A 97 10.36 -3.94 -2.55
N ALA A 98 10.19 -2.95 -1.68
CA ALA A 98 10.03 -1.57 -2.12
C ALA A 98 11.27 -1.08 -2.87
N THR A 99 12.43 -1.24 -2.24
CA THR A 99 13.69 -0.82 -2.84
C THR A 99 13.83 -1.37 -4.26
N SER A 100 13.37 -2.60 -4.45
CA SER A 100 13.46 -3.25 -5.75
C SER A 100 12.44 -2.66 -6.72
N LEU A 101 11.25 -2.35 -6.20
CA LEU A 101 10.19 -1.78 -7.01
C LEU A 101 10.52 -0.36 -7.44
N PHE A 102 10.93 0.47 -6.48
CA PHE A 102 11.28 1.86 -6.76
C PHE A 102 12.78 1.99 -7.01
N GLU A 103 13.41 0.89 -7.44
CA GLU A 103 14.84 0.89 -7.72
C GLU A 103 15.15 1.67 -8.99
N SER A 104 14.31 1.48 -10.00
CA SER A 104 14.50 2.16 -11.29
C SER A 104 14.07 3.61 -11.19
N GLY A 105 12.92 3.85 -10.57
CA GLY A 105 12.41 5.21 -10.42
C GLY A 105 11.17 5.27 -9.56
N ILE A 106 10.31 6.25 -9.83
CA ILE A 106 9.08 6.41 -9.09
C ILE A 106 7.90 6.72 -10.01
N ASN A 107 6.70 6.32 -9.59
CA ASN A 107 5.50 6.55 -10.39
C ASN A 107 4.25 6.26 -9.56
N TRP A 108 3.15 6.92 -9.92
CA TRP A 108 1.89 6.73 -9.22
C TRP A 108 1.54 5.26 -9.10
N GLY A 109 1.56 4.55 -10.22
CA GLY A 109 1.24 3.13 -10.22
C GLY A 109 2.06 2.36 -9.20
N ARG A 110 3.35 2.63 -9.15
CA ARG A 110 4.25 1.96 -8.21
C ARG A 110 3.85 2.28 -6.77
N VAL A 111 3.42 3.51 -6.55
CA VAL A 111 3.02 3.95 -5.21
C VAL A 111 1.82 3.16 -4.72
N VAL A 112 0.75 3.17 -5.50
CA VAL A 112 -0.47 2.45 -5.15
C VAL A 112 -0.22 0.95 -5.02
N ALA A 113 0.58 0.41 -5.93
CA ALA A 113 0.92 -1.01 -5.91
C ALA A 113 1.60 -1.39 -4.61
N LEU A 114 2.55 -0.56 -4.18
CA LEU A 114 3.28 -0.82 -2.95
C LEU A 114 2.33 -1.10 -1.78
N LEU A 115 1.31 -0.26 -1.66
CA LEU A 115 0.33 -0.41 -0.60
C LEU A 115 -0.53 -1.65 -0.82
N GLY A 116 -0.97 -1.84 -2.06
CA GLY A 116 -1.79 -3.00 -2.38
C GLY A 116 -1.19 -4.29 -1.88
N PHE A 117 0.03 -4.57 -2.29
CA PHE A 117 0.72 -5.79 -1.89
C PHE A 117 1.14 -5.72 -0.42
N GLY A 118 1.40 -4.50 0.05
CA GLY A 118 1.81 -4.31 1.43
C GLY A 118 0.87 -4.98 2.42
N TYR A 119 -0.40 -4.63 2.36
CA TYR A 119 -1.41 -5.20 3.24
C TYR A 119 -1.55 -6.70 3.01
N ARG A 120 -1.55 -7.09 1.74
CA ARG A 120 -1.68 -8.50 1.38
C ARG A 120 -0.62 -9.33 2.06
N LEU A 121 0.64 -8.95 1.88
CA LEU A 121 1.76 -9.66 2.48
C LEU A 121 1.62 -9.72 4.00
N ALA A 122 1.21 -8.60 4.59
CA ALA A 122 1.03 -8.53 6.03
C ALA A 122 -0.13 -9.41 6.49
N LEU A 123 -1.11 -9.59 5.62
CA LEU A 123 -2.27 -10.41 5.93
C LEU A 123 -1.92 -11.90 5.94
N HIS A 124 -1.06 -12.29 5.00
CA HIS A 124 -0.63 -13.68 4.90
C HIS A 124 -0.07 -14.18 6.23
N VAL A 125 0.42 -13.24 7.05
CA VAL A 125 0.98 -13.58 8.35
C VAL A 125 0.05 -13.16 9.48
N TYR A 126 -0.57 -11.99 9.32
CA TYR A 126 -1.49 -11.47 10.32
C TYR A 126 -2.65 -12.44 10.56
N GLN A 127 -3.02 -13.16 9.51
CA GLN A 127 -4.12 -14.13 9.60
C GLN A 127 -3.87 -15.13 10.72
N HIS A 128 -2.60 -15.39 11.00
CA HIS A 128 -2.23 -16.34 12.05
C HIS A 128 -2.56 -15.77 13.43
N GLY A 129 -2.60 -14.45 13.53
CA GLY A 129 -2.90 -13.80 14.79
C GLY A 129 -1.65 -13.37 15.53
N LEU A 130 -1.25 -12.12 15.31
CA LEU A 130 -0.05 -11.58 15.95
C LEU A 130 -0.43 -10.60 17.07
N THR A 131 -0.69 -9.35 16.69
CA THR A 131 -1.07 -8.33 17.64
C THR A 131 -1.21 -6.97 16.97
N GLY A 132 -1.65 -6.98 15.71
CA GLY A 132 -1.82 -5.74 14.97
C GLY A 132 -0.70 -5.49 13.99
N PHE A 133 -0.83 -6.01 12.78
CA PHE A 133 0.19 -5.84 11.76
C PHE A 133 -0.17 -4.69 10.83
N LEU A 134 -1.46 -4.39 10.73
CA LEU A 134 -1.93 -3.32 9.87
C LEU A 134 -1.16 -2.03 10.13
N GLY A 135 -1.23 -1.54 11.37
CA GLY A 135 -0.52 -0.32 11.72
C GLY A 135 0.95 -0.38 11.37
N GLN A 136 1.60 -1.50 11.70
CA GLN A 136 3.01 -1.68 11.42
C GLN A 136 3.31 -1.40 9.94
N VAL A 137 2.63 -2.12 9.06
CA VAL A 137 2.81 -1.95 7.62
C VAL A 137 2.66 -0.49 7.22
N THR A 138 1.60 0.14 7.72
CA THR A 138 1.33 1.55 7.41
C THR A 138 2.55 2.42 7.70
N ARG A 139 2.93 2.48 8.98
CA ARG A 139 4.07 3.28 9.39
C ARG A 139 5.34 2.84 8.66
N PHE A 140 5.42 1.55 8.36
CA PHE A 140 6.58 1.00 7.67
C PHE A 140 6.71 1.59 6.27
N VAL A 141 5.62 1.53 5.51
CA VAL A 141 5.61 2.06 4.15
C VAL A 141 6.02 3.54 4.14
N VAL A 142 5.38 4.32 5.00
CA VAL A 142 5.67 5.75 5.09
C VAL A 142 7.08 5.99 5.63
N ASP A 143 7.52 5.11 6.51
CA ASP A 143 8.85 5.23 7.11
C ASP A 143 9.93 5.21 6.03
N PHE A 144 9.97 4.13 5.25
CA PHE A 144 10.95 3.99 4.19
C PHE A 144 10.66 4.97 3.05
N MET A 145 9.38 5.23 2.82
CA MET A 145 8.97 6.14 1.76
C MET A 145 9.63 7.51 1.92
N LEU A 146 9.60 8.03 3.15
CA LEU A 146 10.20 9.33 3.44
C LEU A 146 11.72 9.23 3.45
N HIS A 147 12.23 8.01 3.35
CA HIS A 147 13.67 7.78 3.35
C HIS A 147 14.12 7.11 2.06
N HIS A 148 13.50 7.51 0.95
CA HIS A 148 13.83 6.94 -0.35
C HIS A 148 13.55 7.95 -1.46
N CYS A 149 13.50 9.22 -1.10
CA CYS A 149 13.23 10.28 -2.08
C CYS A 149 11.83 10.14 -2.67
N ILE A 150 10.98 9.37 -1.99
CA ILE A 150 9.63 9.15 -2.44
C ILE A 150 8.71 10.29 -2.00
N ALA A 151 8.85 10.70 -0.74
CA ALA A 151 8.04 11.78 -0.19
C ALA A 151 8.04 12.99 -1.12
N ARG A 152 9.23 13.47 -1.46
CA ARG A 152 9.37 14.62 -2.34
C ARG A 152 8.62 14.41 -3.66
N TRP A 153 8.77 13.20 -4.21
CA TRP A 153 8.11 12.87 -5.47
C TRP A 153 6.60 13.08 -5.36
N ILE A 154 5.98 12.45 -4.37
CA ILE A 154 4.55 12.57 -4.17
C ILE A 154 4.14 14.03 -4.04
N ALA A 155 4.89 14.79 -3.25
CA ALA A 155 4.61 16.21 -3.04
C ALA A 155 4.69 16.98 -4.36
N GLN A 156 5.58 16.54 -5.23
CA GLN A 156 5.76 17.19 -6.53
C GLN A 156 4.59 16.90 -7.46
N ARG A 157 4.07 15.68 -7.37
CA ARG A 157 2.94 15.27 -8.20
C ARG A 157 1.64 15.89 -7.71
N GLY A 158 1.72 16.56 -6.56
CA GLY A 158 0.54 17.19 -5.99
C GLY A 158 0.04 16.48 -4.75
N GLY A 159 0.98 15.97 -3.95
CA GLY A 159 0.60 15.26 -2.73
C GLY A 159 -0.40 14.16 -2.99
N TRP A 160 -0.85 13.52 -1.91
CA TRP A 160 -1.81 12.43 -2.02
C TRP A 160 -3.16 12.94 -2.54
N VAL A 161 -3.34 14.26 -2.52
CA VAL A 161 -4.57 14.87 -2.98
C VAL A 161 -4.56 15.02 -4.49
N ALA A 162 -3.49 14.58 -5.13
CA ALA A 162 -3.36 14.67 -6.59
C ALA A 162 -3.75 13.35 -7.25
N ALA A 163 -3.92 12.31 -6.43
CA ALA A 163 -4.30 11.00 -6.94
C ALA A 163 -5.80 10.90 -7.16
N LEU A 164 -6.54 11.83 -6.57
CA LEU A 164 -7.99 11.85 -6.70
C LEU A 164 -8.40 12.09 -8.15
N ASN A 165 -7.46 12.55 -8.96
CA ASN A 165 -7.72 12.80 -10.37
C ASN A 165 -7.16 11.68 -11.25
N LEU A 166 -7.17 10.47 -10.71
CA LEU A 166 -6.67 9.31 -11.45
C LEU A 166 -7.80 8.34 -11.77
N GLY A 167 -7.56 7.47 -12.74
CA GLY A 167 -8.56 6.50 -13.14
C GLY A 167 -9.89 7.14 -13.49
N ASN A 168 -10.83 7.11 -12.56
CA ASN A 168 -12.15 7.70 -12.79
C ASN A 168 -12.07 9.22 -12.76
N GLY A 169 -10.91 9.75 -12.39
CA GLY A 169 -10.72 11.19 -12.34
C GLY A 169 -9.53 11.65 -13.16
N GLU B 1 16.43 -18.01 -0.58
CA GLU B 1 17.27 -17.02 -1.25
C GLU B 1 16.69 -16.64 -2.60
N ASP B 2 16.04 -17.61 -3.25
CA ASP B 2 15.44 -17.38 -4.56
C ASP B 2 14.10 -16.67 -4.43
N ILE B 3 13.53 -16.69 -3.22
CA ILE B 3 12.25 -16.05 -2.97
C ILE B 3 12.42 -14.54 -2.79
N ILE B 4 13.51 -14.15 -2.13
CA ILE B 4 13.78 -12.74 -1.89
C ILE B 4 14.03 -12.00 -3.20
N ARG B 5 14.63 -12.69 -4.17
CA ARG B 5 14.92 -12.10 -5.46
C ARG B 5 13.74 -12.27 -6.41
N ASN B 6 12.93 -13.29 -6.16
CA ASN B 6 11.77 -13.58 -6.99
C ASN B 6 10.69 -12.50 -6.81
N ILE B 7 10.37 -12.21 -5.55
CA ILE B 7 9.36 -11.21 -5.24
C ILE B 7 9.65 -9.89 -5.96
N ALA B 8 10.92 -9.55 -6.06
CA ALA B 8 11.34 -8.32 -6.72
C ALA B 8 11.18 -8.43 -8.23
N ARG B 9 11.25 -9.66 -8.74
CA ARG B 9 11.12 -9.90 -10.17
C ARG B 9 9.65 -9.88 -10.59
N HIS B 10 8.77 -10.29 -9.68
CA HIS B 10 7.34 -10.32 -9.95
C HIS B 10 6.76 -8.91 -9.96
N LEU B 11 7.46 -7.98 -9.33
CA LEU B 11 7.02 -6.59 -9.27
C LEU B 11 7.52 -5.82 -10.48
N ALA B 12 7.58 -6.47 -11.62
CA ALA B 12 8.03 -5.84 -12.86
C ALA B 12 6.85 -5.31 -13.67
N VAL B 14 3.61 -4.49 -11.54
CA VAL B 14 2.55 -3.87 -10.74
C VAL B 14 2.69 -2.36 -10.72
N GLY B 15 3.89 -1.87 -11.00
CA GLY B 15 4.14 -0.44 -11.00
C GLY B 15 3.71 0.21 -12.30
N ASP B 16 4.23 -0.29 -13.41
CA ASP B 16 3.90 0.27 -14.73
C ASP B 16 2.39 0.35 -14.91
N ASP B 19 -0.35 2.86 -14.18
CA ASP B 19 -0.01 4.26 -14.41
C ASP B 19 -0.52 4.72 -15.77
N ARG B 20 -0.68 3.78 -16.70
CA ARG B 20 -1.16 4.10 -18.03
C ARG B 20 -2.68 4.03 -18.10
N SER B 21 -3.28 3.39 -17.10
CA SER B 21 -4.73 3.25 -17.05
C SER B 21 -5.33 4.16 -15.98
N ILE B 22 -4.58 5.21 -15.62
CA ILE B 22 -5.03 6.16 -14.61
C ILE B 22 -5.11 7.56 -15.19
N ALA A 1 13.07 23.31 3.38
CA ALA A 1 12.90 24.76 3.39
C ALA A 1 12.25 25.26 2.10
N LEU A 2 11.68 24.33 1.35
CA LEU A 2 11.02 24.68 0.09
C LEU A 2 9.51 24.76 0.27
N PRO A 3 8.84 25.49 -0.64
CA PRO A 3 7.39 25.67 -0.60
C PRO A 3 6.64 24.37 -0.94
N SER A 4 5.32 24.47 -1.01
CA SER A 4 4.48 23.31 -1.32
C SER A 4 4.61 22.26 -0.23
N ALA A 5 3.81 21.21 -0.35
CA ALA A 5 3.82 20.12 0.62
C ALA A 5 5.21 19.51 0.75
N SER A 6 5.56 19.06 1.95
CA SER A 6 6.86 18.46 2.20
C SER A 6 6.71 17.03 2.73
N GLU A 7 7.83 16.31 2.77
CA GLU A 7 7.82 14.93 3.26
C GLU A 7 7.11 14.84 4.61
N GLU A 8 7.21 15.90 5.41
CA GLU A 8 6.58 15.94 6.72
C GLU A 8 5.08 15.65 6.61
N GLN A 9 4.41 16.37 5.72
CA GLN A 9 2.97 16.19 5.52
C GLN A 9 2.69 14.93 4.70
N VAL A 10 3.64 14.57 3.85
CA VAL A 10 3.49 13.38 3.02
C VAL A 10 3.36 12.12 3.87
N ALA A 11 4.14 12.06 4.94
CA ALA A 11 4.10 10.91 5.84
C ALA A 11 2.72 10.71 6.43
N GLN A 12 2.15 11.79 6.98
CA GLN A 12 0.83 11.73 7.59
C GLN A 12 -0.22 11.31 6.56
N ASP A 13 -0.18 11.93 5.39
CA ASP A 13 -1.12 11.61 4.33
C ASP A 13 -0.93 10.18 3.84
N THR A 14 0.32 9.71 3.86
CA THR A 14 0.63 8.36 3.42
C THR A 14 -0.04 7.33 4.30
N GLU A 15 0.18 7.42 5.60
CA GLU A 15 -0.41 6.48 6.55
C GLU A 15 -1.94 6.54 6.49
N GLU A 16 -2.47 7.75 6.42
CA GLU A 16 -3.91 7.95 6.36
C GLU A 16 -4.49 7.36 5.09
N VAL A 17 -3.92 7.74 3.94
CA VAL A 17 -4.38 7.25 2.65
C VAL A 17 -4.18 5.74 2.54
N PHE A 18 -3.10 5.24 3.15
CA PHE A 18 -2.79 3.82 3.12
C PHE A 18 -3.89 3.02 3.81
N ARG A 19 -4.23 3.41 5.03
CA ARG A 19 -5.25 2.72 5.80
C ARG A 19 -6.61 2.80 5.10
N SER A 20 -6.96 4.02 4.66
CA SER A 20 -8.23 4.24 3.98
C SER A 20 -8.28 3.47 2.66
N TYR A 21 -7.16 3.47 1.95
CA TYR A 21 -7.08 2.77 0.67
C TYR A 21 -7.34 1.28 0.83
N VAL A 22 -6.51 0.63 1.64
CA VAL A 22 -6.66 -0.80 1.89
C VAL A 22 -8.02 -1.12 2.50
N PHE A 23 -8.52 -0.20 3.32
CA PHE A 23 -9.82 -0.39 3.97
C PHE A 23 -10.95 -0.26 2.96
N TYR A 24 -10.77 0.61 1.98
CA TYR A 24 -11.78 0.84 0.95
C TYR A 24 -11.84 -0.33 -0.02
N ARG A 25 -10.67 -0.88 -0.35
CA ARG A 25 -10.59 -2.00 -1.28
C ARG A 25 -11.08 -3.28 -0.62
N HIS A 26 -10.83 -3.41 0.68
CA HIS A 26 -11.26 -4.59 1.44
C HIS A 26 -12.76 -4.58 1.67
N GLN A 27 -13.28 -3.42 2.05
CA GLN A 27 -14.71 -3.26 2.32
C GLN A 27 -15.53 -3.77 1.13
N GLN A 28 -14.97 -3.65 -0.07
CA GLN A 28 -15.65 -4.11 -1.28
C GLN A 28 -15.68 -5.62 -1.35
N GLU A 29 -14.54 -6.25 -1.09
CA GLU A 29 -14.45 -7.71 -1.13
C GLU A 29 -15.51 -8.35 -0.24
N GLN A 30 -15.90 -7.64 0.81
CA GLN A 30 -16.91 -8.13 1.73
C GLN A 30 -18.18 -8.57 0.99
N GLU A 31 -18.44 -7.92 -0.15
CA GLU A 31 -19.61 -8.24 -0.95
C GLU A 31 -19.55 -9.68 -1.44
N ALA A 32 -18.34 -10.18 -1.68
CA ALA A 32 -18.15 -11.54 -2.15
C ALA A 32 -18.21 -12.54 -0.99
N GLU A 33 -17.32 -12.35 -0.02
CA GLU A 33 -17.27 -13.23 1.14
C GLU A 33 -17.17 -12.43 2.44
N GLY A 34 -17.03 -13.13 3.55
CA GLY A 34 -16.94 -12.47 4.84
C GLY A 34 -15.86 -13.07 5.73
N VAL A 35 -14.65 -13.15 5.20
CA VAL A 35 -13.52 -13.71 5.96
C VAL A 35 -12.30 -12.81 5.86
N ALA A 36 -11.60 -12.66 6.99
CA ALA A 36 -10.41 -11.83 7.04
C ALA A 36 -10.72 -10.40 6.62
N ALA A 37 -11.75 -9.81 7.22
CA ALA A 37 -12.14 -8.44 6.91
C ALA A 37 -11.32 -7.45 7.71
N PRO A 38 -11.29 -6.19 7.24
CA PRO A 38 -10.54 -5.11 7.89
C PRO A 38 -11.17 -4.70 9.23
N ALA A 39 -10.57 -3.70 9.86
CA ALA A 39 -11.06 -3.22 11.15
C ALA A 39 -11.16 -4.35 12.16
N ASP A 40 -10.05 -5.05 12.38
CA ASP A 40 -10.00 -6.16 13.33
C ASP A 40 -10.54 -5.72 14.69
N PRO A 41 -11.02 -6.69 15.47
CA PRO A 41 -11.57 -6.44 16.80
C PRO A 41 -10.49 -6.03 17.80
N GLU A 42 -10.08 -4.78 17.74
CA GLU A 42 -9.05 -4.25 18.64
C GLU A 42 -9.37 -2.82 19.06
N MET A 43 -8.66 -2.35 20.09
CA MET A 43 -8.87 -1.00 20.58
C MET A 43 -8.27 0.03 19.63
N VAL A 44 -7.14 -0.32 19.02
CA VAL A 44 -6.47 0.57 18.09
C VAL A 44 -7.37 0.92 16.91
N THR A 45 -8.03 -0.09 16.35
CA THR A 45 -8.92 0.11 15.21
C THR A 45 -8.22 0.87 14.09
N LEU A 46 -8.99 1.26 13.09
CA LEU A 46 -8.45 1.99 11.95
C LEU A 46 -8.93 3.44 11.95
N PRO A 47 -8.25 4.30 12.73
CA PRO A 47 -8.60 5.71 12.84
C PRO A 47 -8.30 6.48 11.56
N LEU A 48 -9.27 6.53 10.65
CA LEU A 48 -9.11 7.23 9.38
C LEU A 48 -9.82 8.58 9.42
N GLN A 49 -9.55 9.42 8.42
CA GLN A 49 -10.15 10.73 8.33
C GLN A 49 -11.16 10.80 7.18
N PRO A 50 -12.38 10.33 7.44
CA PRO A 50 -13.45 10.33 6.44
C PRO A 50 -13.95 11.73 6.11
N SER A 51 -13.48 12.71 6.88
CA SER A 51 -13.88 14.10 6.67
C SER A 51 -12.76 14.89 6.02
N SER A 52 -11.78 14.18 5.47
CA SER A 52 -10.64 14.82 4.81
C SER A 52 -10.43 14.25 3.42
N THR A 53 -9.73 15.00 2.58
CA THR A 53 -9.45 14.56 1.21
C THR A 53 -8.69 13.23 1.20
N MET A 54 -7.91 12.99 2.25
CA MET A 54 -7.14 11.76 2.35
C MET A 54 -8.04 10.55 2.14
N GLY A 55 -9.18 10.52 2.83
CA GLY A 55 -10.11 9.41 2.70
C GLY A 55 -10.72 9.33 1.32
N GLN A 56 -10.67 10.43 0.58
CA GLN A 56 -11.23 10.47 -0.77
C GLN A 56 -10.23 9.94 -1.79
N VAL A 57 -8.95 10.05 -1.47
CA VAL A 57 -7.89 9.57 -2.37
C VAL A 57 -7.91 8.05 -2.49
N GLY A 58 -7.97 7.37 -1.34
CA GLY A 58 -8.00 5.92 -1.36
C GLY A 58 -9.09 5.36 -2.24
N ARG A 59 -10.19 6.11 -2.37
CA ARG A 59 -11.31 5.68 -3.19
C ARG A 59 -10.88 5.48 -4.64
N GLN A 60 -10.33 6.54 -5.24
CA GLN A 60 -9.88 6.48 -6.62
C GLN A 60 -8.72 5.50 -6.77
N LEU A 61 -7.72 5.64 -5.90
CA LEU A 61 -6.55 4.77 -5.94
C LEU A 61 -6.97 3.30 -5.98
N ALA A 62 -7.90 2.94 -5.11
CA ALA A 62 -8.40 1.57 -5.05
C ALA A 62 -9.01 1.13 -6.37
N ILE A 63 -9.57 2.10 -7.09
CA ILE A 63 -10.20 1.83 -8.38
C ILE A 63 -9.14 1.57 -9.46
N ILE A 64 -8.21 2.50 -9.61
CA ILE A 64 -7.15 2.37 -10.59
C ILE A 64 -6.31 1.13 -10.33
N GLY A 65 -6.18 0.75 -9.06
CA GLY A 65 -5.40 -0.42 -8.70
C GLY A 65 -6.28 -1.61 -8.36
N ASP A 66 -7.56 -1.51 -8.69
CA ASP A 66 -8.50 -2.60 -8.40
C ASP A 66 -8.17 -3.83 -9.24
N ASP A 67 -8.51 -3.77 -10.53
CA ASP A 67 -8.26 -4.88 -11.44
C ASP A 67 -6.77 -5.23 -11.47
N ILE A 68 -5.92 -4.20 -11.40
CA ILE A 68 -4.48 -4.40 -11.42
C ILE A 68 -4.03 -5.26 -10.25
N ASN A 69 -4.38 -4.83 -9.04
CA ASN A 69 -4.01 -5.56 -7.83
C ASN A 69 -4.47 -7.01 -7.91
N ARG A 70 -5.77 -7.21 -8.05
CA ARG A 70 -6.34 -8.55 -8.15
C ARG A 70 -5.69 -9.34 -9.29
N ARG A 71 -5.38 -8.64 -10.38
CA ARG A 71 -4.76 -9.28 -11.53
C ARG A 71 -3.45 -9.98 -11.14
N TYR A 72 -2.54 -9.22 -10.56
CA TYR A 72 -1.25 -9.76 -10.14
C TYR A 72 -1.25 -10.07 -8.65
N ASP A 73 -2.44 -10.31 -8.09
CA ASP A 73 -2.58 -10.61 -6.68
C ASP A 73 -2.28 -12.08 -6.41
N SER A 74 -3.04 -12.97 -7.04
CA SER A 74 -2.86 -14.40 -6.86
C SER A 74 -1.40 -14.80 -7.11
N GLU A 75 -0.88 -14.40 -8.27
CA GLU A 75 0.50 -14.72 -8.62
C GLU A 75 1.47 -14.21 -7.56
N PHE A 76 1.04 -13.19 -6.82
CA PHE A 76 1.88 -12.61 -5.78
C PHE A 76 1.68 -13.34 -4.46
N GLN A 77 0.46 -13.80 -4.23
CA GLN A 77 0.13 -14.52 -3.00
C GLN A 77 0.69 -15.94 -3.03
N THR A 78 0.65 -16.56 -4.21
CA THR A 78 1.15 -17.92 -4.37
C THR A 78 2.60 -18.03 -3.89
N MET A 79 3.44 -17.11 -4.36
CA MET A 79 4.85 -17.10 -3.98
C MET A 79 5.03 -16.55 -2.57
N LEU A 80 4.21 -15.57 -2.20
CA LEU A 80 4.28 -14.95 -0.89
C LEU A 80 4.10 -16.00 0.21
N GLN A 81 3.22 -16.96 -0.05
CA GLN A 81 2.95 -18.02 0.92
C GLN A 81 4.23 -18.80 1.25
N HIS A 82 5.17 -18.79 0.32
CA HIS A 82 6.44 -19.49 0.51
C HIS A 82 7.40 -18.65 1.35
N LEU A 83 7.24 -17.34 1.28
CA LEU A 83 8.10 -16.43 2.03
C LEU A 83 7.90 -16.62 3.53
N GLN A 84 6.65 -16.62 3.97
CA GLN A 84 6.33 -16.79 5.38
C GLN A 84 7.31 -16.02 6.26
N PRO A 85 7.31 -14.70 6.13
CA PRO A 85 8.19 -13.82 6.90
C PRO A 85 7.82 -13.77 8.37
N THR A 86 8.41 -12.83 9.10
CA THR A 86 8.14 -12.68 10.53
C THR A 86 8.00 -11.20 10.90
N ALA A 87 7.65 -10.95 12.16
CA ALA A 87 7.48 -9.59 12.65
C ALA A 87 8.84 -8.94 12.90
N GLU A 88 9.85 -9.76 13.17
CA GLU A 88 11.20 -9.26 13.45
C GLU A 88 11.89 -8.84 12.15
N ASN A 89 11.62 -9.59 11.07
CA ASN A 89 12.21 -9.29 9.78
C ASN A 89 11.18 -8.70 8.82
N ALA A 90 10.01 -8.38 9.36
CA ALA A 90 8.93 -7.81 8.55
C ALA A 90 9.44 -6.63 7.72
N TYR A 91 10.06 -5.67 8.39
CA TYR A 91 10.60 -4.49 7.71
C TYR A 91 11.75 -4.85 6.79
N GLU A 92 12.57 -5.82 7.23
CA GLU A 92 13.71 -6.26 6.45
C GLU A 92 13.27 -6.82 5.10
N TYR A 93 12.09 -7.44 5.09
CA TYR A 93 11.55 -8.02 3.87
C TYR A 93 10.84 -6.97 3.02
N PHE A 94 9.90 -6.27 3.65
CA PHE A 94 9.14 -5.22 2.97
C PHE A 94 10.08 -4.24 2.27
N THR A 95 11.02 -3.70 3.03
CA THR A 95 11.97 -2.74 2.49
C THR A 95 12.61 -3.26 1.20
N LYS A 96 12.85 -4.57 1.16
CA LYS A 96 13.45 -5.19 -0.02
C LYS A 96 12.48 -5.19 -1.20
N ILE A 97 11.22 -5.56 -0.93
CA ILE A 97 10.21 -5.61 -1.96
C ILE A 97 10.05 -4.24 -2.63
N ALA A 98 9.82 -3.21 -1.82
CA ALA A 98 9.66 -1.86 -2.34
C ALA A 98 10.91 -1.40 -3.08
N THR A 99 12.06 -1.51 -2.41
CA THR A 99 13.32 -1.11 -3.02
C THR A 99 13.50 -1.72 -4.39
N SER A 100 13.09 -2.98 -4.55
CA SER A 100 13.21 -3.67 -5.82
C SER A 100 12.17 -3.17 -6.81
N LEU A 101 11.01 -2.79 -6.29
CA LEU A 101 9.92 -2.29 -7.13
C LEU A 101 10.25 -0.90 -7.68
N PHE A 102 10.54 0.03 -6.77
CA PHE A 102 10.87 1.40 -7.15
C PHE A 102 12.30 1.49 -7.66
N GLU A 103 13.02 0.37 -7.60
CA GLU A 103 14.40 0.33 -8.06
C GLU A 103 14.53 0.89 -9.47
N SER A 104 13.47 0.76 -10.25
CA SER A 104 13.46 1.25 -11.63
C SER A 104 13.15 2.74 -11.66
N GLY A 105 12.27 3.18 -10.75
CA GLY A 105 11.91 4.59 -10.69
C GLY A 105 10.74 4.83 -9.76
N ILE A 106 10.01 5.91 -10.01
CA ILE A 106 8.86 6.26 -9.19
C ILE A 106 7.72 6.83 -10.03
N ASN A 107 6.51 6.33 -9.80
CA ASN A 107 5.34 6.78 -10.55
C ASN A 107 4.07 6.57 -9.73
N TRP A 108 3.03 7.31 -10.09
CA TRP A 108 1.75 7.20 -9.40
C TRP A 108 1.31 5.75 -9.29
N GLY A 109 1.39 5.02 -10.40
CA GLY A 109 0.99 3.63 -10.41
C GLY A 109 1.75 2.80 -9.39
N ARG A 110 3.06 3.03 -9.30
CA ARG A 110 3.90 2.30 -8.36
C ARG A 110 3.45 2.55 -6.92
N VAL A 111 3.25 3.82 -6.58
CA VAL A 111 2.82 4.18 -5.24
C VAL A 111 1.56 3.43 -4.84
N VAL A 112 0.67 3.21 -5.81
CA VAL A 112 -0.57 2.49 -5.55
C VAL A 112 -0.32 1.02 -5.29
N ALA A 113 0.42 0.37 -6.19
CA ALA A 113 0.74 -1.04 -6.05
C ALA A 113 1.40 -1.32 -4.71
N LEU A 114 2.24 -0.39 -4.27
CA LEU A 114 2.95 -0.54 -3.00
C LEU A 114 1.97 -0.88 -1.88
N LEU A 115 0.92 -0.08 -1.75
CA LEU A 115 -0.08 -0.28 -0.71
C LEU A 115 -0.87 -1.57 -0.98
N GLY A 116 -1.24 -1.77 -2.23
CA GLY A 116 -1.99 -2.96 -2.60
C GLY A 116 -1.38 -4.23 -2.06
N PHE A 117 -0.09 -4.42 -2.33
CA PHE A 117 0.62 -5.60 -1.86
C PHE A 117 1.04 -5.45 -0.39
N GLY A 118 1.20 -4.21 0.04
CA GLY A 118 1.59 -3.94 1.41
C GLY A 118 0.65 -4.58 2.42
N TYR A 119 -0.63 -4.27 2.31
CA TYR A 119 -1.63 -4.81 3.21
C TYR A 119 -1.74 -6.33 3.06
N ARG A 120 -1.60 -6.81 1.83
CA ARG A 120 -1.68 -8.23 1.55
C ARG A 120 -0.62 -9.00 2.32
N LEU A 121 0.64 -8.63 2.13
CA LEU A 121 1.75 -9.28 2.82
C LEU A 121 1.62 -9.13 4.33
N ALA A 122 1.24 -7.93 4.78
CA ALA A 122 1.07 -7.67 6.20
C ALA A 122 -0.01 -8.57 6.80
N LEU A 123 -1.16 -8.63 6.14
CA LEU A 123 -2.27 -9.45 6.62
C LEU A 123 -1.97 -10.93 6.42
N HIS A 124 -1.06 -11.23 5.51
CA HIS A 124 -0.68 -12.61 5.22
C HIS A 124 -0.09 -13.28 6.46
N VAL A 125 0.70 -12.52 7.22
CA VAL A 125 1.32 -13.04 8.44
C VAL A 125 0.49 -12.69 9.67
N TYR A 126 -0.13 -11.51 9.64
CA TYR A 126 -0.94 -11.05 10.76
C TYR A 126 -2.17 -11.95 10.94
N GLN A 127 -2.60 -12.57 9.85
CA GLN A 127 -3.76 -13.46 9.89
C GLN A 127 -3.44 -14.74 10.65
N HIS A 128 -2.16 -15.11 10.66
CA HIS A 128 -1.73 -16.32 11.36
C HIS A 128 -1.82 -16.14 12.86
N GLY A 129 -1.67 -14.90 13.32
CA GLY A 129 -1.74 -14.62 14.74
C GLY A 129 -0.74 -13.55 15.17
N LEU A 130 -1.20 -12.30 15.21
CA LEU A 130 -0.33 -11.19 15.60
C LEU A 130 -1.14 -10.11 16.31
N THR A 131 -0.80 -9.86 17.57
CA THR A 131 -1.49 -8.85 18.36
C THR A 131 -1.54 -7.52 17.62
N GLY A 132 -0.40 -6.82 17.58
CA GLY A 132 -0.35 -5.54 16.90
C GLY A 132 0.67 -5.52 15.79
N PHE A 133 0.21 -5.68 14.55
CA PHE A 133 1.11 -5.69 13.40
C PHE A 133 0.79 -4.51 12.46
N LEU A 134 -0.46 -4.07 12.47
CA LEU A 134 -0.90 -2.97 11.64
C LEU A 134 0.03 -1.77 11.79
N GLY A 135 0.23 -1.34 13.04
CA GLY A 135 1.10 -0.21 13.30
C GLY A 135 2.50 -0.43 12.80
N GLN A 136 2.98 -1.66 12.87
CA GLN A 136 4.32 -2.01 12.41
C GLN A 136 4.47 -1.77 10.91
N VAL A 137 3.57 -2.39 10.13
CA VAL A 137 3.60 -2.25 8.69
C VAL A 137 3.49 -0.78 8.28
N THR A 138 2.48 -0.10 8.80
CA THR A 138 2.26 1.31 8.48
C THR A 138 3.52 2.13 8.77
N ARG A 139 4.12 1.90 9.93
CA ARG A 139 5.32 2.62 10.31
C ARG A 139 6.45 2.39 9.31
N PHE A 140 6.63 1.14 8.92
CA PHE A 140 7.68 0.79 7.95
C PHE A 140 7.44 1.50 6.62
N VAL A 141 6.19 1.55 6.20
CA VAL A 141 5.83 2.20 4.94
C VAL A 141 6.19 3.68 4.97
N VAL A 142 5.69 4.38 5.97
CA VAL A 142 5.94 5.81 6.12
C VAL A 142 7.44 6.08 6.25
N ASP A 143 8.12 5.27 7.05
CA ASP A 143 9.55 5.43 7.26
C ASP A 143 10.32 5.19 5.96
N PHE A 144 10.10 4.03 5.35
CA PHE A 144 10.77 3.68 4.10
C PHE A 144 10.48 4.72 3.02
N MET A 145 9.20 5.05 2.86
CA MET A 145 8.78 6.02 1.86
C MET A 145 9.55 7.33 2.02
N LEU A 146 9.59 7.83 3.25
CA LEU A 146 10.30 9.08 3.54
C LEU A 146 11.81 8.86 3.55
N HIS A 147 12.22 7.61 3.40
CA HIS A 147 13.64 7.26 3.38
C HIS A 147 14.03 6.64 2.05
N HIS A 148 13.40 7.08 0.98
CA HIS A 148 13.69 6.56 -0.35
C HIS A 148 13.41 7.61 -1.43
N CYS A 149 13.38 8.87 -1.01
CA CYS A 149 13.12 9.97 -1.94
C CYS A 149 11.70 9.86 -2.52
N ILE A 150 10.85 9.11 -1.84
CA ILE A 150 9.47 8.93 -2.29
C ILE A 150 8.59 10.08 -1.83
N ALA A 151 8.73 10.48 -0.57
CA ALA A 151 7.95 11.57 -0.01
C ALA A 151 8.01 12.80 -0.90
N ARG A 152 9.23 13.25 -1.19
CA ARG A 152 9.43 14.43 -2.04
C ARG A 152 8.69 14.26 -3.37
N TRP A 153 8.79 13.08 -3.96
CA TRP A 153 8.14 12.79 -5.24
C TRP A 153 6.65 13.08 -5.16
N ILE A 154 5.98 12.46 -4.18
CA ILE A 154 4.55 12.65 -4.00
C ILE A 154 4.20 14.13 -3.84
N ALA A 155 4.98 14.82 -3.02
CA ALA A 155 4.76 16.25 -2.79
C ALA A 155 4.94 17.05 -4.07
N GLN A 156 5.81 16.55 -4.95
CA GLN A 156 6.08 17.23 -6.22
C GLN A 156 4.91 17.04 -7.19
N ARG A 157 4.30 15.86 -7.15
CA ARG A 157 3.19 15.56 -8.04
C ARG A 157 1.90 16.24 -7.56
N GLY A 158 1.99 16.87 -6.39
CA GLY A 158 0.84 17.56 -5.84
C GLY A 158 0.28 16.87 -4.61
N GLY A 159 1.16 16.24 -3.84
CA GLY A 159 0.74 15.55 -2.63
C GLY A 159 -0.34 14.52 -2.91
N TRP A 160 -0.78 13.83 -1.87
CA TRP A 160 -1.81 12.82 -2.01
C TRP A 160 -3.13 13.43 -2.47
N VAL A 161 -3.23 14.75 -2.38
CA VAL A 161 -4.44 15.46 -2.78
C VAL A 161 -4.48 15.65 -4.30
N ALA A 162 -3.46 15.14 -4.98
CA ALA A 162 -3.37 15.25 -6.43
C ALA A 162 -3.78 13.94 -7.10
N ALA A 163 -3.91 12.89 -6.30
CA ALA A 163 -4.29 11.58 -6.82
C ALA A 163 -5.80 11.47 -6.99
N LEU A 164 -6.54 12.35 -6.30
CA LEU A 164 -7.99 12.35 -6.36
C LEU A 164 -8.46 12.54 -7.80
N ASN A 165 -7.59 13.10 -8.64
CA ASN A 165 -7.92 13.33 -10.05
C ASN A 165 -7.50 12.15 -10.91
N LEU A 166 -6.51 11.41 -10.43
CA LEU A 166 -6.00 10.24 -11.16
C LEU A 166 -7.15 9.29 -11.51
N GLY A 167 -6.88 8.36 -12.43
CA GLY A 167 -7.89 7.40 -12.82
C GLY A 167 -8.94 8.00 -13.74
N ASN A 168 -10.17 8.10 -13.24
CA ASN A 168 -11.27 8.66 -14.01
C ASN A 168 -11.76 9.96 -13.41
N GLY A 169 -10.93 10.57 -12.56
CA GLY A 169 -11.29 11.82 -11.93
C GLY A 169 -12.46 11.67 -10.97
N GLU B 1 15.83 -16.67 -0.15
CA GLU B 1 16.29 -17.30 -1.38
C GLU B 1 15.12 -17.88 -2.16
N ASP B 2 15.08 -17.60 -3.46
CA ASP B 2 14.02 -18.10 -4.32
C ASP B 2 12.74 -17.28 -4.14
N ILE B 3 12.70 -16.48 -3.07
CA ILE B 3 11.54 -15.64 -2.78
C ILE B 3 11.93 -14.17 -2.71
N ILE B 4 13.18 -13.91 -2.33
CA ILE B 4 13.66 -12.54 -2.22
C ILE B 4 13.96 -11.96 -3.60
N ARG B 5 14.39 -12.82 -4.52
CA ARG B 5 14.71 -12.39 -5.88
C ARG B 5 13.49 -12.51 -6.79
N ASN B 6 12.66 -13.51 -6.53
CA ASN B 6 11.47 -13.74 -7.33
C ASN B 6 10.43 -12.64 -7.08
N ILE B 7 10.16 -12.37 -5.81
CA ILE B 7 9.20 -11.34 -5.44
C ILE B 7 9.52 -10.02 -6.12
N ALA B 8 10.81 -9.74 -6.27
CA ALA B 8 11.25 -8.51 -6.91
C ALA B 8 11.13 -8.59 -8.43
N ARG B 9 11.17 -9.81 -8.95
CA ARG B 9 11.07 -10.04 -10.38
C ARG B 9 9.63 -9.82 -10.86
N HIS B 10 8.67 -10.35 -10.11
CA HIS B 10 7.26 -10.21 -10.46
C HIS B 10 6.79 -8.77 -10.27
N LEU B 11 7.63 -7.96 -9.64
CA LEU B 11 7.31 -6.55 -9.39
C LEU B 11 7.72 -5.68 -10.57
N ALA B 12 7.75 -6.28 -11.75
CA ALA B 12 8.14 -5.55 -12.96
C ALA B 12 6.90 -5.07 -13.72
N VAL B 14 3.66 -4.43 -11.50
CA VAL B 14 2.58 -3.84 -10.71
C VAL B 14 2.73 -2.33 -10.64
N GLY B 15 3.92 -1.84 -10.93
CA GLY B 15 4.16 -0.40 -10.91
C GLY B 15 3.77 0.28 -12.20
N ASP B 16 4.33 -0.18 -13.31
CA ASP B 16 4.04 0.39 -14.61
C ASP B 16 2.53 0.47 -14.84
N ASP B 19 -0.28 2.92 -14.21
CA ASP B 19 0.06 4.31 -14.46
C ASP B 19 -0.41 4.74 -15.85
N ARG B 20 -0.53 3.78 -16.76
CA ARG B 20 -0.96 4.06 -18.13
C ARG B 20 -2.47 3.96 -18.25
N SER B 21 -3.10 3.32 -17.25
CA SER B 21 -4.54 3.14 -17.26
C SER B 21 -5.21 4.06 -16.23
N ILE B 22 -4.50 5.13 -15.87
CA ILE B 22 -5.02 6.08 -14.90
C ILE B 22 -5.16 7.48 -15.52
N ALA A 1 2.85 24.47 -12.91
CA ALA A 1 3.78 23.36 -12.87
C ALA A 1 4.81 23.55 -11.77
N LEU A 2 4.39 24.14 -10.67
CA LEU A 2 5.28 24.38 -9.53
C LEU A 2 5.16 23.27 -8.49
N PRO A 3 6.19 23.14 -7.65
CA PRO A 3 6.21 22.12 -6.59
C PRO A 3 5.22 22.41 -5.48
N SER A 4 5.10 21.48 -4.54
CA SER A 4 4.17 21.64 -3.42
C SER A 4 4.25 20.44 -2.48
N ALA A 5 3.53 20.52 -1.36
CA ALA A 5 3.51 19.44 -0.39
C ALA A 5 4.88 19.26 0.25
N SER A 6 4.89 18.84 1.52
CA SER A 6 6.14 18.63 2.25
C SER A 6 6.26 17.18 2.71
N GLU A 7 7.48 16.66 2.71
CA GLU A 7 7.73 15.29 3.13
C GLU A 7 7.07 15.01 4.48
N GLU A 8 7.17 15.96 5.39
CA GLU A 8 6.58 15.81 6.72
C GLU A 8 5.08 15.52 6.62
N GLN A 9 4.38 16.33 5.83
CA GLN A 9 2.95 16.16 5.65
C GLN A 9 2.65 14.94 4.79
N VAL A 10 3.58 14.59 3.91
CA VAL A 10 3.41 13.44 3.03
C VAL A 10 3.32 12.15 3.82
N ALA A 11 4.19 12.02 4.83
CA ALA A 11 4.20 10.83 5.67
C ALA A 11 2.84 10.59 6.31
N GLN A 12 2.30 11.62 6.95
CA GLN A 12 1.00 11.53 7.60
C GLN A 12 -0.08 11.14 6.61
N ASP A 13 -0.10 11.82 5.47
CA ASP A 13 -1.09 11.55 4.43
C ASP A 13 -0.92 10.14 3.87
N THR A 14 0.32 9.65 3.89
CA THR A 14 0.61 8.32 3.38
C THR A 14 -0.02 7.24 4.26
N GLU A 15 0.29 7.30 5.56
CA GLU A 15 -0.25 6.32 6.51
C GLU A 15 -1.77 6.35 6.51
N GLU A 16 -2.34 7.56 6.53
CA GLU A 16 -3.79 7.72 6.53
C GLU A 16 -4.40 7.16 5.26
N VAL A 17 -3.90 7.60 4.11
CA VAL A 17 -4.39 7.15 2.82
C VAL A 17 -4.20 5.65 2.66
N PHE A 18 -3.11 5.13 3.23
CA PHE A 18 -2.81 3.71 3.14
C PHE A 18 -3.89 2.87 3.84
N ARG A 19 -4.16 3.20 5.10
CA ARG A 19 -5.18 2.49 5.87
C ARG A 19 -6.53 2.55 5.18
N SER A 20 -6.94 3.75 4.80
CA SER A 20 -8.23 3.95 4.13
C SER A 20 -8.24 3.25 2.78
N TYR A 21 -7.10 3.27 2.09
CA TYR A 21 -6.97 2.65 0.78
C TYR A 21 -7.34 1.17 0.84
N VAL A 22 -6.62 0.43 1.67
CA VAL A 22 -6.87 -1.00 1.83
C VAL A 22 -8.26 -1.26 2.38
N PHE A 23 -8.69 -0.43 3.32
CA PHE A 23 -10.01 -0.56 3.93
C PHE A 23 -11.11 -0.38 2.88
N TYR A 24 -10.89 0.53 1.95
CA TYR A 24 -11.86 0.79 0.89
C TYR A 24 -11.92 -0.36 -0.11
N ARG A 25 -10.75 -0.75 -0.62
CA ARG A 25 -10.67 -1.84 -1.58
C ARG A 25 -11.32 -3.11 -1.03
N HIS A 26 -10.98 -3.44 0.21
CA HIS A 26 -11.53 -4.63 0.86
C HIS A 26 -13.01 -4.44 1.17
N GLN A 27 -13.38 -3.23 1.58
CA GLN A 27 -14.77 -2.93 1.91
C GLN A 27 -15.70 -3.33 0.77
N GLN A 28 -15.41 -2.84 -0.44
CA GLN A 28 -16.22 -3.16 -1.61
C GLN A 28 -15.97 -4.58 -2.07
N GLU A 29 -14.69 -4.99 -2.07
CA GLU A 29 -14.31 -6.33 -2.50
C GLU A 29 -15.10 -7.38 -1.73
N GLN A 30 -15.48 -7.06 -0.50
CA GLN A 30 -16.24 -7.98 0.33
C GLN A 30 -17.47 -8.50 -0.41
N GLU A 31 -18.00 -7.68 -1.30
CA GLU A 31 -19.18 -8.06 -2.08
C GLU A 31 -18.90 -9.30 -2.94
N ALA A 32 -17.65 -9.42 -3.38
CA ALA A 32 -17.25 -10.55 -4.22
C ALA A 32 -16.99 -11.79 -3.37
N GLU A 33 -16.05 -11.67 -2.43
CA GLU A 33 -15.70 -12.79 -1.56
C GLU A 33 -15.29 -12.28 -0.18
N GLY A 34 -14.94 -13.21 0.71
CA GLY A 34 -14.52 -12.84 2.05
C GLY A 34 -13.27 -13.57 2.50
N VAL A 35 -12.29 -13.66 1.60
CA VAL A 35 -11.04 -14.34 1.90
C VAL A 35 -9.95 -13.34 2.28
N ALA A 36 -9.25 -13.61 3.38
CA ALA A 36 -8.18 -12.74 3.84
C ALA A 36 -8.65 -11.30 3.95
N ALA A 37 -9.87 -11.12 4.46
CA ALA A 37 -10.45 -9.79 4.62
C ALA A 37 -10.24 -9.28 6.04
N PRO A 38 -10.35 -7.95 6.21
CA PRO A 38 -10.18 -7.30 7.52
C PRO A 38 -11.32 -7.62 8.47
N ALA A 39 -11.09 -7.38 9.76
CA ALA A 39 -12.11 -7.63 10.78
C ALA A 39 -11.61 -7.23 12.16
N ASP A 40 -12.23 -6.20 12.73
CA ASP A 40 -11.85 -5.71 14.05
C ASP A 40 -12.72 -4.53 14.46
N PRO A 41 -13.91 -4.82 14.99
CA PRO A 41 -14.85 -3.79 15.44
C PRO A 41 -14.37 -3.05 16.68
N GLU A 42 -13.23 -3.49 17.22
CA GLU A 42 -12.66 -2.88 18.42
C GLU A 42 -11.94 -1.58 18.06
N MET A 43 -11.15 -1.07 19.00
CA MET A 43 -10.40 0.16 18.79
C MET A 43 -9.52 0.05 17.55
N VAL A 44 -9.22 -1.17 17.14
CA VAL A 44 -8.39 -1.41 15.96
C VAL A 44 -9.14 -1.03 14.69
N THR A 45 -10.42 -0.71 14.82
CA THR A 45 -11.23 -0.33 13.68
C THR A 45 -10.51 0.66 12.79
N LEU A 46 -11.02 0.84 11.56
CA LEU A 46 -10.42 1.77 10.61
C LEU A 46 -11.30 2.99 10.42
N PRO A 47 -11.13 3.98 11.30
CA PRO A 47 -11.90 5.23 11.25
C PRO A 47 -11.51 6.10 10.06
N LEU A 48 -12.12 5.83 8.90
CA LEU A 48 -11.83 6.58 7.69
C LEU A 48 -11.95 8.08 7.95
N GLN A 49 -11.35 8.87 7.06
CA GLN A 49 -11.38 10.33 7.19
C GLN A 49 -12.14 10.95 6.02
N PRO A 50 -13.45 10.72 5.97
CA PRO A 50 -14.32 11.25 4.91
C PRO A 50 -14.50 12.76 5.02
N SER A 51 -14.01 13.33 6.12
CA SER A 51 -14.12 14.76 6.34
C SER A 51 -12.93 15.51 5.76
N SER A 52 -11.90 14.76 5.37
CA SER A 52 -10.70 15.34 4.79
C SER A 52 -10.45 14.80 3.39
N THR A 53 -9.54 15.46 2.67
CA THR A 53 -9.22 15.04 1.31
C THR A 53 -8.58 13.65 1.29
N MET A 54 -7.81 13.35 2.32
CA MET A 54 -7.14 12.06 2.43
C MET A 54 -8.12 10.92 2.23
N GLY A 55 -9.25 10.98 2.93
CA GLY A 55 -10.25 9.95 2.82
C GLY A 55 -10.78 9.80 1.40
N GLN A 56 -10.60 10.84 0.60
CA GLN A 56 -11.06 10.83 -0.78
C GLN A 56 -9.98 10.26 -1.71
N VAL A 57 -8.74 10.33 -1.26
CA VAL A 57 -7.61 9.83 -2.06
C VAL A 57 -7.60 8.31 -2.08
N GLY A 58 -7.62 7.70 -0.90
CA GLY A 58 -7.61 6.25 -0.82
C GLY A 58 -8.70 5.61 -1.66
N ARG A 59 -9.85 6.28 -1.75
CA ARG A 59 -10.97 5.78 -2.52
C ARG A 59 -10.58 5.58 -3.99
N GLN A 60 -10.14 6.65 -4.63
CA GLN A 60 -9.74 6.61 -6.02
C GLN A 60 -8.60 5.61 -6.23
N LEU A 61 -7.57 5.72 -5.39
CA LEU A 61 -6.41 4.85 -5.47
C LEU A 61 -6.86 3.38 -5.50
N ALA A 62 -7.77 3.03 -4.61
CA ALA A 62 -8.29 1.67 -4.54
C ALA A 62 -8.94 1.24 -5.85
N ILE A 63 -9.49 2.21 -6.56
CA ILE A 63 -10.15 1.94 -7.84
C ILE A 63 -9.11 1.66 -8.94
N ILE A 64 -8.16 2.57 -9.09
CA ILE A 64 -7.12 2.42 -10.11
C ILE A 64 -6.28 1.18 -9.84
N GLY A 65 -6.18 0.79 -8.57
CA GLY A 65 -5.40 -0.38 -8.21
C GLY A 65 -6.28 -1.57 -7.88
N ASP A 66 -7.58 -1.43 -8.12
CA ASP A 66 -8.52 -2.51 -7.84
C ASP A 66 -8.24 -3.73 -8.72
N ASP A 67 -8.60 -3.63 -10.00
CA ASP A 67 -8.39 -4.72 -10.94
C ASP A 67 -6.91 -5.09 -11.01
N ILE A 68 -6.05 -4.09 -11.04
CA ILE A 68 -4.61 -4.31 -11.11
C ILE A 68 -4.15 -5.22 -9.97
N ASN A 69 -4.51 -4.85 -8.74
CA ASN A 69 -4.14 -5.63 -7.57
C ASN A 69 -4.64 -7.07 -7.69
N ARG A 70 -5.96 -7.22 -7.69
CA ARG A 70 -6.58 -8.55 -7.79
C ARG A 70 -6.00 -9.31 -8.98
N ARG A 71 -5.63 -8.60 -10.03
CA ARG A 71 -5.07 -9.21 -11.23
C ARG A 71 -3.77 -9.94 -10.90
N TYR A 72 -2.80 -9.21 -10.37
CA TYR A 72 -1.51 -9.78 -10.01
C TYR A 72 -1.46 -10.14 -8.54
N ASP A 73 -2.63 -10.33 -7.94
CA ASP A 73 -2.73 -10.68 -6.53
C ASP A 73 -2.53 -12.18 -6.33
N SER A 74 -3.35 -12.97 -7.02
CA SER A 74 -3.28 -14.42 -6.91
C SER A 74 -1.86 -14.91 -7.18
N GLU A 75 -1.18 -14.26 -8.11
CA GLU A 75 0.18 -14.64 -8.47
C GLU A 75 1.17 -14.15 -7.41
N PHE A 76 0.79 -13.10 -6.69
CA PHE A 76 1.63 -12.55 -5.65
C PHE A 76 1.51 -13.34 -4.35
N GLN A 77 0.29 -13.78 -4.06
CA GLN A 77 0.03 -14.55 -2.84
C GLN A 77 0.62 -15.95 -2.97
N THR A 78 0.52 -16.54 -4.16
CA THR A 78 1.05 -17.88 -4.40
C THR A 78 2.50 -17.99 -3.94
N MET A 79 3.34 -17.08 -4.43
CA MET A 79 4.75 -17.09 -4.07
C MET A 79 4.95 -16.58 -2.64
N LEU A 80 4.14 -15.60 -2.24
CA LEU A 80 4.23 -15.04 -0.90
C LEU A 80 4.01 -16.12 0.16
N GLN A 81 3.05 -17.00 -0.08
CA GLN A 81 2.74 -18.08 0.85
C GLN A 81 3.98 -18.91 1.14
N HIS A 82 4.91 -18.92 0.19
CA HIS A 82 6.15 -19.68 0.35
C HIS A 82 7.12 -18.96 1.28
N LEU A 83 7.31 -17.67 1.06
CA LEU A 83 8.20 -16.86 1.87
C LEU A 83 7.89 -17.04 3.36
N GLN A 84 6.67 -16.67 3.75
CA GLN A 84 6.24 -16.79 5.13
C GLN A 84 7.09 -15.90 6.03
N PRO A 85 6.99 -14.58 5.81
CA PRO A 85 7.74 -13.59 6.61
C PRO A 85 7.24 -13.49 8.04
N THR A 86 7.84 -12.60 8.82
CA THR A 86 7.45 -12.41 10.20
C THR A 86 7.44 -10.93 10.57
N ALA A 87 7.06 -10.62 11.81
CA ALA A 87 7.01 -9.24 12.28
C ALA A 87 8.41 -8.73 12.59
N GLU A 88 9.28 -9.62 13.04
CA GLU A 88 10.65 -9.25 13.38
C GLU A 88 11.46 -8.94 12.12
N ASN A 89 11.21 -9.71 11.07
CA ASN A 89 11.91 -9.51 9.80
C ASN A 89 11.01 -8.83 8.78
N ALA A 90 9.86 -8.36 9.23
CA ALA A 90 8.91 -7.68 8.35
C ALA A 90 9.60 -6.60 7.55
N TYR A 91 10.31 -5.71 8.23
CA TYR A 91 11.02 -4.61 7.56
C TYR A 91 12.19 -5.15 6.74
N GLU A 92 12.85 -6.17 7.27
CA GLU A 92 14.00 -6.76 6.59
C GLU A 92 13.63 -7.16 5.16
N TYR A 93 12.48 -7.82 5.01
CA TYR A 93 12.02 -8.25 3.70
C TYR A 93 11.29 -7.13 2.98
N PHE A 94 10.43 -6.42 3.70
CA PHE A 94 9.66 -5.32 3.14
C PHE A 94 10.59 -4.33 2.43
N THR A 95 11.59 -3.85 3.16
CA THR A 95 12.55 -2.89 2.61
C THR A 95 13.09 -3.37 1.27
N LYS A 96 13.35 -4.67 1.17
CA LYS A 96 13.87 -5.25 -0.06
C LYS A 96 12.86 -5.12 -1.20
N ILE A 97 11.62 -5.49 -0.94
CA ILE A 97 10.56 -5.41 -1.93
C ILE A 97 10.45 -4.00 -2.50
N ALA A 98 10.29 -3.02 -1.61
CA ALA A 98 10.18 -1.63 -2.01
C ALA A 98 11.36 -1.20 -2.88
N THR A 99 12.56 -1.41 -2.36
CA THR A 99 13.78 -1.05 -3.09
C THR A 99 13.76 -1.60 -4.51
N SER A 100 13.31 -2.85 -4.64
CA SER A 100 13.24 -3.49 -5.94
C SER A 100 12.30 -2.75 -6.88
N LEU A 101 11.13 -2.38 -6.35
CA LEU A 101 10.13 -1.66 -7.14
C LEU A 101 10.62 -0.26 -7.48
N PHE A 102 10.92 0.53 -6.45
CA PHE A 102 11.40 1.89 -6.64
C PHE A 102 12.92 1.92 -6.68
N GLU A 103 13.52 0.96 -7.37
CA GLU A 103 14.97 0.90 -7.49
C GLU A 103 15.52 2.12 -8.21
N SER A 104 14.89 2.48 -9.31
CA SER A 104 15.33 3.64 -10.10
C SER A 104 14.16 4.24 -10.87
N GLY A 105 12.94 4.02 -10.37
CA GLY A 105 11.77 4.54 -11.03
C GLY A 105 10.63 4.79 -10.05
N ILE A 106 10.15 6.03 -10.02
CA ILE A 106 9.06 6.39 -9.12
C ILE A 106 7.84 6.89 -9.91
N ASN A 107 6.78 6.08 -9.91
CA ASN A 107 5.55 6.43 -10.62
C ASN A 107 4.33 6.15 -9.76
N TRP A 108 3.24 6.85 -10.05
CA TRP A 108 2.00 6.69 -9.30
C TRP A 108 1.66 5.20 -9.16
N GLY A 109 1.60 4.50 -10.29
CA GLY A 109 1.28 3.09 -10.27
C GLY A 109 2.12 2.31 -9.28
N ARG A 110 3.40 2.65 -9.20
CA ARG A 110 4.33 1.98 -8.29
C ARG A 110 3.93 2.25 -6.84
N VAL A 111 3.57 3.50 -6.55
CA VAL A 111 3.18 3.89 -5.20
C VAL A 111 1.93 3.13 -4.76
N VAL A 112 0.88 3.22 -5.56
CA VAL A 112 -0.38 2.55 -5.25
C VAL A 112 -0.17 1.04 -5.07
N ALA A 113 0.62 0.45 -5.98
CA ALA A 113 0.91 -0.97 -5.92
C ALA A 113 1.57 -1.35 -4.60
N LEU A 114 2.50 -0.52 -4.15
CA LEU A 114 3.22 -0.77 -2.90
C LEU A 114 2.24 -1.03 -1.77
N LEU A 115 1.23 -0.17 -1.64
CA LEU A 115 0.23 -0.30 -0.60
C LEU A 115 -0.63 -1.54 -0.82
N GLY A 116 -1.05 -1.75 -2.07
CA GLY A 116 -1.87 -2.90 -2.40
C GLY A 116 -1.29 -4.20 -1.86
N PHE A 117 -0.03 -4.47 -2.19
CA PHE A 117 0.64 -5.69 -1.75
C PHE A 117 1.14 -5.53 -0.32
N GLY A 118 1.33 -4.28 0.10
CA GLY A 118 1.81 -4.01 1.44
C GLY A 118 0.92 -4.62 2.51
N TYR A 119 -0.36 -4.26 2.48
CA TYR A 119 -1.31 -4.77 3.45
C TYR A 119 -1.51 -6.28 3.29
N ARG A 120 -1.49 -6.75 2.04
CA ARG A 120 -1.67 -8.16 1.74
C ARG A 120 -0.54 -8.99 2.37
N LEU A 121 0.69 -8.58 2.10
CA LEU A 121 1.86 -9.28 2.63
C LEU A 121 1.87 -9.24 4.16
N ALA A 122 1.55 -8.08 4.72
CA ALA A 122 1.52 -7.92 6.16
C ALA A 122 0.37 -8.71 6.78
N LEU A 123 -0.70 -8.87 6.02
CA LEU A 123 -1.87 -9.61 6.49
C LEU A 123 -1.60 -11.12 6.49
N HIS A 124 -0.83 -11.57 5.50
CA HIS A 124 -0.51 -12.98 5.39
C HIS A 124 0.14 -13.50 6.68
N VAL A 125 0.76 -12.59 7.43
CA VAL A 125 1.41 -12.95 8.67
C VAL A 125 0.60 -12.50 9.87
N TYR A 126 -0.07 -11.36 9.74
CA TYR A 126 -0.89 -10.83 10.81
C TYR A 126 -2.13 -11.69 11.05
N GLN A 127 -2.89 -11.94 9.99
CA GLN A 127 -4.09 -12.75 10.08
C GLN A 127 -3.74 -14.20 10.45
N HIS A 128 -2.51 -14.60 10.15
CA HIS A 128 -2.05 -15.94 10.45
C HIS A 128 -2.12 -16.21 11.96
N GLY A 129 -1.99 -15.15 12.76
CA GLY A 129 -2.03 -15.30 14.20
C GLY A 129 -1.11 -14.32 14.90
N LEU A 130 -1.31 -13.04 14.65
CA LEU A 130 -0.49 -12.00 15.27
C LEU A 130 -1.27 -10.70 15.43
N THR A 131 -1.10 -10.04 16.57
CA THR A 131 -1.79 -8.79 16.85
C THR A 131 -0.80 -7.63 16.97
N GLY A 132 -1.28 -6.42 16.68
CA GLY A 132 -0.42 -5.25 16.77
C GLY A 132 0.63 -5.22 15.69
N PHE A 133 0.20 -5.38 14.44
CA PHE A 133 1.12 -5.37 13.30
C PHE A 133 0.81 -4.20 12.38
N LEU A 134 -0.43 -3.74 12.40
CA LEU A 134 -0.85 -2.63 11.55
C LEU A 134 0.11 -1.44 11.72
N GLY A 135 0.25 -0.96 12.95
CA GLY A 135 1.13 0.17 13.21
C GLY A 135 2.51 -0.05 12.64
N GLN A 136 3.04 -1.26 12.78
CA GLN A 136 4.36 -1.58 12.27
C GLN A 136 4.44 -1.39 10.76
N VAL A 137 3.49 -1.99 10.05
CA VAL A 137 3.45 -1.88 8.59
C VAL A 137 3.42 -0.42 8.16
N THR A 138 2.47 0.34 8.69
CA THR A 138 2.33 1.75 8.36
C THR A 138 3.62 2.51 8.66
N ARG A 139 4.25 2.20 9.78
CA ARG A 139 5.48 2.86 10.19
C ARG A 139 6.61 2.53 9.21
N PHE A 140 6.77 1.24 8.91
CA PHE A 140 7.81 0.79 7.99
C PHE A 140 7.68 1.49 6.65
N VAL A 141 6.47 1.53 6.12
CA VAL A 141 6.21 2.17 4.84
C VAL A 141 6.56 3.66 4.88
N VAL A 142 5.97 4.36 5.83
CA VAL A 142 6.21 5.80 5.98
C VAL A 142 7.70 6.09 6.14
N ASP A 143 8.37 5.27 6.96
CA ASP A 143 9.80 5.44 7.19
C ASP A 143 10.59 5.25 5.90
N PHE A 144 10.37 4.13 5.24
CA PHE A 144 11.06 3.83 3.99
C PHE A 144 10.79 4.90 2.94
N MET A 145 9.51 5.26 2.77
CA MET A 145 9.12 6.27 1.81
C MET A 145 9.91 7.55 2.02
N LEU A 146 9.95 8.02 3.27
CA LEU A 146 10.67 9.24 3.61
C LEU A 146 12.18 9.00 3.64
N HIS A 147 12.57 7.75 3.43
CA HIS A 147 13.98 7.38 3.43
C HIS A 147 14.39 6.78 2.09
N HIS A 148 13.76 7.25 1.02
CA HIS A 148 14.05 6.76 -0.32
C HIS A 148 13.68 7.80 -1.38
N CYS A 149 13.61 9.06 -0.95
CA CYS A 149 13.27 10.13 -1.86
C CYS A 149 11.85 9.95 -2.43
N ILE A 150 11.08 9.10 -1.77
CA ILE A 150 9.70 8.84 -2.20
C ILE A 150 8.78 9.98 -1.82
N ALA A 151 8.85 10.41 -0.56
CA ALA A 151 8.01 11.49 -0.08
C ALA A 151 8.10 12.71 -0.99
N ARG A 152 9.33 13.12 -1.31
CA ARG A 152 9.55 14.27 -2.18
C ARG A 152 8.83 14.09 -3.51
N TRP A 153 8.92 12.89 -4.06
CA TRP A 153 8.27 12.58 -5.33
C TRP A 153 6.77 12.85 -5.26
N ILE A 154 6.11 12.22 -4.29
CA ILE A 154 4.68 12.39 -4.11
C ILE A 154 4.31 13.86 -3.98
N ALA A 155 5.12 14.60 -3.23
CA ALA A 155 4.87 16.02 -3.02
C ALA A 155 4.98 16.79 -4.34
N GLN A 156 5.91 16.37 -5.19
CA GLN A 156 6.12 17.03 -6.48
C GLN A 156 4.94 16.76 -7.41
N ARG A 157 4.37 15.56 -7.31
CA ARG A 157 3.24 15.18 -8.15
C ARG A 157 1.96 15.86 -7.68
N GLY A 158 2.04 16.55 -6.54
CA GLY A 158 0.88 17.23 -5.99
C GLY A 158 0.32 16.52 -4.78
N GLY A 159 1.20 15.96 -3.96
CA GLY A 159 0.78 15.25 -2.76
C GLY A 159 -0.27 14.19 -3.07
N TRP A 160 -0.78 13.57 -2.01
CA TRP A 160 -1.79 12.52 -2.16
C TRP A 160 -3.08 13.09 -2.75
N VAL A 161 -3.24 14.40 -2.65
CA VAL A 161 -4.42 15.08 -3.17
C VAL A 161 -4.48 15.01 -4.69
N ALA A 162 -3.37 14.61 -5.30
CA ALA A 162 -3.29 14.49 -6.75
C ALA A 162 -3.68 13.09 -7.21
N ALA A 163 -3.90 12.20 -6.25
CA ALA A 163 -4.28 10.82 -6.56
C ALA A 163 -5.78 10.72 -6.80
N LEU A 164 -6.56 11.41 -5.99
CA LEU A 164 -8.02 11.40 -6.13
C LEU A 164 -8.44 11.85 -7.53
N ASN A 165 -7.55 12.56 -8.21
CA ASN A 165 -7.83 13.05 -9.56
C ASN A 165 -7.28 12.08 -10.60
N LEU A 166 -7.27 10.80 -10.28
CA LEU A 166 -6.77 9.78 -11.19
C LEU A 166 -7.88 8.81 -11.58
N GLY A 167 -7.52 7.77 -12.34
CA GLY A 167 -8.50 6.78 -12.76
C GLY A 167 -9.66 7.41 -13.51
N ASN A 168 -10.83 7.41 -12.87
CA ASN A 168 -12.02 7.98 -13.49
C ASN A 168 -12.45 9.25 -12.77
N GLY A 169 -11.52 9.85 -12.04
CA GLY A 169 -11.81 11.07 -11.32
C GLY A 169 -12.49 10.82 -9.99
N GLU B 1 16.07 -18.20 -0.89
CA GLU B 1 16.94 -17.29 -1.61
C GLU B 1 16.34 -16.91 -2.96
N ASP B 2 15.70 -17.88 -3.61
CA ASP B 2 15.08 -17.65 -4.91
C ASP B 2 13.75 -16.91 -4.75
N ILE B 3 13.23 -16.89 -3.53
CA ILE B 3 11.97 -16.22 -3.24
C ILE B 3 12.18 -14.72 -3.08
N ILE B 4 13.28 -14.34 -2.43
CA ILE B 4 13.60 -12.94 -2.21
C ILE B 4 13.81 -12.21 -3.53
N ARG B 5 14.38 -12.91 -4.50
CA ARG B 5 14.64 -12.32 -5.81
C ARG B 5 13.42 -12.44 -6.71
N ASN B 6 12.58 -13.45 -6.44
CA ASN B 6 11.38 -13.68 -7.23
C ASN B 6 10.34 -12.59 -6.99
N ILE B 7 10.08 -12.31 -5.71
CA ILE B 7 9.10 -11.28 -5.36
C ILE B 7 9.39 -9.96 -6.07
N ALA B 8 10.69 -9.65 -6.20
CA ALA B 8 11.10 -8.42 -6.87
C ALA B 8 10.91 -8.53 -8.38
N ARG B 9 11.03 -9.74 -8.91
CA ARG B 9 10.87 -9.98 -10.34
C ARG B 9 9.40 -9.88 -10.75
N HIS B 10 8.52 -10.39 -9.89
CA HIS B 10 7.09 -10.37 -10.15
C HIS B 10 6.56 -8.94 -10.11
N LEU B 11 7.31 -8.06 -9.45
CA LEU B 11 6.90 -6.66 -9.32
C LEU B 11 7.40 -5.84 -10.52
N ALA B 12 7.40 -6.46 -11.69
CA ALA B 12 7.85 -5.79 -12.91
C ALA B 12 6.67 -5.25 -13.71
N VAL B 14 3.43 -4.37 -11.58
CA VAL B 14 2.38 -3.71 -10.82
C VAL B 14 2.58 -2.19 -10.80
N GLY B 15 3.78 -1.76 -11.13
CA GLY B 15 4.09 -0.34 -11.15
C GLY B 15 3.63 0.33 -12.42
N ASP B 16 4.13 -0.15 -13.56
CA ASP B 16 3.77 0.41 -14.86
C ASP B 16 2.25 0.48 -15.01
N ASP B 19 -0.47 2.98 -14.24
CA ASP B 19 -0.14 4.38 -14.49
C ASP B 19 -0.70 4.85 -15.83
N ARG B 20 -0.89 3.91 -16.74
CA ARG B 20 -1.41 4.23 -18.07
C ARG B 20 -2.94 4.15 -18.08
N SER B 21 -3.50 3.51 -17.07
CA SER B 21 -4.95 3.37 -16.96
C SER B 21 -5.50 4.28 -15.86
N ILE B 22 -4.74 5.32 -15.52
CA ILE B 22 -5.16 6.26 -14.49
C ILE B 22 -5.28 7.67 -15.06
N ALA A 1 -4.60 24.09 -7.61
CA ALA A 1 -4.70 25.29 -6.78
C ALA A 1 -4.55 24.93 -5.30
N LEU A 2 -3.73 23.93 -5.01
CA LEU A 2 -3.50 23.50 -3.63
C LEU A 2 -2.24 24.16 -3.06
N PRO A 3 -2.16 24.19 -1.72
CA PRO A 3 -1.02 24.79 -1.01
C PRO A 3 0.25 23.95 -1.17
N SER A 4 1.31 24.37 -0.48
CA SER A 4 2.58 23.67 -0.54
C SER A 4 2.61 22.49 0.42
N ALA A 5 3.40 21.47 0.09
CA ALA A 5 3.51 20.28 0.93
C ALA A 5 4.95 19.78 0.98
N SER A 6 5.36 19.28 2.14
CA SER A 6 6.71 18.77 2.31
C SER A 6 6.68 17.31 2.76
N GLU A 7 7.84 16.66 2.67
CA GLU A 7 7.96 15.26 3.07
C GLU A 7 7.32 15.02 4.45
N GLU A 8 7.42 16.03 5.31
CA GLU A 8 6.85 15.94 6.65
C GLU A 8 5.37 15.62 6.60
N GLN A 9 4.63 16.40 5.82
CA GLN A 9 3.19 16.21 5.68
C GLN A 9 2.88 15.01 4.80
N VAL A 10 3.79 14.71 3.87
CA VAL A 10 3.61 13.58 2.97
C VAL A 10 3.54 12.27 3.73
N ALA A 11 4.43 12.11 4.71
CA ALA A 11 4.46 10.90 5.52
C ALA A 11 3.12 10.66 6.21
N GLN A 12 2.62 11.69 6.88
CA GLN A 12 1.35 11.59 7.59
C GLN A 12 0.23 11.20 6.63
N ASP A 13 0.16 11.88 5.50
CA ASP A 13 -0.87 11.60 4.51
C ASP A 13 -0.69 10.20 3.93
N THR A 14 0.55 9.73 3.88
CA THR A 14 0.85 8.41 3.35
C THR A 14 0.23 7.31 4.22
N GLU A 15 0.54 7.35 5.52
CA GLU A 15 0.03 6.36 6.46
C GLU A 15 -1.50 6.41 6.51
N GLU A 16 -2.05 7.62 6.53
CA GLU A 16 -3.49 7.79 6.58
C GLU A 16 -4.16 7.24 5.32
N VAL A 17 -3.67 7.68 4.16
CA VAL A 17 -4.22 7.22 2.89
C VAL A 17 -4.00 5.73 2.70
N PHE A 18 -2.89 5.22 3.23
CA PHE A 18 -2.57 3.80 3.13
C PHE A 18 -3.62 2.96 3.84
N ARG A 19 -3.91 3.32 5.09
CA ARG A 19 -4.90 2.58 5.88
C ARG A 19 -6.27 2.67 5.25
N SER A 20 -6.67 3.89 4.86
CA SER A 20 -7.97 4.11 4.25
C SER A 20 -8.07 3.40 2.90
N TYR A 21 -6.99 3.46 2.13
CA TYR A 21 -6.96 2.83 0.82
C TYR A 21 -7.18 1.32 0.93
N VAL A 22 -6.30 0.66 1.67
CA VAL A 22 -6.41 -0.78 1.86
C VAL A 22 -7.73 -1.16 2.51
N PHE A 23 -8.22 -0.30 3.39
CA PHE A 23 -9.49 -0.54 4.07
C PHE A 23 -10.67 -0.40 3.10
N TYR A 24 -10.52 0.50 2.14
CA TYR A 24 -11.57 0.74 1.15
C TYR A 24 -11.64 -0.40 0.15
N ARG A 25 -10.48 -0.90 -0.27
CA ARG A 25 -10.41 -1.99 -1.23
C ARG A 25 -10.87 -3.30 -0.59
N HIS A 26 -10.56 -3.47 0.68
CA HIS A 26 -10.95 -4.67 1.41
C HIS A 26 -12.46 -4.67 1.70
N GLN A 27 -12.96 -3.54 2.18
CA GLN A 27 -14.37 -3.41 2.50
C GLN A 27 -15.24 -3.80 1.32
N GLN A 28 -14.71 -3.63 0.12
CA GLN A 28 -15.43 -3.97 -1.11
C GLN A 28 -15.49 -5.48 -1.30
N GLU A 29 -14.43 -6.17 -0.89
CA GLU A 29 -14.36 -7.62 -1.02
C GLU A 29 -15.56 -8.28 -0.34
N GLN A 30 -16.08 -7.63 0.69
CA GLN A 30 -17.23 -8.16 1.42
C GLN A 30 -18.38 -8.49 0.47
N GLU A 31 -18.46 -7.75 -0.63
CA GLU A 31 -19.50 -7.97 -1.62
C GLU A 31 -19.31 -9.29 -2.35
N ALA A 32 -18.10 -9.50 -2.86
CA ALA A 32 -17.78 -10.72 -3.59
C ALA A 32 -17.71 -11.92 -2.64
N GLU A 33 -16.83 -11.83 -1.65
CA GLU A 33 -16.67 -12.91 -0.68
C GLU A 33 -16.58 -12.36 0.74
N GLY A 34 -16.28 -13.23 1.70
CA GLY A 34 -16.16 -12.80 3.08
C GLY A 34 -14.99 -13.46 3.79
N VAL A 35 -13.91 -13.69 3.05
CA VAL A 35 -12.72 -14.31 3.63
C VAL A 35 -11.57 -13.32 3.70
N ALA A 36 -10.81 -13.39 4.79
CA ALA A 36 -9.67 -12.50 4.98
C ALA A 36 -10.11 -11.04 4.98
N ALA A 37 -11.24 -10.76 5.62
CA ALA A 37 -11.77 -9.40 5.68
C ALA A 37 -11.06 -8.59 6.76
N PRO A 38 -11.16 -7.25 6.65
CA PRO A 38 -10.54 -6.34 7.61
C PRO A 38 -11.21 -6.38 8.99
N ALA A 39 -10.54 -5.82 9.98
CA ALA A 39 -11.07 -5.79 11.34
C ALA A 39 -10.13 -5.03 12.28
N ASP A 40 -8.98 -5.62 12.56
CA ASP A 40 -8.00 -5.01 13.45
C ASP A 40 -8.63 -4.66 14.79
N PRO A 41 -8.98 -5.69 15.57
CA PRO A 41 -9.60 -5.51 16.89
C PRO A 41 -8.62 -4.96 17.92
N GLU A 42 -8.40 -3.65 17.87
CA GLU A 42 -7.48 -2.98 18.79
C GLU A 42 -8.11 -1.72 19.36
N MET A 43 -7.69 -1.36 20.56
CA MET A 43 -8.21 -0.15 21.22
C MET A 43 -8.00 1.07 20.35
N VAL A 44 -7.00 1.01 19.46
CA VAL A 44 -6.69 2.12 18.58
C VAL A 44 -7.67 2.16 17.40
N THR A 45 -8.08 0.99 16.94
CA THR A 45 -9.01 0.89 15.83
C THR A 45 -8.45 1.57 14.58
N LEU A 46 -9.27 1.70 13.55
CA LEU A 46 -8.87 2.33 12.31
C LEU A 46 -9.56 3.68 12.13
N PRO A 47 -9.00 4.72 12.75
CA PRO A 47 -9.55 6.08 12.67
C PRO A 47 -9.39 6.69 11.29
N LEU A 48 -10.32 6.38 10.39
CA LEU A 48 -10.28 6.90 9.03
C LEU A 48 -10.73 8.36 8.99
N GLN A 49 -10.34 9.07 7.94
CA GLN A 49 -10.70 10.46 7.78
C GLN A 49 -11.61 10.66 6.57
N PRO A 50 -12.86 10.20 6.70
CA PRO A 50 -13.87 10.32 5.63
C PRO A 50 -14.31 11.76 5.41
N SER A 51 -13.88 12.65 6.29
CA SER A 51 -14.22 14.06 6.19
C SER A 51 -13.07 14.88 5.62
N SER A 52 -12.10 14.19 5.04
CA SER A 52 -10.93 14.84 4.46
C SER A 52 -10.62 14.28 3.08
N THR A 53 -9.76 14.99 2.35
CA THR A 53 -9.38 14.57 1.00
C THR A 53 -8.59 13.27 1.03
N MET A 54 -7.68 13.16 2.00
CA MET A 54 -6.86 11.96 2.14
C MET A 54 -7.72 10.71 2.17
N GLY A 55 -8.85 10.79 2.86
CA GLY A 55 -9.75 9.65 2.96
C GLY A 55 -10.38 9.29 1.62
N GLN A 56 -10.48 10.28 0.74
CA GLN A 56 -11.08 10.07 -0.58
C GLN A 56 -10.04 9.51 -1.55
N VAL A 57 -8.77 9.76 -1.26
CA VAL A 57 -7.68 9.30 -2.11
C VAL A 57 -7.70 7.78 -2.24
N GLY A 58 -7.73 7.09 -1.10
CA GLY A 58 -7.76 5.64 -1.11
C GLY A 58 -8.85 5.08 -2.00
N ARG A 59 -10.00 5.75 -2.00
CA ARG A 59 -11.13 5.32 -2.81
C ARG A 59 -10.75 5.21 -4.28
N GLN A 60 -10.32 6.33 -4.85
CA GLN A 60 -9.92 6.37 -6.25
C GLN A 60 -8.79 5.38 -6.53
N LEU A 61 -7.75 5.44 -5.69
CA LEU A 61 -6.61 4.55 -5.84
C LEU A 61 -7.06 3.10 -5.94
N ALA A 62 -7.99 2.72 -5.07
CA ALA A 62 -8.50 1.35 -5.07
C ALA A 62 -9.17 1.00 -6.40
N ILE A 63 -9.71 2.01 -7.06
CA ILE A 63 -10.38 1.81 -8.34
C ILE A 63 -9.36 1.59 -9.46
N ILE A 64 -8.41 2.50 -9.58
CA ILE A 64 -7.37 2.40 -10.60
C ILE A 64 -6.52 1.16 -10.40
N GLY A 65 -6.41 0.72 -9.14
CA GLY A 65 -5.61 -0.45 -8.83
C GLY A 65 -6.47 -1.66 -8.52
N ASP A 66 -7.76 -1.57 -8.83
CA ASP A 66 -8.69 -2.66 -8.59
C ASP A 66 -8.36 -3.86 -9.47
N ASP A 67 -8.66 -3.75 -10.76
CA ASP A 67 -8.39 -4.82 -11.70
C ASP A 67 -6.92 -5.23 -11.66
N ILE A 68 -6.04 -4.25 -11.52
CA ILE A 68 -4.61 -4.51 -11.45
C ILE A 68 -4.25 -5.40 -10.26
N ASN A 69 -4.69 -4.97 -9.08
CA ASN A 69 -4.42 -5.73 -7.86
C ASN A 69 -4.91 -7.17 -7.99
N ARG A 70 -6.20 -7.31 -8.28
CA ARG A 70 -6.80 -8.64 -8.43
C ARG A 70 -6.12 -9.41 -9.55
N ARG A 71 -5.66 -8.70 -10.57
CA ARG A 71 -4.99 -9.33 -11.70
C ARG A 71 -3.71 -10.05 -11.25
N TYR A 72 -2.81 -9.31 -10.62
CA TYR A 72 -1.56 -9.87 -10.14
C TYR A 72 -1.63 -10.19 -8.65
N ASP A 73 -2.83 -10.50 -8.18
CA ASP A 73 -3.05 -10.81 -6.77
C ASP A 73 -2.65 -12.26 -6.49
N SER A 74 -3.32 -13.19 -7.15
CA SER A 74 -3.04 -14.61 -6.96
C SER A 74 -1.59 -14.93 -7.26
N GLU A 75 -1.11 -14.48 -8.42
CA GLU A 75 0.27 -14.71 -8.84
C GLU A 75 1.24 -14.17 -7.79
N PHE A 76 0.80 -13.18 -7.03
CA PHE A 76 1.63 -12.58 -5.99
C PHE A 76 1.50 -13.33 -4.67
N GLN A 77 0.30 -13.83 -4.41
CA GLN A 77 0.03 -14.57 -3.18
C GLN A 77 0.66 -15.96 -3.24
N THR A 78 0.66 -16.56 -4.43
CA THR A 78 1.22 -17.88 -4.62
C THR A 78 2.68 -17.92 -4.19
N MET A 79 3.46 -16.94 -4.62
CA MET A 79 4.87 -16.86 -4.28
C MET A 79 5.06 -16.38 -2.84
N LEU A 80 4.24 -15.41 -2.44
CA LEU A 80 4.31 -14.86 -1.08
C LEU A 80 4.13 -15.96 -0.04
N GLN A 81 3.26 -16.93 -0.36
CA GLN A 81 3.00 -18.03 0.56
C GLN A 81 4.27 -18.84 0.82
N HIS A 82 5.19 -18.81 -0.13
CA HIS A 82 6.45 -19.53 0.00
C HIS A 82 7.42 -18.78 0.92
N LEU A 83 7.39 -17.46 0.85
CA LEU A 83 8.26 -16.63 1.67
C LEU A 83 8.07 -16.94 3.16
N GLN A 84 6.88 -16.65 3.66
CA GLN A 84 6.56 -16.89 5.07
C GLN A 84 7.46 -16.06 5.98
N PRO A 85 7.34 -14.73 5.87
CA PRO A 85 8.12 -13.80 6.68
C PRO A 85 7.72 -13.81 8.14
N THR A 86 8.26 -12.87 8.92
CA THR A 86 7.95 -12.78 10.34
C THR A 86 7.76 -11.33 10.78
N ALA A 87 7.38 -11.14 12.03
CA ALA A 87 7.17 -9.79 12.57
C ALA A 87 8.50 -9.12 12.88
N GLU A 88 9.51 -9.92 13.20
CA GLU A 88 10.83 -9.39 13.51
C GLU A 88 11.54 -8.91 12.25
N ASN A 89 11.41 -9.68 11.18
CA ASN A 89 12.05 -9.32 9.91
C ASN A 89 11.02 -8.76 8.93
N ALA A 90 9.83 -8.47 9.44
CA ALA A 90 8.76 -7.91 8.61
C ALA A 90 9.27 -6.75 7.76
N TYR A 91 9.93 -5.79 8.42
CA TYR A 91 10.47 -4.63 7.73
C TYR A 91 11.66 -5.01 6.86
N GLU A 92 12.46 -5.97 7.33
CA GLU A 92 13.63 -6.42 6.58
C GLU A 92 13.23 -6.91 5.20
N TYR A 93 12.10 -7.60 5.12
CA TYR A 93 11.61 -8.13 3.85
C TYR A 93 10.86 -7.06 3.06
N PHE A 94 9.92 -6.40 3.72
CA PHE A 94 9.13 -5.35 3.09
C PHE A 94 10.03 -4.32 2.42
N THR A 95 10.99 -3.79 3.17
CA THR A 95 11.93 -2.80 2.65
C THR A 95 12.55 -3.26 1.34
N LYS A 96 12.80 -4.57 1.24
CA LYS A 96 13.39 -5.14 0.03
C LYS A 96 12.39 -5.13 -1.12
N ILE A 97 11.14 -5.44 -0.81
CA ILE A 97 10.09 -5.46 -1.83
C ILE A 97 9.92 -4.09 -2.46
N ALA A 98 9.70 -3.08 -1.63
CA ALA A 98 9.52 -1.72 -2.10
C ALA A 98 10.76 -1.22 -2.84
N THR A 99 11.92 -1.37 -2.21
CA THR A 99 13.17 -0.94 -2.80
C THR A 99 13.35 -1.50 -4.21
N SER A 100 13.01 -2.78 -4.37
CA SER A 100 13.12 -3.45 -5.66
C SER A 100 12.10 -2.90 -6.65
N LEU A 101 10.91 -2.61 -6.16
CA LEU A 101 9.84 -2.07 -6.99
C LEU A 101 10.17 -0.66 -7.48
N PHE A 102 10.63 0.18 -6.56
CA PHE A 102 11.00 1.55 -6.89
C PHE A 102 12.48 1.65 -7.24
N GLU A 103 13.10 0.51 -7.50
CA GLU A 103 14.51 0.47 -7.85
C GLU A 103 14.75 0.98 -9.27
N SER A 104 13.69 0.96 -10.07
CA SER A 104 13.78 1.42 -11.45
C SER A 104 13.33 2.87 -11.58
N GLY A 105 12.11 3.14 -11.13
CA GLY A 105 11.57 4.49 -11.19
C GLY A 105 10.36 4.67 -10.29
N ILE A 106 9.96 5.93 -10.12
CA ILE A 106 8.81 6.25 -9.27
C ILE A 106 7.67 6.82 -10.10
N ASN A 107 6.46 6.35 -9.84
CA ASN A 107 5.28 6.82 -10.57
C ASN A 107 4.03 6.67 -9.70
N TRP A 108 2.97 7.39 -10.08
CA TRP A 108 1.71 7.34 -9.35
C TRP A 108 1.23 5.90 -9.19
N GLY A 109 1.11 5.20 -10.32
CA GLY A 109 0.66 3.82 -10.29
C GLY A 109 1.47 2.97 -9.33
N ARG A 110 2.78 3.23 -9.27
CA ARG A 110 3.67 2.48 -8.40
C ARG A 110 3.32 2.71 -6.95
N VAL A 111 3.20 3.97 -6.55
CA VAL A 111 2.88 4.33 -5.18
C VAL A 111 1.63 3.59 -4.71
N VAL A 112 0.70 3.35 -5.63
CA VAL A 112 -0.54 2.65 -5.31
C VAL A 112 -0.29 1.16 -5.13
N ALA A 113 0.36 0.55 -6.11
CA ALA A 113 0.67 -0.87 -6.07
C ALA A 113 1.37 -1.24 -4.77
N LEU A 114 2.29 -0.39 -4.35
CA LEU A 114 3.04 -0.63 -3.11
C LEU A 114 2.11 -0.94 -1.95
N LEU A 115 1.08 -0.09 -1.79
CA LEU A 115 0.11 -0.27 -0.71
C LEU A 115 -0.74 -1.51 -0.95
N GLY A 116 -1.17 -1.70 -2.20
CA GLY A 116 -1.98 -2.84 -2.54
C GLY A 116 -1.40 -4.15 -2.03
N PHE A 117 -0.15 -4.41 -2.40
CA PHE A 117 0.54 -5.64 -1.97
C PHE A 117 0.97 -5.54 -0.52
N GLY A 118 1.24 -4.31 -0.07
CA GLY A 118 1.67 -4.10 1.31
C GLY A 118 0.72 -4.72 2.30
N TYR A 119 -0.56 -4.39 2.19
CA TYR A 119 -1.57 -4.92 3.10
C TYR A 119 -1.70 -6.44 2.95
N ARG A 120 -1.73 -6.90 1.71
CA ARG A 120 -1.85 -8.32 1.43
C ARG A 120 -0.77 -9.12 2.17
N LEU A 121 0.47 -8.69 2.02
CA LEU A 121 1.59 -9.35 2.68
C LEU A 121 1.46 -9.28 4.20
N ALA A 122 1.40 -8.07 4.72
CA ALA A 122 1.27 -7.85 6.16
C ALA A 122 0.14 -8.69 6.73
N LEU A 123 -0.98 -8.73 6.03
CA LEU A 123 -2.14 -9.50 6.47
C LEU A 123 -1.89 -11.00 6.31
N HIS A 124 -1.08 -11.36 5.33
CA HIS A 124 -0.76 -12.76 5.08
C HIS A 124 -0.11 -13.40 6.30
N VAL A 125 0.56 -12.58 7.11
CA VAL A 125 1.22 -13.07 8.31
C VAL A 125 0.40 -12.73 9.56
N TYR A 126 -0.27 -11.59 9.52
CA TYR A 126 -1.09 -11.15 10.65
C TYR A 126 -2.32 -12.03 10.81
N GLN A 127 -2.82 -12.54 9.69
CA GLN A 127 -4.00 -13.41 9.70
C GLN A 127 -3.73 -14.66 10.53
N HIS A 128 -2.47 -15.06 10.61
CA HIS A 128 -2.09 -16.25 11.37
C HIS A 128 -2.11 -15.97 12.87
N GLY A 129 -1.93 -14.70 13.24
CA GLY A 129 -1.94 -14.34 14.64
C GLY A 129 -0.73 -13.49 15.02
N LEU A 130 -0.96 -12.19 15.21
CA LEU A 130 0.12 -11.29 15.57
C LEU A 130 -0.37 -10.25 16.59
N THR A 131 0.53 -9.79 17.44
CA THR A 131 0.20 -8.79 18.45
C THR A 131 0.37 -7.38 17.91
N GLY A 132 -0.59 -6.93 17.11
CA GLY A 132 -0.52 -5.60 16.54
C GLY A 132 0.47 -5.51 15.40
N PHE A 133 -0.05 -5.58 14.17
CA PHE A 133 0.81 -5.51 12.98
C PHE A 133 0.47 -4.27 12.15
N LEU A 134 -0.77 -3.81 12.27
CA LEU A 134 -1.22 -2.64 11.52
C LEU A 134 -0.26 -1.47 11.72
N GLY A 135 -0.08 -1.07 12.98
CA GLY A 135 0.82 0.03 13.28
C GLY A 135 2.23 -0.20 12.77
N GLN A 136 2.73 -1.42 12.96
CA GLN A 136 4.07 -1.77 12.52
C GLN A 136 4.21 -1.60 11.01
N VAL A 137 3.32 -2.24 10.26
CA VAL A 137 3.35 -2.15 8.81
C VAL A 137 3.36 -0.71 8.34
N THR A 138 2.39 0.07 8.82
CA THR A 138 2.28 1.48 8.45
C THR A 138 3.59 2.22 8.73
N ARG A 139 4.11 2.05 9.94
CA ARG A 139 5.36 2.71 10.33
C ARG A 139 6.47 2.36 9.35
N PHE A 140 6.53 1.09 8.95
CA PHE A 140 7.56 0.63 8.03
C PHE A 140 7.43 1.33 6.67
N VAL A 141 6.21 1.33 6.13
CA VAL A 141 5.94 1.96 4.84
C VAL A 141 6.42 3.40 4.84
N VAL A 142 5.91 4.20 5.78
CA VAL A 142 6.29 5.60 5.88
C VAL A 142 7.77 5.75 6.21
N ASP A 143 8.29 4.80 6.98
CA ASP A 143 9.70 4.84 7.36
C ASP A 143 10.61 4.88 6.14
N PHE A 144 10.48 3.88 5.28
CA PHE A 144 11.29 3.80 4.07
C PHE A 144 10.89 4.89 3.09
N MET A 145 9.61 5.24 3.07
CA MET A 145 9.11 6.28 2.18
C MET A 145 9.91 7.57 2.34
N LEU A 146 10.07 8.01 3.58
CA LEU A 146 10.81 9.22 3.87
C LEU A 146 12.32 9.00 3.74
N HIS A 147 12.70 7.75 3.48
CA HIS A 147 14.11 7.39 3.32
C HIS A 147 14.38 6.82 1.93
N HIS A 148 13.50 7.14 0.98
CA HIS A 148 13.65 6.66 -0.39
C HIS A 148 13.35 7.77 -1.39
N CYS A 149 13.33 9.02 -0.91
CA CYS A 149 13.05 10.17 -1.75
C CYS A 149 11.63 10.09 -2.33
N ILE A 150 10.81 9.24 -1.73
CA ILE A 150 9.44 9.07 -2.18
C ILE A 150 8.58 10.27 -1.77
N ALA A 151 8.71 10.68 -0.51
CA ALA A 151 7.95 11.81 0.01
C ALA A 151 8.08 13.01 -0.92
N ARG A 152 9.31 13.40 -1.22
CA ARG A 152 9.57 14.54 -2.09
C ARG A 152 8.85 14.38 -3.43
N TRP A 153 8.92 13.18 -3.98
CA TRP A 153 8.28 12.89 -5.26
C TRP A 153 6.79 13.19 -5.20
N ILE A 154 6.11 12.59 -4.24
CA ILE A 154 4.67 12.79 -4.07
C ILE A 154 4.34 14.27 -3.94
N ALA A 155 5.13 14.97 -3.13
CA ALA A 155 4.92 16.41 -2.91
C ALA A 155 5.10 17.19 -4.20
N GLN A 156 6.00 16.70 -5.05
CA GLN A 156 6.27 17.36 -6.33
C GLN A 156 5.11 17.16 -7.31
N ARG A 157 4.51 15.98 -7.27
CA ARG A 157 3.38 15.66 -8.14
C ARG A 157 2.11 16.34 -7.67
N GLY A 158 2.19 16.99 -6.50
CA GLY A 158 1.03 17.67 -5.95
C GLY A 158 0.48 16.97 -4.73
N GLY A 159 1.37 16.46 -3.89
CA GLY A 159 0.95 15.77 -2.68
C GLY A 159 -0.09 14.70 -2.96
N TRP A 160 -0.67 14.16 -1.89
CA TRP A 160 -1.69 13.11 -2.03
C TRP A 160 -3.01 13.71 -2.52
N VAL A 161 -3.06 15.03 -2.65
CA VAL A 161 -4.25 15.72 -3.12
C VAL A 161 -4.38 15.62 -4.64
N ALA A 162 -3.42 14.96 -5.26
CA ALA A 162 -3.42 14.80 -6.71
C ALA A 162 -3.74 13.36 -7.10
N ALA A 163 -3.99 12.52 -6.10
CA ALA A 163 -4.31 11.12 -6.35
C ALA A 163 -5.80 10.94 -6.67
N LEU A 164 -6.62 11.86 -6.14
CA LEU A 164 -8.06 11.80 -6.37
C LEU A 164 -8.42 12.43 -7.71
N ASN A 165 -7.41 12.91 -8.42
CA ASN A 165 -7.61 13.53 -9.73
C ASN A 165 -7.07 12.65 -10.85
N LEU A 166 -7.03 11.34 -10.60
CA LEU A 166 -6.53 10.39 -11.58
C LEU A 166 -7.65 9.44 -12.03
N GLY A 167 -7.29 8.46 -12.83
CA GLY A 167 -8.26 7.50 -13.33
C GLY A 167 -9.39 8.17 -14.09
N ASN A 168 -10.56 8.25 -13.47
CA ASN A 168 -11.72 8.86 -14.11
C ASN A 168 -11.92 10.29 -13.62
N GLY A 169 -10.87 10.86 -13.04
CA GLY A 169 -10.95 12.22 -12.54
C GLY A 169 -11.78 12.33 -11.28
N GLU B 1 15.43 -17.14 0.36
CA GLU B 1 16.41 -16.47 -0.48
C GLU B 1 15.94 -16.43 -1.94
N ASP B 2 15.30 -17.51 -2.38
CA ASP B 2 14.80 -17.61 -3.75
C ASP B 2 13.58 -16.72 -3.93
N ILE B 3 12.87 -16.44 -2.84
CA ILE B 3 11.68 -15.60 -2.88
C ILE B 3 12.05 -14.12 -2.80
N ILE B 4 13.20 -13.84 -2.22
CA ILE B 4 13.67 -12.47 -2.09
C ILE B 4 13.88 -11.82 -3.45
N ARG B 5 14.43 -12.59 -4.39
CA ARG B 5 14.68 -12.10 -5.74
C ARG B 5 13.44 -12.26 -6.62
N ASN B 6 12.66 -13.30 -6.35
CA ASN B 6 11.46 -13.58 -7.12
C ASN B 6 10.39 -12.51 -6.85
N ILE B 7 10.14 -12.26 -5.57
CA ILE B 7 9.15 -11.27 -5.17
C ILE B 7 9.37 -9.94 -5.90
N ALA B 8 10.64 -9.60 -6.10
CA ALA B 8 10.99 -8.36 -6.79
C ALA B 8 10.81 -8.49 -8.29
N ARG B 9 11.27 -9.61 -8.85
CA ARG B 9 11.17 -9.85 -10.28
C ARG B 9 9.71 -9.98 -10.70
N HIS B 10 8.84 -10.29 -9.74
CA HIS B 10 7.42 -10.44 -10.00
C HIS B 10 6.71 -9.09 -9.99
N LEU B 11 7.33 -8.11 -9.34
CA LEU B 11 6.75 -6.77 -9.26
C LEU B 11 7.20 -5.92 -10.43
N ALA B 12 7.28 -6.54 -11.62
CA ALA B 12 7.69 -5.83 -12.82
C ALA B 12 6.49 -5.26 -13.55
N VAL B 14 3.23 -4.64 -11.33
CA VAL B 14 2.17 -4.05 -10.53
C VAL B 14 2.40 -2.55 -10.34
N GLY B 15 3.66 -2.14 -10.43
CA GLY B 15 3.99 -0.73 -10.28
C GLY B 15 3.63 0.09 -11.50
N ASP B 16 4.25 -0.23 -12.63
CA ASP B 16 3.99 0.49 -13.87
C ASP B 16 2.48 0.62 -14.12
N ASP B 19 -0.36 3.29 -13.93
CA ASP B 19 -0.08 4.63 -14.44
C ASP B 19 -0.58 4.77 -15.88
N ARG B 20 -0.53 3.68 -16.63
CA ARG B 20 -0.96 3.69 -18.02
C ARG B 20 -2.45 3.35 -18.12
N SER B 21 -3.01 2.82 -17.04
CA SER B 21 -4.42 2.45 -17.01
C SER B 21 -5.22 3.44 -16.16
N ILE B 22 -4.66 4.63 -15.98
CA ILE B 22 -5.33 5.66 -15.18
C ILE B 22 -5.61 6.90 -16.02
N ALA A 1 4.31 20.32 -9.53
CA ALA A 1 5.51 21.12 -9.31
C ALA A 1 5.17 22.43 -8.60
N LEU A 2 4.20 22.36 -7.69
CA LEU A 2 3.78 23.55 -6.94
C LEU A 2 4.47 23.59 -5.58
N PRO A 3 4.52 24.79 -4.98
CA PRO A 3 5.14 25.00 -3.68
C PRO A 3 4.35 24.35 -2.54
N SER A 4 4.74 24.66 -1.30
CA SER A 4 4.06 24.11 -0.14
C SER A 4 4.21 22.59 -0.09
N ALA A 5 3.70 21.99 0.99
CA ALA A 5 3.78 20.55 1.16
C ALA A 5 5.23 20.09 1.31
N SER A 6 5.42 18.97 1.99
CA SER A 6 6.77 18.43 2.21
C SER A 6 6.68 16.98 2.69
N GLU A 7 7.84 16.32 2.73
CA GLU A 7 7.90 14.93 3.17
C GLU A 7 7.21 14.76 4.52
N GLU A 8 7.22 15.82 5.32
CA GLU A 8 6.59 15.77 6.64
C GLU A 8 5.09 15.47 6.52
N GLN A 9 4.41 16.26 5.71
CA GLN A 9 2.97 16.08 5.52
C GLN A 9 2.69 14.87 4.64
N VAL A 10 3.61 14.56 3.73
CA VAL A 10 3.47 13.41 2.84
C VAL A 10 3.39 12.11 3.62
N ALA A 11 4.31 11.94 4.57
CA ALA A 11 4.34 10.73 5.39
C ALA A 11 3.00 10.50 6.08
N GLN A 12 2.50 11.53 6.77
CA GLN A 12 1.23 11.43 7.46
C GLN A 12 0.11 11.03 6.51
N ASP A 13 0.07 11.69 5.36
CA ASP A 13 -0.96 11.41 4.35
C ASP A 13 -0.80 9.99 3.81
N THR A 14 0.44 9.52 3.74
CA THR A 14 0.73 8.19 3.22
C THR A 14 0.10 7.12 4.11
N GLU A 15 0.42 7.17 5.39
CA GLU A 15 -0.12 6.20 6.35
C GLU A 15 -1.64 6.25 6.38
N GLU A 16 -2.19 7.46 6.40
CA GLU A 16 -3.63 7.65 6.44
C GLU A 16 -4.29 7.09 5.17
N VAL A 17 -3.79 7.52 4.02
CA VAL A 17 -4.32 7.07 2.75
C VAL A 17 -4.12 5.57 2.57
N PHE A 18 -3.01 5.06 3.10
CA PHE A 18 -2.70 3.63 3.00
C PHE A 18 -3.77 2.80 3.70
N ARG A 19 -4.05 3.12 4.95
CA ARG A 19 -5.06 2.39 5.72
C ARG A 19 -6.43 2.51 5.08
N SER A 20 -6.80 3.74 4.72
CA SER A 20 -8.10 3.99 4.09
C SER A 20 -8.18 3.32 2.73
N TYR A 21 -7.04 3.21 2.06
CA TYR A 21 -6.99 2.59 0.74
C TYR A 21 -7.28 1.09 0.83
N VAL A 22 -6.46 0.38 1.58
CA VAL A 22 -6.64 -1.06 1.75
C VAL A 22 -8.01 -1.37 2.34
N PHE A 23 -8.49 -0.50 3.22
CA PHE A 23 -9.79 -0.69 3.86
C PHE A 23 -10.92 -0.46 2.86
N TYR A 24 -10.74 0.52 1.98
CA TYR A 24 -11.74 0.84 0.97
C TYR A 24 -11.82 -0.25 -0.08
N ARG A 25 -10.67 -0.77 -0.49
CA ARG A 25 -10.61 -1.83 -1.49
C ARG A 25 -11.23 -3.12 -0.97
N HIS A 26 -10.85 -3.49 0.25
CA HIS A 26 -11.36 -4.70 0.87
C HIS A 26 -12.83 -4.53 1.29
N GLN A 27 -13.19 -3.30 1.63
CA GLN A 27 -14.55 -3.00 2.06
C GLN A 27 -15.56 -3.52 1.04
N GLN A 28 -15.40 -3.11 -0.22
CA GLN A 28 -16.29 -3.54 -1.28
C GLN A 28 -16.03 -5.00 -1.66
N GLU A 29 -14.75 -5.37 -1.73
CA GLU A 29 -14.38 -6.73 -2.08
C GLU A 29 -15.02 -7.74 -1.14
N GLN A 30 -15.26 -7.32 0.10
CA GLN A 30 -15.88 -8.18 1.09
C GLN A 30 -17.19 -8.77 0.57
N GLU A 31 -17.85 -8.03 -0.31
CA GLU A 31 -19.12 -8.48 -0.89
C GLU A 31 -18.89 -9.61 -1.88
N ALA A 32 -17.99 -9.38 -2.84
CA ALA A 32 -17.69 -10.38 -3.85
C ALA A 32 -17.00 -11.60 -3.23
N GLU A 33 -15.87 -11.37 -2.59
CA GLU A 33 -15.11 -12.45 -1.95
C GLU A 33 -14.66 -12.05 -0.55
N GLY A 34 -13.82 -12.88 0.05
CA GLY A 34 -13.33 -12.59 1.39
C GLY A 34 -11.90 -13.08 1.59
N VAL A 35 -11.19 -13.32 0.49
CA VAL A 35 -9.81 -13.79 0.56
C VAL A 35 -8.92 -12.76 1.23
N ALA A 36 -8.10 -13.23 2.18
CA ALA A 36 -7.20 -12.35 2.90
C ALA A 36 -7.95 -11.21 3.59
N ALA A 37 -9.01 -11.57 4.32
CA ALA A 37 -9.81 -10.59 5.02
C ALA A 37 -9.14 -10.16 6.32
N PRO A 38 -9.56 -9.00 6.85
CA PRO A 38 -9.01 -8.45 8.10
C PRO A 38 -9.42 -9.27 9.31
N ALA A 39 -9.00 -8.82 10.50
CA ALA A 39 -9.33 -9.51 11.74
C ALA A 39 -10.77 -9.23 12.15
N ASP A 40 -11.71 -9.70 11.34
CA ASP A 40 -13.14 -9.51 11.62
C ASP A 40 -13.50 -8.03 11.59
N PRO A 41 -14.79 -7.75 11.35
CA PRO A 41 -15.29 -6.37 11.29
C PRO A 41 -15.30 -5.70 12.66
N GLU A 42 -15.92 -4.52 12.74
CA GLU A 42 -16.00 -3.78 14.00
C GLU A 42 -16.79 -2.48 13.81
N MET A 43 -17.39 -2.00 14.90
CA MET A 43 -18.16 -0.78 14.86
C MET A 43 -17.25 0.45 14.79
N VAL A 44 -16.35 0.55 15.76
CA VAL A 44 -15.42 1.67 15.82
C VAL A 44 -14.70 1.86 14.49
N THR A 45 -14.34 0.75 13.86
CA THR A 45 -13.65 0.79 12.58
C THR A 45 -12.28 1.45 12.71
N LEU A 46 -11.39 1.14 11.77
CA LEU A 46 -10.04 1.71 11.79
C LEU A 46 -10.10 3.23 11.87
N PRO A 47 -9.01 3.83 12.40
CA PRO A 47 -8.91 5.28 12.55
C PRO A 47 -8.76 5.99 11.20
N LEU A 48 -9.87 6.12 10.49
CA LEU A 48 -9.87 6.78 9.19
C LEU A 48 -10.17 8.27 9.32
N GLN A 49 -9.87 9.03 8.28
CA GLN A 49 -10.11 10.47 8.29
C GLN A 49 -11.20 10.85 7.29
N PRO A 50 -12.47 10.62 7.69
CA PRO A 50 -13.63 10.92 6.85
C PRO A 50 -13.85 12.42 6.68
N SER A 51 -13.10 13.21 7.43
CA SER A 51 -13.21 14.66 7.37
C SER A 51 -12.05 15.28 6.59
N SER A 52 -11.33 14.42 5.86
CA SER A 52 -10.20 14.88 5.07
C SER A 52 -10.24 14.27 3.66
N THR A 53 -9.53 14.90 2.73
CA THR A 53 -9.49 14.44 1.35
C THR A 53 -8.71 13.14 1.24
N MET A 54 -7.75 12.94 2.13
CA MET A 54 -6.94 11.72 2.13
C MET A 54 -7.83 10.48 2.13
N GLY A 55 -9.02 10.61 2.71
CA GLY A 55 -9.94 9.49 2.76
C GLY A 55 -10.50 9.12 1.40
N GLN A 56 -10.86 10.14 0.62
CA GLN A 56 -11.40 9.92 -0.71
C GLN A 56 -10.34 9.38 -1.66
N VAL A 57 -9.08 9.56 -1.29
CA VAL A 57 -7.97 9.08 -2.10
C VAL A 57 -8.01 7.57 -2.26
N GLY A 58 -8.08 6.87 -1.13
CA GLY A 58 -8.11 5.41 -1.16
C GLY A 58 -9.19 4.89 -2.10
N ARG A 59 -10.26 5.66 -2.26
CA ARG A 59 -11.36 5.26 -3.13
C ARG A 59 -10.91 5.17 -4.58
N GLN A 60 -10.34 6.26 -5.09
CA GLN A 60 -9.86 6.31 -6.46
C GLN A 60 -8.73 5.30 -6.68
N LEU A 61 -7.73 5.36 -5.82
CA LEU A 61 -6.59 4.45 -5.91
C LEU A 61 -7.05 3.00 -5.98
N ALA A 62 -7.97 2.63 -5.10
CA ALA A 62 -8.49 1.27 -5.06
C ALA A 62 -9.11 0.89 -6.40
N ILE A 63 -9.61 1.88 -7.13
CA ILE A 63 -10.21 1.64 -8.43
C ILE A 63 -9.15 1.40 -9.49
N ILE A 64 -8.21 2.32 -9.60
CA ILE A 64 -7.13 2.20 -10.58
C ILE A 64 -6.21 1.04 -10.24
N GLY A 65 -6.30 0.55 -9.01
CA GLY A 65 -5.47 -0.56 -8.59
C GLY A 65 -6.27 -1.82 -8.32
N ASP A 66 -7.58 -1.73 -8.51
CA ASP A 66 -8.47 -2.87 -8.29
C ASP A 66 -8.11 -4.03 -9.21
N ASP A 67 -8.46 -3.90 -10.48
CA ASP A 67 -8.18 -4.93 -11.47
C ASP A 67 -6.68 -5.23 -11.53
N ILE A 68 -5.87 -4.18 -11.45
CA ILE A 68 -4.42 -4.33 -11.49
C ILE A 68 -3.95 -5.36 -10.48
N ASN A 69 -4.34 -5.18 -9.23
CA ASN A 69 -3.96 -6.11 -8.16
C ASN A 69 -4.62 -7.46 -8.35
N ARG A 70 -5.94 -7.46 -8.50
CA ARG A 70 -6.69 -8.69 -8.69
C ARG A 70 -6.09 -9.53 -9.82
N ARG A 71 -5.42 -8.86 -10.75
CA ARG A 71 -4.80 -9.55 -11.87
C ARG A 71 -3.40 -10.04 -11.51
N TYR A 72 -2.53 -9.12 -11.10
CA TYR A 72 -1.17 -9.46 -10.73
C TYR A 72 -1.09 -9.83 -9.25
N ASP A 73 -1.44 -8.90 -8.38
CA ASP A 73 -1.41 -9.13 -6.95
C ASP A 73 -2.06 -10.46 -6.60
N SER A 74 -3.00 -10.89 -7.43
CA SER A 74 -3.70 -12.16 -7.21
C SER A 74 -2.71 -13.31 -7.03
N GLU A 75 -1.80 -13.45 -8.00
CA GLU A 75 -0.79 -14.50 -7.94
C GLU A 75 0.32 -14.15 -6.96
N PHE A 76 0.52 -12.85 -6.75
CA PHE A 76 1.56 -12.37 -5.85
C PHE A 76 1.45 -13.06 -4.49
N GLN A 77 0.23 -13.20 -3.99
CA GLN A 77 0.00 -13.84 -2.70
C GLN A 77 0.43 -15.31 -2.74
N THR A 78 0.32 -15.91 -3.92
CA THR A 78 0.68 -17.32 -4.09
C THR A 78 2.14 -17.55 -3.70
N MET A 79 3.04 -16.79 -4.33
CA MET A 79 4.46 -16.92 -4.05
C MET A 79 4.81 -16.30 -2.70
N LEU A 80 4.05 -15.29 -2.30
CA LEU A 80 4.27 -14.61 -1.03
C LEU A 80 4.11 -15.57 0.14
N GLN A 81 3.13 -16.47 0.03
CA GLN A 81 2.86 -17.45 1.07
C GLN A 81 4.06 -18.38 1.26
N HIS A 82 4.84 -18.55 0.20
CA HIS A 82 6.02 -19.41 0.25
C HIS A 82 7.09 -18.81 1.14
N LEU A 83 7.37 -17.52 0.93
CA LEU A 83 8.39 -16.83 1.71
C LEU A 83 8.18 -17.05 3.20
N GLN A 84 6.92 -16.99 3.64
CA GLN A 84 6.59 -17.18 5.04
C GLN A 84 7.27 -16.14 5.92
N PRO A 85 6.92 -14.86 5.70
CA PRO A 85 7.48 -13.73 6.45
C PRO A 85 7.01 -13.72 7.90
N THR A 86 7.57 -12.81 8.69
CA THR A 86 7.20 -12.69 10.10
C THR A 86 7.09 -11.22 10.51
N ALA A 87 6.70 -11.00 11.76
CA ALA A 87 6.56 -9.65 12.28
C ALA A 87 7.92 -9.02 12.60
N GLU A 88 8.84 -9.86 13.11
CA GLU A 88 10.18 -9.39 13.45
C GLU A 88 10.96 -9.02 12.19
N ASN A 89 10.83 -9.83 11.15
CA ASN A 89 11.53 -9.59 9.89
C ASN A 89 10.60 -8.94 8.87
N ALA A 90 9.41 -8.55 9.33
CA ALA A 90 8.43 -7.91 8.46
C ALA A 90 9.06 -6.80 7.64
N TYR A 91 9.72 -5.87 8.33
CA TYR A 91 10.37 -4.74 7.65
C TYR A 91 11.60 -5.21 6.88
N GLU A 92 12.32 -6.18 7.42
CA GLU A 92 13.51 -6.71 6.78
C GLU A 92 13.20 -7.14 5.35
N TYR A 93 12.08 -7.83 5.17
CA TYR A 93 11.68 -8.30 3.85
C TYR A 93 10.94 -7.21 3.08
N PHE A 94 9.99 -6.55 3.75
CA PHE A 94 9.21 -5.49 3.12
C PHE A 94 10.13 -4.45 2.50
N THR A 95 11.07 -3.94 3.28
CA THR A 95 12.01 -2.93 2.80
C THR A 95 12.63 -3.35 1.47
N LYS A 96 12.94 -4.64 1.35
CA LYS A 96 13.55 -5.18 0.14
C LYS A 96 12.56 -5.10 -1.03
N ILE A 97 11.33 -5.54 -0.80
CA ILE A 97 10.30 -5.53 -1.83
C ILE A 97 10.14 -4.12 -2.40
N ALA A 98 9.92 -3.14 -1.53
CA ALA A 98 9.74 -1.77 -1.96
C ALA A 98 10.95 -1.28 -2.74
N THR A 99 12.12 -1.35 -2.11
CA THR A 99 13.37 -0.91 -2.75
C THR A 99 13.50 -1.51 -4.15
N SER A 100 13.03 -2.75 -4.30
CA SER A 100 13.11 -3.43 -5.59
C SER A 100 12.10 -2.86 -6.57
N LEU A 101 10.94 -2.49 -6.05
CA LEU A 101 9.87 -1.93 -6.89
C LEU A 101 10.22 -0.52 -7.34
N PHE A 102 10.63 0.31 -6.39
CA PHE A 102 11.00 1.70 -6.68
C PHE A 102 12.49 1.81 -6.98
N GLU A 103 13.10 0.70 -7.33
CA GLU A 103 14.53 0.67 -7.64
C GLU A 103 14.82 1.44 -8.91
N SER A 104 14.08 1.14 -9.97
CA SER A 104 14.26 1.79 -11.25
C SER A 104 13.83 3.25 -11.18
N GLY A 105 12.54 3.48 -10.95
CA GLY A 105 12.03 4.83 -10.86
C GLY A 105 10.72 4.91 -10.09
N ILE A 106 10.24 6.13 -9.88
CA ILE A 106 8.99 6.33 -9.15
C ILE A 106 7.84 6.66 -10.09
N ASN A 107 6.62 6.40 -9.65
CA ASN A 107 5.43 6.66 -10.45
C ASN A 107 4.16 6.38 -9.66
N TRP A 108 3.09 7.06 -10.03
CA TRP A 108 1.81 6.88 -9.34
C TRP A 108 1.44 5.41 -9.24
N GLY A 109 1.46 4.71 -10.37
CA GLY A 109 1.13 3.29 -10.38
C GLY A 109 1.93 2.51 -9.36
N ARG A 110 3.21 2.87 -9.21
CA ARG A 110 4.08 2.18 -8.26
C ARG A 110 3.63 2.44 -6.83
N VAL A 111 3.22 3.67 -6.56
CA VAL A 111 2.76 4.04 -5.22
C VAL A 111 1.53 3.26 -4.82
N VAL A 112 0.51 3.28 -5.68
CA VAL A 112 -0.74 2.56 -5.41
C VAL A 112 -0.48 1.06 -5.27
N ALA A 113 0.36 0.53 -6.15
CA ALA A 113 0.68 -0.90 -6.12
C ALA A 113 1.31 -1.29 -4.79
N LEU A 114 2.20 -0.44 -4.29
CA LEU A 114 2.88 -0.69 -3.02
C LEU A 114 1.88 -1.02 -1.92
N LEU A 115 0.83 -0.22 -1.83
CA LEU A 115 -0.21 -0.42 -0.83
C LEU A 115 -1.01 -1.69 -1.11
N GLY A 116 -1.36 -1.89 -2.39
CA GLY A 116 -2.12 -3.07 -2.77
C GLY A 116 -1.52 -4.35 -2.23
N PHE A 117 -0.22 -4.55 -2.49
CA PHE A 117 0.47 -5.74 -2.03
C PHE A 117 0.87 -5.61 -0.56
N GLY A 118 1.03 -4.37 -0.11
CA GLY A 118 1.41 -4.13 1.27
C GLY A 118 0.46 -4.79 2.25
N TYR A 119 -0.84 -4.54 2.09
CA TYR A 119 -1.84 -5.11 2.97
C TYR A 119 -1.72 -6.64 3.03
N ARG A 120 -1.42 -7.24 1.89
CA ARG A 120 -1.27 -8.69 1.82
C ARG A 120 -0.09 -9.15 2.67
N LEU A 121 1.07 -8.53 2.47
CA LEU A 121 2.27 -8.88 3.21
C LEU A 121 2.04 -8.75 4.71
N ALA A 122 1.25 -7.75 5.09
CA ALA A 122 0.94 -7.52 6.50
C ALA A 122 -0.11 -8.51 7.01
N LEU A 123 -1.06 -8.83 6.15
CA LEU A 123 -2.12 -9.78 6.51
C LEU A 123 -1.61 -11.21 6.45
N HIS A 124 -0.45 -11.40 5.86
CA HIS A 124 0.15 -12.73 5.74
C HIS A 124 1.14 -12.99 6.88
N VAL A 125 1.28 -12.00 7.76
CA VAL A 125 2.20 -12.12 8.89
C VAL A 125 1.46 -11.99 10.21
N TYR A 126 0.50 -11.08 10.26
CA TYR A 126 -0.30 -10.85 11.47
C TYR A 126 -0.97 -12.15 11.92
N GLN A 127 -1.20 -13.05 10.98
CA GLN A 127 -1.85 -14.33 11.29
C GLN A 127 -0.89 -15.25 12.03
N HIS A 128 0.41 -14.98 11.91
CA HIS A 128 1.43 -15.78 12.58
C HIS A 128 1.20 -15.80 14.08
N GLY A 129 0.49 -14.80 14.58
CA GLY A 129 0.21 -14.73 16.01
C GLY A 129 0.35 -13.33 16.56
N LEU A 130 -0.43 -12.41 16.00
CA LEU A 130 -0.39 -11.01 16.44
C LEU A 130 -1.81 -10.48 16.68
N THR A 131 -1.89 -9.32 17.31
CA THR A 131 -3.18 -8.70 17.60
C THR A 131 -3.30 -7.33 16.96
N GLY A 132 -2.17 -6.64 16.85
CA GLY A 132 -2.17 -5.31 16.24
C GLY A 132 -0.86 -5.00 15.55
N PHE A 133 -0.71 -5.47 14.32
CA PHE A 133 0.51 -5.23 13.55
C PHE A 133 0.31 -4.09 12.56
N LEU A 134 -0.91 -3.58 12.49
CA LEU A 134 -1.24 -2.49 11.58
C LEU A 134 -0.25 -1.33 11.74
N GLY A 135 -0.06 -0.89 12.97
CA GLY A 135 0.86 0.20 13.24
C GLY A 135 2.28 -0.11 12.80
N GLN A 136 2.70 -1.36 13.01
CA GLN A 136 4.04 -1.78 12.62
C GLN A 136 4.24 -1.65 11.12
N VAL A 137 3.36 -2.29 10.36
CA VAL A 137 3.44 -2.24 8.90
C VAL A 137 3.44 -0.81 8.39
N THR A 138 2.42 -0.05 8.78
CA THR A 138 2.31 1.34 8.36
C THR A 138 3.56 2.13 8.70
N ARG A 139 4.10 1.88 9.90
CA ARG A 139 5.31 2.57 10.35
C ARG A 139 6.48 2.26 9.42
N PHE A 140 6.60 1.00 9.03
CA PHE A 140 7.69 0.57 8.15
C PHE A 140 7.61 1.29 6.80
N VAL A 141 6.44 1.24 6.18
CA VAL A 141 6.22 1.89 4.89
C VAL A 141 6.58 3.36 4.95
N VAL A 142 5.99 4.08 5.90
CA VAL A 142 6.25 5.51 6.06
C VAL A 142 7.70 5.75 6.46
N ASP A 143 8.28 4.80 7.19
CA ASP A 143 9.66 4.92 7.64
C ASP A 143 10.62 4.93 6.46
N PHE A 144 10.68 3.81 5.74
CA PHE A 144 11.55 3.70 4.58
C PHE A 144 11.21 4.74 3.52
N MET A 145 9.92 5.05 3.40
CA MET A 145 9.46 6.03 2.43
C MET A 145 9.98 7.43 2.78
N LEU A 146 10.05 7.73 4.07
CA LEU A 146 10.54 9.02 4.53
C LEU A 146 11.91 9.33 3.94
N HIS A 147 12.66 8.28 3.61
CA HIS A 147 13.99 8.44 3.03
C HIS A 147 14.18 7.51 1.84
N HIS A 148 13.44 7.75 0.77
CA HIS A 148 13.52 6.93 -0.43
C HIS A 148 13.15 7.73 -1.67
N CYS A 149 13.20 9.06 -1.54
CA CYS A 149 12.86 9.94 -2.65
C CYS A 149 11.40 9.79 -3.05
N ILE A 150 10.62 9.13 -2.20
CA ILE A 150 9.20 8.92 -2.45
C ILE A 150 8.37 10.12 -2.01
N ALA A 151 8.58 10.54 -0.77
CA ALA A 151 7.85 11.68 -0.22
C ALA A 151 7.93 12.88 -1.16
N ARG A 152 9.15 13.33 -1.44
CA ARG A 152 9.36 14.47 -2.31
C ARG A 152 8.62 14.28 -3.63
N TRP A 153 8.70 13.08 -4.19
CA TRP A 153 8.04 12.78 -5.46
C TRP A 153 6.54 13.07 -5.37
N ILE A 154 5.88 12.47 -4.39
CA ILE A 154 4.45 12.67 -4.20
C ILE A 154 4.12 14.14 -4.07
N ALA A 155 4.96 14.87 -3.32
CA ALA A 155 4.76 16.29 -3.11
C ALA A 155 4.86 17.06 -4.43
N GLN A 156 5.73 16.58 -5.32
CA GLN A 156 5.92 17.23 -6.61
C GLN A 156 4.73 16.99 -7.53
N ARG A 157 4.13 15.81 -7.41
CA ARG A 157 2.98 15.45 -8.24
C ARG A 157 1.71 16.13 -7.72
N GLY A 158 1.84 16.83 -6.60
CA GLY A 158 0.70 17.52 -6.03
C GLY A 158 0.16 16.82 -4.79
N GLY A 159 1.06 16.27 -4.00
CA GLY A 159 0.65 15.58 -2.78
C GLY A 159 -0.40 14.52 -3.06
N TRP A 160 -0.92 13.92 -1.99
CA TRP A 160 -1.93 12.88 -2.11
C TRP A 160 -3.26 13.48 -2.57
N VAL A 161 -3.34 14.80 -2.57
CA VAL A 161 -4.55 15.50 -2.99
C VAL A 161 -4.78 15.35 -4.49
N ALA A 162 -3.79 14.80 -5.19
CA ALA A 162 -3.88 14.60 -6.62
C ALA A 162 -4.13 13.14 -6.96
N ALA A 163 -4.25 12.31 -5.93
CA ALA A 163 -4.48 10.88 -6.13
C ALA A 163 -5.94 10.62 -6.47
N LEU A 164 -6.83 11.48 -6.00
CA LEU A 164 -8.25 11.33 -6.26
C LEU A 164 -8.61 11.83 -7.66
N ASN A 165 -7.61 12.34 -8.37
CA ASN A 165 -7.81 12.86 -9.71
C ASN A 165 -7.17 11.94 -10.75
N LEU A 166 -6.82 10.72 -10.33
CA LEU A 166 -6.21 9.75 -11.22
C LEU A 166 -7.26 8.88 -11.90
N GLY A 167 -6.81 7.94 -12.71
CA GLY A 167 -7.73 7.06 -13.41
C GLY A 167 -8.72 7.82 -14.27
N ASN A 168 -9.94 7.97 -13.78
CA ASN A 168 -10.98 8.67 -14.52
C ASN A 168 -11.13 10.10 -14.00
N GLY A 169 -10.12 10.58 -13.29
CA GLY A 169 -10.16 11.93 -12.76
C GLY A 169 -10.79 11.98 -11.37
N GLU B 1 15.26 -17.75 -0.57
CA GLU B 1 16.19 -17.12 -1.49
C GLU B 1 15.53 -16.91 -2.86
N ASP B 2 15.20 -18.02 -3.53
CA ASP B 2 14.57 -17.95 -4.84
C ASP B 2 13.34 -17.05 -4.81
N ILE B 3 12.70 -16.97 -3.65
CA ILE B 3 11.50 -16.13 -3.49
C ILE B 3 11.88 -14.66 -3.40
N ILE B 4 13.03 -14.38 -2.80
CA ILE B 4 13.50 -13.01 -2.65
C ILE B 4 13.68 -12.34 -4.00
N ARG B 5 14.03 -13.14 -5.00
CA ARG B 5 14.23 -12.61 -6.35
C ARG B 5 12.92 -12.56 -7.12
N ASN B 6 12.05 -13.53 -6.86
CA ASN B 6 10.75 -13.59 -7.53
C ASN B 6 9.85 -12.47 -7.06
N ILE B 7 9.73 -12.30 -5.75
CA ILE B 7 8.90 -11.26 -5.16
C ILE B 7 9.20 -9.91 -5.79
N ALA B 8 10.45 -9.69 -6.16
CA ALA B 8 10.87 -8.44 -6.77
C ALA B 8 10.81 -8.54 -8.30
N ARG B 9 10.95 -9.75 -8.81
CA ARG B 9 10.92 -9.97 -10.25
C ARG B 9 9.52 -9.78 -10.81
N HIS B 10 8.54 -10.46 -10.19
CA HIS B 10 7.16 -10.36 -10.62
C HIS B 10 6.63 -8.94 -10.43
N LEU B 11 7.35 -8.14 -9.65
CA LEU B 11 6.95 -6.76 -9.39
C LEU B 11 7.50 -5.83 -10.45
N ALA B 12 7.61 -6.33 -11.68
CA ALA B 12 8.12 -5.54 -12.79
C ALA B 12 6.98 -4.93 -13.60
N VAL B 14 3.59 -4.26 -11.67
CA VAL B 14 2.47 -3.72 -10.92
C VAL B 14 2.56 -2.20 -10.85
N GLY B 15 3.78 -1.68 -10.89
CA GLY B 15 3.97 -0.24 -10.82
C GLY B 15 3.66 0.46 -12.13
N ASP B 16 4.20 -0.08 -13.22
CA ASP B 16 3.97 0.49 -14.54
C ASP B 16 2.48 0.58 -14.85
N ASP B 19 -0.31 3.10 -14.45
CA ASP B 19 0.05 4.47 -14.72
C ASP B 19 -0.41 4.90 -16.12
N ARG B 20 -0.51 3.92 -17.02
CA ARG B 20 -0.94 4.20 -18.39
C ARG B 20 -2.40 4.61 -18.43
N SER B 21 -3.18 4.08 -17.49
CA SER B 21 -4.61 4.40 -17.43
C SER B 21 -4.90 5.34 -16.26
N ILE B 22 -3.87 6.04 -15.79
CA ILE B 22 -4.03 6.96 -14.68
C ILE B 22 -4.03 8.41 -15.16
N ALA A 1 0.33 23.21 -12.62
CA ALA A 1 1.12 24.35 -12.19
C ALA A 1 0.98 24.59 -10.69
N LEU A 2 0.82 23.51 -9.93
CA LEU A 2 0.67 23.61 -8.49
C LEU A 2 2.01 23.41 -7.78
N PRO A 3 2.10 23.89 -6.52
CA PRO A 3 3.32 23.78 -5.72
C PRO A 3 3.60 22.35 -5.29
N SER A 4 4.65 22.16 -4.50
CA SER A 4 5.03 20.85 -4.02
C SER A 4 4.81 20.72 -2.53
N ALA A 5 4.56 19.49 -2.07
CA ALA A 5 4.33 19.24 -0.65
C ALA A 5 5.64 18.98 0.09
N SER A 6 5.54 18.69 1.38
CA SER A 6 6.73 18.43 2.19
C SER A 6 6.71 17.00 2.73
N GLU A 7 7.89 16.40 2.84
CA GLU A 7 8.01 15.05 3.35
C GLU A 7 7.24 14.88 4.65
N GLU A 8 7.29 15.89 5.50
CA GLU A 8 6.61 15.86 6.79
C GLU A 8 5.12 15.63 6.59
N GLN A 9 4.52 16.42 5.69
CA GLN A 9 3.09 16.30 5.41
C GLN A 9 2.78 15.05 4.59
N VAL A 10 3.77 14.62 3.80
CA VAL A 10 3.61 13.44 2.96
C VAL A 10 3.49 12.18 3.80
N ALA A 11 4.24 12.13 4.90
CA ALA A 11 4.21 10.98 5.80
C ALA A 11 2.81 10.75 6.36
N GLN A 12 2.23 11.80 6.93
CA GLN A 12 0.89 11.73 7.51
C GLN A 12 -0.14 11.40 6.44
N ASP A 13 -0.03 12.07 5.30
CA ASP A 13 -0.97 11.85 4.20
C ASP A 13 -0.84 10.43 3.65
N THR A 14 0.37 9.88 3.72
CA THR A 14 0.62 8.53 3.24
C THR A 14 -0.07 7.50 4.12
N GLU A 15 0.21 7.55 5.42
CA GLU A 15 -0.39 6.61 6.36
C GLU A 15 -1.91 6.68 6.31
N GLU A 16 -2.45 7.89 6.26
CA GLU A 16 -3.88 8.09 6.21
C GLU A 16 -4.47 7.47 4.94
N VAL A 17 -3.91 7.84 3.80
CA VAL A 17 -4.37 7.33 2.51
C VAL A 17 -4.20 5.81 2.43
N PHE A 18 -3.12 5.32 3.04
CA PHE A 18 -2.84 3.89 3.03
C PHE A 18 -3.95 3.11 3.75
N ARG A 19 -4.34 3.59 4.92
CA ARG A 19 -5.39 2.94 5.70
C ARG A 19 -6.72 3.00 4.97
N SER A 20 -7.09 4.20 4.51
CA SER A 20 -8.35 4.40 3.80
C SER A 20 -8.37 3.61 2.49
N TYR A 21 -7.21 3.53 1.84
CA TYR A 21 -7.09 2.81 0.58
C TYR A 21 -7.33 1.32 0.78
N VAL A 22 -6.53 0.70 1.63
CA VAL A 22 -6.65 -0.73 1.91
C VAL A 22 -8.04 -1.05 2.45
N PHE A 23 -8.62 -0.12 3.19
CA PHE A 23 -9.95 -0.30 3.77
C PHE A 23 -11.02 -0.22 2.69
N TYR A 24 -10.83 0.69 1.73
CA TYR A 24 -11.78 0.87 0.66
C TYR A 24 -11.80 -0.34 -0.27
N ARG A 25 -10.62 -0.87 -0.58
CA ARG A 25 -10.51 -2.03 -1.45
C ARG A 25 -11.00 -3.29 -0.75
N HIS A 26 -10.59 -3.45 0.51
CA HIS A 26 -10.98 -4.62 1.29
C HIS A 26 -12.48 -4.58 1.61
N GLN A 27 -13.01 -3.36 1.74
CA GLN A 27 -14.42 -3.18 2.06
C GLN A 27 -15.30 -3.90 1.05
N GLN A 28 -14.94 -3.78 -0.23
CA GLN A 28 -15.71 -4.42 -1.30
C GLN A 28 -15.48 -5.93 -1.30
N GLU A 29 -14.27 -6.33 -0.96
CA GLU A 29 -13.93 -7.75 -0.91
C GLU A 29 -14.82 -8.50 0.08
N GLN A 30 -15.15 -7.82 1.18
CA GLN A 30 -16.00 -8.42 2.21
C GLN A 30 -17.39 -8.70 1.67
N GLU A 31 -17.85 -7.85 0.76
CA GLU A 31 -19.18 -8.00 0.17
C GLU A 31 -19.26 -9.29 -0.65
N ALA A 32 -18.40 -9.40 -1.67
CA ALA A 32 -18.38 -10.57 -2.53
C ALA A 32 -18.19 -11.85 -1.71
N GLU A 33 -17.10 -11.91 -0.96
CA GLU A 33 -16.80 -13.08 -0.13
C GLU A 33 -16.28 -12.66 1.24
N GLY A 34 -15.97 -13.64 2.07
CA GLY A 34 -15.46 -13.35 3.40
C GLY A 34 -14.24 -14.19 3.74
N VAL A 35 -13.57 -14.70 2.72
CA VAL A 35 -12.38 -15.52 2.93
C VAL A 35 -11.12 -14.66 3.03
N ALA A 36 -10.29 -14.98 4.02
CA ALA A 36 -9.06 -14.23 4.23
C ALA A 36 -9.33 -12.73 4.34
N ALA A 37 -10.43 -12.38 5.01
CA ALA A 37 -10.80 -10.98 5.19
C ALA A 37 -10.22 -10.42 6.48
N PRO A 38 -10.14 -9.09 6.56
CA PRO A 38 -9.60 -8.39 7.74
C PRO A 38 -10.52 -8.51 8.95
N ALA A 39 -9.97 -8.19 10.12
CA ALA A 39 -10.74 -8.26 11.36
C ALA A 39 -11.25 -6.88 11.77
N ASP A 40 -12.28 -6.86 12.60
CA ASP A 40 -12.86 -5.61 13.07
C ASP A 40 -13.16 -5.67 14.56
N PRO A 41 -12.10 -5.63 15.38
CA PRO A 41 -12.23 -5.68 16.84
C PRO A 41 -12.85 -4.42 17.42
N GLU A 42 -12.52 -3.28 16.83
CA GLU A 42 -13.04 -2.00 17.28
C GLU A 42 -12.98 -0.95 16.17
N MET A 43 -13.39 0.27 16.49
CA MET A 43 -13.38 1.35 15.51
C MET A 43 -11.97 1.89 15.31
N VAL A 44 -11.28 2.16 16.42
CA VAL A 44 -9.92 2.68 16.36
C VAL A 44 -9.02 1.78 15.51
N THR A 45 -9.41 0.52 15.38
CA THR A 45 -8.65 -0.44 14.59
C THR A 45 -8.32 0.12 13.21
N LEU A 46 -9.23 0.93 12.68
CA LEU A 46 -9.04 1.52 11.36
C LEU A 46 -9.19 3.04 11.43
N PRO A 47 -8.11 3.73 11.78
CA PRO A 47 -8.09 5.20 11.89
C PRO A 47 -8.19 5.87 10.53
N LEU A 48 -9.41 5.95 10.00
CA LEU A 48 -9.65 6.58 8.70
C LEU A 48 -9.96 8.06 8.86
N GLN A 49 -9.61 8.85 7.85
CA GLN A 49 -9.85 10.28 7.88
C GLN A 49 -10.87 10.69 6.82
N PRO A 50 -12.15 10.35 7.07
CA PRO A 50 -13.24 10.66 6.13
C PRO A 50 -13.55 12.16 6.09
N SER A 51 -12.92 12.91 6.99
CA SER A 51 -13.12 14.36 7.05
C SER A 51 -11.96 15.10 6.41
N SER A 52 -11.14 14.37 5.65
CA SER A 52 -9.99 14.95 4.98
C SER A 52 -9.93 14.52 3.52
N THR A 53 -9.20 15.29 2.71
CA THR A 53 -9.06 14.98 1.29
C THR A 53 -8.56 13.56 1.08
N MET A 54 -7.66 13.12 1.97
CA MET A 54 -7.10 11.78 1.89
C MET A 54 -8.20 10.73 1.72
N GLY A 55 -9.31 10.93 2.45
CA GLY A 55 -10.41 9.99 2.37
C GLY A 55 -10.83 9.70 0.94
N GLN A 56 -11.11 10.75 0.17
CA GLN A 56 -11.52 10.60 -1.22
C GLN A 56 -10.37 10.05 -2.06
N VAL A 57 -9.15 10.38 -1.67
CA VAL A 57 -7.96 9.92 -2.40
C VAL A 57 -7.87 8.40 -2.38
N GLY A 58 -7.88 7.82 -1.19
CA GLY A 58 -7.79 6.38 -1.06
C GLY A 58 -8.83 5.66 -1.92
N ARG A 59 -10.03 6.21 -1.97
CA ARG A 59 -11.12 5.61 -2.75
C ARG A 59 -10.71 5.47 -4.21
N GLN A 60 -10.40 6.59 -4.85
CA GLN A 60 -10.00 6.60 -6.25
C GLN A 60 -8.84 5.63 -6.48
N LEU A 61 -7.80 5.76 -5.67
CA LEU A 61 -6.63 4.90 -5.79
C LEU A 61 -7.03 3.43 -5.82
N ALA A 62 -7.96 3.05 -4.94
CA ALA A 62 -8.43 1.68 -4.87
C ALA A 62 -9.09 1.27 -6.18
N ILE A 63 -9.69 2.24 -6.86
CA ILE A 63 -10.38 1.97 -8.13
C ILE A 63 -9.37 1.69 -9.24
N ILE A 64 -8.41 2.59 -9.41
CA ILE A 64 -7.39 2.43 -10.44
C ILE A 64 -6.54 1.18 -10.19
N GLY A 65 -6.38 0.84 -8.91
CA GLY A 65 -5.59 -0.33 -8.55
C GLY A 65 -6.46 -1.53 -8.21
N ASP A 66 -7.75 -1.42 -8.47
CA ASP A 66 -8.68 -2.50 -8.20
C ASP A 66 -8.41 -3.70 -9.10
N ASP A 67 -8.80 -3.59 -10.36
CA ASP A 67 -8.59 -4.67 -11.33
C ASP A 67 -7.12 -5.04 -11.42
N ILE A 68 -6.26 -4.03 -11.35
CA ILE A 68 -4.82 -4.25 -11.43
C ILE A 68 -4.34 -5.15 -10.30
N ASN A 69 -4.64 -4.76 -9.06
CA ASN A 69 -4.24 -5.54 -7.90
C ASN A 69 -4.73 -6.98 -8.02
N ARG A 70 -6.04 -7.15 -8.10
CA ARG A 70 -6.63 -8.48 -8.23
C ARG A 70 -6.04 -9.24 -9.41
N ARG A 71 -5.76 -8.52 -10.48
CA ARG A 71 -5.19 -9.13 -11.68
C ARG A 71 -3.88 -9.85 -11.36
N TYR A 72 -2.93 -9.12 -10.79
CA TYR A 72 -1.64 -9.70 -10.43
C TYR A 72 -1.60 -10.08 -8.96
N ASP A 73 -2.78 -10.28 -8.38
CA ASP A 73 -2.89 -10.66 -6.97
C ASP A 73 -2.64 -12.17 -6.79
N SER A 74 -3.29 -12.97 -7.63
CA SER A 74 -3.14 -14.42 -7.55
C SER A 74 -1.66 -14.81 -7.57
N GLU A 75 -0.89 -14.17 -8.44
CA GLU A 75 0.53 -14.45 -8.56
C GLU A 75 1.31 -13.86 -7.38
N PHE A 76 0.74 -12.80 -6.79
CA PHE A 76 1.38 -12.15 -5.65
C PHE A 76 1.32 -13.02 -4.40
N GLN A 77 0.16 -13.62 -4.18
CA GLN A 77 -0.03 -14.49 -3.02
C GLN A 77 0.70 -15.82 -3.20
N THR A 78 0.58 -16.39 -4.40
CA THR A 78 1.23 -17.67 -4.69
C THR A 78 2.70 -17.62 -4.36
N MET A 79 3.37 -16.55 -4.78
CA MET A 79 4.80 -16.38 -4.52
C MET A 79 5.05 -15.98 -3.06
N LEU A 80 4.19 -15.10 -2.55
CA LEU A 80 4.31 -14.62 -1.18
C LEU A 80 4.32 -15.78 -0.19
N GLN A 81 3.50 -16.79 -0.47
CA GLN A 81 3.41 -17.97 0.39
C GLN A 81 4.78 -18.59 0.60
N HIS A 82 5.68 -18.37 -0.36
CA HIS A 82 7.03 -18.91 -0.28
C HIS A 82 7.89 -18.10 0.68
N LEU A 83 7.79 -16.78 0.58
CA LEU A 83 8.56 -15.89 1.46
C LEU A 83 8.38 -16.28 2.92
N GLN A 84 7.14 -16.22 3.39
CA GLN A 84 6.83 -16.55 4.78
C GLN A 84 7.62 -15.67 5.74
N PRO A 85 7.36 -14.36 5.68
CA PRO A 85 8.02 -13.38 6.55
C PRO A 85 7.58 -13.50 8.00
N THR A 86 8.18 -12.67 8.86
CA THR A 86 7.85 -12.68 10.28
C THR A 86 7.74 -11.26 10.84
N ALA A 87 7.43 -11.16 12.13
CA ALA A 87 7.30 -9.86 12.77
C ALA A 87 8.67 -9.25 13.05
N GLU A 88 9.68 -10.09 13.23
CA GLU A 88 11.03 -9.63 13.49
C GLU A 88 11.69 -9.12 12.21
N ASN A 89 11.48 -9.84 11.12
CA ASN A 89 12.06 -9.46 9.84
C ASN A 89 11.00 -8.85 8.92
N ALA A 90 9.88 -8.45 9.51
CA ALA A 90 8.79 -7.85 8.75
C ALA A 90 9.29 -6.73 7.85
N TYR A 91 10.01 -5.78 8.44
CA TYR A 91 10.55 -4.65 7.70
C TYR A 91 11.70 -5.09 6.80
N GLU A 92 12.52 -6.01 7.31
CA GLU A 92 13.66 -6.51 6.54
C GLU A 92 13.22 -7.02 5.18
N TYR A 93 12.04 -7.63 5.14
CA TYR A 93 11.51 -8.17 3.88
C TYR A 93 10.77 -7.09 3.11
N PHE A 94 9.84 -6.42 3.78
CA PHE A 94 9.05 -5.36 3.15
C PHE A 94 9.96 -4.34 2.48
N THR A 95 10.89 -3.78 3.25
CA THR A 95 11.82 -2.79 2.74
C THR A 95 12.46 -3.26 1.43
N LYS A 96 12.77 -4.55 1.36
CA LYS A 96 13.38 -5.13 0.18
C LYS A 96 12.42 -5.08 -1.01
N ILE A 97 11.17 -5.46 -0.78
CA ILE A 97 10.17 -5.46 -1.83
C ILE A 97 9.99 -4.06 -2.42
N ALA A 98 9.72 -3.09 -1.54
CA ALA A 98 9.53 -1.71 -1.97
C ALA A 98 10.75 -1.21 -2.76
N THR A 99 11.94 -1.40 -2.19
CA THR A 99 13.16 -0.96 -2.83
C THR A 99 13.27 -1.52 -4.24
N SER A 100 12.96 -2.80 -4.40
CA SER A 100 13.02 -3.44 -5.71
C SER A 100 12.04 -2.80 -6.69
N LEU A 101 10.85 -2.47 -6.19
CA LEU A 101 9.82 -1.84 -7.01
C LEU A 101 10.23 -0.43 -7.40
N PHE A 102 10.62 0.36 -6.40
CA PHE A 102 11.03 1.75 -6.63
C PHE A 102 12.54 1.85 -6.81
N GLU A 103 13.14 0.79 -7.37
CA GLU A 103 14.58 0.76 -7.59
C GLU A 103 14.96 1.52 -8.85
N SER A 104 14.07 1.47 -9.85
CA SER A 104 14.32 2.15 -11.12
C SER A 104 13.74 3.56 -11.09
N GLY A 105 12.42 3.66 -11.11
CA GLY A 105 11.76 4.95 -11.08
C GLY A 105 10.51 4.95 -10.23
N ILE A 106 10.05 6.15 -9.87
CA ILE A 106 8.84 6.28 -9.04
C ILE A 106 7.67 6.77 -9.88
N ASN A 107 6.55 6.06 -9.79
CA ASN A 107 5.35 6.43 -10.54
C ASN A 107 4.10 6.20 -9.69
N TRP A 108 3.03 6.92 -10.02
CA TRP A 108 1.77 6.79 -9.30
C TRP A 108 1.35 5.32 -9.18
N GLY A 109 1.38 4.61 -10.31
CA GLY A 109 1.00 3.21 -10.30
C GLY A 109 1.78 2.40 -9.29
N ARG A 110 3.09 2.64 -9.23
CA ARG A 110 3.95 1.92 -8.29
C ARG A 110 3.57 2.25 -6.85
N VAL A 111 3.14 3.48 -6.62
CA VAL A 111 2.75 3.91 -5.28
C VAL A 111 1.53 3.14 -4.80
N VAL A 112 0.46 3.16 -5.58
CA VAL A 112 -0.77 2.47 -5.24
C VAL A 112 -0.53 0.97 -5.09
N ALA A 113 0.27 0.41 -5.99
CA ALA A 113 0.58 -1.01 -5.96
C ALA A 113 1.26 -1.40 -4.66
N LEU A 114 2.23 -0.59 -4.24
CA LEU A 114 2.96 -0.84 -2.99
C LEU A 114 2.00 -1.07 -1.83
N LEU A 115 1.03 -0.18 -1.70
CA LEU A 115 0.04 -0.28 -0.63
C LEU A 115 -0.83 -1.51 -0.81
N GLY A 116 -1.27 -1.75 -2.04
CA GLY A 116 -2.11 -2.90 -2.34
C GLY A 116 -1.54 -4.18 -1.77
N PHE A 117 -0.29 -4.49 -2.13
CA PHE A 117 0.37 -5.70 -1.65
C PHE A 117 0.84 -5.54 -0.21
N GLY A 118 1.07 -4.29 0.18
CA GLY A 118 1.52 -4.02 1.54
C GLY A 118 0.60 -4.61 2.58
N TYR A 119 -0.68 -4.25 2.52
CA TYR A 119 -1.66 -4.74 3.47
C TYR A 119 -1.84 -6.25 3.35
N ARG A 120 -1.94 -6.73 2.11
CA ARG A 120 -2.11 -8.15 1.85
C ARG A 120 -0.98 -8.96 2.50
N LEU A 121 0.26 -8.51 2.30
CA LEU A 121 1.42 -9.20 2.86
C LEU A 121 1.37 -9.17 4.39
N ALA A 122 1.04 -8.00 4.94
CA ALA A 122 0.96 -7.84 6.39
C ALA A 122 -0.09 -8.77 6.98
N LEU A 123 -1.16 -9.00 6.24
CA LEU A 123 -2.24 -9.86 6.69
C LEU A 123 -1.86 -11.34 6.55
N HIS A 124 -1.09 -11.64 5.51
CA HIS A 124 -0.65 -13.01 5.26
C HIS A 124 0.07 -13.59 6.49
N VAL A 125 0.65 -12.70 7.29
CA VAL A 125 1.37 -13.11 8.49
C VAL A 125 0.56 -12.79 9.75
N TYR A 126 -0.13 -11.66 9.72
CA TYR A 126 -0.95 -11.23 10.86
C TYR A 126 -2.11 -12.18 11.09
N GLN A 127 -2.56 -12.82 10.01
CA GLN A 127 -3.67 -13.76 10.09
C GLN A 127 -3.30 -14.99 10.93
N HIS A 128 -2.00 -15.27 11.02
CA HIS A 128 -1.51 -16.40 11.79
C HIS A 128 -1.62 -16.13 13.29
N GLY A 129 -1.57 -14.85 13.65
CA GLY A 129 -1.66 -14.47 15.05
C GLY A 129 -0.56 -13.51 15.46
N LEU A 130 -0.83 -12.22 15.35
CA LEU A 130 0.14 -11.19 15.71
C LEU A 130 -0.49 -10.12 16.59
N THR A 131 0.22 -9.73 17.64
CA THR A 131 -0.27 -8.71 18.56
C THR A 131 -0.02 -7.30 18.01
N GLY A 132 -0.91 -6.86 17.13
CA GLY A 132 -0.77 -5.53 16.55
C GLY A 132 0.29 -5.48 15.47
N PHE A 133 -0.12 -5.66 14.22
CA PHE A 133 0.81 -5.63 13.10
C PHE A 133 0.52 -4.46 12.18
N LEU A 134 -0.73 -4.01 12.17
CA LEU A 134 -1.14 -2.88 11.33
C LEU A 134 -0.22 -1.69 11.55
N GLY A 135 -0.07 -1.28 12.81
CA GLY A 135 0.78 -0.15 13.13
C GLY A 135 2.21 -0.36 12.69
N GLN A 136 2.71 -1.58 12.85
CA GLN A 136 4.08 -1.90 12.47
C GLN A 136 4.30 -1.67 10.99
N VAL A 137 3.46 -2.29 10.16
CA VAL A 137 3.56 -2.16 8.71
C VAL A 137 3.47 -0.69 8.30
N THR A 138 2.46 0.00 8.81
CA THR A 138 2.25 1.41 8.50
C THR A 138 3.51 2.22 8.78
N ARG A 139 4.09 2.00 9.95
CA ARG A 139 5.30 2.71 10.36
C ARG A 139 6.45 2.42 9.40
N PHE A 140 6.60 1.14 9.04
CA PHE A 140 7.66 0.73 8.14
C PHE A 140 7.53 1.41 6.78
N VAL A 141 6.28 1.52 6.31
CA VAL A 141 6.01 2.15 5.02
C VAL A 141 6.37 3.64 5.05
N VAL A 142 5.79 4.36 6.01
CA VAL A 142 6.04 5.78 6.15
C VAL A 142 7.54 6.06 6.30
N ASP A 143 8.20 5.27 7.12
CA ASP A 143 9.64 5.42 7.35
C ASP A 143 10.41 5.22 6.05
N PHE A 144 10.18 4.08 5.40
CA PHE A 144 10.86 3.76 4.15
C PHE A 144 10.59 4.82 3.10
N MET A 145 9.34 5.19 2.94
CA MET A 145 8.95 6.20 1.96
C MET A 145 9.76 7.48 2.15
N LEU A 146 9.81 7.96 3.39
CA LEU A 146 10.55 9.18 3.71
C LEU A 146 12.05 8.91 3.73
N HIS A 147 12.43 7.64 3.55
CA HIS A 147 13.83 7.26 3.55
C HIS A 147 14.22 6.66 2.20
N HIS A 148 13.58 7.11 1.14
CA HIS A 148 13.86 6.61 -0.20
C HIS A 148 13.51 7.66 -1.26
N CYS A 149 13.45 8.92 -0.83
CA CYS A 149 13.12 10.01 -1.74
C CYS A 149 11.71 9.86 -2.29
N ILE A 150 10.92 9.02 -1.66
CA ILE A 150 9.55 8.78 -2.08
C ILE A 150 8.64 9.95 -1.73
N ALA A 151 8.70 10.37 -0.47
CA ALA A 151 7.89 11.48 0.01
C ALA A 151 8.04 12.70 -0.91
N ARG A 152 9.28 13.02 -1.26
CA ARG A 152 9.55 14.16 -2.13
C ARG A 152 8.85 14.00 -3.47
N TRP A 153 8.90 12.80 -4.03
CA TRP A 153 8.26 12.52 -5.31
C TRP A 153 6.76 12.81 -5.25
N ILE A 154 6.08 12.20 -4.28
CA ILE A 154 4.66 12.40 -4.12
C ILE A 154 4.31 13.89 -3.99
N ALA A 155 5.09 14.60 -3.18
CA ALA A 155 4.88 16.02 -2.97
C ALA A 155 5.03 16.80 -4.27
N GLN A 156 5.96 16.35 -5.12
CA GLN A 156 6.21 17.01 -6.40
C GLN A 156 5.04 16.78 -7.35
N ARG A 157 4.46 15.59 -7.29
CA ARG A 157 3.33 15.24 -8.15
C ARG A 157 2.06 15.93 -7.69
N GLY A 158 2.13 16.60 -6.54
CA GLY A 158 0.98 17.30 -6.01
C GLY A 158 0.41 16.63 -4.77
N GLY A 159 1.30 16.02 -3.98
CA GLY A 159 0.86 15.35 -2.77
C GLY A 159 -0.23 14.34 -3.03
N TRP A 160 -0.74 13.74 -1.95
CA TRP A 160 -1.81 12.74 -2.07
C TRP A 160 -3.11 13.40 -2.50
N VAL A 161 -3.14 14.73 -2.48
CA VAL A 161 -4.34 15.47 -2.87
C VAL A 161 -4.44 15.58 -4.38
N ALA A 162 -3.49 14.98 -5.09
CA ALA A 162 -3.48 15.01 -6.55
C ALA A 162 -3.70 13.61 -7.12
N ALA A 163 -3.77 12.62 -6.25
CA ALA A 163 -3.98 11.24 -6.67
C ALA A 163 -5.46 10.95 -6.90
N LEU A 164 -6.32 11.76 -6.28
CA LEU A 164 -7.76 11.59 -6.41
C LEU A 164 -8.19 11.75 -7.87
N ASN A 165 -7.33 12.35 -8.68
CA ASN A 165 -7.62 12.56 -10.10
C ASN A 165 -7.00 11.45 -10.94
N LEU A 166 -6.76 10.30 -10.33
CA LEU A 166 -6.16 9.16 -11.02
C LEU A 166 -7.24 8.16 -11.44
N GLY A 167 -7.34 7.91 -12.74
CA GLY A 167 -8.32 6.97 -13.23
C GLY A 167 -9.40 7.64 -14.07
N ASN A 168 -10.59 7.78 -13.50
CA ASN A 168 -11.71 8.41 -14.20
C ASN A 168 -12.04 9.77 -13.59
N GLY A 169 -11.09 10.32 -12.83
CA GLY A 169 -11.30 11.61 -12.21
C GLY A 169 -12.42 11.58 -11.19
N GLU B 1 16.28 -17.89 -0.64
CA GLU B 1 16.95 -16.76 -1.26
C GLU B 1 16.29 -16.42 -2.59
N ASP B 2 15.89 -17.44 -3.33
CA ASP B 2 15.25 -17.24 -4.63
C ASP B 2 13.91 -16.54 -4.47
N ILE B 3 13.21 -16.83 -3.38
CA ILE B 3 11.91 -16.24 -3.11
C ILE B 3 12.04 -14.72 -2.95
N ILE B 4 13.12 -14.28 -2.32
CA ILE B 4 13.35 -12.86 -2.10
C ILE B 4 13.64 -12.15 -3.42
N ARG B 5 14.18 -12.89 -4.39
CA ARG B 5 14.50 -12.32 -5.69
C ARG B 5 13.28 -12.38 -6.62
N ASN B 6 12.47 -13.42 -6.45
CA ASN B 6 11.28 -13.59 -7.27
C ASN B 6 10.24 -12.52 -6.95
N ILE B 7 9.97 -12.34 -5.67
CA ILE B 7 8.99 -11.34 -5.22
C ILE B 7 9.26 -9.99 -5.86
N ALA B 8 10.53 -9.71 -6.15
CA ALA B 8 10.92 -8.45 -6.78
C ALA B 8 10.79 -8.53 -8.29
N ARG B 9 11.26 -9.63 -8.86
CA ARG B 9 11.21 -9.82 -10.31
C ARG B 9 9.76 -9.91 -10.79
N HIS B 10 8.86 -10.24 -9.88
CA HIS B 10 7.45 -10.36 -10.21
C HIS B 10 6.77 -9.00 -10.18
N LEU B 11 7.40 -8.04 -9.51
CA LEU B 11 6.85 -6.70 -9.40
C LEU B 11 7.29 -5.83 -10.58
N ALA B 12 7.40 -6.44 -11.75
CA ALA B 12 7.81 -5.74 -12.95
C ALA B 12 6.60 -5.19 -13.71
N VAL B 14 3.16 -4.94 -11.70
CA VAL B 14 2.01 -4.42 -10.97
C VAL B 14 2.18 -2.94 -10.65
N GLY B 15 3.43 -2.50 -10.57
CA GLY B 15 3.72 -1.11 -10.27
C GLY B 15 3.55 -0.21 -11.48
N ASP B 16 3.99 -0.68 -12.64
CA ASP B 16 3.88 0.08 -13.87
C ASP B 16 2.43 0.27 -14.27
N ASP B 19 -0.34 2.87 -13.87
CA ASP B 19 0.05 4.27 -14.01
C ASP B 19 -0.28 4.79 -15.41
N ARG B 20 -0.30 3.88 -16.38
CA ARG B 20 -0.59 4.25 -17.76
C ARG B 20 -2.09 4.17 -18.04
N SER B 21 -2.81 3.51 -17.14
CA SER B 21 -4.25 3.35 -17.29
C SER B 21 -5.00 4.23 -16.29
N ILE B 22 -4.33 5.27 -15.81
CA ILE B 22 -4.92 6.19 -14.85
C ILE B 22 -4.98 7.60 -15.41
N ALA A 1 -2.28 24.87 -11.41
CA ALA A 1 -1.31 23.84 -11.07
C ALA A 1 -1.65 23.16 -9.74
N LEU A 2 -0.71 22.38 -9.23
CA LEU A 2 -0.90 21.67 -7.98
C LEU A 2 -0.31 22.46 -6.81
N PRO A 3 -0.81 22.20 -5.59
CA PRO A 3 -0.34 22.86 -4.38
C PRO A 3 1.08 22.46 -4.00
N SER A 4 1.53 22.90 -2.83
CA SER A 4 2.87 22.59 -2.36
C SER A 4 2.81 21.77 -1.07
N ALA A 5 3.94 21.14 -0.73
CA ALA A 5 4.01 20.33 0.47
C ALA A 5 5.41 19.76 0.67
N SER A 6 5.67 19.21 1.86
CA SER A 6 6.98 18.64 2.16
C SER A 6 6.84 17.22 2.71
N GLU A 7 7.96 16.52 2.79
CA GLU A 7 7.96 15.14 3.29
C GLU A 7 7.25 15.06 4.64
N GLU A 8 7.29 16.15 5.39
CA GLU A 8 6.65 16.20 6.70
C GLU A 8 5.15 15.90 6.59
N GLN A 9 4.48 16.65 5.72
CA GLN A 9 3.04 16.47 5.51
C GLN A 9 2.75 15.23 4.69
N VAL A 10 3.71 14.84 3.84
CA VAL A 10 3.56 13.67 2.99
C VAL A 10 3.56 12.40 3.83
N ALA A 11 4.49 12.30 4.77
CA ALA A 11 4.59 11.14 5.64
C ALA A 11 3.28 10.88 6.38
N GLN A 12 2.76 11.92 7.03
CA GLN A 12 1.51 11.81 7.77
C GLN A 12 0.35 11.47 6.84
N ASP A 13 0.27 12.20 5.73
CA ASP A 13 -0.80 11.97 4.76
C ASP A 13 -0.70 10.57 4.16
N THR A 14 0.50 10.00 4.18
CA THR A 14 0.72 8.67 3.64
C THR A 14 0.18 7.59 4.58
N GLU A 15 0.58 7.66 5.85
CA GLU A 15 0.14 6.70 6.84
C GLU A 15 -1.39 6.61 6.87
N GLU A 16 -2.05 7.77 6.92
CA GLU A 16 -3.50 7.82 6.96
C GLU A 16 -4.09 7.30 5.65
N VAL A 17 -3.65 7.88 4.53
CA VAL A 17 -4.14 7.47 3.23
C VAL A 17 -3.93 5.98 2.99
N PHE A 18 -2.84 5.45 3.55
CA PHE A 18 -2.52 4.04 3.41
C PHE A 18 -3.54 3.17 4.14
N ARG A 19 -3.80 3.49 5.40
CA ARG A 19 -4.75 2.75 6.22
C ARG A 19 -6.12 2.72 5.55
N SER A 20 -6.59 3.89 5.11
CA SER A 20 -7.89 4.01 4.46
C SER A 20 -7.89 3.29 3.12
N TYR A 21 -6.79 3.43 2.38
CA TYR A 21 -6.66 2.79 1.07
C TYR A 21 -6.84 1.28 1.18
N VAL A 22 -6.01 0.66 2.02
CA VAL A 22 -6.07 -0.79 2.21
C VAL A 22 -7.40 -1.20 2.82
N PHE A 23 -7.97 -0.33 3.66
CA PHE A 23 -9.24 -0.60 4.30
C PHE A 23 -10.36 -0.72 3.29
N TYR A 24 -10.34 0.15 2.29
CA TYR A 24 -11.35 0.14 1.24
C TYR A 24 -11.16 -1.04 0.29
N ARG A 25 -9.92 -1.23 -0.15
CA ARG A 25 -9.60 -2.33 -1.05
C ARG A 25 -10.05 -3.66 -0.48
N HIS A 26 -9.72 -3.89 0.79
CA HIS A 26 -10.09 -5.13 1.47
C HIS A 26 -11.59 -5.17 1.76
N GLN A 27 -12.13 -4.03 2.19
CA GLN A 27 -13.55 -3.94 2.50
C GLN A 27 -14.40 -4.45 1.34
N GLN A 28 -14.16 -3.89 0.16
CA GLN A 28 -14.91 -4.30 -1.03
C GLN A 28 -14.57 -5.73 -1.43
N GLU A 29 -13.35 -6.15 -1.12
CA GLU A 29 -12.91 -7.51 -1.45
C GLU A 29 -13.88 -8.54 -0.88
N GLN A 30 -14.53 -8.20 0.22
CA GLN A 30 -15.48 -9.10 0.86
C GLN A 30 -16.52 -9.60 -0.14
N GLU A 31 -16.81 -8.77 -1.14
CA GLU A 31 -17.79 -9.12 -2.16
C GLU A 31 -17.30 -10.30 -3.00
N ALA A 32 -16.08 -10.19 -3.51
CA ALA A 32 -15.49 -11.25 -4.32
C ALA A 32 -15.17 -12.48 -3.49
N GLU A 33 -14.35 -12.30 -2.47
CA GLU A 33 -13.97 -13.40 -1.58
C GLU A 33 -14.25 -13.05 -0.13
N GLY A 34 -13.86 -13.96 0.78
CA GLY A 34 -14.07 -13.73 2.19
C GLY A 34 -13.03 -14.40 3.05
N VAL A 35 -11.77 -14.06 2.82
CA VAL A 35 -10.67 -14.64 3.58
C VAL A 35 -9.74 -13.56 4.11
N ALA A 36 -9.44 -13.62 5.41
CA ALA A 36 -8.57 -12.65 6.05
C ALA A 36 -9.11 -11.23 5.90
N ALA A 37 -10.39 -11.06 6.25
CA ALA A 37 -11.03 -9.76 6.16
C ALA A 37 -10.37 -8.75 7.09
N PRO A 38 -10.59 -7.45 6.82
CA PRO A 38 -10.02 -6.36 7.62
C PRO A 38 -10.64 -6.28 9.01
N ALA A 39 -10.19 -5.31 9.80
CA ALA A 39 -10.71 -5.11 11.15
C ALA A 39 -12.03 -4.37 11.12
N ASP A 40 -12.52 -4.01 12.32
CA ASP A 40 -13.78 -3.29 12.43
C ASP A 40 -13.54 -1.79 12.53
N PRO A 41 -14.58 -1.00 12.25
CA PRO A 41 -14.52 0.47 12.30
C PRO A 41 -14.38 1.00 13.71
N GLU A 42 -13.57 2.02 13.89
CA GLU A 42 -13.37 2.62 15.20
C GLU A 42 -12.41 3.81 15.12
N MET A 43 -12.67 4.83 15.92
CA MET A 43 -11.83 6.03 15.93
C MET A 43 -10.43 5.70 16.44
N VAL A 44 -10.36 4.87 17.48
CA VAL A 44 -9.08 4.48 18.05
C VAL A 44 -8.37 3.45 17.17
N THR A 45 -9.15 2.71 16.40
CA THR A 45 -8.60 1.69 15.51
C THR A 45 -8.16 2.30 14.18
N LEU A 46 -9.13 2.59 13.33
CA LEU A 46 -8.86 3.18 12.02
C LEU A 46 -9.64 4.47 11.83
N PRO A 47 -9.09 5.59 12.34
CA PRO A 47 -9.71 6.90 12.23
C PRO A 47 -9.70 7.44 10.80
N LEU A 48 -10.71 7.07 10.03
CA LEU A 48 -10.81 7.51 8.64
C LEU A 48 -11.11 9.00 8.57
N GLN A 49 -10.66 9.63 7.48
CA GLN A 49 -10.89 11.07 7.28
C GLN A 49 -11.78 11.32 6.09
N PRO A 50 -13.07 10.95 6.22
CA PRO A 50 -14.06 11.12 5.15
C PRO A 50 -14.41 12.59 4.93
N SER A 51 -13.99 13.44 5.86
CA SER A 51 -14.27 14.87 5.77
C SER A 51 -13.12 15.61 5.08
N SER A 52 -12.26 14.83 4.42
CA SER A 52 -11.11 15.41 3.72
C SER A 52 -10.77 14.60 2.46
N THR A 53 -10.22 15.27 1.47
CA THR A 53 -9.85 14.62 0.21
C THR A 53 -9.00 13.39 0.47
N MET A 54 -8.14 13.46 1.49
CA MET A 54 -7.27 12.34 1.83
C MET A 54 -8.07 11.04 1.93
N GLY A 55 -9.09 11.04 2.78
CA GLY A 55 -9.90 9.86 2.96
C GLY A 55 -10.47 9.35 1.65
N GLN A 56 -10.58 10.24 0.66
CA GLN A 56 -11.11 9.87 -0.64
C GLN A 56 -9.99 9.37 -1.56
N VAL A 57 -8.77 9.79 -1.29
CA VAL A 57 -7.62 9.38 -2.09
C VAL A 57 -7.49 7.86 -2.11
N GLY A 58 -7.37 7.26 -0.93
CA GLY A 58 -7.24 5.82 -0.84
C GLY A 58 -8.32 5.09 -1.61
N ARG A 59 -9.52 5.66 -1.64
CA ARG A 59 -10.65 5.05 -2.34
C ARG A 59 -10.36 4.94 -3.83
N GLN A 60 -10.07 6.08 -4.46
CA GLN A 60 -9.78 6.11 -5.88
C GLN A 60 -8.58 5.22 -6.21
N LEU A 61 -7.48 5.42 -5.49
CA LEU A 61 -6.27 4.63 -5.70
C LEU A 61 -6.58 3.14 -5.68
N ALA A 62 -7.38 2.71 -4.70
CA ALA A 62 -7.75 1.32 -4.57
C ALA A 62 -8.50 0.82 -5.81
N ILE A 63 -9.20 1.74 -6.47
CA ILE A 63 -9.95 1.40 -7.67
C ILE A 63 -9.02 1.19 -8.86
N ILE A 64 -8.17 2.17 -9.12
CA ILE A 64 -7.23 2.10 -10.23
C ILE A 64 -6.26 0.93 -10.05
N GLY A 65 -6.00 0.57 -8.80
CA GLY A 65 -5.10 -0.52 -8.51
C GLY A 65 -5.83 -1.77 -8.04
N ASP A 66 -7.15 -1.75 -8.14
CA ASP A 66 -7.97 -2.89 -7.72
C ASP A 66 -7.72 -4.08 -8.63
N ASP A 67 -8.17 -3.97 -9.88
CA ASP A 67 -8.01 -5.05 -10.84
C ASP A 67 -6.53 -5.32 -11.11
N ILE A 68 -5.74 -4.26 -11.14
CA ILE A 68 -4.31 -4.37 -11.39
C ILE A 68 -3.63 -5.23 -10.33
N ASN A 69 -3.74 -4.80 -9.07
CA ASN A 69 -3.15 -5.53 -7.96
C ASN A 69 -3.64 -6.97 -7.93
N ARG A 70 -4.95 -7.14 -7.80
CA ARG A 70 -5.55 -8.47 -7.76
C ARG A 70 -5.09 -9.32 -8.93
N ARG A 71 -4.83 -8.65 -10.06
CA ARG A 71 -4.39 -9.34 -11.26
C ARG A 71 -3.01 -9.98 -11.05
N TYR A 72 -2.03 -9.15 -10.71
CA TYR A 72 -0.67 -9.63 -10.49
C TYR A 72 -0.53 -10.21 -9.08
N ASP A 73 -1.62 -10.19 -8.33
CA ASP A 73 -1.61 -10.71 -6.97
C ASP A 73 -1.75 -12.24 -6.98
N SER A 74 -2.29 -12.77 -8.07
CA SER A 74 -2.48 -14.21 -8.19
C SER A 74 -1.19 -14.96 -7.92
N GLU A 75 -0.13 -14.59 -8.66
CA GLU A 75 1.17 -15.23 -8.50
C GLU A 75 1.89 -14.69 -7.28
N PHE A 76 1.71 -13.40 -7.00
CA PHE A 76 2.35 -12.76 -5.87
C PHE A 76 2.10 -13.55 -4.59
N GLN A 77 0.82 -13.86 -4.33
CA GLN A 77 0.45 -14.61 -3.14
C GLN A 77 0.94 -16.04 -3.23
N THR A 78 1.02 -16.57 -4.44
CA THR A 78 1.48 -17.94 -4.66
C THR A 78 2.86 -18.16 -4.07
N MET A 79 3.81 -17.31 -4.46
CA MET A 79 5.17 -17.40 -3.96
C MET A 79 5.28 -16.87 -2.53
N LEU A 80 4.48 -15.86 -2.22
CA LEU A 80 4.48 -15.26 -0.90
C LEU A 80 4.03 -16.27 0.15
N GLN A 81 3.19 -17.21 -0.25
CA GLN A 81 2.69 -18.25 0.65
C GLN A 81 3.83 -19.14 1.13
N HIS A 82 4.88 -19.24 0.32
CA HIS A 82 6.03 -20.07 0.67
C HIS A 82 7.00 -19.31 1.55
N LEU A 83 7.14 -18.01 1.31
CA LEU A 83 8.03 -17.17 2.09
C LEU A 83 7.78 -17.35 3.59
N GLN A 84 6.53 -17.16 4.00
CA GLN A 84 6.17 -17.31 5.40
C GLN A 84 6.97 -16.35 6.28
N PRO A 85 6.79 -15.05 6.06
CA PRO A 85 7.50 -14.01 6.81
C PRO A 85 7.03 -13.93 8.26
N THR A 86 7.55 -12.95 9.00
CA THR A 86 7.18 -12.76 10.40
C THR A 86 7.00 -11.28 10.73
N ALA A 87 6.51 -11.00 11.93
CA ALA A 87 6.29 -9.63 12.36
C ALA A 87 7.61 -8.97 12.76
N GLU A 88 8.61 -9.79 13.08
CA GLU A 88 9.91 -9.28 13.47
C GLU A 88 10.72 -8.86 12.25
N ASN A 89 10.59 -9.60 11.16
CA ASN A 89 11.31 -9.30 9.93
C ASN A 89 10.35 -8.79 8.85
N ALA A 90 9.12 -8.49 9.26
CA ALA A 90 8.12 -7.99 8.33
C ALA A 90 8.66 -6.85 7.48
N TYR A 91 9.25 -5.85 8.14
CA TYR A 91 9.81 -4.70 7.44
C TYR A 91 10.99 -5.12 6.58
N GLU A 92 11.78 -6.07 7.06
CA GLU A 92 12.94 -6.56 6.34
C GLU A 92 12.54 -7.04 4.95
N TYR A 93 11.44 -7.79 4.88
CA TYR A 93 10.96 -8.32 3.61
C TYR A 93 10.30 -7.22 2.78
N PHE A 94 9.35 -6.52 3.39
CA PHE A 94 8.64 -5.44 2.70
C PHE A 94 9.63 -4.46 2.08
N THR A 95 10.54 -3.94 2.89
CA THR A 95 11.54 -2.99 2.42
C THR A 95 12.20 -3.48 1.14
N LYS A 96 12.42 -4.78 1.05
CA LYS A 96 13.05 -5.37 -0.13
C LYS A 96 12.12 -5.30 -1.34
N ILE A 97 10.85 -5.66 -1.12
CA ILE A 97 9.86 -5.64 -2.20
C ILE A 97 9.73 -4.24 -2.78
N ALA A 98 9.49 -3.25 -1.92
CA ALA A 98 9.35 -1.88 -2.36
C ALA A 98 10.61 -1.38 -3.07
N THR A 99 11.76 -1.61 -2.44
CA THR A 99 13.03 -1.20 -3.00
C THR A 99 13.19 -1.69 -4.44
N SER A 100 12.85 -2.95 -4.67
CA SER A 100 12.96 -3.54 -6.00
C SER A 100 11.96 -2.89 -6.95
N LEU A 101 10.76 -2.61 -6.45
CA LEU A 101 9.72 -1.99 -7.25
C LEU A 101 10.11 -0.58 -7.67
N PHE A 102 10.58 0.20 -6.70
CA PHE A 102 11.00 1.57 -6.96
C PHE A 102 12.49 1.64 -7.28
N GLU A 103 13.08 0.49 -7.62
CA GLU A 103 14.50 0.42 -7.94
C GLU A 103 14.76 0.96 -9.34
N SER A 104 13.70 1.08 -10.13
CA SER A 104 13.82 1.59 -11.50
C SER A 104 13.33 3.03 -11.58
N GLY A 105 12.05 3.23 -11.32
CA GLY A 105 11.48 4.57 -11.37
C GLY A 105 10.30 4.73 -10.45
N ILE A 106 9.88 5.98 -10.24
CA ILE A 106 8.74 6.27 -9.37
C ILE A 106 7.58 6.87 -10.15
N ASN A 107 6.39 6.34 -9.91
CA ASN A 107 5.19 6.82 -10.60
C ASN A 107 3.96 6.63 -9.74
N TRP A 108 2.89 7.36 -10.05
CA TRP A 108 1.65 7.26 -9.30
C TRP A 108 1.20 5.81 -9.17
N GLY A 109 1.11 5.12 -10.30
CA GLY A 109 0.69 3.73 -10.28
C GLY A 109 1.48 2.90 -9.29
N ARG A 110 2.79 3.10 -9.26
CA ARG A 110 3.66 2.37 -8.35
C ARG A 110 3.29 2.66 -6.89
N VAL A 111 3.15 3.94 -6.56
CA VAL A 111 2.80 4.35 -5.21
C VAL A 111 1.57 3.60 -4.72
N VAL A 112 0.65 3.33 -5.63
CA VAL A 112 -0.58 2.61 -5.28
C VAL A 112 -0.32 1.13 -5.05
N ALA A 113 0.34 0.50 -6.02
CA ALA A 113 0.65 -0.92 -5.93
C ALA A 113 1.41 -1.22 -4.63
N LEU A 114 2.32 -0.33 -4.27
CA LEU A 114 3.10 -0.50 -3.04
C LEU A 114 2.21 -0.80 -1.85
N LEU A 115 1.22 0.06 -1.64
CA LEU A 115 0.28 -0.11 -0.52
C LEU A 115 -0.57 -1.36 -0.72
N GLY A 116 -1.04 -1.57 -1.94
CA GLY A 116 -1.86 -2.74 -2.23
C GLY A 116 -1.25 -4.02 -1.71
N PHE A 117 -0.01 -4.29 -2.14
CA PHE A 117 0.69 -5.49 -1.72
C PHE A 117 1.20 -5.36 -0.28
N GLY A 118 1.42 -4.12 0.15
CA GLY A 118 1.89 -3.88 1.49
C GLY A 118 1.01 -4.50 2.55
N TYR A 119 -0.28 -4.20 2.49
CA TYR A 119 -1.24 -4.72 3.45
C TYR A 119 -1.32 -6.24 3.35
N ARG A 120 -1.18 -6.76 2.13
CA ARG A 120 -1.23 -8.21 1.91
C ARG A 120 -0.06 -8.91 2.58
N LEU A 121 1.16 -8.47 2.26
CA LEU A 121 2.35 -9.06 2.82
C LEU A 121 2.33 -8.99 4.35
N ALA A 122 1.88 -7.85 4.87
CA ALA A 122 1.80 -7.66 6.31
C ALA A 122 0.67 -8.46 6.92
N LEU A 123 -0.38 -8.70 6.12
CA LEU A 123 -1.54 -9.47 6.58
C LEU A 123 -1.21 -10.96 6.63
N HIS A 124 -0.30 -11.38 5.77
CA HIS A 124 0.10 -12.78 5.72
C HIS A 124 0.64 -13.25 7.07
N VAL A 125 1.07 -12.31 7.89
CA VAL A 125 1.60 -12.61 9.21
C VAL A 125 0.67 -12.11 10.31
N TYR A 126 0.06 -10.96 10.08
CA TYR A 126 -0.84 -10.36 11.05
C TYR A 126 -2.08 -11.24 11.25
N GLN A 127 -2.76 -11.56 10.15
CA GLN A 127 -3.96 -12.39 10.21
C GLN A 127 -3.61 -13.81 10.63
N HIS A 128 -2.35 -14.20 10.41
CA HIS A 128 -1.90 -15.54 10.77
C HIS A 128 -2.09 -15.79 12.27
N GLY A 129 -2.08 -14.71 13.05
CA GLY A 129 -2.25 -14.84 14.48
C GLY A 129 -1.76 -13.62 15.23
N LEU A 130 -0.57 -13.15 14.87
CA LEU A 130 0.02 -11.99 15.52
C LEU A 130 -0.81 -10.74 15.28
N THR A 131 -1.68 -10.42 16.23
CA THR A 131 -2.55 -9.25 16.12
C THR A 131 -1.81 -7.98 16.51
N GLY A 132 -2.49 -6.85 16.40
CA GLY A 132 -1.87 -5.57 16.74
C GLY A 132 -0.58 -5.33 15.98
N PHE A 133 -0.67 -5.36 14.65
CA PHE A 133 0.49 -5.14 13.81
C PHE A 133 0.29 -3.94 12.89
N LEU A 134 -0.94 -3.41 12.89
CA LEU A 134 -1.26 -2.25 12.06
C LEU A 134 -0.21 -1.16 12.20
N GLY A 135 0.00 -0.71 13.44
CA GLY A 135 0.98 0.33 13.69
C GLY A 135 2.33 0.01 13.09
N GLN A 136 2.73 -1.25 13.17
CA GLN A 136 4.02 -1.69 12.63
C GLN A 136 4.07 -1.49 11.12
N VAL A 137 3.10 -2.05 10.41
CA VAL A 137 3.03 -1.93 8.97
C VAL A 137 3.09 -0.47 8.53
N THR A 138 2.21 0.36 9.09
CA THR A 138 2.18 1.77 8.76
C THR A 138 3.54 2.43 8.97
N ARG A 139 4.12 2.21 10.14
CA ARG A 139 5.43 2.78 10.47
C ARG A 139 6.46 2.39 9.42
N PHE A 140 6.40 1.13 8.98
CA PHE A 140 7.33 0.63 7.98
C PHE A 140 7.19 1.39 6.67
N VAL A 141 5.96 1.48 6.17
CA VAL A 141 5.68 2.19 4.92
C VAL A 141 6.24 3.60 4.96
N VAL A 142 5.80 4.38 5.96
CA VAL A 142 6.25 5.75 6.11
C VAL A 142 7.77 5.82 6.23
N ASP A 143 8.35 4.87 6.94
CA ASP A 143 9.79 4.82 7.14
C ASP A 143 10.52 4.65 5.80
N PHE A 144 10.25 3.53 5.13
CA PHE A 144 10.87 3.25 3.85
C PHE A 144 10.67 4.41 2.87
N MET A 145 9.44 4.90 2.80
CA MET A 145 9.11 6.01 1.91
C MET A 145 10.06 7.18 2.14
N LEU A 146 10.16 7.62 3.38
CA LEU A 146 11.03 8.74 3.73
C LEU A 146 12.49 8.30 3.79
N HIS A 147 12.72 7.00 3.60
CA HIS A 147 14.06 6.45 3.64
C HIS A 147 14.58 6.19 2.23
N HIS A 148 13.90 6.75 1.24
CA HIS A 148 14.29 6.58 -0.16
C HIS A 148 14.17 7.90 -0.92
N CYS A 149 12.96 8.18 -1.41
CA CYS A 149 12.70 9.41 -2.15
C CYS A 149 11.27 9.45 -2.66
N ILE A 150 10.36 8.84 -1.90
CA ILE A 150 8.95 8.81 -2.27
C ILE A 150 8.23 10.07 -1.83
N ALA A 151 8.46 10.46 -0.58
CA ALA A 151 7.83 11.66 -0.02
C ALA A 151 8.01 12.86 -0.95
N ARG A 152 9.27 13.17 -1.25
CA ARG A 152 9.58 14.29 -2.14
C ARG A 152 8.84 14.16 -3.46
N TRP A 153 8.83 12.96 -4.01
CA TRP A 153 8.16 12.70 -5.29
C TRP A 153 6.69 13.07 -5.20
N ILE A 154 5.99 12.49 -4.23
CA ILE A 154 4.57 12.76 -4.05
C ILE A 154 4.30 14.26 -3.90
N ALA A 155 5.16 14.93 -3.15
CA ALA A 155 5.02 16.37 -2.94
C ALA A 155 5.20 17.13 -4.24
N GLN A 156 6.06 16.61 -5.12
CA GLN A 156 6.32 17.25 -6.40
C GLN A 156 5.14 17.07 -7.35
N ARG A 157 4.49 15.91 -7.26
CA ARG A 157 3.34 15.62 -8.11
C ARG A 157 2.10 16.37 -7.64
N GLY A 158 2.19 16.96 -6.45
CA GLY A 158 1.06 17.70 -5.90
C GLY A 158 0.47 17.04 -4.68
N GLY A 159 1.33 16.48 -3.83
CA GLY A 159 0.87 15.82 -2.62
C GLY A 159 -0.21 14.79 -2.91
N TRP A 160 -0.82 14.27 -1.85
CA TRP A 160 -1.87 13.27 -1.98
C TRP A 160 -3.16 13.91 -2.48
N VAL A 161 -3.15 15.24 -2.59
CA VAL A 161 -4.33 15.97 -3.06
C VAL A 161 -4.42 15.92 -4.58
N ALA A 162 -3.49 15.22 -5.21
CA ALA A 162 -3.47 15.10 -6.66
C ALA A 162 -3.72 13.66 -7.10
N ALA A 163 -3.85 12.77 -6.11
CA ALA A 163 -4.09 11.36 -6.39
C ALA A 163 -5.58 11.10 -6.64
N LEU A 164 -6.42 11.97 -6.11
CA LEU A 164 -7.87 11.84 -6.28
C LEU A 164 -8.26 11.88 -7.75
N ASN A 165 -7.35 12.40 -8.57
CA ASN A 165 -7.60 12.51 -10.01
C ASN A 165 -6.94 11.35 -10.76
N LEU A 166 -6.81 10.22 -10.09
CA LEU A 166 -6.21 9.03 -10.69
C LEU A 166 -7.25 7.96 -10.98
N GLY A 167 -7.64 7.84 -12.24
CA GLY A 167 -8.63 6.85 -12.62
C GLY A 167 -9.73 7.43 -13.48
N ASN A 168 -10.90 7.64 -12.88
CA ASN A 168 -12.04 8.19 -13.60
C ASN A 168 -12.40 9.59 -13.08
N GLY A 169 -11.46 10.21 -12.38
CA GLY A 169 -11.69 11.53 -11.83
C GLY A 169 -12.79 11.54 -10.80
N GLU B 1 16.24 -16.85 -1.45
CA GLU B 1 16.91 -16.41 -2.66
C GLU B 1 16.06 -16.68 -3.90
N ASP B 2 15.09 -17.59 -3.75
CA ASP B 2 14.20 -17.95 -4.85
C ASP B 2 12.89 -17.18 -4.75
N ILE B 3 12.65 -16.58 -3.60
CA ILE B 3 11.43 -15.82 -3.39
C ILE B 3 11.73 -14.33 -3.22
N ILE B 4 12.67 -14.01 -2.33
CA ILE B 4 13.05 -12.64 -2.08
C ILE B 4 13.48 -11.94 -3.37
N ARG B 5 14.03 -12.72 -4.30
CA ARG B 5 14.49 -12.18 -5.57
C ARG B 5 13.38 -12.25 -6.62
N ASN B 6 12.65 -13.36 -6.62
CA ASN B 6 11.56 -13.55 -7.57
C ASN B 6 10.47 -12.50 -7.37
N ILE B 7 10.05 -12.33 -6.12
CA ILE B 7 9.02 -11.36 -5.80
C ILE B 7 9.32 -10.00 -6.42
N ALA B 8 10.61 -9.68 -6.55
CA ALA B 8 11.03 -8.42 -7.13
C ALA B 8 10.85 -8.43 -8.64
N ARG B 9 11.17 -9.56 -9.26
CA ARG B 9 11.05 -9.70 -10.71
C ARG B 9 9.58 -9.75 -11.13
N HIS B 10 8.70 -10.00 -10.17
CA HIS B 10 7.27 -10.08 -10.44
C HIS B 10 6.64 -8.69 -10.40
N LEU B 11 7.30 -7.77 -9.72
CA LEU B 11 6.81 -6.40 -9.60
C LEU B 11 7.30 -5.54 -10.77
N ALA B 12 7.37 -6.14 -11.95
CA ALA B 12 7.83 -5.43 -13.14
C ALA B 12 6.64 -4.85 -13.92
N VAL B 14 3.31 -4.29 -11.83
CA VAL B 14 2.21 -3.74 -11.05
C VAL B 14 2.34 -2.23 -10.91
N GLY B 15 3.56 -1.73 -10.99
CA GLY B 15 3.80 -0.30 -10.88
C GLY B 15 3.41 0.46 -12.13
N ASP B 16 4.02 0.11 -13.25
CA ASP B 16 3.72 0.76 -14.52
C ASP B 16 2.23 0.81 -14.78
N ASP B 19 -0.66 3.19 -14.16
CA ASP B 19 -0.38 4.61 -14.38
C ASP B 19 -0.88 5.06 -15.76
N ARG B 20 -0.93 4.12 -16.68
CA ARG B 20 -1.40 4.42 -18.04
C ARG B 20 -2.90 4.22 -18.16
N SER B 21 -3.47 3.52 -17.19
CA SER B 21 -4.92 3.25 -17.19
C SER B 21 -5.62 4.09 -16.14
N ILE B 22 -4.98 5.19 -15.74
CA ILE B 22 -5.55 6.08 -14.73
C ILE B 22 -5.79 7.47 -15.30
N ALA A 1 7.67 26.54 7.55
CA ALA A 1 6.65 27.50 7.15
C ALA A 1 6.81 27.88 5.67
N LEU A 2 7.21 26.91 4.86
CA LEU A 2 7.40 27.13 3.43
C LEU A 2 6.16 26.70 2.65
N PRO A 3 6.02 27.23 1.43
CA PRO A 3 4.88 26.91 0.56
C PRO A 3 4.94 25.48 0.03
N SER A 4 3.90 25.07 -0.67
CA SER A 4 3.82 23.72 -1.22
C SER A 4 3.89 22.67 -0.12
N ALA A 5 3.68 21.41 -0.49
CA ALA A 5 3.72 20.31 0.47
C ALA A 5 5.13 19.74 0.60
N SER A 6 5.49 19.33 1.82
CA SER A 6 6.81 18.76 2.07
C SER A 6 6.70 17.33 2.57
N GLU A 7 7.83 16.62 2.57
CA GLU A 7 7.86 15.24 3.02
C GLU A 7 7.16 15.10 4.39
N GLU A 8 7.28 16.14 5.21
CA GLU A 8 6.67 16.13 6.53
C GLU A 8 5.16 15.87 6.43
N GLN A 9 4.49 16.63 5.58
CA GLN A 9 3.05 16.48 5.40
C GLN A 9 2.73 15.24 4.58
N VAL A 10 3.67 14.84 3.72
CA VAL A 10 3.49 13.67 2.89
C VAL A 10 3.44 12.40 3.72
N ALA A 11 4.23 12.36 4.80
CA ALA A 11 4.27 11.21 5.69
C ALA A 11 2.90 10.94 6.30
N GLN A 12 2.32 11.96 6.90
CA GLN A 12 1.01 11.84 7.54
C GLN A 12 -0.06 11.49 6.49
N ASP A 13 -0.02 12.17 5.36
CA ASP A 13 -0.98 11.95 4.29
C ASP A 13 -0.85 10.53 3.73
N THR A 14 0.38 10.00 3.76
CA THR A 14 0.64 8.66 3.25
C THR A 14 0.01 7.60 4.15
N GLU A 15 0.33 7.65 5.43
CA GLU A 15 -0.22 6.69 6.39
C GLU A 15 -1.74 6.71 6.38
N GLU A 16 -2.31 7.92 6.37
CA GLU A 16 -3.76 8.07 6.37
C GLU A 16 -4.36 7.46 5.11
N VAL A 17 -3.83 7.86 3.94
CA VAL A 17 -4.32 7.35 2.67
C VAL A 17 -4.10 5.84 2.56
N PHE A 18 -3.02 5.36 3.16
CA PHE A 18 -2.70 3.94 3.14
C PHE A 18 -3.80 3.12 3.83
N ARG A 19 -4.16 3.53 5.03
CA ARG A 19 -5.19 2.84 5.80
C ARG A 19 -6.54 2.92 5.10
N SER A 20 -6.88 4.12 4.63
CA SER A 20 -8.15 4.33 3.94
C SER A 20 -8.19 3.57 2.61
N TYR A 21 -7.05 3.54 1.93
CA TYR A 21 -6.95 2.84 0.65
C TYR A 21 -7.20 1.34 0.83
N VAL A 22 -6.37 0.70 1.64
CA VAL A 22 -6.50 -0.73 1.90
C VAL A 22 -7.86 -1.05 2.49
N PHE A 23 -8.37 -0.16 3.33
CA PHE A 23 -9.67 -0.36 3.96
C PHE A 23 -10.80 -0.25 2.95
N TYR A 24 -10.67 0.70 2.03
CA TYR A 24 -11.68 0.92 1.00
C TYR A 24 -11.73 -0.25 0.02
N ARG A 25 -10.56 -0.79 -0.30
CA ARG A 25 -10.45 -1.91 -1.22
C ARG A 25 -11.06 -3.17 -0.61
N HIS A 26 -10.66 -3.48 0.62
CA HIS A 26 -11.16 -4.65 1.32
C HIS A 26 -12.62 -4.47 1.71
N GLN A 27 -13.01 -3.23 1.96
CA GLN A 27 -14.38 -2.92 2.35
C GLN A 27 -15.37 -3.52 1.37
N GLN A 28 -15.22 -3.18 0.10
CA GLN A 28 -16.10 -3.68 -0.95
C GLN A 28 -16.11 -5.22 -0.97
N GLU A 29 -15.00 -5.81 -0.53
CA GLU A 29 -14.86 -7.25 -0.50
C GLU A 29 -15.69 -7.85 0.64
N GLN A 30 -15.90 -7.05 1.68
CA GLN A 30 -16.68 -7.50 2.83
C GLN A 30 -18.03 -8.07 2.40
N GLU A 31 -18.58 -7.51 1.33
CA GLU A 31 -19.86 -7.96 0.81
C GLU A 31 -19.76 -9.39 0.26
N ALA A 32 -18.61 -9.71 -0.32
CA ALA A 32 -18.38 -11.04 -0.88
C ALA A 32 -17.94 -12.02 0.19
N GLU A 33 -16.99 -11.59 1.02
CA GLU A 33 -16.47 -12.44 2.09
C GLU A 33 -16.22 -13.85 1.59
N GLY A 34 -15.98 -14.77 2.52
CA GLY A 34 -15.73 -16.16 2.16
C GLY A 34 -14.28 -16.55 2.36
N VAL A 35 -13.53 -15.69 3.04
CA VAL A 35 -12.11 -15.96 3.30
C VAL A 35 -11.67 -15.31 4.61
N ALA A 36 -10.37 -15.30 4.84
CA ALA A 36 -9.80 -14.70 6.06
C ALA A 36 -9.45 -13.24 5.84
N ALA A 37 -10.20 -12.57 4.97
CA ALA A 37 -9.97 -11.17 4.68
C ALA A 37 -9.99 -10.32 5.95
N PRO A 38 -9.43 -9.11 5.86
CA PRO A 38 -9.37 -8.19 7.00
C PRO A 38 -10.74 -7.64 7.38
N ALA A 39 -10.91 -7.29 8.65
CA ALA A 39 -12.18 -6.76 9.14
C ALA A 39 -12.08 -6.41 10.62
N ASP A 40 -12.19 -5.12 10.92
CA ASP A 40 -12.12 -4.65 12.31
C ASP A 40 -12.40 -3.15 12.39
N PRO A 41 -13.68 -2.79 12.22
CA PRO A 41 -14.11 -1.38 12.27
C PRO A 41 -14.03 -0.80 13.68
N GLU A 42 -12.94 -0.07 13.94
CA GLU A 42 -12.73 0.55 15.25
C GLU A 42 -12.11 1.92 15.11
N MET A 43 -11.98 2.64 16.23
CA MET A 43 -11.39 3.96 16.23
C MET A 43 -9.87 3.89 16.07
N VAL A 44 -9.22 3.14 16.96
CA VAL A 44 -7.77 2.98 16.92
C VAL A 44 -7.37 2.00 15.83
N THR A 45 -8.18 0.96 15.64
CA THR A 45 -7.89 -0.04 14.63
C THR A 45 -7.63 0.59 13.26
N LEU A 46 -8.69 1.10 12.64
CA LEU A 46 -8.57 1.73 11.33
C LEU A 46 -9.16 3.14 11.36
N PRO A 47 -8.36 4.11 11.80
CA PRO A 47 -8.78 5.51 11.89
C PRO A 47 -8.95 6.15 10.52
N LEU A 48 -10.11 5.97 9.92
CA LEU A 48 -10.39 6.53 8.60
C LEU A 48 -10.67 8.03 8.70
N GLN A 49 -10.30 8.77 7.66
CA GLN A 49 -10.51 10.20 7.62
C GLN A 49 -11.48 10.58 6.51
N PRO A 50 -12.75 10.20 6.67
CA PRO A 50 -13.80 10.50 5.69
C PRO A 50 -14.15 11.97 5.63
N SER A 51 -13.60 12.75 6.57
CA SER A 51 -13.85 14.18 6.63
C SER A 51 -12.68 14.97 6.05
N SER A 52 -11.81 14.27 5.32
CA SER A 52 -10.65 14.90 4.71
C SER A 52 -10.45 14.41 3.28
N THR A 53 -9.60 15.10 2.53
CA THR A 53 -9.32 14.74 1.14
C THR A 53 -8.56 13.43 1.06
N MET A 54 -7.65 13.21 2.00
CA MET A 54 -6.86 11.99 2.04
C MET A 54 -7.76 10.76 2.02
N GLY A 55 -8.79 10.77 2.86
CA GLY A 55 -9.71 9.65 2.92
C GLY A 55 -10.38 9.37 1.58
N GLN A 56 -10.37 10.37 0.71
CA GLN A 56 -10.98 10.22 -0.62
C GLN A 56 -9.97 9.70 -1.62
N VAL A 57 -8.68 9.85 -1.31
CA VAL A 57 -7.62 9.38 -2.19
C VAL A 57 -7.67 7.87 -2.36
N GLY A 58 -7.68 7.15 -1.25
CA GLY A 58 -7.73 5.70 -1.30
C GLY A 58 -8.85 5.18 -2.17
N ARG A 59 -9.92 5.97 -2.28
CA ARG A 59 -11.08 5.59 -3.08
C ARG A 59 -10.68 5.40 -4.54
N GLN A 60 -10.14 6.46 -5.14
CA GLN A 60 -9.72 6.42 -6.53
C GLN A 60 -8.58 5.43 -6.73
N LEU A 61 -7.57 5.51 -5.85
CA LEU A 61 -6.43 4.62 -5.93
C LEU A 61 -6.86 3.17 -6.02
N ALA A 62 -7.79 2.77 -5.16
CA ALA A 62 -8.30 1.41 -5.15
C ALA A 62 -8.96 1.06 -6.48
N ILE A 63 -9.50 2.07 -7.15
CA ILE A 63 -10.16 1.88 -8.43
C ILE A 63 -9.16 1.67 -9.56
N ILE A 64 -8.21 2.60 -9.67
CA ILE A 64 -7.18 2.52 -10.69
C ILE A 64 -6.37 1.23 -10.56
N GLY A 65 -6.19 0.78 -9.32
CA GLY A 65 -5.43 -0.44 -9.07
C GLY A 65 -6.33 -1.62 -8.78
N ASP A 66 -7.62 -1.47 -9.06
CA ASP A 66 -8.58 -2.55 -8.83
C ASP A 66 -8.25 -3.78 -9.67
N ASP A 67 -8.53 -3.68 -10.96
CA ASP A 67 -8.25 -4.78 -11.88
C ASP A 67 -6.79 -5.21 -11.80
N ILE A 68 -5.90 -4.23 -11.73
CA ILE A 68 -4.47 -4.50 -11.66
C ILE A 68 -4.14 -5.37 -10.44
N ASN A 69 -4.67 -4.98 -9.29
CA ASN A 69 -4.44 -5.73 -8.06
C ASN A 69 -4.87 -7.18 -8.21
N ARG A 70 -6.18 -7.40 -8.38
CA ARG A 70 -6.72 -8.74 -8.55
C ARG A 70 -6.01 -9.48 -9.68
N ARG A 71 -5.57 -8.74 -10.69
CA ARG A 71 -4.88 -9.32 -11.83
C ARG A 71 -3.62 -10.05 -11.38
N TYR A 72 -2.73 -9.32 -10.73
CA TYR A 72 -1.46 -9.89 -10.25
C TYR A 72 -1.54 -10.20 -8.76
N ASP A 73 -2.75 -10.43 -8.27
CA ASP A 73 -2.96 -10.73 -6.86
C ASP A 73 -2.65 -12.21 -6.57
N SER A 74 -3.38 -13.10 -7.22
CA SER A 74 -3.18 -14.53 -7.04
C SER A 74 -1.72 -14.91 -7.25
N GLU A 75 -1.13 -14.43 -8.34
CA GLU A 75 0.26 -14.72 -8.65
C GLU A 75 1.18 -14.29 -7.50
N PHE A 76 0.73 -13.28 -6.75
CA PHE A 76 1.51 -12.77 -5.64
C PHE A 76 1.19 -13.54 -4.35
N GLN A 77 -0.05 -14.00 -4.23
CA GLN A 77 -0.47 -14.75 -3.05
C GLN A 77 0.08 -16.16 -3.08
N THR A 78 -0.16 -16.88 -4.17
CA THR A 78 0.31 -18.24 -4.32
C THR A 78 1.81 -18.33 -4.02
N MET A 79 2.57 -17.36 -4.52
CA MET A 79 4.01 -17.33 -4.31
C MET A 79 4.35 -16.87 -2.89
N LEU A 80 3.58 -15.90 -2.39
CA LEU A 80 3.79 -15.37 -1.05
C LEU A 80 3.74 -16.48 -0.01
N GLN A 81 2.82 -17.42 -0.20
CA GLN A 81 2.66 -18.53 0.72
C GLN A 81 3.98 -19.29 0.89
N HIS A 82 4.84 -19.19 -0.11
CA HIS A 82 6.15 -19.85 -0.08
C HIS A 82 7.12 -19.08 0.80
N LEU A 83 7.20 -17.78 0.59
CA LEU A 83 8.09 -16.93 1.37
C LEU A 83 7.91 -17.16 2.87
N GLN A 84 6.68 -16.98 3.34
CA GLN A 84 6.37 -17.17 4.75
C GLN A 84 7.09 -16.14 5.61
N PRO A 85 6.74 -14.85 5.41
CA PRO A 85 7.34 -13.75 6.17
C PRO A 85 6.91 -13.74 7.62
N THR A 86 7.60 -12.93 8.44
CA THR A 86 7.29 -12.83 9.85
C THR A 86 7.35 -11.39 10.33
N ALA A 87 7.04 -11.17 11.60
CA ALA A 87 7.07 -9.83 12.18
C ALA A 87 8.49 -9.36 12.41
N GLU A 88 9.36 -10.29 12.78
CA GLU A 88 10.77 -9.97 13.04
C GLU A 88 11.48 -9.56 11.76
N ASN A 89 11.20 -10.29 10.67
CA ASN A 89 11.82 -10.02 9.39
C ASN A 89 10.86 -9.25 8.48
N ALA A 90 9.76 -8.79 9.05
CA ALA A 90 8.76 -8.03 8.30
C ALA A 90 9.42 -6.92 7.49
N TYR A 91 10.20 -6.08 8.16
CA TYR A 91 10.89 -4.98 7.51
C TYR A 91 12.03 -5.48 6.63
N GLU A 92 12.64 -6.58 7.05
CA GLU A 92 13.74 -7.17 6.31
C GLU A 92 13.32 -7.52 4.88
N TYR A 93 12.10 -8.02 4.74
CA TYR A 93 11.57 -8.40 3.43
C TYR A 93 10.85 -7.22 2.77
N PHE A 94 10.03 -6.53 3.55
CA PHE A 94 9.29 -5.38 3.03
C PHE A 94 10.23 -4.39 2.36
N THR A 95 11.30 -4.02 3.05
CA THR A 95 12.27 -3.07 2.52
C THR A 95 12.78 -3.52 1.16
N LYS A 96 12.95 -4.83 0.99
CA LYS A 96 13.42 -5.39 -0.26
C LYS A 96 12.41 -5.18 -1.38
N ILE A 97 11.15 -5.47 -1.08
CA ILE A 97 10.08 -5.32 -2.07
C ILE A 97 9.99 -3.87 -2.55
N ALA A 98 9.87 -2.94 -1.62
CA ALA A 98 9.79 -1.53 -1.96
C ALA A 98 10.99 -1.08 -2.79
N THR A 99 12.19 -1.29 -2.24
CA THR A 99 13.42 -0.91 -2.92
C THR A 99 13.45 -1.48 -4.34
N SER A 100 12.96 -2.71 -4.49
CA SER A 100 12.95 -3.36 -5.79
C SER A 100 12.07 -2.60 -6.78
N LEU A 101 10.88 -2.20 -6.33
CA LEU A 101 9.95 -1.46 -7.17
C LEU A 101 10.45 -0.04 -7.42
N PHE A 102 10.80 0.66 -6.34
CA PHE A 102 11.31 2.02 -6.44
C PHE A 102 12.82 2.03 -6.55
N GLU A 103 13.37 1.07 -7.29
CA GLU A 103 14.81 0.97 -7.47
C GLU A 103 15.29 1.93 -8.55
N SER A 104 14.61 1.90 -9.70
CA SER A 104 14.96 2.77 -10.82
C SER A 104 14.53 4.21 -10.54
N GLY A 105 13.25 4.39 -10.21
CA GLY A 105 12.74 5.71 -9.92
C GLY A 105 11.44 5.67 -9.14
N ILE A 106 10.54 6.59 -9.46
CA ILE A 106 9.25 6.65 -8.78
C ILE A 106 8.13 6.99 -9.75
N ASN A 107 6.91 6.55 -9.43
CA ASN A 107 5.76 6.82 -10.27
C ASN A 107 4.46 6.54 -9.52
N TRP A 108 3.39 7.21 -9.93
CA TRP A 108 2.08 7.04 -9.29
C TRP A 108 1.72 5.56 -9.19
N GLY A 109 1.75 4.88 -10.33
CA GLY A 109 1.41 3.47 -10.35
C GLY A 109 2.16 2.68 -9.29
N ARG A 110 3.46 2.93 -9.18
CA ARG A 110 4.29 2.24 -8.20
C ARG A 110 3.80 2.51 -6.78
N VAL A 111 3.53 3.78 -6.48
CA VAL A 111 3.06 4.18 -5.17
C VAL A 111 1.82 3.38 -4.76
N VAL A 112 0.97 3.07 -5.75
CA VAL A 112 -0.24 2.32 -5.51
C VAL A 112 0.07 0.85 -5.20
N ALA A 113 0.87 0.23 -6.07
CA ALA A 113 1.25 -1.16 -5.89
C ALA A 113 1.86 -1.40 -4.51
N LEU A 114 2.68 -0.45 -4.06
CA LEU A 114 3.33 -0.55 -2.77
C LEU A 114 2.32 -0.86 -1.67
N LEU A 115 1.23 -0.09 -1.64
CA LEU A 115 0.20 -0.28 -0.64
C LEU A 115 -0.56 -1.59 -0.89
N GLY A 116 -0.88 -1.85 -2.15
CA GLY A 116 -1.60 -3.07 -2.49
C GLY A 116 -0.97 -4.30 -1.87
N PHE A 117 0.32 -4.50 -2.14
CA PHE A 117 1.03 -5.66 -1.60
C PHE A 117 1.33 -5.48 -0.11
N GLY A 118 1.49 -4.22 0.31
CA GLY A 118 1.78 -3.94 1.69
C GLY A 118 0.81 -4.62 2.64
N TYR A 119 -0.48 -4.36 2.45
CA TYR A 119 -1.51 -4.95 3.31
C TYR A 119 -1.53 -6.47 3.15
N ARG A 120 -1.22 -6.94 1.94
CA ARG A 120 -1.20 -8.37 1.66
C ARG A 120 -0.26 -9.10 2.61
N LEU A 121 0.99 -8.63 2.67
CA LEU A 121 1.98 -9.25 3.54
C LEU A 121 1.61 -9.08 5.00
N ALA A 122 1.13 -7.89 5.36
CA ALA A 122 0.73 -7.61 6.72
C ALA A 122 -0.29 -8.62 7.23
N LEU A 123 -1.25 -8.96 6.38
CA LEU A 123 -2.28 -9.93 6.73
C LEU A 123 -1.75 -11.36 6.64
N HIS A 124 -0.96 -11.62 5.61
CA HIS A 124 -0.38 -12.95 5.40
C HIS A 124 0.43 -13.37 6.62
N VAL A 125 0.91 -12.39 7.39
CA VAL A 125 1.69 -12.66 8.59
C VAL A 125 0.87 -12.44 9.85
N TYR A 126 -0.08 -11.53 9.78
CA TYR A 126 -0.94 -11.23 10.92
C TYR A 126 -1.92 -12.37 11.19
N GLN A 127 -2.41 -12.98 10.12
CA GLN A 127 -3.35 -14.09 10.23
C GLN A 127 -2.76 -15.20 11.09
N HIS A 128 -1.44 -15.27 11.14
CA HIS A 128 -0.76 -16.30 11.93
C HIS A 128 -0.98 -16.09 13.42
N GLY A 129 -1.20 -14.83 13.81
CA GLY A 129 -1.42 -14.51 15.21
C GLY A 129 -0.51 -13.42 15.71
N LEU A 130 -0.76 -12.19 15.27
CA LEU A 130 0.05 -11.05 15.69
C LEU A 130 -0.79 -10.03 16.46
N THR A 131 -0.27 -9.60 17.60
CA THR A 131 -0.97 -8.63 18.44
C THR A 131 -1.26 -7.35 17.66
N GLY A 132 -0.23 -6.56 17.39
CA GLY A 132 -0.40 -5.33 16.65
C GLY A 132 0.58 -5.19 15.51
N PHE A 133 0.08 -5.32 14.29
CA PHE A 133 0.93 -5.22 13.10
C PHE A 133 0.60 -3.95 12.31
N LEU A 134 -0.61 -3.45 12.49
CA LEU A 134 -1.06 -2.25 11.79
C LEU A 134 -0.04 -1.12 11.97
N GLY A 135 0.30 -0.83 13.21
CA GLY A 135 1.26 0.23 13.48
C GLY A 135 2.63 -0.06 12.88
N GLN A 136 3.04 -1.32 12.91
CA GLN A 136 4.33 -1.72 12.36
C GLN A 136 4.39 -1.45 10.87
N VAL A 137 3.43 -2.00 10.13
CA VAL A 137 3.37 -1.82 8.69
C VAL A 137 3.33 -0.34 8.32
N THR A 138 2.39 0.38 8.90
CA THR A 138 2.24 1.81 8.64
C THR A 138 3.54 2.55 8.90
N ARG A 139 4.21 2.19 9.99
CA ARG A 139 5.46 2.83 10.37
C ARG A 139 6.55 2.52 9.34
N PHE A 140 6.69 1.25 8.99
CA PHE A 140 7.69 0.84 8.02
C PHE A 140 7.53 1.59 6.71
N VAL A 141 6.28 1.74 6.26
CA VAL A 141 5.99 2.45 5.02
C VAL A 141 6.36 3.92 5.13
N VAL A 142 5.84 4.59 6.14
CA VAL A 142 6.11 6.01 6.36
C VAL A 142 7.60 6.25 6.50
N ASP A 143 8.28 5.39 7.26
CA ASP A 143 9.71 5.52 7.48
C ASP A 143 10.48 5.32 6.17
N PHE A 144 10.13 4.27 5.44
CA PHE A 144 10.78 3.97 4.17
C PHE A 144 10.56 5.09 3.16
N MET A 145 9.31 5.46 2.97
CA MET A 145 8.96 6.52 2.03
C MET A 145 9.72 7.81 2.35
N LEU A 146 9.79 8.13 3.64
CA LEU A 146 10.49 9.33 4.08
C LEU A 146 12.00 9.13 4.06
N HIS A 147 12.42 7.92 3.68
CA HIS A 147 13.85 7.59 3.60
C HIS A 147 14.19 6.97 2.25
N HIS A 148 13.56 7.45 1.20
CA HIS A 148 13.78 6.94 -0.15
C HIS A 148 13.44 7.98 -1.20
N CYS A 149 13.41 9.24 -0.79
CA CYS A 149 13.09 10.34 -1.71
C CYS A 149 11.71 10.13 -2.32
N ILE A 150 10.86 9.41 -1.61
CA ILE A 150 9.49 9.14 -2.08
C ILE A 150 8.56 10.29 -1.72
N ALA A 151 8.59 10.70 -0.46
CA ALA A 151 7.76 11.80 0.01
C ALA A 151 7.87 13.01 -0.91
N ARG A 152 9.09 13.46 -1.14
CA ARG A 152 9.34 14.61 -1.99
C ARG A 152 8.65 14.44 -3.35
N TRP A 153 8.78 13.26 -3.92
CA TRP A 153 8.17 12.96 -5.22
C TRP A 153 6.67 13.21 -5.17
N ILE A 154 5.99 12.58 -4.22
CA ILE A 154 4.55 12.74 -4.06
C ILE A 154 4.17 14.22 -3.94
N ALA A 155 4.93 14.95 -3.15
CA ALA A 155 4.67 16.37 -2.94
C ALA A 155 4.83 17.16 -4.25
N GLN A 156 5.76 16.70 -5.09
CA GLN A 156 6.00 17.36 -6.37
C GLN A 156 4.86 17.09 -7.35
N ARG A 157 4.30 15.89 -7.28
CA ARG A 157 3.21 15.50 -8.17
C ARG A 157 1.90 16.15 -7.72
N GLY A 158 1.94 16.82 -6.57
CA GLY A 158 0.75 17.48 -6.06
C GLY A 158 0.17 16.76 -4.86
N GLY A 159 1.04 16.25 -4.00
CA GLY A 159 0.59 15.54 -2.82
C GLY A 159 -0.38 14.42 -3.14
N TRP A 160 -0.92 13.78 -2.11
CA TRP A 160 -1.87 12.69 -2.30
C TRP A 160 -3.18 13.21 -2.89
N VAL A 161 -3.35 14.52 -2.88
CA VAL A 161 -4.56 15.14 -3.41
C VAL A 161 -4.59 15.05 -4.93
N ALA A 162 -3.49 14.62 -5.53
CA ALA A 162 -3.39 14.49 -6.97
C ALA A 162 -3.81 13.10 -7.42
N ALA A 163 -4.10 12.23 -6.46
CA ALA A 163 -4.50 10.85 -6.76
C ALA A 163 -5.99 10.79 -7.07
N LEU A 164 -6.79 11.52 -6.30
CA LEU A 164 -8.24 11.54 -6.50
C LEU A 164 -8.58 11.97 -7.92
N ASN A 165 -7.65 12.66 -8.57
CA ASN A 165 -7.86 13.12 -9.94
C ASN A 165 -7.25 12.15 -10.94
N LEU A 166 -7.25 10.87 -10.60
CA LEU A 166 -6.69 9.84 -11.47
C LEU A 166 -7.77 8.81 -11.84
N GLY A 167 -7.45 7.95 -12.80
CA GLY A 167 -8.38 6.93 -13.22
C GLY A 167 -9.55 7.50 -13.99
N ASN A 168 -10.71 7.55 -13.33
CA ASN A 168 -11.92 8.08 -13.97
C ASN A 168 -12.32 9.41 -13.33
N GLY A 169 -11.38 10.05 -12.65
CA GLY A 169 -11.65 11.32 -12.00
C GLY A 169 -10.61 12.37 -12.33
N GLU B 1 15.96 -17.42 -0.13
CA GLU B 1 16.87 -16.67 -0.99
C GLU B 1 16.42 -16.76 -2.46
N ASP B 2 15.70 -17.83 -2.78
CA ASP B 2 15.21 -18.04 -4.14
C ASP B 2 13.89 -17.29 -4.36
N ILE B 3 13.17 -17.05 -3.28
CA ILE B 3 11.89 -16.34 -3.35
C ILE B 3 12.09 -14.84 -3.26
N ILE B 4 13.12 -14.43 -2.54
CA ILE B 4 13.41 -13.00 -2.37
C ILE B 4 13.58 -12.31 -3.73
N ARG B 5 14.09 -13.05 -4.70
CA ARG B 5 14.30 -12.51 -6.04
C ARG B 5 13.01 -12.58 -6.86
N ASN B 6 12.24 -13.64 -6.64
CA ASN B 6 10.98 -13.83 -7.36
C ASN B 6 10.03 -12.65 -7.11
N ILE B 7 9.90 -12.25 -5.85
CA ILE B 7 9.04 -11.15 -5.49
C ILE B 7 9.29 -9.93 -6.37
N ALA B 8 10.49 -9.37 -6.27
CA ALA B 8 10.86 -8.21 -7.07
C ALA B 8 10.66 -8.48 -8.56
N ARG B 9 10.72 -9.75 -8.94
CA ARG B 9 10.55 -10.15 -10.33
C ARG B 9 9.10 -10.02 -10.76
N HIS B 10 8.20 -10.58 -9.97
CA HIS B 10 6.77 -10.53 -10.27
C HIS B 10 6.25 -9.10 -10.20
N LEU B 11 7.03 -8.22 -9.58
CA LEU B 11 6.66 -6.81 -9.44
C LEU B 11 7.13 -6.01 -10.66
N ALA B 12 7.13 -6.65 -11.82
CA ALA B 12 7.55 -5.99 -13.05
C ALA B 12 6.36 -5.35 -13.76
N VAL B 14 3.25 -4.61 -11.42
CA VAL B 14 2.25 -4.02 -10.54
C VAL B 14 2.47 -2.52 -10.38
N GLY B 15 3.74 -2.11 -10.45
CA GLY B 15 4.06 -0.70 -10.31
C GLY B 15 3.71 0.11 -11.54
N ASP B 16 4.21 -0.31 -12.70
CA ASP B 16 3.94 0.37 -13.95
C ASP B 16 2.44 0.61 -14.12
N ASP B 19 -0.21 3.42 -13.76
CA ASP B 19 0.16 4.74 -14.27
C ASP B 19 -0.40 4.95 -15.67
N ARG B 20 -0.46 3.87 -16.44
CA ARG B 20 -0.96 3.94 -17.81
C ARG B 20 -2.47 3.73 -17.85
N SER B 21 -3.01 3.20 -16.76
CA SER B 21 -4.45 2.96 -16.66
C SER B 21 -5.12 3.97 -15.75
N ILE B 22 -4.47 5.11 -15.56
CA ILE B 22 -5.00 6.17 -14.72
C ILE B 22 -5.20 7.47 -15.51
N ALA A 1 -8.27 20.76 -4.50
CA ALA A 1 -8.09 22.20 -4.48
C ALA A 1 -7.29 22.63 -3.26
N LEU A 2 -6.34 21.80 -2.85
CA LEU A 2 -5.51 22.10 -1.69
C LEU A 2 -4.19 22.74 -2.12
N PRO A 3 -3.54 23.43 -1.17
CA PRO A 3 -2.25 24.10 -1.43
C PRO A 3 -1.12 23.11 -1.62
N SER A 4 0.09 23.64 -1.81
CA SER A 4 1.26 22.81 -2.01
C SER A 4 1.55 21.96 -0.78
N ALA A 5 1.98 20.72 -1.00
CA ALA A 5 2.29 19.80 0.09
C ALA A 5 3.78 19.52 0.17
N SER A 6 4.26 19.17 1.35
CA SER A 6 5.67 18.88 1.55
C SER A 6 5.86 17.47 2.14
N GLU A 7 7.09 17.00 2.13
CA GLU A 7 7.40 15.67 2.66
C GLU A 7 6.80 15.49 4.04
N GLU A 8 6.85 16.53 4.86
CA GLU A 8 6.32 16.49 6.22
C GLU A 8 4.86 16.02 6.20
N GLN A 9 4.04 16.68 5.38
CA GLN A 9 2.63 16.33 5.29
C GLN A 9 2.44 15.02 4.52
N VAL A 10 3.38 14.73 3.64
CA VAL A 10 3.32 13.50 2.84
C VAL A 10 3.30 12.26 3.74
N ALA A 11 4.20 12.22 4.71
CA ALA A 11 4.27 11.10 5.65
C ALA A 11 2.91 10.82 6.27
N GLN A 12 2.31 11.85 6.86
CA GLN A 12 1.01 11.70 7.50
C GLN A 12 -0.03 11.18 6.51
N ASP A 13 -0.06 11.77 5.32
CA ASP A 13 -1.00 11.36 4.28
C ASP A 13 -0.74 9.93 3.84
N THR A 14 0.52 9.49 3.98
CA THR A 14 0.90 8.14 3.59
C THR A 14 0.21 7.11 4.46
N GLU A 15 0.37 7.23 5.76
CA GLU A 15 -0.24 6.30 6.71
C GLU A 15 -1.76 6.36 6.62
N GLU A 16 -2.30 7.57 6.50
CA GLU A 16 -3.74 7.76 6.40
C GLU A 16 -4.28 7.18 5.10
N VAL A 17 -3.67 7.57 3.98
CA VAL A 17 -4.10 7.09 2.69
C VAL A 17 -3.95 5.58 2.58
N PHE A 18 -2.88 5.05 3.17
CA PHE A 18 -2.63 3.61 3.15
C PHE A 18 -3.75 2.84 3.85
N ARG A 19 -3.98 3.16 5.11
CA ARG A 19 -5.03 2.51 5.89
C ARG A 19 -6.38 2.65 5.20
N SER A 20 -6.71 3.86 4.77
CA SER A 20 -7.98 4.13 4.10
C SER A 20 -8.04 3.39 2.76
N TYR A 21 -6.90 3.30 2.10
CA TYR A 21 -6.82 2.62 0.80
C TYR A 21 -7.26 1.16 0.92
N VAL A 22 -6.55 0.41 1.74
CA VAL A 22 -6.85 -1.00 1.94
C VAL A 22 -8.22 -1.17 2.60
N PHE A 23 -8.57 -0.24 3.48
CA PHE A 23 -9.86 -0.30 4.16
C PHE A 23 -11.01 -0.09 3.19
N TYR A 24 -10.79 0.78 2.21
CA TYR A 24 -11.81 1.07 1.21
C TYR A 24 -11.98 -0.08 0.24
N ARG A 25 -10.85 -0.60 -0.25
CA ARG A 25 -10.87 -1.71 -1.20
C ARG A 25 -11.39 -2.98 -0.53
N HIS A 26 -11.11 -3.12 0.76
CA HIS A 26 -11.55 -4.29 1.52
C HIS A 26 -13.05 -4.24 1.78
N GLN A 27 -13.53 -3.09 2.27
CA GLN A 27 -14.95 -2.92 2.56
C GLN A 27 -15.79 -3.26 1.34
N GLN A 28 -15.38 -2.78 0.17
CA GLN A 28 -16.10 -3.03 -1.06
C GLN A 28 -16.13 -4.52 -1.38
N GLU A 29 -15.08 -5.23 -0.99
CA GLU A 29 -14.99 -6.67 -1.23
C GLU A 29 -15.92 -7.43 -0.30
N GLN A 30 -16.18 -6.87 0.87
CA GLN A 30 -17.05 -7.50 1.85
C GLN A 30 -18.40 -7.86 1.23
N GLU A 31 -18.97 -6.90 0.50
CA GLU A 31 -20.26 -7.12 -0.15
C GLU A 31 -20.23 -8.38 -1.01
N ALA A 32 -19.06 -8.73 -1.51
CA ALA A 32 -18.89 -9.91 -2.34
C ALA A 32 -18.77 -11.17 -1.49
N GLU A 33 -17.78 -11.17 -0.60
CA GLU A 33 -17.54 -12.32 0.28
C GLU A 33 -16.95 -11.86 1.61
N GLY A 34 -16.58 -12.84 2.45
CA GLY A 34 -15.99 -12.53 3.74
C GLY A 34 -14.83 -13.42 4.08
N VAL A 35 -13.93 -13.62 3.13
CA VAL A 35 -12.77 -14.48 3.34
C VAL A 35 -11.47 -13.67 3.24
N ALA A 36 -10.50 -14.01 4.07
CA ALA A 36 -9.21 -13.32 4.08
C ALA A 36 -9.38 -11.85 4.45
N ALA A 37 -10.26 -11.58 5.41
CA ALA A 37 -10.51 -10.21 5.86
C ALA A 37 -9.70 -9.89 7.11
N PRO A 38 -9.52 -8.59 7.37
CA PRO A 38 -8.76 -8.12 8.54
C PRO A 38 -9.50 -8.39 9.85
N ALA A 39 -8.73 -8.54 10.92
CA ALA A 39 -9.30 -8.80 12.24
C ALA A 39 -8.21 -8.89 13.30
N ASP A 40 -8.12 -7.85 14.14
CA ASP A 40 -7.12 -7.82 15.19
C ASP A 40 -7.57 -6.89 16.33
N PRO A 41 -6.96 -7.07 17.52
CA PRO A 41 -7.28 -6.26 18.69
C PRO A 41 -6.80 -4.82 18.55
N GLU A 42 -7.66 -3.87 18.89
CA GLU A 42 -7.33 -2.46 18.79
C GLU A 42 -8.50 -1.58 19.24
N MET A 43 -8.18 -0.42 19.78
CA MET A 43 -9.20 0.51 20.25
C MET A 43 -10.00 1.09 19.09
N VAL A 44 -9.30 1.68 18.13
CA VAL A 44 -9.94 2.28 16.96
C VAL A 44 -9.94 1.30 15.79
N THR A 45 -8.98 0.39 15.78
CA THR A 45 -8.87 -0.61 14.72
C THR A 45 -8.41 0.03 13.42
N LEU A 46 -9.27 0.83 12.81
CA LEU A 46 -8.96 1.49 11.55
C LEU A 46 -9.19 3.00 11.66
N PRO A 47 -8.20 3.71 12.20
CA PRO A 47 -8.27 5.17 12.37
C PRO A 47 -8.22 5.91 11.05
N LEU A 48 -9.35 5.94 10.34
CA LEU A 48 -9.44 6.62 9.05
C LEU A 48 -9.66 8.13 9.24
N GLN A 49 -9.36 8.89 8.20
CA GLN A 49 -9.54 10.34 8.25
C GLN A 49 -10.62 10.79 7.28
N PRO A 50 -11.89 10.54 7.65
CA PRO A 50 -13.04 10.91 6.82
C PRO A 50 -13.26 12.42 6.79
N SER A 51 -12.50 13.14 7.62
CA SER A 51 -12.62 14.59 7.69
C SER A 51 -11.54 15.27 6.84
N SER A 52 -10.91 14.48 5.97
CA SER A 52 -9.86 15.00 5.10
C SER A 52 -9.86 14.28 3.76
N THR A 53 -9.26 14.91 2.76
CA THR A 53 -9.19 14.34 1.42
C THR A 53 -8.44 13.00 1.43
N MET A 54 -7.66 12.78 2.48
CA MET A 54 -6.89 11.55 2.61
C MET A 54 -7.79 10.33 2.42
N GLY A 55 -8.93 10.33 3.10
CA GLY A 55 -9.86 9.21 2.99
C GLY A 55 -10.40 9.04 1.58
N GLN A 56 -10.48 10.14 0.85
CA GLN A 56 -10.99 10.11 -0.52
C GLN A 56 -9.93 9.57 -1.48
N VAL A 57 -8.67 9.69 -1.09
CA VAL A 57 -7.57 9.21 -1.91
C VAL A 57 -7.63 7.70 -2.09
N GLY A 58 -7.73 6.98 -0.99
CA GLY A 58 -7.79 5.53 -1.04
C GLY A 58 -8.88 5.04 -1.99
N ARG A 59 -9.98 5.78 -2.04
CA ARG A 59 -11.10 5.41 -2.90
C ARG A 59 -10.64 5.27 -4.36
N GLN A 60 -10.11 6.34 -4.91
CA GLN A 60 -9.64 6.34 -6.29
C GLN A 60 -8.52 5.32 -6.47
N LEU A 61 -7.52 5.38 -5.61
CA LEU A 61 -6.39 4.47 -5.68
C LEU A 61 -6.87 3.02 -5.73
N ALA A 62 -7.81 2.68 -4.86
CA ALA A 62 -8.35 1.32 -4.81
C ALA A 62 -8.96 0.93 -6.15
N ILE A 63 -9.46 1.93 -6.89
CA ILE A 63 -10.07 1.68 -8.19
C ILE A 63 -9.01 1.41 -9.25
N ILE A 64 -8.04 2.31 -9.36
CA ILE A 64 -6.97 2.16 -10.34
C ILE A 64 -6.08 0.97 -9.99
N GLY A 65 -6.15 0.53 -8.74
CA GLY A 65 -5.34 -0.60 -8.30
C GLY A 65 -6.15 -1.85 -8.11
N ASP A 66 -7.47 -1.74 -8.25
CA ASP A 66 -8.36 -2.88 -8.09
C ASP A 66 -8.05 -3.96 -9.11
N ASP A 67 -8.41 -3.71 -10.37
CA ASP A 67 -8.17 -4.68 -11.44
C ASP A 67 -6.69 -5.04 -11.51
N ILE A 68 -5.83 -4.03 -11.44
CA ILE A 68 -4.40 -4.24 -11.50
C ILE A 68 -3.94 -5.24 -10.44
N ASN A 69 -4.43 -5.06 -9.21
CA ASN A 69 -4.08 -5.94 -8.11
C ASN A 69 -4.49 -7.38 -8.42
N ARG A 70 -5.80 -7.61 -8.50
CA ARG A 70 -6.32 -8.94 -8.78
C ARG A 70 -5.71 -9.51 -10.05
N ARG A 71 -5.24 -8.63 -10.92
CA ARG A 71 -4.63 -9.04 -12.18
C ARG A 71 -3.29 -9.72 -11.94
N TYR A 72 -2.38 -9.02 -11.28
CA TYR A 72 -1.05 -9.55 -10.98
C TYR A 72 -0.88 -9.78 -9.48
N ASP A 73 -1.14 -8.73 -8.70
CA ASP A 73 -1.01 -8.82 -7.25
C ASP A 73 -1.68 -10.08 -6.72
N SER A 74 -2.72 -10.53 -7.42
CA SER A 74 -3.45 -11.72 -7.01
C SER A 74 -2.50 -12.90 -6.82
N GLU A 75 -1.70 -13.19 -7.84
CA GLU A 75 -0.75 -14.29 -7.80
C GLU A 75 0.36 -14.00 -6.79
N PHE A 76 0.61 -12.72 -6.55
CA PHE A 76 1.65 -12.30 -5.62
C PHE A 76 1.50 -13.01 -4.28
N GLN A 77 0.26 -13.24 -3.88
CA GLN A 77 -0.03 -13.92 -2.62
C GLN A 77 0.45 -15.37 -2.66
N THR A 78 0.31 -16.00 -3.83
CA THR A 78 0.71 -17.38 -3.99
C THR A 78 2.17 -17.58 -3.62
N MET A 79 3.05 -16.80 -4.24
CA MET A 79 4.48 -16.89 -3.97
C MET A 79 4.81 -16.31 -2.59
N LEU A 80 4.01 -15.34 -2.16
CA LEU A 80 4.21 -14.71 -0.86
C LEU A 80 4.06 -15.72 0.28
N GLN A 81 3.12 -16.65 0.10
CA GLN A 81 2.88 -17.69 1.11
C GLN A 81 4.13 -18.51 1.35
N HIS A 82 5.01 -18.57 0.36
CA HIS A 82 6.25 -19.33 0.47
C HIS A 82 7.23 -18.63 1.41
N LEU A 83 7.45 -17.34 1.18
CA LEU A 83 8.37 -16.56 2.00
C LEU A 83 8.07 -16.76 3.49
N GLN A 84 6.82 -16.50 3.86
CA GLN A 84 6.40 -16.64 5.25
C GLN A 84 7.23 -15.76 6.17
N PRO A 85 7.15 -14.44 5.96
CA PRO A 85 7.89 -13.46 6.77
C PRO A 85 7.37 -13.37 8.19
N THR A 86 7.86 -12.39 8.94
CA THR A 86 7.46 -12.20 10.33
C THR A 86 7.28 -10.72 10.65
N ALA A 87 6.77 -10.43 11.84
CA ALA A 87 6.56 -9.05 12.27
C ALA A 87 7.88 -8.38 12.63
N GLU A 88 8.82 -9.16 13.16
CA GLU A 88 10.12 -8.63 13.54
C GLU A 88 10.95 -8.28 12.32
N ASN A 89 10.88 -9.13 11.30
CA ASN A 89 11.63 -8.91 10.07
C ASN A 89 10.72 -8.35 8.98
N ALA A 90 9.51 -7.97 9.37
CA ALA A 90 8.55 -7.41 8.42
C ALA A 90 9.20 -6.33 7.55
N TYR A 91 9.83 -5.36 8.20
CA TYR A 91 10.49 -4.27 7.49
C TYR A 91 11.69 -4.79 6.69
N GLU A 92 12.40 -5.74 7.27
CA GLU A 92 13.57 -6.32 6.62
C GLU A 92 13.22 -6.83 5.23
N TYR A 93 12.02 -7.40 5.10
CA TYR A 93 11.57 -7.94 3.83
C TYR A 93 10.84 -6.88 3.01
N PHE A 94 9.91 -6.18 3.65
CA PHE A 94 9.14 -5.13 2.99
C PHE A 94 10.06 -4.14 2.30
N THR A 95 10.99 -3.58 3.06
CA THR A 95 11.94 -2.61 2.52
C THR A 95 12.60 -3.13 1.25
N LYS A 96 12.89 -4.43 1.24
CA LYS A 96 13.53 -5.06 0.08
C LYS A 96 12.59 -5.05 -1.13
N ILE A 97 11.35 -5.47 -0.91
CA ILE A 97 10.36 -5.51 -1.98
C ILE A 97 10.21 -4.14 -2.64
N ALA A 98 9.95 -3.13 -1.83
CA ALA A 98 9.79 -1.76 -2.32
C ALA A 98 11.04 -1.30 -3.09
N THR A 99 12.19 -1.40 -2.43
CA THR A 99 13.45 -1.00 -3.04
C THR A 99 13.61 -1.63 -4.42
N SER A 100 13.20 -2.89 -4.55
CA SER A 100 13.31 -3.61 -5.81
C SER A 100 12.29 -3.09 -6.81
N LEU A 101 11.13 -2.66 -6.31
CA LEU A 101 10.07 -2.15 -7.17
C LEU A 101 10.45 -0.79 -7.74
N PHE A 102 10.83 0.14 -6.87
CA PHE A 102 11.22 1.48 -7.28
C PHE A 102 12.69 1.52 -7.66
N GLU A 103 13.33 0.36 -7.69
CA GLU A 103 14.75 0.27 -8.03
C GLU A 103 15.00 0.87 -9.41
N SER A 104 13.97 0.91 -10.24
CA SER A 104 14.07 1.46 -11.59
C SER A 104 13.64 2.92 -11.62
N GLY A 105 12.34 3.14 -11.44
CA GLY A 105 11.81 4.50 -11.45
C GLY A 105 10.60 4.65 -10.55
N ILE A 106 10.21 5.90 -10.31
CA ILE A 106 9.06 6.18 -9.46
C ILE A 106 7.89 6.75 -10.27
N ASN A 107 6.70 6.25 -10.00
CA ASN A 107 5.51 6.70 -10.71
C ASN A 107 4.26 6.49 -9.86
N TRP A 108 3.20 7.22 -10.17
CA TRP A 108 1.94 7.09 -9.43
C TRP A 108 1.50 5.64 -9.33
N GLY A 109 1.48 4.95 -10.47
CA GLY A 109 1.09 3.56 -10.48
C GLY A 109 1.85 2.73 -9.46
N ARG A 110 3.17 2.86 -9.47
CA ARG A 110 4.01 2.10 -8.55
C ARG A 110 3.61 2.37 -7.11
N VAL A 111 3.46 3.65 -6.77
CA VAL A 111 3.07 4.04 -5.42
C VAL A 111 1.83 3.30 -4.96
N VAL A 112 0.87 3.15 -5.88
CA VAL A 112 -0.37 2.44 -5.57
C VAL A 112 -0.13 0.97 -5.31
N ALA A 113 0.55 0.31 -6.24
CA ALA A 113 0.86 -1.11 -6.11
C ALA A 113 1.59 -1.40 -4.79
N LEU A 114 2.44 -0.46 -4.39
CA LEU A 114 3.20 -0.62 -3.15
C LEU A 114 2.28 -0.97 -1.98
N LEU A 115 1.26 -0.14 -1.78
CA LEU A 115 0.30 -0.37 -0.70
C LEU A 115 -0.52 -1.63 -0.96
N GLY A 116 -0.96 -1.81 -2.20
CA GLY A 116 -1.75 -2.97 -2.55
C GLY A 116 -1.12 -4.27 -2.06
N PHE A 117 0.13 -4.50 -2.45
CA PHE A 117 0.84 -5.70 -2.04
C PHE A 117 1.31 -5.60 -0.59
N GLY A 118 1.56 -4.38 -0.14
CA GLY A 118 2.00 -4.17 1.22
C GLY A 118 1.11 -4.84 2.24
N TYR A 119 -0.18 -4.52 2.20
CA TYR A 119 -1.15 -5.10 3.12
C TYR A 119 -1.14 -6.62 3.04
N ARG A 120 -0.87 -7.14 1.84
CA ARG A 120 -0.84 -8.58 1.62
C ARG A 120 0.33 -9.21 2.38
N LEU A 121 1.54 -8.80 2.05
CA LEU A 121 2.73 -9.33 2.70
C LEU A 121 2.61 -9.25 4.21
N ALA A 122 2.01 -8.16 4.69
CA ALA A 122 1.83 -7.97 6.12
C ALA A 122 0.69 -8.83 6.66
N LEU A 123 -0.36 -8.99 5.85
CA LEU A 123 -1.50 -9.79 6.24
C LEU A 123 -1.08 -11.22 6.58
N HIS A 124 -0.13 -11.74 5.83
CA HIS A 124 0.37 -13.10 6.03
C HIS A 124 1.33 -13.15 7.22
N VAL A 125 1.61 -11.98 7.79
CA VAL A 125 2.50 -11.88 8.93
C VAL A 125 1.74 -11.87 10.24
N TYR A 126 0.73 -11.01 10.33
CA TYR A 126 -0.08 -10.91 11.54
C TYR A 126 -1.03 -12.10 11.66
N GLN A 127 -1.36 -12.69 10.53
CA GLN A 127 -2.26 -13.85 10.51
C GLN A 127 -1.57 -15.07 11.11
N HIS A 128 -0.25 -15.14 10.99
CA HIS A 128 0.52 -16.25 11.52
C HIS A 128 0.35 -16.36 13.03
N GLY A 129 0.09 -15.22 13.67
CA GLY A 129 -0.08 -15.20 15.11
C GLY A 129 0.57 -14.01 15.76
N LEU A 130 -0.14 -12.89 15.80
CA LEU A 130 0.38 -11.66 16.40
C LEU A 130 -0.73 -10.89 17.09
N THR A 131 -0.37 -9.76 17.70
CA THR A 131 -1.33 -8.92 18.40
C THR A 131 -1.34 -7.50 17.84
N GLY A 132 -2.29 -7.24 16.95
CA GLY A 132 -2.39 -5.92 16.35
C GLY A 132 -1.13 -5.52 15.62
N PHE A 133 -1.11 -5.74 14.31
CA PHE A 133 0.05 -5.40 13.49
C PHE A 133 -0.31 -4.36 12.44
N LEU A 134 -1.61 -4.15 12.24
CA LEU A 134 -2.09 -3.18 11.26
C LEU A 134 -1.30 -1.88 11.36
N GLY A 135 -1.34 -1.26 12.53
CA GLY A 135 -0.63 -0.01 12.75
C GLY A 135 0.82 -0.09 12.29
N GLN A 136 1.46 -1.23 12.55
CA GLN A 136 2.85 -1.42 12.15
C GLN A 136 3.00 -1.38 10.64
N VAL A 137 2.15 -2.14 9.94
CA VAL A 137 2.19 -2.20 8.49
C VAL A 137 2.08 -0.81 7.88
N THR A 138 1.02 -0.09 8.23
CA THR A 138 0.80 1.26 7.72
C THR A 138 2.01 2.15 7.98
N ARG A 139 2.42 2.24 9.24
CA ARG A 139 3.56 3.06 9.61
C ARG A 139 4.81 2.61 8.88
N PHE A 140 4.95 1.31 8.68
CA PHE A 140 6.10 0.75 7.99
C PHE A 140 6.20 1.30 6.56
N VAL A 141 5.05 1.42 5.91
CA VAL A 141 4.99 1.94 4.54
C VAL A 141 5.43 3.39 4.49
N VAL A 142 4.86 4.21 5.36
CA VAL A 142 5.19 5.63 5.41
C VAL A 142 6.64 5.85 5.85
N ASP A 143 7.09 5.02 6.79
CA ASP A 143 8.45 5.12 7.30
C ASP A 143 9.47 4.87 6.18
N PHE A 144 9.26 3.79 5.43
CA PHE A 144 10.16 3.45 4.33
C PHE A 144 10.08 4.48 3.22
N MET A 145 8.87 4.96 2.94
CA MET A 145 8.66 5.96 1.90
C MET A 145 9.33 7.28 2.27
N LEU A 146 9.33 7.59 3.56
CA LEU A 146 9.93 8.83 4.04
C LEU A 146 11.45 8.71 4.08
N HIS A 147 11.94 7.48 4.01
CA HIS A 147 13.38 7.23 4.05
C HIS A 147 13.83 6.56 2.75
N HIS A 148 13.53 7.17 1.62
CA HIS A 148 13.91 6.63 0.33
C HIS A 148 13.89 7.72 -0.74
N CYS A 149 12.70 8.12 -1.17
CA CYS A 149 12.55 9.15 -2.19
C CYS A 149 11.09 9.30 -2.60
N ILE A 150 10.32 8.23 -2.44
CA ILE A 150 8.91 8.26 -2.79
C ILE A 150 8.20 9.47 -2.19
N ALA A 151 8.42 9.70 -0.91
CA ALA A 151 7.82 10.84 -0.22
C ALA A 151 7.99 12.12 -1.03
N ARG A 152 9.24 12.56 -1.18
CA ARG A 152 9.54 13.77 -1.93
C ARG A 152 8.89 13.74 -3.30
N TRP A 153 8.96 12.58 -3.96
CA TRP A 153 8.38 12.42 -5.29
C TRP A 153 6.89 12.74 -5.27
N ILE A 154 6.17 12.18 -4.29
CA ILE A 154 4.74 12.40 -4.17
C ILE A 154 4.44 13.89 -3.99
N ALA A 155 5.18 14.55 -3.11
CA ALA A 155 4.99 15.96 -2.86
C ALA A 155 5.23 16.80 -4.12
N GLN A 156 6.14 16.31 -4.96
CA GLN A 156 6.47 17.01 -6.20
C GLN A 156 5.35 16.84 -7.23
N ARG A 157 4.75 15.66 -7.25
CA ARG A 157 3.66 15.38 -8.19
C ARG A 157 2.38 16.10 -7.78
N GLY A 158 2.41 16.70 -6.59
CA GLY A 158 1.24 17.41 -6.10
C GLY A 158 0.63 16.74 -4.87
N GLY A 159 1.47 16.11 -4.07
CA GLY A 159 0.99 15.43 -2.88
C GLY A 159 -0.09 14.40 -3.19
N TRP A 160 -0.57 13.72 -2.15
CA TRP A 160 -1.60 12.71 -2.33
C TRP A 160 -2.88 13.32 -2.88
N VAL A 161 -2.99 14.64 -2.79
CA VAL A 161 -4.17 15.36 -3.29
C VAL A 161 -4.35 15.14 -4.79
N ALA A 162 -3.27 14.71 -5.45
CA ALA A 162 -3.31 14.46 -6.88
C ALA A 162 -3.65 13.00 -7.18
N ALA A 163 -3.82 12.21 -6.13
CA ALA A 163 -4.16 10.80 -6.27
C ALA A 163 -5.65 10.61 -6.50
N LEU A 164 -6.46 11.34 -5.74
CA LEU A 164 -7.91 11.25 -5.86
C LEU A 164 -8.38 11.84 -7.19
N ASN A 165 -7.54 12.66 -7.81
CA ASN A 165 -7.88 13.28 -9.07
C ASN A 165 -7.34 12.47 -10.24
N LEU A 166 -7.28 11.15 -10.06
CA LEU A 166 -6.79 10.26 -11.10
C LEU A 166 -7.91 9.39 -11.66
N GLY A 167 -7.57 8.51 -12.60
CA GLY A 167 -8.56 7.64 -13.19
C GLY A 167 -9.66 8.41 -13.89
N ASN A 168 -10.80 8.54 -13.21
CA ASN A 168 -11.94 9.26 -13.76
C ASN A 168 -12.20 10.55 -13.00
N GLY A 169 -11.19 11.01 -12.26
CA GLY A 169 -11.32 12.23 -11.49
C GLY A 169 -11.82 11.97 -10.09
N GLU B 1 15.29 -17.62 -0.21
CA GLU B 1 16.35 -17.17 -1.11
C GLU B 1 15.85 -17.12 -2.55
N ASP B 2 14.82 -17.90 -2.85
CA ASP B 2 14.26 -17.94 -4.19
C ASP B 2 13.07 -17.00 -4.30
N ILE B 3 12.42 -16.74 -3.17
CA ILE B 3 11.26 -15.84 -3.14
C ILE B 3 11.69 -14.39 -3.04
N ILE B 4 12.89 -14.16 -2.52
CA ILE B 4 13.42 -12.82 -2.37
C ILE B 4 13.73 -12.19 -3.73
N ARG B 5 14.20 -13.01 -4.66
CA ARG B 5 14.53 -12.55 -6.00
C ARG B 5 13.29 -12.54 -6.90
N ASN B 6 12.42 -13.53 -6.71
CA ASN B 6 11.20 -13.64 -7.49
C ASN B 6 10.22 -12.53 -7.13
N ILE B 7 9.99 -12.33 -5.83
CA ILE B 7 9.09 -11.30 -5.35
C ILE B 7 9.40 -9.96 -5.99
N ALA B 8 10.68 -9.73 -6.28
CA ALA B 8 11.10 -8.48 -6.90
C ALA B 8 10.95 -8.54 -8.42
N ARG B 9 11.36 -9.65 -9.00
CA ARG B 9 11.27 -9.82 -10.45
C ARG B 9 9.82 -9.86 -10.91
N HIS B 10 8.92 -10.14 -9.96
CA HIS B 10 7.49 -10.21 -10.27
C HIS B 10 6.88 -8.81 -10.29
N LEU B 11 7.51 -7.88 -9.59
CA LEU B 11 7.02 -6.50 -9.53
C LEU B 11 7.59 -5.67 -10.68
N ALA B 12 7.68 -6.30 -11.85
CA ALA B 12 8.20 -5.61 -13.04
C ALA B 12 7.06 -5.08 -13.89
N VAL B 14 3.62 -4.51 -11.81
CA VAL B 14 2.54 -3.85 -11.09
C VAL B 14 2.75 -2.35 -11.02
N GLY B 15 3.98 -1.91 -11.28
CA GLY B 15 4.29 -0.50 -11.24
C GLY B 15 3.88 0.22 -12.51
N ASP B 16 4.43 -0.21 -13.64
CA ASP B 16 4.10 0.41 -14.92
C ASP B 16 2.60 0.48 -15.12
N ASP B 19 -0.22 2.98 -14.38
CA ASP B 19 0.08 4.38 -14.59
C ASP B 19 -0.44 4.85 -15.95
N ARG B 20 -0.52 3.92 -16.89
CA ARG B 20 -1.00 4.23 -18.24
C ARG B 20 -2.52 4.05 -18.33
N SER B 21 -3.08 3.36 -17.36
CA SER B 21 -4.52 3.12 -17.33
C SER B 21 -5.20 3.97 -16.26
N ILE B 22 -4.54 5.06 -15.87
CA ILE B 22 -5.08 5.96 -14.86
C ILE B 22 -5.30 7.36 -15.42
#